data_7EOU
#
_entry.id   7EOU
#
_cell.length_a   1.00
_cell.length_b   1.00
_cell.length_c   1.00
_cell.angle_alpha   90.00
_cell.angle_beta   90.00
_cell.angle_gamma   90.00
#
_symmetry.space_group_name_H-M   'P 1'
#
loop_
_entity.id
_entity.type
_entity.pdbx_description
1 polymer 'Glutamate receptor ionotropic, NMDA 2A'
2 polymer 'Glutamate receptor ionotropic, NMDA 1'
3 non-polymer 2-acetamido-2-deoxy-beta-D-glucopyranose
4 non-polymer 9-AMINOACRIDINE
5 non-polymer 7-[(4-fluoranylphenoxy)methyl]-3-[(1~{R},2~{R})-2-(hydroxymethyl)cyclopropyl]-2-methyl-[1,3]thiazolo[3,2-a]pyrimidin-5-one
#
loop_
_entity_poly.entity_id
_entity_poly.type
_entity_poly.pdbx_seq_one_letter_code
_entity_poly.pdbx_strand_id
1 'polypeptide(L)'
;MGRVGYWTLLVLPALLVWRGPAPSAAAEKGPPALNIAVMLGHSHDVTERELRTLWGPEQAAGLPLDVNVVALLMNRTDPK
SLITHVCDLMSGARIHGLVFGDDTDQEAVAQMLDFISSHTFVPILGIHGGASMIMADKDPTSTFFQFGASIQQQATVMLK
IMQDYDWHVFSLVTTIFPGYREFISFVKTTVDNSFVGWDMQNVITLDTSFEDAKTQVQLKKIHSSVILLYCSKDEAVLIL
SEARSLGLTGYDFFWIVPSLVSGNTELIPKEFPSGLISVSYDDWDYSLEARVRDGIGILTTAASSMLEKFSYIPEAKASC
YGQMERPEVPMHTLHPFMVNVTWDGKDLSFTEEGYQVHPRLVVIVLNKDREWEKVGKWENHTLSLRHAVWPRYKSFSDCE
PDDNHLSIVTLEEAPFVIVEDIDPLTETCVRNTVPCRKFVKINNSTNEGMNVKKCCKGFCIDILKKLSRTVKFTYDLYLV
TNGKHGKKVNNVWNGMIGEVVYQRAVMAVGSLTINEERSEVVDFSVPFVETGISVMVSRSNGTVSPSAFLEPFSASVWVM
MFVMLLIVSAIAVFVFEYFSPVGYNRNLAKGKAPHGPSFTIGKAIWLLWGLVFNNSVPVQNPKGTTSKIMVSVWAFFAVI
FLASYTANLAAFMIQEEFVDQVTGLSDKKFQRPHDYSPPFRFGTVPNGSTERNIRNNYPYMHQYMTKFNQKGVEDALVSL
KTGKLDAFIYDAAVLNYKAGRDEGCKLVTIGSGYIFATTGYGIALQKGSPWKRQIDLALLQFVGDGEMEELETCWLTGIC
HNEKNEVMSSQLDIDNMAGVFYMLAAAMALSLITFIWEHLFYKSRAEAKRMKG
;
A,C
2 'polypeptide(L)'
;MSTMRLLTLALLFSCSVARAACDPKIVNIGAVLSTRKHEQMFREAVNQANKRHGSWKIQLNATSVTHKPNAIQMALSVCE
DLISSQVYAILVSHPPTPNDHFTPTPVSYTAGFYRIPVLGLTTRMSIYSDKSIHLSFLRTVPPYSHQSSVWFEMMRVYSW
NHIILLVSDDHEGRAAQKRLETLLEERESKAEKVLQFDPGTKNVTALLMEAKELEARVIILSASEDDAATVYRAAAMLNM
TGSGYVWLVGEREISGNALRYAPDGILGLQLINGKNESAHISDAVGVVAQAVHELLEKENITDPPRGCVGNTNIWKTGPL
FKRVLMSSKYADGVTGRVEFNEDGDRKFANYSIMNLQNRKLVQVGIYNGTHVIPNDRKIIWPGGETEKPRGYQMSTRLKI
VTIHQEPFVYVKPTLSDGTCKEEFTVNGDPVKKVICTGPNDTSPGSPRHTVPQCCYGFCIDLLIKLARTMNFTYEVHLVA
DGKFGTQERVNNSNKKEWNGMMGELLSGQADMIVAPLTINNERAQYIEFSKPFKYQGLTILVKKEIPRSTLDSFMQPFQS
TLWLLVGLSVHVVAVMLYLLDRFSPFGRFKVNSEEEEEDALTLSSAMWFSWGVLLNSGIGEGAPRSFSARILGMVWAGFA
MIIVASYTANLAAFLVLDRPEERITGINDPRLRNPSDKFIYATVKQSSVDIYFRRQVCLSTMYRHMEKHNYESAAEAIQA
VRDNKLHAFIWDSAVLEFEASQKCDLVTTGELFFRSGFGIGMRKDSPWKQNVSLSILKSHENGFMEDLDKTWVRYQECDS
RSNAPATLTFENMAGVFMLVAGGIVAGIFLIFIEIAYKRHKDARRKQ
;
B,D
#
loop_
_chem_comp.id
_chem_comp.type
_chem_comp.name
_chem_comp.formula
6RM non-polymer 7-[(4-fluoranylphenoxy)methyl]-3-[(1~{R},2~{R})-2-(hydroxymethyl)cyclopropyl]-2-methyl-[1,3]thiazolo[3,2-a]pyrimidin-5-one 'C18 H17 F N2 O3 S'
AA non-polymer 9-AMINOACRIDINE 'C13 H11 N2 1'
NAG D-saccharide, beta linking 2-acetamido-2-deoxy-beta-D-glucopyranose 'C8 H15 N O6'
#
# COMPACT_ATOMS: atom_id res chain seq x y z
N LEU A 34 15.47 64.45 20.25
CA LEU A 34 16.02 65.59 20.98
C LEU A 34 16.12 65.30 22.48
N ASN A 35 15.11 64.61 23.01
CA ASN A 35 15.05 64.29 24.43
C ASN A 35 14.49 62.88 24.57
N ILE A 36 15.34 61.94 24.99
CA ILE A 36 14.96 60.54 25.13
C ILE A 36 15.26 60.09 26.55
N ALA A 37 14.30 59.41 27.18
CA ALA A 37 14.45 58.87 28.52
C ALA A 37 14.39 57.35 28.47
N VAL A 38 15.09 56.71 29.42
CA VAL A 38 15.16 55.27 29.50
C VAL A 38 14.94 54.84 30.95
N MET A 39 14.20 53.76 31.14
CA MET A 39 13.88 53.23 32.46
C MET A 39 14.51 51.85 32.60
N LEU A 40 15.18 51.61 33.73
CA LEU A 40 15.86 50.36 33.99
C LEU A 40 15.46 49.82 35.35
N GLY A 41 15.66 48.53 35.54
CA GLY A 41 15.40 47.87 36.81
C GLY A 41 16.61 47.90 37.71
N HIS A 42 16.56 47.05 38.74
CA HIS A 42 17.63 46.97 39.72
C HIS A 42 18.52 45.75 39.52
N SER A 43 18.48 45.14 38.33
CA SER A 43 19.30 43.96 38.07
C SER A 43 20.79 44.29 38.14
N HIS A 44 21.20 45.43 37.57
CA HIS A 44 22.59 45.84 37.54
C HIS A 44 22.73 47.18 38.27
N ASP A 45 23.95 47.73 38.22
CA ASP A 45 24.22 48.99 38.90
C ASP A 45 23.69 50.17 38.09
N VAL A 46 23.74 51.35 38.71
CA VAL A 46 23.12 52.54 38.12
C VAL A 46 24.14 53.36 37.34
N THR A 47 25.32 53.61 37.91
CA THR A 47 26.28 54.51 37.26
C THR A 47 26.80 53.93 35.95
N GLU A 48 27.08 52.63 35.92
CA GLU A 48 27.56 52.02 34.67
C GLU A 48 26.49 52.06 33.59
N ARG A 49 25.23 51.80 33.95
CA ARG A 49 24.15 51.89 32.98
C ARG A 49 23.99 53.31 32.46
N GLU A 50 24.08 54.30 33.34
CA GLU A 50 23.97 55.69 32.92
C GLU A 50 25.12 56.07 31.98
N LEU A 51 26.34 55.63 32.30
CA LEU A 51 27.48 55.93 31.44
C LEU A 51 27.32 55.27 30.07
N ARG A 52 26.86 54.02 30.04
CA ARG A 52 26.67 53.34 28.76
C ARG A 52 25.58 54.01 27.94
N THR A 53 24.48 54.41 28.59
CA THR A 53 23.41 55.10 27.86
C THR A 53 23.90 56.45 27.32
N LEU A 54 24.73 57.16 28.08
CA LEU A 54 25.31 58.40 27.59
C LEU A 54 26.21 58.14 26.38
N TRP A 55 27.03 57.08 26.45
CA TRP A 55 27.97 56.80 25.38
C TRP A 55 27.29 56.24 24.13
N GLY A 56 26.09 55.67 24.27
CA GLY A 56 25.37 55.07 23.17
C GLY A 56 25.27 55.93 21.93
N PRO A 57 24.51 57.03 22.00
CA PRO A 57 24.36 57.90 20.82
C PRO A 57 25.65 58.54 20.37
N GLU A 58 26.66 58.63 21.24
CA GLU A 58 27.92 59.26 20.88
C GLU A 58 28.83 58.35 20.07
N GLN A 59 28.47 57.08 19.92
CA GLN A 59 29.32 56.15 19.16
C GLN A 59 29.39 56.54 17.69
N ALA A 60 28.25 56.80 17.07
CA ALA A 60 28.19 57.18 15.67
C ALA A 60 26.82 57.77 15.38
N ALA A 61 26.61 58.16 14.12
CA ALA A 61 25.35 58.72 13.64
C ALA A 61 24.97 59.96 14.45
N GLY A 62 25.82 60.98 14.37
CA GLY A 62 25.60 62.22 15.08
C GLY A 62 24.38 62.99 14.60
N LEU A 63 23.33 63.03 15.41
CA LEU A 63 22.13 63.75 15.04
C LEU A 63 22.36 65.27 15.16
N PRO A 64 21.66 66.07 14.36
CA PRO A 64 21.76 67.52 14.51
C PRO A 64 21.31 68.00 15.88
N LEU A 65 20.34 67.34 16.50
CA LEU A 65 19.86 67.66 17.83
C LEU A 65 20.20 66.49 18.73
N ASP A 66 21.21 66.67 19.59
CA ASP A 66 21.65 65.58 20.47
C ASP A 66 20.59 65.25 21.50
N VAL A 67 20.45 63.97 21.80
CA VAL A 67 19.47 63.49 22.77
C VAL A 67 20.15 63.33 24.12
N ASN A 68 19.42 63.66 25.18
CA ASN A 68 19.92 63.50 26.54
C ASN A 68 19.57 62.11 27.07
N VAL A 69 19.97 61.83 28.31
CA VAL A 69 19.71 60.56 28.96
C VAL A 69 19.12 60.83 30.33
N VAL A 70 17.96 60.25 30.61
CA VAL A 70 17.32 60.33 31.92
C VAL A 70 17.05 58.88 32.35
N ALA A 71 17.97 58.30 33.10
CA ALA A 71 17.90 56.90 33.50
C ALA A 71 17.58 56.81 34.98
N LEU A 72 16.57 56.01 35.32
CA LEU A 72 16.17 55.76 36.70
C LEU A 72 16.11 54.27 36.95
N LEU A 73 16.63 53.84 38.09
CA LEU A 73 16.66 52.44 38.48
C LEU A 73 15.91 52.28 39.80
N MET A 74 14.70 51.72 39.73
CA MET A 74 13.88 51.52 40.93
C MET A 74 13.26 50.14 40.86
N ASN A 75 13.32 49.40 41.97
CA ASN A 75 12.70 48.08 42.02
C ASN A 75 11.18 48.16 42.02
N ARG A 76 10.62 49.28 42.47
CA ARG A 76 9.17 49.43 42.53
C ARG A 76 8.59 49.48 41.12
N THR A 77 7.54 48.69 40.89
CA THR A 77 6.85 48.65 39.60
C THR A 77 5.34 48.70 39.88
N ASP A 78 4.80 49.91 39.95
CA ASP A 78 3.39 50.14 40.16
C ASP A 78 2.88 51.19 39.19
N PRO A 79 1.61 51.11 38.77
CA PRO A 79 1.11 52.05 37.76
C PRO A 79 1.21 53.51 38.18
N LYS A 80 0.95 53.82 39.46
CA LYS A 80 1.03 55.21 39.90
C LYS A 80 2.46 55.72 39.84
N SER A 81 3.44 54.88 40.22
CA SER A 81 4.83 55.28 40.11
C SER A 81 5.21 55.54 38.66
N LEU A 82 4.74 54.67 37.75
CA LEU A 82 5.07 54.84 36.34
C LEU A 82 4.44 56.11 35.76
N ILE A 83 3.20 56.41 36.12
CA ILE A 83 2.57 57.63 35.59
C ILE A 83 3.23 58.87 36.18
N THR A 84 3.63 58.81 37.45
CA THR A 84 4.37 59.94 38.02
C THR A 84 5.71 60.13 37.33
N HIS A 85 6.40 59.03 37.01
CA HIS A 85 7.65 59.13 36.25
C HIS A 85 7.40 59.71 34.86
N VAL A 86 6.30 59.33 34.23
CA VAL A 86 5.95 59.89 32.92
C VAL A 86 5.73 61.39 33.03
N CYS A 87 5.00 61.83 34.05
CA CYS A 87 4.80 63.26 34.26
C CYS A 87 6.12 63.98 34.51
N ASP A 88 7.01 63.37 35.31
CA ASP A 88 8.30 63.99 35.60
C ASP A 88 9.15 64.13 34.36
N LEU A 89 9.19 63.09 33.52
CA LEU A 89 9.97 63.18 32.29
C LEU A 89 9.35 64.13 31.29
N MET A 90 8.01 64.26 31.29
CA MET A 90 7.37 65.31 30.51
C MET A 90 7.83 66.68 30.95
N SER A 91 7.87 66.91 32.27
CA SER A 91 8.42 68.14 32.80
C SER A 91 9.94 68.22 32.63
N GLY A 92 10.59 67.10 32.30
CA GLY A 92 12.02 67.08 32.10
C GLY A 92 12.44 67.47 30.71
N ALA A 93 12.31 68.75 30.37
CA ALA A 93 12.75 69.29 29.09
C ALA A 93 12.09 68.60 27.90
N ARG A 94 10.80 68.26 28.06
CA ARG A 94 9.99 67.73 26.98
C ARG A 94 10.59 66.44 26.38
N ILE A 95 10.66 65.41 27.22
CA ILE A 95 11.15 64.11 26.76
C ILE A 95 10.24 63.58 25.68
N HIS A 96 10.84 63.20 24.54
CA HIS A 96 10.07 62.77 23.37
C HIS A 96 9.92 61.26 23.28
N GLY A 97 10.87 60.50 23.80
CA GLY A 97 10.81 59.05 23.72
C GLY A 97 11.04 58.41 25.07
N LEU A 98 10.36 57.28 25.28
CA LEU A 98 10.40 56.56 26.55
C LEU A 98 10.82 55.13 26.29
N VAL A 99 11.80 54.65 27.06
CA VAL A 99 12.23 53.26 27.04
C VAL A 99 12.07 52.71 28.44
N PHE A 100 11.34 51.60 28.57
CA PHE A 100 11.01 51.02 29.86
C PHE A 100 11.59 49.61 29.95
N GLY A 101 12.47 49.39 30.93
CA GLY A 101 12.92 48.05 31.23
C GLY A 101 12.14 47.43 32.37
N ASP A 102 12.23 46.10 32.48
CA ASP A 102 11.50 45.38 33.51
C ASP A 102 12.27 44.13 33.88
N ASP A 103 11.98 43.63 35.09
CA ASP A 103 12.58 42.41 35.60
C ASP A 103 11.58 41.31 35.92
N THR A 104 10.30 41.63 36.06
CA THR A 104 9.28 40.64 36.36
C THR A 104 8.75 40.04 35.07
N ASP A 105 7.66 39.27 35.18
CA ASP A 105 7.05 38.63 34.02
C ASP A 105 5.58 38.97 33.88
N GLN A 106 5.10 39.99 34.60
CA GLN A 106 3.70 40.38 34.53
C GLN A 106 3.40 41.06 33.20
N GLU A 107 2.25 40.72 32.61
CA GLU A 107 1.84 41.29 31.35
C GLU A 107 0.94 42.51 31.51
N ALA A 108 0.56 42.87 32.74
CA ALA A 108 -0.26 44.06 32.94
C ALA A 108 0.53 45.34 32.71
N VAL A 109 1.85 45.31 32.94
CA VAL A 109 2.67 46.48 32.73
C VAL A 109 2.70 46.84 31.25
N ALA A 110 2.69 45.83 30.37
CA ALA A 110 2.61 46.10 28.94
C ALA A 110 1.29 46.78 28.59
N GLN A 111 0.19 46.33 29.18
CA GLN A 111 -1.11 46.94 28.91
C GLN A 111 -1.14 48.39 29.39
N MET A 112 -0.61 48.66 30.58
CA MET A 112 -0.62 50.04 31.08
C MET A 112 0.31 50.93 30.26
N LEU A 113 1.45 50.39 29.78
CA LEU A 113 2.31 51.15 28.90
C LEU A 113 1.63 51.46 27.58
N ASP A 114 0.87 50.50 27.04
CA ASP A 114 0.10 50.76 25.83
C ASP A 114 -0.94 51.85 26.07
N PHE A 115 -1.61 51.82 27.23
CA PHE A 115 -2.57 52.86 27.56
C PHE A 115 -1.89 54.22 27.66
N ILE A 116 -0.72 54.28 28.30
CA ILE A 116 0.01 55.54 28.43
C ILE A 116 0.42 56.06 27.05
N SER A 117 0.91 55.17 26.19
CA SER A 117 1.29 55.59 24.84
C SER A 117 0.09 56.10 24.06
N SER A 118 -1.06 55.44 24.20
CA SER A 118 -2.26 55.88 23.49
C SER A 118 -2.72 57.25 23.99
N HIS A 119 -2.67 57.48 25.29
CA HIS A 119 -3.15 58.73 25.87
C HIS A 119 -2.09 59.83 25.90
N THR A 120 -0.86 59.54 25.45
CA THR A 120 0.19 60.53 25.40
C THR A 120 0.80 60.73 24.02
N PHE A 121 0.55 59.81 23.08
CA PHE A 121 1.13 59.87 21.74
C PHE A 121 2.66 59.94 21.79
N VAL A 122 3.24 59.19 22.71
CA VAL A 122 4.69 59.14 22.91
C VAL A 122 5.16 57.73 22.55
N PRO A 123 6.11 57.57 21.63
CA PRO A 123 6.59 56.23 21.27
C PRO A 123 7.33 55.58 22.43
N ILE A 124 6.92 54.36 22.77
CA ILE A 124 7.52 53.59 23.84
C ILE A 124 7.92 52.23 23.29
N LEU A 125 9.16 51.81 23.55
CA LEU A 125 9.68 50.55 23.07
C LEU A 125 9.65 49.50 24.19
N GLY A 126 9.45 48.25 23.78
CA GLY A 126 9.41 47.13 24.71
C GLY A 126 10.75 46.45 24.82
N ILE A 127 11.20 46.24 26.05
CA ILE A 127 12.50 45.63 26.33
C ILE A 127 12.26 44.36 27.14
N HIS A 128 13.35 43.67 27.50
CA HIS A 128 13.23 42.43 28.25
C HIS A 128 12.56 42.67 29.60
N GLY A 129 11.74 41.72 30.01
CA GLY A 129 11.03 41.84 31.27
C GLY A 129 9.56 41.46 31.16
N GLY A 130 8.70 42.15 31.92
CA GLY A 130 7.28 41.87 31.87
C GLY A 130 6.65 42.20 30.53
N ALA A 131 7.14 43.25 29.87
CA ALA A 131 6.60 43.68 28.59
C ALA A 131 7.18 42.91 27.41
N SER A 132 7.97 41.87 27.67
CA SER A 132 8.54 41.09 26.57
C SER A 132 7.46 40.40 25.76
N MET A 133 6.47 39.82 26.42
CA MET A 133 5.38 39.13 25.76
C MET A 133 4.36 40.13 25.26
N ILE A 134 3.96 40.00 24.00
CA ILE A 134 2.99 40.90 23.38
C ILE A 134 1.74 40.07 23.02
N MET A 135 0.60 40.50 23.55
CA MET A 135 -0.66 39.82 23.25
C MET A 135 -1.80 40.77 22.92
N ALA A 136 -1.68 42.06 23.16
CA ALA A 136 -2.74 43.02 22.90
C ALA A 136 -2.49 43.74 21.59
N ASP A 137 -3.53 43.87 20.77
CA ASP A 137 -3.41 44.57 19.50
C ASP A 137 -3.12 46.05 19.73
N LYS A 138 -2.27 46.62 18.89
CA LYS A 138 -1.89 48.02 19.04
C LYS A 138 -3.07 48.93 18.71
N ASP A 139 -3.32 49.90 19.59
CA ASP A 139 -4.39 50.84 19.36
C ASP A 139 -4.05 51.74 18.17
N PRO A 140 -5.03 52.11 17.34
CA PRO A 140 -4.73 52.99 16.20
C PRO A 140 -4.14 54.33 16.61
N THR A 141 -4.53 54.87 17.76
CA THR A 141 -4.00 56.14 18.24
C THR A 141 -2.77 55.97 19.11
N SER A 142 -2.30 54.76 19.32
CA SER A 142 -1.12 54.49 20.15
C SER A 142 0.11 54.28 19.27
N THR A 143 1.26 54.64 19.84
CA THR A 143 2.56 54.48 19.18
C THR A 143 3.40 53.58 20.06
N PHE A 144 3.35 52.27 19.79
CA PHE A 144 4.07 51.28 20.58
C PHE A 144 4.75 50.30 19.65
N PHE A 145 6.00 49.98 19.94
CA PHE A 145 6.79 49.04 19.13
C PHE A 145 7.68 48.23 20.07
N GLN A 146 7.23 47.04 20.43
CA GLN A 146 7.98 46.16 21.32
C GLN A 146 9.03 45.41 20.53
N PHE A 147 9.95 44.74 21.24
CA PHE A 147 10.98 43.92 20.62
C PHE A 147 10.54 42.46 20.48
N GLY A 148 9.31 42.15 20.86
CA GLY A 148 8.78 40.81 20.77
C GLY A 148 8.30 40.47 19.37
N ALA A 149 7.80 39.26 19.22
CA ALA A 149 7.30 38.75 17.94
C ALA A 149 5.92 38.15 18.15
N SER A 150 5.07 38.27 17.13
CA SER A 150 3.73 37.71 17.20
C SER A 150 3.77 36.20 17.05
N ILE A 151 2.66 35.54 17.39
CA ILE A 151 2.58 34.08 17.25
C ILE A 151 2.64 33.68 15.77
N GLN A 152 2.17 34.55 14.88
CA GLN A 152 2.24 34.25 13.45
C GLN A 152 3.67 34.08 12.99
N GLN A 153 4.58 34.95 13.44
CA GLN A 153 5.99 34.78 13.14
C GLN A 153 6.54 33.52 13.78
N GLN A 154 6.13 33.24 15.02
CA GLN A 154 6.51 31.98 15.65
C GLN A 154 5.97 30.79 14.87
N ALA A 155 4.77 30.93 14.31
CA ALA A 155 4.20 29.84 13.52
C ALA A 155 5.03 29.54 12.28
N THR A 156 5.47 30.58 11.56
CA THR A 156 6.28 30.32 10.37
C THR A 156 7.69 29.87 10.73
N VAL A 157 8.21 30.30 11.89
CA VAL A 157 9.49 29.77 12.35
C VAL A 157 9.36 28.27 12.64
N MET A 158 8.27 27.87 13.29
CA MET A 158 8.04 26.45 13.54
C MET A 158 7.87 25.68 12.23
N LEU A 159 7.20 26.29 11.26
CA LEU A 159 7.05 25.64 9.96
C LEU A 159 8.39 25.46 9.27
N LYS A 160 9.27 26.46 9.34
CA LYS A 160 10.61 26.33 8.78
C LYS A 160 11.40 25.25 9.49
N ILE A 161 11.27 25.17 10.81
CA ILE A 161 11.95 24.11 11.57
C ILE A 161 11.44 22.74 11.12
N MET A 162 10.13 22.61 10.94
CA MET A 162 9.56 21.35 10.47
C MET A 162 10.06 20.99 9.08
N GLN A 163 10.17 21.99 8.19
CA GLN A 163 10.72 21.75 6.86
C GLN A 163 12.17 21.27 6.96
N ASP A 164 12.95 21.87 7.86
CA ASP A 164 14.32 21.43 8.06
C ASP A 164 14.38 20.00 8.57
N TYR A 165 13.47 19.63 9.47
CA TYR A 165 13.42 18.28 10.02
C TYR A 165 12.68 17.29 9.11
N ASP A 166 12.08 17.76 8.02
CA ASP A 166 11.33 16.91 7.10
C ASP A 166 10.19 16.19 7.81
N TRP A 167 9.53 16.89 8.73
CA TRP A 167 8.39 16.34 9.48
C TRP A 167 7.11 16.82 8.80
N HIS A 168 6.61 16.00 7.89
CA HIS A 168 5.46 16.34 7.07
C HIS A 168 4.13 15.94 7.71
N VAL A 169 4.15 15.39 8.91
CA VAL A 169 2.93 14.95 9.61
C VAL A 169 2.68 15.90 10.77
N PHE A 170 1.46 16.42 10.85
CA PHE A 170 1.08 17.40 11.85
C PHE A 170 0.03 16.84 12.79
N SER A 171 0.00 17.40 14.01
CA SER A 171 -1.01 17.04 15.00
C SER A 171 -1.30 18.30 15.82
N LEU A 172 -2.35 19.02 15.44
CA LEU A 172 -2.68 20.32 16.04
C LEU A 172 -3.67 20.08 17.18
N VAL A 173 -3.17 20.21 18.40
CA VAL A 173 -4.01 20.16 19.60
C VAL A 173 -3.95 21.51 20.28
N THR A 174 -5.12 22.12 20.50
CA THR A 174 -5.21 23.46 21.05
C THR A 174 -6.22 23.47 22.20
N THR A 175 -6.42 24.66 22.77
CA THR A 175 -7.36 24.86 23.86
C THR A 175 -7.95 26.26 23.71
N ILE A 176 -9.09 26.49 24.37
CA ILE A 176 -9.73 27.80 24.34
C ILE A 176 -8.82 28.79 25.09
N PHE A 177 -8.16 29.66 24.33
CA PHE A 177 -7.24 30.65 24.86
C PHE A 177 -7.40 31.93 24.07
N PRO A 178 -7.10 33.09 24.68
CA PRO A 178 -7.22 34.36 23.95
C PRO A 178 -6.51 34.38 22.60
N GLY A 179 -7.29 34.51 21.53
CA GLY A 179 -6.75 34.67 20.19
C GLY A 179 -6.19 33.42 19.55
N TYR A 180 -6.46 32.24 20.11
CA TYR A 180 -5.92 31.02 19.53
C TYR A 180 -6.69 30.59 18.28
N ARG A 181 -7.97 30.94 18.16
CA ARG A 181 -8.74 30.56 16.99
C ARG A 181 -8.19 31.22 15.72
N GLU A 182 -7.85 32.50 15.79
CA GLU A 182 -7.25 33.15 14.63
C GLU A 182 -5.85 32.61 14.35
N PHE A 183 -5.12 32.18 15.39
CA PHE A 183 -3.84 31.51 15.17
C PHE A 183 -4.03 30.20 14.41
N ILE A 184 -5.07 29.44 14.77
CA ILE A 184 -5.38 28.20 14.05
C ILE A 184 -5.74 28.50 12.62
N SER A 185 -6.56 29.53 12.39
CA SER A 185 -6.92 29.89 11.03
C SER A 185 -5.70 30.29 10.21
N PHE A 186 -4.79 31.07 10.81
CA PHE A 186 -3.58 31.48 10.10
C PHE A 186 -2.69 30.29 9.79
N VAL A 187 -2.48 29.39 10.76
CA VAL A 187 -1.61 28.25 10.49
C VAL A 187 -2.23 27.34 9.45
N LYS A 188 -3.56 27.20 9.44
CA LYS A 188 -4.20 26.37 8.42
C LYS A 188 -4.07 27.00 7.04
N THR A 189 -4.37 28.29 6.92
CA THR A 189 -4.25 28.97 5.63
C THR A 189 -2.81 29.14 5.19
N THR A 190 -1.84 28.90 6.09
CA THR A 190 -0.45 28.86 5.68
C THR A 190 0.00 27.47 5.24
N VAL A 191 -0.40 26.42 5.96
CA VAL A 191 0.03 25.08 5.60
C VAL A 191 -0.64 24.62 4.32
N ASP A 192 -1.93 24.94 4.14
CA ASP A 192 -2.60 24.52 2.91
C ASP A 192 -2.09 25.29 1.70
N ASN A 193 -1.59 26.50 1.91
CA ASN A 193 -1.07 27.34 0.83
C ASN A 193 0.40 27.04 0.51
N SER A 194 1.05 26.18 1.29
CA SER A 194 2.44 25.83 1.04
C SER A 194 2.54 24.63 0.11
N PHE A 195 3.67 24.55 -0.60
CA PHE A 195 3.93 23.44 -1.52
C PHE A 195 4.50 22.22 -0.82
N VAL A 196 4.74 22.29 0.49
CA VAL A 196 5.31 21.16 1.21
C VAL A 196 4.35 19.97 1.19
N GLY A 197 3.06 20.23 1.40
CA GLY A 197 2.08 19.16 1.44
C GLY A 197 1.97 18.54 2.82
N TRP A 198 1.64 19.35 3.81
CA TRP A 198 1.55 18.89 5.19
C TRP A 198 0.35 17.95 5.35
N ASP A 199 0.30 17.29 6.51
CA ASP A 199 -0.78 16.37 6.80
C ASP A 199 -2.10 17.12 6.98
N MET A 200 -3.19 16.46 6.60
CA MET A 200 -4.53 17.03 6.70
C MET A 200 -5.21 16.70 8.03
N GLN A 201 -4.44 16.48 9.09
CA GLN A 201 -5.01 16.17 10.39
C GLN A 201 -5.84 17.34 10.91
N ASN A 202 -7.03 17.03 11.42
CA ASN A 202 -7.93 18.04 11.94
C ASN A 202 -7.42 18.54 13.28
N VAL A 203 -7.92 19.70 13.69
CA VAL A 203 -7.52 20.33 14.95
C VAL A 203 -8.31 19.70 16.08
N ILE A 204 -7.60 19.14 17.06
CA ILE A 204 -8.24 18.49 18.21
C ILE A 204 -8.12 19.47 19.38
N THR A 205 -9.16 20.26 19.57
CA THR A 205 -9.17 21.30 20.61
C THR A 205 -9.81 20.77 21.88
N LEU A 206 -9.12 20.98 23.00
CA LEU A 206 -9.65 20.58 24.29
C LEU A 206 -10.78 21.51 24.71
N ASP A 207 -11.81 20.94 25.34
CA ASP A 207 -13.01 21.70 25.70
C ASP A 207 -12.79 22.56 26.94
N THR A 208 -12.51 21.92 28.08
CA THR A 208 -12.32 22.64 29.32
C THR A 208 -11.37 21.85 30.22
N SER A 209 -10.76 22.55 31.17
CA SER A 209 -9.81 21.94 32.07
C SER A 209 -10.54 21.13 33.15
N PHE A 210 -9.80 20.21 33.77
CA PHE A 210 -10.30 19.35 34.85
C PHE A 210 -11.51 18.54 34.39
N GLU A 211 -11.29 17.73 33.36
CA GLU A 211 -12.31 16.80 32.86
C GLU A 211 -12.06 15.38 33.36
N ASP A 212 -10.89 14.82 33.06
CA ASP A 212 -10.44 13.48 33.44
C ASP A 212 -11.19 12.38 32.73
N ALA A 213 -12.17 12.70 31.89
CA ALA A 213 -12.92 11.69 31.13
C ALA A 213 -12.84 11.93 29.63
N LYS A 214 -13.12 13.15 29.17
CA LYS A 214 -13.07 13.45 27.74
C LYS A 214 -11.65 13.70 27.24
N THR A 215 -10.72 13.97 28.15
CA THR A 215 -9.34 14.22 27.74
C THR A 215 -8.73 12.99 27.07
N GLN A 216 -8.98 11.79 27.63
CA GLN A 216 -8.48 10.57 27.02
C GLN A 216 -9.16 10.31 25.67
N VAL A 217 -10.45 10.64 25.56
CA VAL A 217 -11.15 10.49 24.29
C VAL A 217 -10.52 11.39 23.23
N GLN A 218 -10.21 12.64 23.60
CA GLN A 218 -9.56 13.55 22.66
C GLN A 218 -8.17 13.06 22.28
N LEU A 219 -7.40 12.57 23.26
CA LEU A 219 -6.07 12.06 22.98
C LEU A 219 -6.09 10.78 22.15
N LYS A 220 -7.19 10.04 22.17
CA LYS A 220 -7.30 8.83 21.35
C LYS A 220 -7.20 9.17 19.87
N LYS A 221 -7.85 10.26 19.45
CA LYS A 221 -7.86 10.65 18.04
C LYS A 221 -6.48 11.04 17.53
N ILE A 222 -5.51 11.29 18.41
CA ILE A 222 -4.16 11.64 18.00
C ILE A 222 -3.44 10.37 17.55
N HIS A 223 -3.10 10.30 16.26
CA HIS A 223 -2.39 9.16 15.70
C HIS A 223 -1.27 9.64 14.78
N SER A 224 -0.52 10.65 15.22
CA SER A 224 0.55 11.26 14.44
C SER A 224 1.88 11.04 15.13
N SER A 225 2.95 11.56 14.52
CA SER A 225 4.29 11.47 15.05
C SER A 225 4.82 12.81 15.58
N VAL A 226 4.48 13.91 14.93
CA VAL A 226 4.88 15.24 15.37
C VAL A 226 3.63 15.99 15.79
N ILE A 227 3.64 16.52 17.02
CA ILE A 227 2.48 17.15 17.62
C ILE A 227 2.84 18.60 17.95
N LEU A 228 1.98 19.52 17.54
CA LEU A 228 2.14 20.94 17.82
C LEU A 228 1.21 21.34 18.95
N LEU A 229 1.72 22.05 19.94
CA LEU A 229 0.97 22.42 21.12
C LEU A 229 0.76 23.93 21.17
N TYR A 230 -0.50 24.34 21.29
CA TYR A 230 -0.88 25.72 21.58
C TYR A 230 -1.62 25.68 22.91
N CYS A 231 -0.87 25.81 24.01
CA CYS A 231 -1.41 25.63 25.34
C CYS A 231 -0.85 26.69 26.27
N SER A 232 -1.39 26.73 27.48
CA SER A 232 -0.96 27.67 28.51
C SER A 232 0.01 26.98 29.48
N LYS A 233 0.69 27.80 30.27
CA LYS A 233 1.67 27.27 31.21
C LYS A 233 1.02 26.40 32.27
N ASP A 234 -0.13 26.83 32.81
CA ASP A 234 -0.79 26.07 33.87
C ASP A 234 -1.30 24.73 33.34
N GLU A 235 -1.91 24.74 32.15
CA GLU A 235 -2.46 23.52 31.55
C GLU A 235 -1.37 22.64 30.94
N ALA A 236 -0.16 23.18 30.75
CA ALA A 236 0.93 22.37 30.20
C ALA A 236 1.28 21.22 31.13
N VAL A 237 1.28 21.46 32.44
CA VAL A 237 1.62 20.41 33.40
C VAL A 237 0.62 19.26 33.28
N LEU A 238 -0.67 19.58 33.25
CA LEU A 238 -1.68 18.52 33.21
C LEU A 238 -1.68 17.80 31.86
N ILE A 239 -1.48 18.53 30.76
CA ILE A 239 -1.47 17.86 29.46
C ILE A 239 -0.24 16.96 29.33
N LEU A 240 0.90 17.38 29.86
CA LEU A 240 2.08 16.53 29.83
C LEU A 240 1.93 15.33 30.76
N SER A 241 1.25 15.50 31.90
CA SER A 241 0.97 14.36 32.76
C SER A 241 0.07 13.35 32.05
N GLU A 242 -0.95 13.84 31.34
CA GLU A 242 -1.82 12.96 30.57
C GLU A 242 -1.03 12.24 29.47
N ALA A 243 -0.13 12.96 28.79
CA ALA A 243 0.69 12.33 27.76
C ALA A 243 1.60 11.26 28.35
N ARG A 244 2.19 11.54 29.52
CA ARG A 244 3.02 10.54 30.18
C ARG A 244 2.21 9.31 30.57
N SER A 245 0.99 9.53 31.08
CA SER A 245 0.13 8.40 31.43
C SER A 245 -0.21 7.58 30.19
N LEU A 246 -0.50 8.24 29.07
CA LEU A 246 -0.80 7.56 27.82
C LEU A 246 0.44 7.18 27.04
N GLY A 247 1.62 7.52 27.53
CA GLY A 247 2.86 7.15 26.85
C GLY A 247 3.08 7.82 25.51
N LEU A 248 2.81 9.12 25.42
CA LEU A 248 3.01 9.88 24.19
C LEU A 248 4.38 10.55 24.11
N THR A 249 5.27 10.26 25.06
CA THR A 249 6.60 10.86 25.10
C THR A 249 7.68 9.89 24.61
N GLY A 250 7.37 9.08 23.60
CA GLY A 250 8.31 8.12 23.08
C GLY A 250 9.35 8.73 22.17
N TYR A 251 10.25 7.87 21.68
CA TYR A 251 11.31 8.33 20.77
C TYR A 251 10.73 8.87 19.47
N ASP A 252 9.74 8.17 18.91
CA ASP A 252 9.16 8.60 17.64
C ASP A 252 8.37 9.89 17.78
N PHE A 253 7.68 10.05 18.90
CA PHE A 253 6.86 11.24 19.10
C PHE A 253 7.74 12.46 19.41
N PHE A 254 7.30 13.62 18.92
CA PHE A 254 7.99 14.88 19.17
C PHE A 254 6.99 15.90 19.71
N TRP A 255 7.51 16.87 20.46
CA TRP A 255 6.68 17.88 21.10
C TRP A 255 7.23 19.27 20.77
N ILE A 256 6.31 20.20 20.50
CA ILE A 256 6.65 21.58 20.21
C ILE A 256 5.96 22.46 21.25
N VAL A 257 6.72 23.34 21.89
CA VAL A 257 6.24 24.19 22.97
C VAL A 257 6.34 25.64 22.51
N PRO A 258 5.28 26.45 22.67
CA PRO A 258 5.36 27.85 22.24
C PRO A 258 6.23 28.70 23.16
N SER A 259 6.37 29.99 22.83
CA SER A 259 7.24 30.86 23.60
C SER A 259 6.66 31.18 24.98
N LEU A 260 5.33 31.35 25.06
CA LEU A 260 4.72 31.76 26.32
C LEU A 260 4.88 30.71 27.41
N VAL A 261 4.75 29.43 27.04
CA VAL A 261 4.96 28.36 28.01
C VAL A 261 6.41 28.32 28.47
N SER A 262 7.35 28.46 27.53
CA SER A 262 8.78 28.43 27.83
C SER A 262 9.34 29.79 28.19
N GLY A 263 8.49 30.72 28.65
CA GLY A 263 8.99 32.03 29.01
C GLY A 263 9.93 32.00 30.20
N ASN A 264 9.61 31.18 31.20
CA ASN A 264 10.45 31.05 32.39
C ASN A 264 11.45 29.93 32.15
N THR A 265 12.60 30.29 31.55
CA THR A 265 13.64 29.30 31.29
C THR A 265 14.22 28.73 32.57
N GLU A 266 14.41 29.58 33.59
CA GLU A 266 14.98 29.12 34.85
C GLU A 266 14.02 28.24 35.63
N LEU A 267 12.72 28.27 35.31
CA LEU A 267 11.72 27.47 36.00
C LEU A 267 11.45 26.23 35.16
N ILE A 268 12.08 25.12 35.52
CA ILE A 268 11.92 23.85 34.82
C ILE A 268 11.36 22.83 35.82
N PRO A 269 10.05 22.59 35.79
CA PRO A 269 9.47 21.60 36.70
C PRO A 269 9.94 20.19 36.34
N LYS A 270 9.95 19.32 37.36
CA LYS A 270 10.44 17.96 37.16
C LYS A 270 9.51 17.14 36.28
N GLU A 271 8.25 17.56 36.13
CA GLU A 271 7.27 16.82 35.35
C GLU A 271 7.32 17.15 33.86
N PHE A 272 8.20 18.05 33.44
CA PHE A 272 8.32 18.39 32.03
C PHE A 272 9.36 17.50 31.38
N PRO A 273 9.00 16.62 30.45
CA PRO A 273 10.02 15.81 29.78
C PRO A 273 10.93 16.65 28.90
N SER A 274 12.16 16.18 28.74
CA SER A 274 13.12 16.89 27.92
C SER A 274 12.79 16.75 26.44
N GLY A 275 13.38 17.62 25.63
CA GLY A 275 13.12 17.65 24.21
C GLY A 275 12.06 18.63 23.76
N LEU A 276 11.56 19.47 24.66
CA LEU A 276 10.53 20.45 24.33
C LEU A 276 11.17 21.59 23.55
N ILE A 277 11.20 21.44 22.22
CA ILE A 277 11.78 22.48 21.37
C ILE A 277 10.89 23.71 21.39
N SER A 278 11.48 24.88 21.60
CA SER A 278 10.74 26.13 21.68
C SER A 278 11.55 27.23 21.00
N VAL A 279 10.85 28.30 20.63
CA VAL A 279 11.45 29.45 19.98
C VAL A 279 11.12 30.69 20.80
N SER A 280 12.14 31.48 21.09
CA SER A 280 11.98 32.71 21.87
C SER A 280 13.15 33.64 21.54
N TYR A 281 13.30 34.70 22.33
CA TYR A 281 14.39 35.65 22.17
C TYR A 281 14.97 36.02 23.53
N ASP A 282 15.15 35.02 24.40
CA ASP A 282 15.65 35.25 25.73
C ASP A 282 17.11 35.73 25.69
N ASP A 283 17.57 36.27 26.81
CA ASP A 283 18.90 36.88 26.89
C ASP A 283 19.99 35.81 26.94
N TRP A 284 20.14 35.10 25.81
CA TRP A 284 21.22 34.15 25.62
C TRP A 284 22.32 34.67 24.72
N ASP A 285 22.00 35.58 23.80
CA ASP A 285 22.98 36.18 22.91
C ASP A 285 22.97 37.70 22.94
N TYR A 286 21.84 38.33 23.27
CA TYR A 286 21.75 39.78 23.38
C TYR A 286 21.37 40.13 24.82
N SER A 287 22.15 41.01 25.45
CA SER A 287 21.92 41.37 26.84
C SER A 287 21.06 42.63 26.91
N LEU A 288 20.81 43.08 28.14
CA LEU A 288 20.01 44.30 28.34
C LEU A 288 20.70 45.51 27.73
N GLU A 289 22.04 45.58 27.86
CA GLU A 289 22.78 46.68 27.26
C GLU A 289 22.64 46.66 25.73
N ALA A 290 22.73 45.48 25.12
CA ALA A 290 22.56 45.39 23.68
C ALA A 290 21.15 45.80 23.27
N ARG A 291 20.14 45.38 24.03
CA ARG A 291 18.77 45.73 23.71
C ARG A 291 18.53 47.23 23.81
N VAL A 292 19.06 47.88 24.87
CA VAL A 292 18.86 49.31 25.00
C VAL A 292 19.67 50.06 23.93
N ARG A 293 20.83 49.53 23.53
CA ARG A 293 21.57 50.13 22.42
C ARG A 293 20.74 50.09 21.14
N ASP A 294 20.14 48.93 20.86
CA ASP A 294 19.29 48.82 19.67
C ASP A 294 18.10 49.76 19.75
N GLY A 295 17.49 49.87 20.94
CA GLY A 295 16.34 50.74 21.09
C GLY A 295 16.68 52.21 20.88
N ILE A 296 17.79 52.66 21.48
CA ILE A 296 18.19 54.05 21.33
C ILE A 296 18.60 54.32 19.89
N GLY A 297 19.24 53.36 19.23
CA GLY A 297 19.57 53.53 17.82
C GLY A 297 18.33 53.67 16.95
N ILE A 298 17.32 52.83 17.20
CA ILE A 298 16.08 52.92 16.43
C ILE A 298 15.39 54.25 16.68
N LEU A 299 15.38 54.70 17.95
CA LEU A 299 14.75 55.99 18.26
C LEU A 299 15.49 57.14 17.58
N THR A 300 16.82 57.11 17.58
CA THR A 300 17.59 58.16 16.93
C THR A 300 17.36 58.17 15.42
N THR A 301 17.31 56.99 14.80
CA THR A 301 17.03 56.93 13.36
C THR A 301 15.63 57.45 13.06
N ALA A 302 14.64 57.10 13.88
CA ALA A 302 13.29 57.61 13.66
C ALA A 302 13.23 59.12 13.82
N ALA A 303 13.91 59.66 14.83
CA ALA A 303 13.94 61.10 15.03
C ALA A 303 14.61 61.81 13.86
N SER A 304 15.72 61.24 13.36
CA SER A 304 16.40 61.84 12.22
C SER A 304 15.51 61.82 10.98
N SER A 305 14.82 60.70 10.74
CA SER A 305 13.91 60.63 9.60
C SER A 305 12.77 61.63 9.73
N MET A 306 12.22 61.78 10.93
CA MET A 306 11.15 62.75 11.14
C MET A 306 11.65 64.18 10.90
N LEU A 307 12.85 64.50 11.39
CA LEU A 307 13.41 65.83 11.17
C LEU A 307 13.67 66.09 9.69
N GLU A 308 14.17 65.08 8.97
CA GLU A 308 14.38 65.23 7.54
C GLU A 308 13.06 65.45 6.81
N LYS A 309 12.00 64.74 7.23
CA LYS A 309 10.70 64.89 6.59
C LYS A 309 10.07 66.23 6.94
N PHE A 310 9.81 66.46 8.22
CA PHE A 310 9.19 67.69 8.70
C PHE A 310 10.08 68.36 9.73
N SER A 311 10.32 69.66 9.55
CA SER A 311 11.14 70.43 10.49
C SER A 311 10.23 71.01 11.57
N TYR A 312 9.85 70.16 12.51
CA TYR A 312 8.96 70.55 13.60
C TYR A 312 9.24 69.67 14.81
N ILE A 313 9.68 70.28 15.90
CA ILE A 313 9.96 69.54 17.13
C ILE A 313 8.63 69.15 17.78
N PRO A 314 8.41 67.87 18.08
CA PRO A 314 7.16 67.47 18.72
C PRO A 314 7.02 68.05 20.11
N GLU A 315 5.77 68.28 20.51
CA GLU A 315 5.45 68.84 21.81
C GLU A 315 4.39 68.00 22.49
N ALA A 316 4.42 67.99 23.82
CA ALA A 316 3.48 67.22 24.62
C ALA A 316 2.20 68.01 24.86
N LYS A 317 1.27 67.40 25.59
CA LYS A 317 -0.01 68.02 25.90
C LYS A 317 0.17 68.94 27.12
N ALA A 318 -0.93 69.55 27.57
CA ALA A 318 -0.86 70.41 28.75
C ALA A 318 -0.48 69.62 29.99
N SER A 319 -1.08 68.45 30.15
CA SER A 319 -0.77 67.56 31.26
C SER A 319 -0.06 66.32 30.73
N CYS A 320 0.19 65.35 31.61
CA CYS A 320 0.80 64.10 31.20
C CYS A 320 -0.09 63.37 30.20
N TYR A 321 -1.29 62.98 30.64
CA TYR A 321 -2.27 62.34 29.76
C TYR A 321 -3.70 62.76 30.11
N GLY A 322 -3.87 63.98 30.61
CA GLY A 322 -5.18 64.46 30.97
C GLY A 322 -6.03 64.83 29.76
N GLN A 323 -7.30 65.13 30.04
CA GLN A 323 -8.27 65.49 29.01
C GLN A 323 -8.91 66.84 29.29
N MET A 324 -8.09 67.81 29.72
CA MET A 324 -8.61 69.16 29.93
C MET A 324 -9.05 69.78 28.61
N GLU A 325 -8.29 69.57 27.55
CA GLU A 325 -8.66 70.01 26.21
C GLU A 325 -8.92 68.79 25.33
N ARG A 326 -9.42 69.04 24.12
CA ARG A 326 -9.72 67.97 23.20
C ARG A 326 -8.42 67.29 22.74
N PRO A 327 -8.44 65.97 22.55
CA PRO A 327 -7.22 65.27 22.09
C PRO A 327 -7.05 65.41 20.58
N GLU A 328 -6.04 66.19 20.19
CA GLU A 328 -5.72 66.39 18.78
C GLU A 328 -4.21 66.33 18.59
N VAL A 329 -3.80 65.74 17.47
CA VAL A 329 -2.38 65.63 17.13
C VAL A 329 -2.18 66.21 15.73
N PRO A 330 -1.91 67.52 15.61
CA PRO A 330 -1.72 68.10 14.27
C PRO A 330 -0.56 67.49 13.51
N MET A 331 0.52 67.11 14.20
CA MET A 331 1.65 66.50 13.53
C MET A 331 1.33 65.07 13.11
N HIS A 332 2.00 64.62 12.05
CA HIS A 332 1.78 63.27 11.54
C HIS A 332 2.32 62.24 12.52
N THR A 333 1.66 61.09 12.56
CA THR A 333 2.06 60.01 13.45
C THR A 333 3.39 59.41 13.01
N LEU A 334 4.04 58.71 13.94
CA LEU A 334 5.34 58.10 13.70
C LEU A 334 5.24 56.73 13.07
N HIS A 335 4.03 56.23 12.82
CA HIS A 335 3.88 54.92 12.19
C HIS A 335 4.53 54.84 10.82
N PRO A 336 4.31 55.77 9.88
CA PRO A 336 5.02 55.66 8.59
C PRO A 336 6.53 55.79 8.71
N PHE A 337 7.02 56.45 9.76
CA PHE A 337 8.46 56.62 9.94
C PHE A 337 9.15 55.36 10.44
N MET A 338 8.40 54.33 10.83
CA MET A 338 8.97 53.10 11.35
C MET A 338 9.06 52.01 10.28
N VAL A 339 9.05 52.38 9.00
CA VAL A 339 9.13 51.42 7.90
C VAL A 339 10.54 51.35 7.33
N ASN A 340 11.10 52.48 6.91
CA ASN A 340 12.44 52.54 6.35
C ASN A 340 13.43 52.94 7.45
N VAL A 341 13.69 51.99 8.34
CA VAL A 341 14.58 52.19 9.48
C VAL A 341 15.72 51.19 9.37
N THR A 342 16.95 51.70 9.43
CA THR A 342 18.15 50.86 9.39
C THR A 342 19.17 51.42 10.35
N TRP A 343 19.68 50.57 11.24
CA TRP A 343 20.67 50.95 12.24
C TRP A 343 21.87 50.02 12.13
N ASP A 344 23.05 50.60 11.89
CA ASP A 344 24.30 49.85 11.79
C ASP A 344 24.22 48.74 10.75
N GLY A 345 23.51 49.03 9.64
CA GLY A 345 23.37 48.07 8.57
C GLY A 345 22.31 47.00 8.81
N LYS A 346 21.60 47.05 9.92
CA LYS A 346 20.56 46.07 10.25
C LYS A 346 19.19 46.70 10.07
N ASP A 347 18.33 46.02 9.31
CA ASP A 347 16.97 46.52 9.05
C ASP A 347 16.05 46.12 10.20
N LEU A 348 16.27 46.76 11.34
CA LEU A 348 15.47 46.53 12.54
C LEU A 348 14.22 47.42 12.57
N SER A 349 13.43 47.34 11.51
CA SER A 349 12.22 48.14 11.38
C SER A 349 11.03 47.40 12.00
N PHE A 350 9.84 47.99 11.85
CA PHE A 350 8.62 47.42 12.38
C PHE A 350 7.53 47.48 11.32
N THR A 351 6.59 46.56 11.42
CA THR A 351 5.47 46.50 10.47
C THR A 351 4.36 47.44 10.93
N GLU A 352 3.21 47.39 10.25
CA GLU A 352 2.09 48.25 10.63
C GLU A 352 1.53 47.87 11.99
N GLU A 353 1.69 46.61 12.41
CA GLU A 353 1.21 46.14 13.69
C GLU A 353 2.26 46.26 14.79
N GLY A 354 3.43 46.83 14.48
CA GLY A 354 4.49 46.96 15.47
C GLY A 354 5.37 45.76 15.63
N TYR A 355 5.15 44.69 14.86
CA TYR A 355 5.97 43.49 14.93
C TYR A 355 7.30 43.72 14.24
N GLN A 356 8.36 43.15 14.82
CA GLN A 356 9.68 43.27 14.24
C GLN A 356 9.76 42.58 12.89
N VAL A 357 10.37 43.25 11.92
CA VAL A 357 10.53 42.67 10.59
C VAL A 357 11.54 41.52 10.63
N HIS A 358 12.62 41.69 11.38
CA HIS A 358 13.67 40.68 11.53
C HIS A 358 13.94 40.44 13.00
N PRO A 359 13.05 39.69 13.68
CA PRO A 359 13.29 39.39 15.09
C PRO A 359 14.37 38.35 15.27
N ARG A 360 14.84 38.21 16.52
CA ARG A 360 15.89 37.26 16.84
C ARG A 360 15.39 35.83 16.67
N LEU A 361 14.41 35.43 17.48
CA LEU A 361 13.77 34.11 17.42
C LEU A 361 14.80 32.99 17.46
N VAL A 362 15.54 32.93 18.58
CA VAL A 362 16.46 31.82 18.79
C VAL A 362 15.68 30.58 19.22
N VAL A 363 16.20 29.42 18.84
CA VAL A 363 15.53 28.15 19.11
C VAL A 363 16.21 27.50 20.30
N ILE A 364 15.41 27.17 21.33
CA ILE A 364 15.91 26.57 22.56
C ILE A 364 15.35 25.16 22.67
N VAL A 365 16.23 24.20 22.98
CA VAL A 365 15.86 22.80 23.12
C VAL A 365 16.19 22.37 24.55
N LEU A 366 15.21 21.74 25.20
CA LEU A 366 15.40 21.29 26.57
C LEU A 366 16.36 20.10 26.59
N ASN A 367 17.50 20.27 27.25
CA ASN A 367 18.52 19.24 27.29
C ASN A 367 18.08 18.09 28.21
N LYS A 368 18.81 16.98 28.14
CA LYS A 368 18.50 15.83 28.97
C LYS A 368 18.62 16.17 30.45
N ASP A 369 19.62 16.97 30.82
CA ASP A 369 19.79 17.42 32.19
C ASP A 369 18.99 18.69 32.49
N ARG A 370 17.95 18.97 31.69
CA ARG A 370 17.06 20.11 31.89
C ARG A 370 17.81 21.43 31.81
N GLU A 371 18.35 21.70 30.63
CA GLU A 371 18.94 23.00 30.29
C GLU A 371 18.47 23.40 28.90
N TRP A 372 18.53 24.71 28.64
CA TRP A 372 18.15 25.27 27.35
C TRP A 372 19.38 25.74 26.62
N GLU A 373 19.52 25.33 25.36
CA GLU A 373 20.66 25.68 24.53
C GLU A 373 20.17 26.19 23.18
N LYS A 374 20.94 27.10 22.60
CA LYS A 374 20.61 27.66 21.29
C LYS A 374 21.05 26.69 20.19
N VAL A 375 20.13 26.39 19.27
CA VAL A 375 20.41 25.49 18.17
C VAL A 375 20.19 26.16 16.82
N GLY A 376 19.94 27.47 16.81
CA GLY A 376 19.75 28.17 15.56
C GLY A 376 19.28 29.58 15.80
N LYS A 377 19.25 30.35 14.71
CA LYS A 377 18.83 31.74 14.72
C LYS A 377 17.86 31.98 13.57
N TRP A 378 17.33 33.20 13.50
CA TRP A 378 16.36 33.56 12.47
C TRP A 378 16.60 34.91 11.83
N GLU A 379 17.63 35.66 12.26
CA GLU A 379 17.86 36.99 11.73
C GLU A 379 18.47 36.98 10.33
N ASN A 380 18.90 35.82 9.83
CA ASN A 380 19.58 35.73 8.54
C ASN A 380 18.55 35.85 7.43
N HIS A 381 18.14 37.09 7.16
CA HIS A 381 17.19 37.42 6.09
C HIS A 381 15.90 36.61 6.22
N THR A 382 15.38 36.52 7.45
CA THR A 382 14.15 35.81 7.78
C THR A 382 14.19 34.33 7.38
N LEU A 383 15.37 33.74 7.35
CA LEU A 383 15.53 32.32 7.08
C LEU A 383 15.74 31.57 8.39
N SER A 384 15.86 30.25 8.29
CA SER A 384 16.04 29.38 9.44
C SER A 384 17.42 28.73 9.40
N LEU A 385 18.09 28.71 10.55
CA LEU A 385 19.39 28.10 10.70
C LEU A 385 19.30 26.96 11.70
N ARG A 386 19.96 25.85 11.39
CA ARG A 386 19.92 24.66 12.23
C ARG A 386 21.32 24.13 12.45
N HIS A 387 21.56 23.61 13.66
CA HIS A 387 22.83 22.99 13.99
C HIS A 387 22.93 21.54 13.53
N ALA A 388 21.85 20.99 12.95
CA ALA A 388 21.85 19.65 12.38
C ALA A 388 22.18 18.58 13.42
N VAL A 389 21.42 18.59 14.52
CA VAL A 389 21.51 17.58 15.55
C VAL A 389 20.12 16.98 15.70
N TRP A 390 19.86 15.88 14.99
CA TRP A 390 18.55 15.26 14.97
C TRP A 390 18.25 14.47 16.25
N PRO A 391 19.06 13.44 16.61
CA PRO A 391 18.67 12.59 17.75
C PRO A 391 18.99 13.27 19.07
N ARG A 392 17.95 13.77 19.75
CA ARG A 392 18.11 14.41 21.05
C ARG A 392 16.98 14.04 22.01
N TYR A 393 16.24 12.97 21.71
CA TYR A 393 15.06 12.59 22.49
C TYR A 393 15.20 11.15 22.94
N LYS A 394 14.75 10.87 24.16
CA LYS A 394 14.74 9.53 24.72
C LYS A 394 13.64 9.46 25.78
N SER A 395 13.65 8.39 26.57
CA SER A 395 12.64 8.19 27.61
C SER A 395 13.00 9.09 28.79
N PHE A 396 12.39 10.28 28.84
CA PHE A 396 12.59 11.21 29.94
C PHE A 396 11.52 11.08 31.01
N SER A 397 10.23 11.08 30.62
CA SER A 397 9.16 10.94 31.59
C SER A 397 9.21 9.58 32.27
N ASP A 398 9.48 8.52 31.51
CA ASP A 398 9.57 7.17 32.03
C ASP A 398 10.98 6.63 31.80
N CYS A 399 11.17 5.35 32.12
CA CYS A 399 12.46 4.67 31.96
C CYS A 399 12.23 3.44 31.10
N GLU A 400 12.32 3.61 29.78
CA GLU A 400 12.14 2.51 28.84
C GLU A 400 12.91 2.81 27.56
N PRO A 401 14.13 2.29 27.42
CA PRO A 401 14.93 2.56 26.22
C PRO A 401 14.33 1.90 24.98
N ASP A 402 14.54 2.56 23.85
CA ASP A 402 14.09 2.06 22.56
C ASP A 402 15.19 2.25 21.53
N ASP A 403 15.15 1.42 20.48
CA ASP A 403 16.13 1.49 19.41
C ASP A 403 15.44 1.71 18.07
N ASN A 404 14.46 2.61 18.04
CA ASN A 404 13.69 2.87 16.83
C ASN A 404 14.45 3.67 15.79
N HIS A 405 15.55 4.32 16.15
CA HIS A 405 16.35 5.13 15.24
C HIS A 405 17.67 4.42 14.98
N LEU A 406 17.86 3.95 13.75
CA LEU A 406 19.08 3.25 13.35
C LEU A 406 19.68 3.93 12.13
N SER A 407 20.98 4.19 12.18
CA SER A 407 21.66 4.88 11.10
C SER A 407 21.91 3.93 9.93
N ILE A 408 21.85 4.51 8.72
CA ILE A 408 22.08 3.77 7.48
C ILE A 408 23.14 4.49 6.68
N VAL A 409 24.10 3.75 6.14
CA VAL A 409 25.22 4.30 5.37
C VAL A 409 25.14 3.77 3.96
N THR A 410 25.37 4.65 2.99
CA THR A 410 25.26 4.31 1.57
C THR A 410 26.34 5.06 0.80
N LEU A 411 26.62 4.56 -0.41
CA LEU A 411 27.58 5.17 -1.32
C LEU A 411 26.86 5.66 -2.58
N GLU A 412 27.63 6.28 -3.48
CA GLU A 412 27.11 6.82 -4.73
C GLU A 412 28.04 6.43 -5.89
N GLU A 413 28.43 5.16 -5.94
CA GLU A 413 29.29 4.66 -6.99
C GLU A 413 28.55 3.81 -8.02
N ALA A 414 27.25 3.58 -7.84
CA ALA A 414 26.45 2.73 -8.72
C ALA A 414 25.17 3.48 -9.08
N PRO A 415 24.56 3.14 -10.23
CA PRO A 415 23.29 3.78 -10.64
C PRO A 415 22.08 3.26 -9.86
N PHE A 416 22.21 3.23 -8.53
CA PHE A 416 21.12 2.86 -7.63
C PHE A 416 20.89 3.86 -6.52
N VAL A 417 21.90 4.64 -6.12
CA VAL A 417 21.75 5.69 -5.12
C VAL A 417 22.30 6.98 -5.71
N ILE A 418 21.49 8.02 -5.71
CA ILE A 418 21.90 9.34 -6.20
C ILE A 418 21.51 10.38 -5.16
N VAL A 419 22.44 11.28 -4.84
CA VAL A 419 22.21 12.38 -3.90
C VAL A 419 22.29 13.68 -4.68
N GLU A 420 21.30 14.54 -4.49
CA GLU A 420 21.24 15.82 -5.19
C GLU A 420 21.00 16.94 -4.18
N ASP A 421 21.51 18.13 -4.51
CA ASP A 421 21.33 19.28 -3.65
C ASP A 421 19.87 19.69 -3.62
N ILE A 422 19.41 20.13 -2.44
CA ILE A 422 18.03 20.56 -2.29
C ILE A 422 17.81 21.85 -3.07
N ASP A 423 16.71 21.91 -3.81
CA ASP A 423 16.40 23.09 -4.60
C ASP A 423 16.11 24.28 -3.68
N PRO A 424 16.68 25.46 -3.95
CA PRO A 424 16.43 26.65 -3.11
C PRO A 424 15.06 27.29 -3.35
N LEU A 425 14.01 26.48 -3.31
CA LEU A 425 12.64 26.91 -3.52
C LEU A 425 11.75 26.40 -2.40
N THR A 426 12.21 26.61 -1.16
CA THR A 426 11.53 26.25 0.09
C THR A 426 10.86 24.88 0.03
N GLU A 427 11.49 23.94 -0.69
CA GLU A 427 10.96 22.59 -0.82
C GLU A 427 12.09 21.59 -0.56
N THR A 428 11.72 20.43 0.00
CA THR A 428 12.68 19.40 0.38
C THR A 428 12.75 18.37 -0.74
N CYS A 429 13.55 18.68 -1.76
CA CYS A 429 13.77 17.80 -2.92
C CYS A 429 12.44 17.40 -3.56
N VAL A 430 11.53 18.37 -3.68
CA VAL A 430 10.23 18.17 -4.31
C VAL A 430 9.48 17.04 -3.63
N ARG A 431 9.51 15.85 -4.23
CA ARG A 431 8.73 14.71 -3.75
C ARG A 431 9.55 13.45 -3.95
N ASN A 432 9.21 12.41 -3.18
CA ASN A 432 9.84 11.09 -3.25
C ASN A 432 11.34 11.20 -2.98
N THR A 433 11.66 11.59 -1.74
CA THR A 433 13.04 11.76 -1.31
C THR A 433 13.18 11.31 0.13
N VAL A 434 14.41 11.02 0.51
CA VAL A 434 14.77 10.62 1.87
C VAL A 434 15.85 11.56 2.36
N PRO A 435 15.77 12.10 3.58
CA PRO A 435 16.84 12.97 4.08
C PRO A 435 18.16 12.22 4.16
N CYS A 436 19.25 12.94 3.88
CA CYS A 436 20.58 12.36 3.82
C CYS A 436 21.58 13.30 4.48
N ARG A 437 22.74 12.75 4.84
CA ARG A 437 23.82 13.51 5.44
C ARG A 437 25.10 13.21 4.70
N LYS A 438 25.92 14.25 4.50
CA LYS A 438 27.20 14.11 3.81
C LYS A 438 28.19 15.12 4.37
N PHE A 439 29.39 14.64 4.72
CA PHE A 439 30.43 15.51 5.23
C PHE A 439 31.12 16.19 4.06
N VAL A 440 30.74 17.45 3.80
CA VAL A 440 31.35 18.22 2.72
C VAL A 440 32.60 18.89 3.28
N LYS A 441 33.76 18.51 2.74
CA LYS A 441 35.03 19.05 3.22
C LYS A 441 35.14 20.53 2.86
N ILE A 442 35.62 21.32 3.82
CA ILE A 442 35.72 22.77 3.62
C ILE A 442 37.04 23.13 2.93
N ASN A 443 38.15 22.81 3.58
CA ASN A 443 39.49 23.12 3.08
C ASN A 443 40.26 21.85 2.84
N ASN A 444 41.41 21.99 2.17
CA ASN A 444 42.25 20.84 1.87
C ASN A 444 42.88 20.23 3.11
N SER A 445 42.91 20.96 4.22
CA SER A 445 43.47 20.48 5.47
C SER A 445 42.40 20.10 6.49
N THR A 446 41.47 21.01 6.77
CA THR A 446 40.42 20.72 7.73
C THR A 446 39.46 19.66 7.19
N ASN A 447 39.01 18.76 8.06
CA ASN A 447 38.10 17.68 7.70
C ASN A 447 36.72 17.87 8.32
N GLU A 448 36.28 19.11 8.45
CA GLU A 448 34.98 19.42 9.03
C GLU A 448 33.92 19.45 7.93
N GLY A 449 32.85 18.69 8.13
CA GLY A 449 31.78 18.62 7.15
C GLY A 449 30.40 18.90 7.71
N MET A 450 29.73 19.91 7.17
CA MET A 450 28.37 20.24 7.61
C MET A 450 27.38 19.18 7.15
N ASN A 451 26.37 18.95 7.97
CA ASN A 451 25.34 17.95 7.68
C ASN A 451 24.30 18.55 6.72
N VAL A 452 24.68 18.62 5.45
CA VAL A 452 23.81 19.17 4.42
C VAL A 452 22.81 18.12 3.98
N LYS A 453 21.53 18.49 3.92
CA LYS A 453 20.50 17.58 3.47
C LYS A 453 20.66 17.28 1.98
N LYS A 454 20.47 16.03 1.61
CA LYS A 454 20.65 15.59 0.23
C LYS A 454 19.46 14.72 -0.20
N CYS A 455 19.23 14.70 -1.51
CA CYS A 455 18.17 13.87 -2.07
C CYS A 455 18.56 12.38 -2.00
N CYS A 456 17.55 11.52 -2.14
CA CYS A 456 17.77 10.08 -2.14
C CYS A 456 16.76 9.45 -3.09
N LYS A 457 17.23 8.98 -4.24
CA LYS A 457 16.39 8.31 -5.22
C LYS A 457 17.16 7.13 -5.81
N GLY A 458 16.40 6.17 -6.35
CA GLY A 458 16.98 5.04 -7.02
C GLY A 458 16.24 3.76 -6.67
N PHE A 459 16.76 2.64 -7.17
CA PHE A 459 16.15 1.34 -6.91
C PHE A 459 16.22 0.98 -5.43
N CYS A 460 17.37 1.20 -4.80
CA CYS A 460 17.52 0.90 -3.39
C CYS A 460 16.62 1.77 -2.51
N ILE A 461 16.46 3.05 -2.87
CA ILE A 461 15.57 3.93 -2.11
C ILE A 461 14.14 3.43 -2.22
N ASP A 462 13.72 3.01 -3.41
CA ASP A 462 12.38 2.47 -3.60
C ASP A 462 12.19 1.18 -2.80
N ILE A 463 13.21 0.32 -2.78
CA ILE A 463 13.13 -0.92 -2.01
C ILE A 463 13.00 -0.60 -0.52
N LEU A 464 13.76 0.37 -0.03
CA LEU A 464 13.67 0.75 1.37
C LEU A 464 12.30 1.33 1.70
N LYS A 465 11.75 2.17 0.80
CA LYS A 465 10.42 2.71 1.02
C LYS A 465 9.37 1.62 1.03
N LYS A 466 9.51 0.62 0.15
CA LYS A 466 8.59 -0.51 0.15
C LYS A 466 8.68 -1.30 1.45
N LEU A 467 9.91 -1.51 1.95
CA LEU A 467 10.10 -2.19 3.22
C LEU A 467 9.58 -1.39 4.40
N SER A 468 9.50 -0.07 4.26
CA SER A 468 9.09 0.79 5.38
C SER A 468 7.70 0.42 5.88
N ARG A 469 6.77 0.18 4.95
CA ARG A 469 5.41 -0.17 5.36
C ARG A 469 5.39 -1.48 6.15
N THR A 470 6.21 -2.44 5.74
CA THR A 470 6.23 -3.73 6.43
C THR A 470 6.95 -3.65 7.76
N VAL A 471 7.90 -2.72 7.91
CA VAL A 471 8.71 -2.64 9.12
C VAL A 471 8.35 -1.47 10.02
N LYS A 472 7.60 -0.48 9.51
CA LYS A 472 7.21 0.74 10.23
C LYS A 472 8.34 1.24 11.12
N PHE A 473 9.48 1.51 10.49
CA PHE A 473 10.71 1.87 11.18
C PHE A 473 11.27 3.16 10.63
N THR A 474 11.93 3.92 11.50
CA THR A 474 12.53 5.19 11.12
C THR A 474 13.89 4.98 10.47
N TYR A 475 14.30 5.95 9.67
CA TYR A 475 15.52 5.86 8.88
C TYR A 475 16.41 7.06 9.13
N ASP A 476 17.72 6.80 9.26
CA ASP A 476 18.74 7.84 9.32
C ASP A 476 19.81 7.48 8.30
N LEU A 477 19.84 8.20 7.19
CA LEU A 477 20.69 7.85 6.05
C LEU A 477 21.94 8.71 6.05
N TYR A 478 23.10 8.06 6.00
CA TYR A 478 24.40 8.71 5.96
C TYR A 478 25.13 8.29 4.69
N LEU A 479 26.36 8.79 4.53
CA LEU A 479 27.19 8.48 3.38
C LEU A 479 28.60 8.13 3.83
N VAL A 480 29.30 7.37 3.00
CA VAL A 480 30.68 6.98 3.29
C VAL A 480 31.59 8.18 3.11
N THR A 481 32.38 8.48 4.14
CA THR A 481 33.29 9.61 4.12
C THR A 481 34.72 9.23 3.75
N ASN A 482 34.98 7.96 3.43
CA ASN A 482 36.32 7.48 3.09
C ASN A 482 36.25 6.79 1.73
N GLY A 483 36.22 7.59 0.67
CA GLY A 483 36.33 7.05 -0.68
C GLY A 483 35.24 6.04 -1.01
N LYS A 484 35.66 4.92 -1.59
CA LYS A 484 34.76 3.87 -2.04
C LYS A 484 34.53 2.88 -0.89
N HIS A 485 33.96 1.71 -1.20
CA HIS A 485 33.64 0.73 -0.17
C HIS A 485 34.88 0.30 0.60
N GLY A 486 35.97 0.03 -0.11
CA GLY A 486 37.20 -0.39 0.53
C GLY A 486 37.19 -1.86 0.90
N LYS A 487 38.23 -2.25 1.64
CA LYS A 487 38.39 -3.63 2.07
C LYS A 487 39.18 -3.63 3.37
N LYS A 488 39.57 -4.82 3.83
CA LYS A 488 40.33 -4.96 5.05
C LYS A 488 41.77 -4.49 4.82
N VAL A 489 42.12 -3.34 5.39
CA VAL A 489 43.45 -2.78 5.31
C VAL A 489 44.01 -2.64 6.72
N ASN A 490 45.20 -3.21 6.94
CA ASN A 490 45.83 -3.23 8.26
C ASN A 490 44.90 -3.83 9.30
N ASN A 491 44.19 -4.90 8.91
CA ASN A 491 43.22 -5.59 9.76
C ASN A 491 42.11 -4.65 10.23
N VAL A 492 41.84 -3.60 9.45
CA VAL A 492 40.80 -2.63 9.76
C VAL A 492 39.94 -2.45 8.52
N TRP A 493 38.63 -2.68 8.66
CA TRP A 493 37.72 -2.47 7.57
C TRP A 493 37.45 -0.99 7.36
N ASN A 494 37.07 -0.63 6.13
CA ASN A 494 36.81 0.75 5.75
C ASN A 494 35.46 0.84 5.06
N GLY A 495 34.90 2.06 5.05
CA GLY A 495 33.64 2.29 4.38
C GLY A 495 32.45 1.79 5.19
N MET A 496 31.41 1.36 4.45
CA MET A 496 30.20 0.87 5.11
C MET A 496 30.49 -0.36 5.95
N ILE A 497 31.35 -1.25 5.47
CA ILE A 497 31.70 -2.44 6.25
C ILE A 497 32.37 -2.04 7.55
N GLY A 498 33.32 -1.11 7.48
CA GLY A 498 33.97 -0.64 8.70
C GLY A 498 33.01 0.03 9.66
N GLU A 499 32.07 0.82 9.13
CA GLU A 499 31.07 1.46 9.99
C GLU A 499 30.18 0.42 10.67
N VAL A 500 29.77 -0.62 9.93
CA VAL A 500 28.94 -1.67 10.52
C VAL A 500 29.71 -2.41 11.59
N VAL A 501 30.98 -2.74 11.33
CA VAL A 501 31.79 -3.46 12.31
C VAL A 501 31.96 -2.63 13.57
N TYR A 502 32.24 -1.33 13.42
CA TYR A 502 32.47 -0.45 14.55
C TYR A 502 31.19 0.15 15.11
N GLN A 503 30.04 -0.48 14.84
CA GLN A 503 28.74 -0.08 15.37
C GLN A 503 28.34 1.34 14.95
N ARG A 504 28.97 1.89 13.92
CA ARG A 504 28.59 3.20 13.42
C ARG A 504 27.26 3.15 12.66
N ALA A 505 26.93 2.01 12.08
CA ALA A 505 25.65 1.84 11.37
C ALA A 505 25.26 0.38 11.47
N VAL A 506 24.23 0.10 12.26
CA VAL A 506 23.79 -1.29 12.46
C VAL A 506 23.29 -1.88 11.14
N MET A 507 22.47 -1.13 10.42
CA MET A 507 21.91 -1.58 9.15
C MET A 507 22.44 -0.70 8.02
N ALA A 508 22.97 -1.33 6.98
CA ALA A 508 23.50 -0.63 5.81
C ALA A 508 22.81 -1.16 4.56
N VAL A 509 22.23 -0.25 3.78
CA VAL A 509 21.54 -0.60 2.54
C VAL A 509 22.22 0.15 1.40
N GLY A 510 22.59 -0.57 0.35
CA GLY A 510 23.24 0.05 -0.78
C GLY A 510 23.79 -1.00 -1.72
N SER A 511 24.65 -0.54 -2.63
CA SER A 511 25.28 -1.40 -3.63
C SER A 511 26.52 -2.05 -3.03
N LEU A 512 26.29 -2.95 -2.08
CA LEU A 512 27.35 -3.65 -1.37
C LEU A 512 27.59 -5.00 -2.05
N THR A 513 28.75 -5.14 -2.69
CA THR A 513 29.08 -6.40 -3.35
C THR A 513 29.34 -7.49 -2.33
N ILE A 514 28.76 -8.66 -2.57
CA ILE A 514 28.92 -9.79 -1.67
C ILE A 514 30.23 -10.50 -1.98
N ASN A 515 31.06 -10.68 -0.96
CA ASN A 515 32.36 -11.32 -1.12
C ASN A 515 32.61 -12.25 0.06
N GLU A 516 33.60 -13.13 -0.10
CA GLU A 516 33.89 -14.13 0.93
C GLU A 516 34.36 -13.48 2.23
N GLU A 517 35.20 -12.46 2.14
CA GLU A 517 35.76 -11.85 3.35
C GLU A 517 34.67 -11.22 4.21
N ARG A 518 33.69 -10.54 3.59
CA ARG A 518 32.60 -9.96 4.33
C ARG A 518 31.60 -10.99 4.85
N SER A 519 31.69 -12.23 4.36
CA SER A 519 30.69 -13.24 4.74
C SER A 519 30.77 -13.57 6.23
N GLU A 520 31.98 -13.70 6.78
CA GLU A 520 32.12 -14.05 8.18
C GLU A 520 32.23 -12.82 9.09
N VAL A 521 32.75 -11.70 8.57
CA VAL A 521 32.87 -10.50 9.39
C VAL A 521 31.49 -9.90 9.67
N VAL A 522 30.63 -9.85 8.65
CA VAL A 522 29.29 -9.30 8.78
C VAL A 522 28.29 -10.29 8.21
N ASP A 523 27.03 -10.14 8.61
CA ASP A 523 25.96 -10.99 8.15
C ASP A 523 24.99 -10.20 7.28
N PHE A 524 24.54 -10.82 6.19
CA PHE A 524 23.64 -10.18 5.26
C PHE A 524 22.55 -11.16 4.87
N SER A 525 21.39 -10.62 4.48
CA SER A 525 20.23 -11.42 4.14
C SER A 525 20.32 -11.88 2.68
N VAL A 526 19.24 -12.48 2.18
CA VAL A 526 19.22 -12.96 0.80
C VAL A 526 19.28 -11.78 -0.17
N PRO A 527 20.16 -11.79 -1.16
CA PRO A 527 20.20 -10.68 -2.12
C PRO A 527 18.93 -10.61 -2.95
N PHE A 528 18.58 -9.39 -3.35
CA PHE A 528 17.39 -9.15 -4.15
C PHE A 528 17.68 -8.97 -5.63
N VAL A 529 18.90 -8.56 -5.99
CA VAL A 529 19.30 -8.40 -7.38
C VAL A 529 20.62 -9.13 -7.59
N GLU A 530 20.73 -9.82 -8.72
CA GLU A 530 21.91 -10.60 -9.06
C GLU A 530 22.86 -9.77 -9.92
N THR A 531 24.12 -9.71 -9.51
CA THR A 531 25.15 -9.02 -10.27
C THR A 531 26.51 -9.51 -9.80
N GLY A 532 27.49 -9.44 -10.68
CA GLY A 532 28.82 -9.91 -10.37
C GLY A 532 29.87 -9.39 -11.33
N ILE A 533 30.90 -10.19 -11.54
CA ILE A 533 32.03 -9.79 -12.39
C ILE A 533 31.64 -9.96 -13.84
N SER A 534 31.82 -8.90 -14.63
CA SER A 534 31.54 -8.94 -16.05
C SER A 534 32.56 -8.06 -16.78
N VAL A 535 32.72 -8.33 -18.06
CA VAL A 535 33.68 -7.62 -18.91
C VAL A 535 32.91 -6.86 -19.98
N MET A 536 33.20 -5.57 -20.10
CA MET A 536 32.61 -4.71 -21.12
C MET A 536 33.70 -4.29 -22.09
N VAL A 537 33.48 -4.58 -23.38
CA VAL A 537 34.47 -4.29 -24.42
C VAL A 537 33.77 -3.55 -25.56
N SER A 538 34.44 -2.52 -26.07
CA SER A 538 33.89 -1.75 -27.17
C SER A 538 33.77 -2.60 -28.42
N ARG A 539 32.67 -2.44 -29.14
CA ARG A 539 32.45 -3.21 -30.37
C ARG A 539 33.41 -2.75 -31.45
N SER A 540 33.97 -3.72 -32.17
CA SER A 540 34.92 -3.47 -33.25
C SER A 540 34.29 -3.86 -34.58
N ASN A 541 34.31 -2.94 -35.53
CA ASN A 541 33.74 -3.18 -36.85
C ASN A 541 34.63 -4.11 -37.67
N PHE A 549 25.00 -16.06 -48.31
CA PHE A 549 24.99 -16.92 -49.48
C PHE A 549 24.51 -18.33 -49.13
N LEU A 550 23.65 -18.41 -48.10
CA LEU A 550 23.08 -19.67 -47.64
C LEU A 550 24.16 -20.68 -47.26
N GLU A 551 25.23 -20.21 -46.63
CA GLU A 551 26.30 -21.11 -46.21
C GLU A 551 25.84 -22.16 -45.21
N PRO A 552 25.13 -21.83 -44.12
CA PRO A 552 24.66 -22.89 -43.22
C PRO A 552 23.50 -23.67 -43.80
N PHE A 553 22.84 -23.11 -44.82
CA PHE A 553 21.71 -23.79 -45.45
C PHE A 553 22.16 -24.93 -46.36
N SER A 554 23.42 -24.94 -46.77
CA SER A 554 23.94 -25.97 -47.68
C SER A 554 25.01 -26.81 -47.00
N ALA A 555 24.76 -27.19 -45.74
CA ALA A 555 25.73 -28.00 -45.00
C ALA A 555 25.52 -29.50 -45.26
N SER A 556 24.31 -30.00 -44.97
CA SER A 556 23.99 -31.41 -45.13
C SER A 556 23.02 -31.67 -46.27
N VAL A 557 21.99 -30.85 -46.42
CA VAL A 557 21.01 -31.06 -47.49
C VAL A 557 21.62 -30.78 -48.86
N TRP A 558 22.75 -30.07 -48.92
CA TRP A 558 23.37 -29.77 -50.21
C TRP A 558 23.80 -31.05 -50.92
N VAL A 559 24.41 -31.98 -50.19
CA VAL A 559 24.84 -33.24 -50.79
C VAL A 559 23.64 -34.02 -51.30
N MET A 560 22.56 -34.06 -50.51
CA MET A 560 21.36 -34.80 -50.92
C MET A 560 20.74 -34.20 -52.17
N MET A 561 20.61 -32.87 -52.22
CA MET A 561 20.01 -32.26 -53.39
C MET A 561 20.91 -32.41 -54.61
N PHE A 562 22.24 -32.34 -54.42
CA PHE A 562 23.16 -32.53 -55.54
C PHE A 562 23.07 -33.94 -56.11
N VAL A 563 23.04 -34.96 -55.22
CA VAL A 563 22.97 -36.33 -55.72
C VAL A 563 21.61 -36.61 -56.35
N MET A 564 20.54 -36.02 -55.81
CA MET A 564 19.23 -36.18 -56.45
C MET A 564 19.22 -35.55 -57.84
N LEU A 565 19.80 -34.35 -57.98
CA LEU A 565 19.88 -33.73 -59.29
C LEU A 565 20.71 -34.57 -60.25
N LEU A 566 21.82 -35.14 -59.76
CA LEU A 566 22.66 -35.96 -60.61
C LEU A 566 21.92 -37.21 -61.10
N ILE A 567 21.20 -37.88 -60.20
CA ILE A 567 20.53 -39.11 -60.58
C ILE A 567 19.35 -38.82 -61.51
N VAL A 568 18.61 -37.74 -61.27
CA VAL A 568 17.50 -37.43 -62.17
C VAL A 568 18.03 -36.99 -63.53
N SER A 569 19.17 -36.28 -63.57
CA SER A 569 19.77 -35.93 -64.85
C SER A 569 20.23 -37.17 -65.61
N ALA A 570 20.81 -38.13 -64.89
CA ALA A 570 21.22 -39.39 -65.53
C ALA A 570 20.02 -40.13 -66.09
N ILE A 571 18.93 -40.20 -65.32
CA ILE A 571 17.72 -40.87 -65.81
C ILE A 571 17.17 -40.15 -67.04
N ALA A 572 17.15 -38.81 -67.01
CA ALA A 572 16.63 -38.06 -68.14
C ALA A 572 17.47 -38.26 -69.39
N VAL A 573 18.80 -38.23 -69.25
CA VAL A 573 19.65 -38.42 -70.43
C VAL A 573 19.53 -39.84 -70.96
N PHE A 574 19.39 -40.82 -70.06
CA PHE A 574 19.22 -42.21 -70.51
C PHE A 574 17.91 -42.39 -71.27
N VAL A 575 16.81 -41.83 -70.75
CA VAL A 575 15.54 -41.98 -71.45
C VAL A 575 15.54 -41.19 -72.76
N PHE A 576 16.21 -40.04 -72.79
CA PHE A 576 16.32 -39.29 -74.05
C PHE A 576 17.11 -40.08 -75.09
N GLU A 577 18.19 -40.74 -74.67
CA GLU A 577 18.94 -41.60 -75.58
C GLU A 577 18.07 -42.76 -76.06
N TYR A 578 17.27 -43.35 -75.16
CA TYR A 578 16.36 -44.42 -75.55
C TYR A 578 15.21 -43.94 -76.41
N PHE A 579 14.96 -42.63 -76.47
CA PHE A 579 13.91 -42.05 -77.30
C PHE A 579 14.37 -41.78 -78.73
N SER A 580 15.43 -42.46 -79.19
CA SER A 580 15.90 -42.26 -80.55
C SER A 580 14.86 -42.60 -81.60
N PRO A 581 14.15 -43.75 -81.54
CA PRO A 581 13.13 -43.96 -82.58
C PRO A 581 11.87 -43.14 -82.35
N SER A 598 18.69 -33.13 -82.26
CA SER A 598 19.31 -33.99 -83.25
C SER A 598 20.01 -35.17 -82.60
N PHE A 599 21.33 -35.06 -82.46
CA PHE A 599 22.11 -36.12 -81.83
C PHE A 599 21.80 -36.20 -80.35
N THR A 600 21.65 -37.44 -79.85
CA THR A 600 21.33 -37.63 -78.44
C THR A 600 22.44 -37.10 -77.54
N ILE A 601 23.70 -37.36 -77.90
CA ILE A 601 24.81 -36.92 -77.06
C ILE A 601 24.92 -35.41 -77.03
N GLY A 602 24.63 -34.73 -78.14
CA GLY A 602 24.82 -33.31 -78.26
C GLY A 602 23.58 -32.45 -78.11
N LYS A 603 22.45 -33.02 -77.69
CA LYS A 603 21.23 -32.22 -77.53
C LYS A 603 20.57 -32.49 -76.18
N ALA A 604 20.77 -33.70 -75.63
CA ALA A 604 20.11 -34.07 -74.38
C ALA A 604 20.57 -33.20 -73.23
N ILE A 605 21.88 -32.99 -73.11
CA ILE A 605 22.42 -32.17 -72.03
C ILE A 605 21.95 -30.72 -72.17
N TRP A 606 21.96 -30.20 -73.40
CA TRP A 606 21.53 -28.83 -73.62
C TRP A 606 20.07 -28.64 -73.25
N LEU A 607 19.21 -29.59 -73.66
CA LEU A 607 17.79 -29.49 -73.32
C LEU A 607 17.57 -29.64 -71.82
N LEU A 608 18.32 -30.54 -71.18
CA LEU A 608 18.18 -30.75 -69.74
C LEU A 608 18.54 -29.49 -68.97
N TRP A 609 19.62 -28.80 -69.37
CA TRP A 609 19.97 -27.55 -68.71
C TRP A 609 18.98 -26.45 -69.05
N GLY A 610 18.49 -26.43 -70.29
CA GLY A 610 17.56 -25.39 -70.70
C GLY A 610 16.24 -25.44 -69.95
N LEU A 611 15.72 -26.65 -69.72
CA LEU A 611 14.46 -26.77 -69.00
C LEU A 611 14.63 -26.36 -67.53
N VAL A 612 15.76 -26.67 -66.92
CA VAL A 612 16.00 -26.29 -65.54
C VAL A 612 16.20 -24.78 -65.43
N PHE A 613 17.02 -24.22 -66.33
CA PHE A 613 17.32 -22.80 -66.27
C PHE A 613 16.14 -21.97 -66.76
N ASN A 614 16.10 -20.71 -66.31
CA ASN A 614 14.97 -19.84 -66.61
C ASN A 614 14.90 -19.51 -68.10
N ASN A 615 16.04 -19.15 -68.70
CA ASN A 615 16.06 -18.68 -70.08
C ASN A 615 17.16 -19.36 -70.88
N SER A 616 17.25 -20.68 -70.76
CA SER A 616 18.24 -21.43 -71.53
C SER A 616 17.55 -22.40 -72.49
N THR A 625 7.08 -37.02 -79.68
CA THR A 625 6.69 -36.00 -78.72
C THR A 625 6.76 -36.53 -77.29
N THR A 626 7.35 -37.73 -77.14
CA THR A 626 7.48 -38.32 -75.81
C THR A 626 8.40 -37.49 -74.92
N SER A 627 9.50 -36.97 -75.48
CA SER A 627 10.45 -36.20 -74.69
C SER A 627 9.94 -34.79 -74.39
N LYS A 628 9.09 -34.24 -75.27
CA LYS A 628 8.65 -32.86 -75.10
C LYS A 628 7.81 -32.69 -73.83
N ILE A 629 6.88 -33.61 -73.58
CA ILE A 629 5.98 -33.48 -72.44
C ILE A 629 6.75 -33.60 -71.13
N MET A 630 7.64 -34.60 -71.04
CA MET A 630 8.42 -34.78 -69.82
C MET A 630 9.38 -33.62 -69.61
N VAL A 631 9.97 -33.10 -70.68
CA VAL A 631 10.85 -31.94 -70.55
C VAL A 631 10.06 -30.73 -70.05
N SER A 632 8.85 -30.52 -70.57
CA SER A 632 8.05 -29.38 -70.15
C SER A 632 7.64 -29.50 -68.68
N VAL A 633 7.19 -30.68 -68.27
CA VAL A 633 6.75 -30.85 -66.88
C VAL A 633 7.94 -30.76 -65.92
N TRP A 634 9.11 -31.27 -66.35
CA TRP A 634 10.29 -31.12 -65.51
C TRP A 634 10.75 -29.68 -65.43
N ALA A 635 10.58 -28.91 -66.51
CA ALA A 635 10.88 -27.48 -66.44
C ALA A 635 9.94 -26.76 -65.48
N PHE A 636 8.66 -27.13 -65.50
CA PHE A 636 7.71 -26.56 -64.53
C PHE A 636 8.11 -26.93 -63.10
N PHE A 637 8.51 -28.18 -62.89
CA PHE A 637 8.98 -28.59 -61.56
C PHE A 637 10.23 -27.82 -61.15
N ALA A 638 11.14 -27.57 -62.08
CA ALA A 638 12.34 -26.79 -61.78
C ALA A 638 11.98 -25.35 -61.42
N VAL A 639 11.01 -24.77 -62.11
CA VAL A 639 10.55 -23.43 -61.76
C VAL A 639 9.96 -23.42 -60.35
N ILE A 640 9.16 -24.44 -60.02
CA ILE A 640 8.60 -24.55 -58.68
C ILE A 640 9.72 -24.66 -57.64
N PHE A 641 10.74 -25.47 -57.94
CA PHE A 641 11.86 -25.65 -57.01
C PHE A 641 12.63 -24.34 -56.83
N LEU A 642 12.84 -23.60 -57.91
CA LEU A 642 13.52 -22.31 -57.80
C LEU A 642 12.71 -21.33 -56.98
N ALA A 643 11.39 -21.31 -57.17
CA ALA A 643 10.54 -20.44 -56.36
C ALA A 643 10.60 -20.82 -54.88
N SER A 644 10.59 -22.12 -54.60
CA SER A 644 10.70 -22.58 -53.21
C SER A 644 12.04 -22.19 -52.62
N TYR A 645 13.12 -22.31 -53.40
CA TYR A 645 14.43 -21.93 -52.92
C TYR A 645 14.50 -20.44 -52.62
N THR A 646 13.93 -19.61 -53.50
CA THR A 646 13.89 -18.16 -53.25
C THR A 646 13.09 -17.84 -52.01
N ALA A 647 11.96 -18.52 -51.82
CA ALA A 647 11.15 -18.30 -50.62
C ALA A 647 11.91 -18.71 -49.37
N ASN A 648 12.64 -19.83 -49.43
CA ASN A 648 13.43 -20.28 -48.28
C ASN A 648 14.53 -19.28 -47.96
N LEU A 649 15.20 -18.75 -48.99
CA LEU A 649 16.23 -17.74 -48.76
C LEU A 649 15.64 -16.47 -48.16
N ALA A 650 14.46 -16.06 -48.64
CA ALA A 650 13.80 -14.89 -48.09
C ALA A 650 13.45 -15.09 -46.62
N ALA A 651 12.95 -16.30 -46.27
CA ALA A 651 12.66 -16.60 -44.87
C ALA A 651 13.94 -16.62 -44.03
N PHE A 652 15.02 -17.19 -44.56
CA PHE A 652 16.29 -17.25 -43.85
C PHE A 652 16.90 -15.87 -43.61
N MET A 653 16.80 -14.95 -44.55
CA MET A 653 17.41 -13.63 -44.43
C MET A 653 16.59 -12.69 -43.56
N ILE A 654 15.67 -13.22 -42.76
CA ILE A 654 14.87 -12.40 -41.85
C ILE A 654 15.58 -12.30 -40.52
N GLN A 655 16.05 -13.43 -39.99
CA GLN A 655 16.75 -13.50 -38.71
C GLN A 655 15.93 -12.88 -37.58
N GLN A 661 33.95 -11.77 -27.87
CA GLN A 661 35.22 -12.05 -28.53
C GLN A 661 36.20 -12.72 -27.57
N VAL A 662 35.91 -12.63 -26.28
CA VAL A 662 36.76 -13.22 -25.24
C VAL A 662 36.00 -14.36 -24.57
N THR A 663 34.71 -14.16 -24.33
CA THR A 663 33.83 -15.16 -23.73
C THR A 663 34.35 -15.60 -22.36
N GLY A 664 34.29 -14.67 -21.41
CA GLY A 664 34.67 -14.96 -20.05
C GLY A 664 36.17 -14.88 -19.82
N LEU A 665 36.56 -15.29 -18.61
CA LEU A 665 37.97 -15.26 -18.21
C LEU A 665 38.74 -16.49 -18.67
N SER A 666 38.08 -17.47 -19.28
CA SER A 666 38.70 -18.71 -19.71
C SER A 666 39.39 -18.61 -21.06
N ASP A 667 39.70 -17.40 -21.53
CA ASP A 667 40.35 -17.20 -22.81
C ASP A 667 41.82 -16.85 -22.59
N LYS A 668 42.64 -17.18 -23.59
CA LYS A 668 44.07 -16.90 -23.50
C LYS A 668 44.40 -15.43 -23.66
N LYS A 669 43.43 -14.62 -24.12
CA LYS A 669 43.68 -13.19 -24.28
C LYS A 669 44.00 -12.52 -22.95
N PHE A 670 43.25 -12.86 -21.90
CA PHE A 670 43.52 -12.29 -20.59
C PHE A 670 44.79 -12.88 -19.97
N GLN A 671 44.95 -14.20 -20.05
CA GLN A 671 46.08 -14.89 -19.42
C GLN A 671 47.41 -14.64 -20.13
N ARG A 672 47.40 -14.48 -21.45
CA ARG A 672 48.61 -14.31 -22.24
C ARG A 672 48.46 -13.07 -23.12
N PRO A 673 48.60 -11.87 -22.53
CA PRO A 673 48.53 -10.65 -23.35
C PRO A 673 49.79 -10.36 -24.13
N HIS A 674 50.92 -10.98 -23.77
CA HIS A 674 52.18 -10.70 -24.45
C HIS A 674 52.30 -11.39 -25.81
N ASP A 675 51.45 -12.37 -26.09
CA ASP A 675 51.52 -13.08 -27.36
C ASP A 675 51.01 -12.25 -28.53
N TYR A 676 50.39 -11.11 -28.28
CA TYR A 676 49.88 -10.24 -29.32
C TYR A 676 50.66 -8.94 -29.34
N SER A 677 50.90 -8.41 -30.55
CA SER A 677 51.64 -7.17 -30.66
C SER A 677 50.99 -5.99 -29.94
N PRO A 678 49.68 -5.75 -30.05
CA PRO A 678 49.07 -4.69 -29.24
C PRO A 678 48.87 -5.15 -27.81
N PRO A 679 49.52 -4.52 -26.84
CA PRO A 679 49.36 -4.94 -25.44
C PRO A 679 47.92 -4.73 -24.97
N PHE A 680 47.45 -5.67 -24.15
CA PHE A 680 46.10 -5.58 -23.59
C PHE A 680 46.09 -4.69 -22.36
N ARG A 681 45.08 -3.83 -22.29
CA ARG A 681 44.93 -2.92 -21.16
C ARG A 681 43.48 -2.97 -20.67
N PHE A 682 43.31 -3.08 -19.36
CA PHE A 682 42.00 -3.16 -18.74
C PHE A 682 41.97 -2.27 -17.51
N GLY A 683 40.75 -1.89 -17.09
CA GLY A 683 40.57 -0.99 -15.98
C GLY A 683 40.02 -1.72 -14.76
N THR A 684 40.39 -1.22 -13.58
CA THR A 684 39.95 -1.80 -12.32
C THR A 684 39.84 -0.68 -11.30
N VAL A 685 39.49 -1.05 -10.07
CA VAL A 685 39.32 -0.07 -8.99
C VAL A 685 40.22 -0.46 -7.81
N PRO A 686 41.26 0.32 -7.53
CA PRO A 686 42.08 0.05 -6.34
C PRO A 686 41.26 0.23 -5.07
N ASN A 687 41.62 -0.57 -4.06
CA ASN A 687 40.90 -0.57 -2.78
C ASN A 687 39.41 -0.83 -2.96
N GLY A 688 39.09 -1.77 -3.85
CA GLY A 688 37.71 -2.10 -4.13
C GLY A 688 37.36 -3.54 -3.84
N SER A 689 36.37 -4.08 -4.55
CA SER A 689 35.92 -5.45 -4.38
C SER A 689 36.28 -6.36 -5.54
N THR A 690 36.25 -5.84 -6.77
CA THR A 690 36.56 -6.67 -7.93
C THR A 690 38.00 -7.17 -7.90
N GLU A 691 38.95 -6.28 -7.58
CA GLU A 691 40.35 -6.69 -7.51
C GLU A 691 40.57 -7.69 -6.38
N ARG A 692 39.92 -7.48 -5.24
CA ARG A 692 40.07 -8.42 -4.13
C ARG A 692 39.44 -9.77 -4.45
N ASN A 693 38.40 -9.79 -5.27
CA ASN A 693 37.79 -11.05 -5.68
C ASN A 693 38.66 -11.77 -6.71
N ILE A 694 39.29 -11.03 -7.63
CA ILE A 694 40.07 -11.66 -8.69
C ILE A 694 41.53 -11.89 -8.32
N ARG A 695 41.97 -11.41 -7.16
CA ARG A 695 43.35 -11.67 -6.75
C ARG A 695 43.53 -13.12 -6.29
N ASN A 696 42.46 -13.75 -5.80
CA ASN A 696 42.57 -15.13 -5.33
C ASN A 696 42.88 -16.10 -6.46
N ASN A 697 42.23 -15.92 -7.60
CA ASN A 697 42.41 -16.78 -8.76
C ASN A 697 43.21 -16.04 -9.83
N TYR A 698 44.27 -16.70 -10.34
CA TYR A 698 45.19 -16.11 -11.29
C TYR A 698 45.81 -14.84 -10.72
N PRO A 699 46.70 -14.95 -9.73
CA PRO A 699 47.31 -13.75 -9.17
C PRO A 699 48.13 -12.95 -10.17
N TYR A 700 48.64 -13.60 -11.23
CA TYR A 700 49.34 -12.87 -12.27
C TYR A 700 48.42 -11.87 -12.96
N MET A 701 47.13 -12.22 -13.09
CA MET A 701 46.16 -11.27 -13.63
C MET A 701 46.07 -10.02 -12.76
N HIS A 702 46.02 -10.20 -11.44
CA HIS A 702 45.98 -9.06 -10.54
C HIS A 702 47.26 -8.24 -10.63
N GLN A 703 48.41 -8.91 -10.73
CA GLN A 703 49.68 -8.19 -10.86
C GLN A 703 49.72 -7.37 -12.13
N TYR A 704 49.23 -7.93 -13.24
CA TYR A 704 49.15 -7.18 -14.49
C TYR A 704 48.18 -6.01 -14.37
N MET A 705 47.04 -6.23 -13.71
CA MET A 705 46.04 -5.17 -13.59
C MET A 705 46.50 -4.04 -12.68
N THR A 706 47.43 -4.32 -11.76
CA THR A 706 47.90 -3.28 -10.85
C THR A 706 48.52 -2.10 -11.60
N LYS A 707 49.13 -2.36 -12.77
CA LYS A 707 49.72 -1.27 -13.54
C LYS A 707 48.67 -0.32 -14.07
N PHE A 708 47.55 -0.85 -14.57
CA PHE A 708 46.48 -0.05 -15.16
C PHE A 708 45.37 0.11 -14.12
N ASN A 709 45.32 1.29 -13.49
CA ASN A 709 44.34 1.57 -12.45
C ASN A 709 43.61 2.86 -12.77
N GLN A 710 42.34 2.93 -12.35
CA GLN A 710 41.53 4.13 -12.55
C GLN A 710 40.90 4.55 -11.23
N LYS A 711 40.04 5.57 -11.27
CA LYS A 711 39.43 6.07 -10.04
C LYS A 711 37.94 6.39 -10.20
N GLY A 712 37.27 5.81 -11.18
CA GLY A 712 35.84 6.04 -11.34
C GLY A 712 35.33 5.37 -12.60
N VAL A 713 34.01 5.14 -12.60
CA VAL A 713 33.36 4.55 -13.76
C VAL A 713 33.31 5.56 -14.91
N GLU A 714 33.22 6.86 -14.59
CA GLU A 714 33.20 7.87 -15.63
C GLU A 714 34.51 7.89 -16.40
N ASP A 715 35.63 7.69 -15.71
CA ASP A 715 36.92 7.61 -16.40
C ASP A 715 36.96 6.43 -17.35
N ALA A 716 36.42 5.29 -16.92
CA ALA A 716 36.35 4.12 -17.80
C ALA A 716 35.47 4.41 -19.02
N LEU A 717 34.34 5.08 -18.81
CA LEU A 717 33.46 5.42 -19.93
C LEU A 717 34.16 6.35 -20.92
N VAL A 718 34.88 7.35 -20.40
CA VAL A 718 35.61 8.28 -21.27
C VAL A 718 36.70 7.55 -22.04
N SER A 719 37.43 6.65 -21.37
CA SER A 719 38.48 5.90 -22.05
C SER A 719 37.90 5.00 -23.13
N LEU A 720 36.77 4.35 -22.87
CA LEU A 720 36.14 3.51 -23.88
C LEU A 720 35.63 4.34 -25.06
N LYS A 721 35.06 5.51 -24.78
CA LYS A 721 34.60 6.37 -25.86
C LYS A 721 35.76 6.86 -26.72
N THR A 722 36.87 7.22 -26.09
CA THR A 722 38.05 7.70 -26.80
C THR A 722 38.95 6.58 -27.28
N GLY A 723 38.64 5.33 -26.95
CA GLY A 723 39.47 4.22 -27.37
C GLY A 723 40.74 4.02 -26.58
N LYS A 724 40.92 4.75 -25.48
CA LYS A 724 42.14 4.61 -24.68
C LYS A 724 42.17 3.32 -23.88
N LEU A 725 41.06 2.61 -23.76
CA LEU A 725 40.99 1.36 -23.02
C LEU A 725 40.34 0.29 -23.87
N ASP A 726 40.86 -0.93 -23.79
CA ASP A 726 40.31 -2.04 -24.57
C ASP A 726 39.02 -2.56 -23.95
N ALA A 727 39.09 -3.04 -22.72
CA ALA A 727 37.93 -3.57 -22.01
C ALA A 727 37.98 -3.12 -20.56
N PHE A 728 36.81 -3.14 -19.92
CA PHE A 728 36.67 -2.73 -18.53
C PHE A 728 35.93 -3.80 -17.75
N ILE A 729 36.38 -4.06 -16.54
CA ILE A 729 35.82 -5.09 -15.67
C ILE A 729 35.31 -4.43 -14.41
N TYR A 730 34.05 -4.69 -14.07
CA TYR A 730 33.40 -4.11 -12.90
C TYR A 730 32.13 -4.90 -12.62
N ASP A 731 31.31 -4.38 -11.71
CA ASP A 731 30.06 -5.06 -11.35
C ASP A 731 29.14 -5.16 -12.56
N ALA A 732 28.42 -6.29 -12.63
CA ALA A 732 27.62 -6.58 -13.83
C ALA A 732 26.49 -5.57 -14.00
N ALA A 733 25.81 -5.20 -12.92
CA ALA A 733 24.62 -4.36 -13.03
C ALA A 733 24.97 -2.99 -13.57
N VAL A 734 25.98 -2.34 -13.00
CA VAL A 734 26.36 -1.00 -13.43
C VAL A 734 26.90 -1.02 -14.86
N LEU A 735 27.69 -2.06 -15.19
CA LEU A 735 28.20 -2.17 -16.56
C LEU A 735 27.07 -2.34 -17.57
N ASN A 736 26.07 -3.17 -17.24
CA ASN A 736 24.94 -3.35 -18.12
C ASN A 736 24.14 -2.05 -18.26
N TYR A 737 23.96 -1.32 -17.15
CA TYR A 737 23.24 -0.06 -17.20
C TYR A 737 23.96 0.95 -18.09
N LYS A 738 25.29 1.05 -17.94
CA LYS A 738 26.07 1.97 -18.77
C LYS A 738 26.04 1.57 -20.23
N ALA A 739 26.11 0.26 -20.51
CA ALA A 739 26.03 -0.21 -21.89
C ALA A 739 24.67 0.11 -22.49
N GLY A 740 23.60 -0.04 -21.72
CA GLY A 740 22.29 0.32 -22.21
C GLY A 740 22.16 1.81 -22.49
N ARG A 741 22.68 2.65 -21.58
CA ARG A 741 22.59 4.09 -21.73
C ARG A 741 23.78 4.68 -22.49
N ASP A 742 24.67 3.84 -23.03
CA ASP A 742 25.80 4.33 -23.80
C ASP A 742 25.30 4.98 -25.09
N GLU A 743 25.96 6.07 -25.49
CA GLU A 743 25.59 6.79 -26.69
C GLU A 743 26.11 6.04 -27.92
N GLY A 744 25.19 5.66 -28.81
CA GLY A 744 25.53 4.92 -29.99
C GLY A 744 25.57 3.41 -29.82
N CYS A 745 25.43 2.91 -28.60
CA CYS A 745 25.44 1.48 -28.30
C CYS A 745 26.72 0.81 -28.79
N LYS A 746 27.86 1.52 -28.72
CA LYS A 746 29.14 0.97 -29.11
C LYS A 746 29.82 0.18 -28.01
N LEU A 747 29.29 0.21 -26.79
CA LEU A 747 29.83 -0.53 -25.66
C LEU A 747 28.83 -1.63 -25.28
N VAL A 748 29.22 -2.88 -25.49
CA VAL A 748 28.39 -4.03 -25.16
C VAL A 748 29.21 -5.06 -24.42
N THR A 749 28.52 -5.95 -23.72
CA THR A 749 29.16 -7.04 -23.00
C THR A 749 29.29 -8.25 -23.93
N ILE A 750 29.69 -9.39 -23.38
CA ILE A 750 29.86 -10.62 -24.14
C ILE A 750 28.72 -11.54 -23.76
N GLY A 751 27.64 -11.51 -24.54
CA GLY A 751 26.50 -12.37 -24.30
C GLY A 751 25.81 -12.05 -23.00
N SER A 752 25.18 -13.07 -22.41
CA SER A 752 24.49 -12.93 -21.13
C SER A 752 24.62 -14.24 -20.37
N GLY A 753 24.60 -14.13 -19.04
CA GLY A 753 24.72 -15.29 -18.19
C GLY A 753 26.13 -15.79 -17.98
N TYR A 754 27.14 -15.12 -18.55
CA TYR A 754 28.53 -15.54 -18.41
C TYR A 754 29.24 -14.85 -17.24
N ILE A 755 28.49 -14.43 -16.22
CA ILE A 755 29.08 -13.78 -15.06
C ILE A 755 29.91 -14.80 -14.29
N PHE A 756 31.15 -14.43 -13.96
CA PHE A 756 32.04 -15.35 -13.25
C PHE A 756 31.50 -15.68 -11.86
N ALA A 757 30.98 -14.68 -11.15
CA ALA A 757 30.44 -14.87 -9.81
C ALA A 757 29.07 -14.20 -9.75
N THR A 758 28.01 -15.00 -9.95
CA THR A 758 26.63 -14.49 -9.94
C THR A 758 26.20 -14.27 -8.48
N THR A 759 26.80 -13.24 -7.88
CA THR A 759 26.50 -12.87 -6.51
C THR A 759 25.37 -11.83 -6.50
N GLY A 760 25.15 -11.21 -5.34
CA GLY A 760 24.15 -10.17 -5.23
C GLY A 760 24.59 -9.01 -4.38
N TYR A 761 23.63 -8.23 -3.87
CA TYR A 761 23.91 -7.11 -2.98
C TYR A 761 23.44 -7.37 -1.56
N GLY A 762 22.17 -7.69 -1.38
CA GLY A 762 21.65 -7.97 -0.05
C GLY A 762 21.57 -6.71 0.81
N ILE A 763 21.28 -6.95 2.09
CA ILE A 763 21.20 -5.90 3.10
C ILE A 763 22.21 -6.22 4.20
N ALA A 764 23.05 -5.25 4.52
CA ALA A 764 24.10 -5.44 5.52
C ALA A 764 23.48 -5.28 6.91
N LEU A 765 23.25 -6.41 7.58
CA LEU A 765 22.69 -6.41 8.93
C LEU A 765 23.81 -6.39 9.96
N GLN A 766 23.46 -6.58 11.23
CA GLN A 766 24.41 -6.63 12.32
C GLN A 766 24.44 -8.03 12.92
N LYS A 767 25.62 -8.47 13.37
CA LYS A 767 25.77 -9.78 13.97
C LYS A 767 24.89 -9.91 15.21
N GLY A 768 23.89 -10.79 15.15
CA GLY A 768 22.96 -10.97 16.25
C GLY A 768 21.75 -10.06 16.23
N SER A 769 21.65 -9.17 15.26
CA SER A 769 20.50 -8.27 15.18
C SER A 769 19.24 -9.06 14.87
N PRO A 770 18.12 -8.80 15.57
CA PRO A 770 16.87 -9.53 15.34
C PRO A 770 16.08 -9.04 14.15
N TRP A 771 16.71 -9.01 12.98
CA TRP A 771 16.06 -8.61 11.74
C TRP A 771 16.08 -9.68 10.67
N LYS A 772 16.81 -10.78 10.87
CA LYS A 772 16.82 -11.87 9.91
C LYS A 772 15.51 -12.64 9.85
N ARG A 773 14.62 -12.45 10.82
CA ARG A 773 13.32 -13.09 10.81
C ARG A 773 12.24 -12.23 10.17
N GLN A 774 12.55 -10.99 9.80
CA GLN A 774 11.59 -10.09 9.19
C GLN A 774 12.02 -9.59 7.82
N ILE A 775 13.29 -9.22 7.65
CA ILE A 775 13.74 -8.67 6.37
C ILE A 775 13.65 -9.72 5.27
N ASP A 776 14.10 -10.95 5.56
CA ASP A 776 14.05 -12.00 4.55
C ASP A 776 12.60 -12.33 4.18
N LEU A 777 11.71 -12.37 5.18
CA LEU A 777 10.31 -12.66 4.89
C LEU A 777 9.68 -11.56 4.04
N ALA A 778 10.00 -10.29 4.35
CA ALA A 778 9.47 -9.19 3.54
C ALA A 778 9.99 -9.27 2.11
N LEU A 779 11.29 -9.56 1.94
CA LEU A 779 11.85 -9.68 0.59
C LEU A 779 11.21 -10.82 -0.18
N LEU A 780 11.00 -11.96 0.48
CA LEU A 780 10.37 -13.10 -0.18
C LEU A 780 8.92 -12.79 -0.55
N GLN A 781 8.19 -12.10 0.32
CA GLN A 781 6.83 -11.70 -0.01
C GLN A 781 6.80 -10.75 -1.20
N PHE A 782 7.73 -9.80 -1.25
CA PHE A 782 7.80 -8.89 -2.38
C PHE A 782 8.13 -9.62 -3.67
N VAL A 783 9.05 -10.58 -3.61
CA VAL A 783 9.39 -11.37 -4.80
C VAL A 783 8.20 -12.19 -5.27
N GLY A 784 7.50 -12.83 -4.33
CA GLY A 784 6.36 -13.65 -4.70
C GLY A 784 5.23 -12.84 -5.30
N ASP A 785 4.91 -11.70 -4.69
CA ASP A 785 3.84 -10.84 -5.20
C ASP A 785 4.28 -10.01 -6.40
N GLY A 786 5.58 -9.93 -6.68
CA GLY A 786 6.07 -9.25 -7.86
C GLY A 786 5.93 -7.75 -7.84
N GLU A 787 6.68 -7.08 -6.96
CA GLU A 787 6.70 -5.63 -6.88
C GLU A 787 8.02 -5.04 -7.39
N MET A 788 8.82 -5.82 -8.12
CA MET A 788 10.09 -5.37 -8.65
C MET A 788 10.09 -5.15 -10.15
N GLU A 789 9.05 -5.60 -10.85
CA GLU A 789 9.02 -5.46 -12.31
C GLU A 789 8.98 -3.99 -12.72
N GLU A 790 8.11 -3.21 -12.09
CA GLU A 790 8.03 -1.78 -12.41
C GLU A 790 9.33 -1.08 -12.05
N LEU A 791 9.94 -1.43 -10.92
CA LEU A 791 11.19 -0.82 -10.51
C LEU A 791 12.30 -1.12 -11.50
N GLU A 792 12.39 -2.37 -11.96
CA GLU A 792 13.46 -2.71 -12.90
C GLU A 792 13.20 -2.16 -14.30
N THR A 793 11.92 -1.94 -14.64
CA THR A 793 11.63 -1.33 -15.94
C THR A 793 11.90 0.17 -15.93
N CYS A 794 11.62 0.86 -14.82
CA CYS A 794 11.80 2.30 -14.76
C CYS A 794 13.09 2.72 -14.07
N TRP A 795 13.99 1.77 -13.76
CA TRP A 795 15.28 2.10 -13.18
C TRP A 795 16.47 1.47 -13.90
N LEU A 796 16.28 0.37 -14.63
CA LEU A 796 17.34 -0.21 -15.44
C LEU A 796 17.21 0.21 -16.90
N THR A 797 16.06 -0.07 -17.51
CA THR A 797 15.65 0.41 -18.84
C THR A 797 16.81 0.41 -19.83
N GLY A 798 17.36 -0.77 -20.08
CA GLY A 798 18.41 -0.94 -21.07
C GLY A 798 17.96 -0.50 -22.45
N ILE A 799 18.51 0.62 -22.93
CA ILE A 799 18.07 1.18 -24.20
C ILE A 799 18.53 0.31 -25.37
N CYS A 800 19.78 -0.15 -25.33
CA CYS A 800 20.37 -0.86 -26.45
C CYS A 800 19.82 -2.27 -26.57
N HIS A 801 18.69 -2.42 -27.25
CA HIS A 801 18.08 -3.72 -27.50
C HIS A 801 17.84 -3.86 -29.00
N ASN A 802 18.34 -4.95 -29.58
CA ASN A 802 18.20 -5.22 -31.00
C ASN A 802 17.73 -6.64 -31.22
N GLU A 803 16.95 -6.84 -32.27
CA GLU A 803 16.43 -8.15 -32.61
C GLU A 803 16.50 -8.42 -34.12
N ASP A 813 27.49 -8.12 -49.07
CA ASP A 813 27.75 -8.87 -47.83
C ASP A 813 29.00 -9.74 -48.00
N ILE A 814 29.71 -9.96 -46.89
CA ILE A 814 30.92 -10.78 -46.94
C ILE A 814 30.58 -12.23 -47.26
N ASP A 815 29.43 -12.71 -46.76
CA ASP A 815 29.02 -14.09 -47.05
C ASP A 815 28.73 -14.27 -48.54
N ASN A 816 28.10 -13.28 -49.16
CA ASN A 816 27.80 -13.36 -50.59
C ASN A 816 29.09 -13.42 -51.41
N MET A 817 30.11 -12.66 -51.01
CA MET A 817 31.38 -12.69 -51.72
C MET A 817 32.00 -14.09 -51.67
N ALA A 818 32.00 -14.71 -50.48
CA ALA A 818 32.53 -16.06 -50.37
C ALA A 818 31.71 -17.06 -51.18
N GLY A 819 30.38 -16.92 -51.15
CA GLY A 819 29.54 -17.82 -51.92
C GLY A 819 29.76 -17.71 -53.41
N VAL A 820 29.97 -16.48 -53.90
CA VAL A 820 30.18 -16.31 -55.34
C VAL A 820 31.61 -16.66 -55.73
N PHE A 821 32.56 -16.59 -54.80
CA PHE A 821 33.93 -16.97 -55.11
C PHE A 821 34.16 -18.47 -54.97
N TYR A 822 33.25 -19.19 -54.29
CA TYR A 822 33.41 -20.64 -54.17
C TYR A 822 33.35 -21.33 -55.53
N MET A 823 32.42 -20.91 -56.39
CA MET A 823 32.28 -21.53 -57.70
C MET A 823 33.39 -21.14 -58.66
N LEU A 824 34.11 -20.05 -58.40
CA LEU A 824 35.20 -19.66 -59.27
C LEU A 824 36.32 -20.69 -59.24
N ALA A 825 36.60 -21.27 -58.08
CA ALA A 825 37.62 -22.31 -57.99
C ALA A 825 37.24 -23.53 -58.82
N ALA A 826 35.97 -23.95 -58.74
CA ALA A 826 35.51 -25.07 -59.55
C ALA A 826 35.59 -24.74 -61.04
N ALA A 827 35.21 -23.51 -61.42
CA ALA A 827 35.25 -23.12 -62.82
C ALA A 827 36.69 -23.14 -63.35
N MET A 828 37.64 -22.60 -62.58
CA MET A 828 39.02 -22.58 -63.04
C MET A 828 39.62 -23.98 -63.03
N ALA A 829 39.21 -24.84 -62.10
CA ALA A 829 39.67 -26.22 -62.12
C ALA A 829 39.17 -26.95 -63.37
N LEU A 830 37.90 -26.75 -63.72
CA LEU A 830 37.37 -27.34 -64.95
C LEU A 830 38.07 -26.79 -66.18
N SER A 831 38.37 -25.49 -66.18
CA SER A 831 39.09 -24.90 -67.30
C SER A 831 40.49 -25.51 -67.45
N LEU A 832 41.19 -25.69 -66.32
CA LEU A 832 42.51 -26.32 -66.38
C LEU A 832 42.41 -27.76 -66.86
N ILE A 833 41.39 -28.49 -66.40
CA ILE A 833 41.22 -29.88 -66.81
C ILE A 833 40.97 -29.98 -68.30
N THR A 834 40.08 -29.14 -68.83
CA THR A 834 39.79 -29.19 -70.26
C THR A 834 40.93 -28.63 -71.10
N PHE A 835 41.78 -27.77 -70.52
CA PHE A 835 42.97 -27.32 -71.24
C PHE A 835 44.02 -28.42 -71.33
N ILE A 836 44.27 -29.12 -70.22
CA ILE A 836 45.28 -30.17 -70.22
C ILE A 836 44.79 -31.41 -70.96
N TRP A 837 43.48 -31.63 -71.04
CA TRP A 837 42.94 -32.76 -71.78
C TRP A 837 42.53 -32.34 -73.19
N LYS B 25 -10.14 -6.89 70.52
CA LYS B 25 -9.27 -7.35 69.43
C LYS B 25 -8.65 -8.71 69.76
N ILE B 26 -9.49 -9.74 69.83
CA ILE B 26 -9.05 -11.09 70.12
C ILE B 26 -9.31 -11.95 68.89
N VAL B 27 -8.25 -12.58 68.36
CA VAL B 27 -8.33 -13.44 67.21
C VAL B 27 -7.66 -14.77 67.54
N ASN B 28 -7.94 -15.78 66.72
CA ASN B 28 -7.39 -17.11 66.88
C ASN B 28 -6.82 -17.60 65.56
N ILE B 29 -5.79 -18.43 65.64
CA ILE B 29 -5.16 -19.04 64.47
C ILE B 29 -5.07 -20.54 64.70
N GLY B 30 -5.63 -21.32 63.77
CA GLY B 30 -5.60 -22.76 63.89
C GLY B 30 -4.28 -23.36 63.45
N ALA B 31 -4.12 -24.65 63.76
CA ALA B 31 -2.91 -25.37 63.40
C ALA B 31 -3.19 -26.86 63.44
N VAL B 32 -2.84 -27.56 62.36
CA VAL B 32 -2.95 -29.01 62.29
C VAL B 32 -1.53 -29.57 62.36
N LEU B 33 -1.23 -30.30 63.43
CA LEU B 33 0.13 -30.72 63.73
C LEU B 33 0.16 -32.22 64.00
N SER B 34 1.34 -32.81 63.76
CA SER B 34 1.47 -34.26 63.81
C SER B 34 1.39 -34.79 65.24
N THR B 35 2.08 -34.13 66.17
CA THR B 35 2.20 -34.65 67.53
C THR B 35 1.89 -33.55 68.53
N ARG B 36 1.53 -33.96 69.74
CA ARG B 36 1.18 -33.00 70.80
C ARG B 36 2.40 -32.21 71.25
N LYS B 37 3.60 -32.78 71.14
CA LYS B 37 4.81 -32.04 71.50
C LYS B 37 4.97 -30.82 70.61
N HIS B 38 4.77 -30.99 69.30
CA HIS B 38 4.80 -29.85 68.39
C HIS B 38 3.70 -28.85 68.72
N GLU B 39 2.51 -29.35 69.07
CA GLU B 39 1.41 -28.47 69.42
C GLU B 39 1.76 -27.59 70.61
N GLN B 40 2.30 -28.19 71.68
CA GLN B 40 2.60 -27.40 72.87
C GLN B 40 3.79 -26.47 72.64
N MET B 41 4.81 -26.92 71.91
CA MET B 41 5.94 -26.04 71.64
C MET B 41 5.53 -24.85 70.79
N PHE B 42 4.66 -25.07 69.79
CA PHE B 42 4.21 -23.96 68.97
C PHE B 42 3.25 -23.05 69.72
N ARG B 43 2.45 -23.61 70.64
CA ARG B 43 1.63 -22.76 71.49
C ARG B 43 2.49 -21.86 72.37
N GLU B 44 3.57 -22.41 72.95
CA GLU B 44 4.49 -21.58 73.72
C GLU B 44 5.15 -20.54 72.83
N ALA B 45 5.51 -20.92 71.60
CA ALA B 45 6.14 -19.98 70.67
C ALA B 45 5.21 -18.82 70.33
N VAL B 46 3.94 -19.11 70.06
CA VAL B 46 3.01 -18.03 69.72
C VAL B 46 2.70 -17.18 70.95
N ASN B 47 2.64 -17.80 72.12
CA ASN B 47 2.45 -17.00 73.34
C ASN B 47 3.60 -16.05 73.57
N GLN B 48 4.83 -16.51 73.34
CA GLN B 48 5.98 -15.62 73.44
C GLN B 48 5.95 -14.54 72.38
N ALA B 49 5.57 -14.89 71.15
CA ALA B 49 5.56 -13.94 70.05
C ALA B 49 4.49 -12.87 70.25
N ASN B 50 3.41 -13.18 70.96
CA ASN B 50 2.37 -12.20 71.21
C ASN B 50 2.89 -11.01 72.02
N LYS B 51 3.96 -11.20 72.80
CA LYS B 51 4.56 -10.12 73.57
C LYS B 51 5.82 -9.56 72.94
N ARG B 52 6.25 -10.08 71.79
CA ARG B 52 7.45 -9.58 71.14
C ARG B 52 7.08 -8.54 70.09
N HIS B 53 8.11 -7.93 69.51
CA HIS B 53 7.99 -6.92 68.45
C HIS B 53 7.20 -5.75 69.01
N GLY B 54 6.07 -5.37 68.41
CA GLY B 54 5.33 -4.23 68.94
C GLY B 54 4.64 -4.53 70.25
N SER B 55 3.83 -5.59 70.27
CA SER B 55 3.08 -6.03 71.45
C SER B 55 2.19 -4.89 71.98
N TRP B 56 1.29 -4.45 71.10
CA TRP B 56 0.38 -3.37 71.45
C TRP B 56 -0.64 -3.82 72.49
N LYS B 57 -1.43 -4.84 72.15
CA LYS B 57 -2.45 -5.38 73.04
C LYS B 57 -2.42 -6.91 72.92
N ILE B 58 -3.46 -7.55 73.44
CA ILE B 58 -3.59 -9.00 73.28
C ILE B 58 -3.76 -9.32 71.81
N GLN B 59 -2.98 -10.28 71.32
CA GLN B 59 -2.90 -10.56 69.89
C GLN B 59 -3.52 -11.90 69.51
N LEU B 60 -3.05 -13.00 70.10
CA LEU B 60 -3.43 -14.32 69.62
C LEU B 60 -3.72 -15.25 70.79
N ASN B 61 -4.78 -16.06 70.64
CA ASN B 61 -5.10 -17.17 71.53
C ASN B 61 -5.23 -18.40 70.63
N ALA B 62 -4.09 -19.03 70.33
CA ALA B 62 -4.04 -20.07 69.31
C ALA B 62 -4.67 -21.37 69.81
N THR B 63 -5.14 -22.16 68.84
CA THR B 63 -5.71 -23.47 69.09
C THR B 63 -5.09 -24.47 68.10
N SER B 64 -4.74 -25.64 68.60
CA SER B 64 -4.05 -26.64 67.80
C SER B 64 -4.87 -27.92 67.73
N VAL B 65 -4.77 -28.60 66.58
CA VAL B 65 -5.45 -29.87 66.35
C VAL B 65 -4.46 -30.85 65.75
N THR B 66 -4.77 -32.13 65.85
CA THR B 66 -3.90 -33.19 65.37
C THR B 66 -4.39 -33.74 64.03
N HIS B 67 -3.46 -34.39 63.31
CA HIS B 67 -3.77 -35.01 62.03
C HIS B 67 -4.44 -36.35 62.27
N LYS B 68 -5.76 -36.33 62.29
CA LYS B 68 -6.52 -37.57 62.49
C LYS B 68 -6.45 -38.42 61.22
N PRO B 69 -6.04 -39.68 61.31
CA PRO B 69 -5.99 -40.52 60.10
C PRO B 69 -7.33 -40.68 59.42
N ASN B 70 -8.43 -40.70 60.16
CA ASN B 70 -9.75 -40.81 59.58
C ASN B 70 -10.17 -39.46 58.99
N ALA B 71 -10.44 -39.43 57.68
CA ALA B 71 -10.72 -38.18 57.01
C ALA B 71 -12.01 -37.52 57.52
N ILE B 72 -13.06 -38.31 57.72
CA ILE B 72 -14.34 -37.76 58.15
C ILE B 72 -14.23 -37.19 59.56
N GLN B 73 -13.63 -37.96 60.47
CA GLN B 73 -13.45 -37.47 61.84
C GLN B 73 -12.55 -36.23 61.86
N MET B 74 -11.49 -36.23 61.06
CA MET B 74 -10.59 -35.08 61.00
C MET B 74 -11.34 -33.84 60.51
N ALA B 75 -12.15 -33.99 59.46
CA ALA B 75 -12.90 -32.86 58.93
C ALA B 75 -13.91 -32.34 59.94
N LEU B 76 -14.63 -33.24 60.62
CA LEU B 76 -15.59 -32.80 61.63
C LEU B 76 -14.90 -32.08 62.78
N SER B 77 -13.78 -32.63 63.26
CA SER B 77 -13.04 -31.98 64.33
C SER B 77 -12.53 -30.62 63.91
N VAL B 78 -12.01 -30.51 62.68
CA VAL B 78 -11.52 -29.23 62.19
C VAL B 78 -12.65 -28.21 62.13
N CYS B 79 -13.81 -28.60 61.60
CA CYS B 79 -14.93 -27.68 61.53
C CYS B 79 -15.33 -27.21 62.92
N GLU B 80 -15.51 -28.16 63.85
CA GLU B 80 -15.98 -27.81 65.19
C GLU B 80 -14.97 -26.93 65.93
N ASP B 81 -13.69 -27.24 65.83
CA ASP B 81 -12.67 -26.55 66.61
C ASP B 81 -12.11 -25.31 65.92
N LEU B 82 -12.46 -25.05 64.67
CA LEU B 82 -11.95 -23.88 63.97
C LEU B 82 -13.05 -22.92 63.56
N ILE B 83 -14.10 -23.39 62.89
CA ILE B 83 -15.12 -22.47 62.39
C ILE B 83 -15.86 -21.80 63.54
N SER B 84 -16.17 -22.57 64.59
CA SER B 84 -16.89 -22.05 65.74
C SER B 84 -15.99 -21.39 66.78
N SER B 85 -14.67 -21.34 66.54
CA SER B 85 -13.73 -20.80 67.51
C SER B 85 -13.10 -19.49 67.05
N GLN B 86 -13.68 -18.83 66.05
CA GLN B 86 -13.25 -17.51 65.60
C GLN B 86 -11.78 -17.51 65.16
N VAL B 87 -11.49 -18.27 64.11
CA VAL B 87 -10.14 -18.35 63.56
C VAL B 87 -10.14 -17.74 62.17
N TYR B 88 -8.95 -17.28 61.75
CA TYR B 88 -8.79 -16.65 60.45
C TYR B 88 -7.80 -17.37 59.54
N ALA B 89 -6.96 -18.26 60.07
CA ALA B 89 -5.98 -18.97 59.26
C ALA B 89 -5.71 -20.33 59.89
N ILE B 90 -5.24 -21.26 59.06
CA ILE B 90 -4.94 -22.63 59.47
C ILE B 90 -3.48 -22.92 59.16
N LEU B 91 -2.77 -23.46 60.16
CA LEU B 91 -1.36 -23.81 60.00
C LEU B 91 -1.28 -25.31 59.76
N VAL B 92 -1.38 -25.71 58.50
CA VAL B 92 -1.28 -27.12 58.12
C VAL B 92 0.19 -27.50 58.03
N SER B 93 0.55 -28.59 58.69
CA SER B 93 1.94 -29.05 58.77
C SER B 93 2.12 -30.30 57.92
N HIS B 94 3.38 -30.71 57.78
CA HIS B 94 3.72 -31.90 57.02
C HIS B 94 3.22 -33.15 57.73
N PRO B 95 2.78 -34.16 56.99
CA PRO B 95 2.34 -35.42 57.60
C PRO B 95 3.48 -36.07 58.38
N PRO B 96 3.18 -36.71 59.50
CA PRO B 96 4.25 -37.33 60.30
C PRO B 96 5.01 -38.42 59.56
N THR B 97 4.35 -39.16 58.69
CA THR B 97 4.98 -40.26 57.96
C THR B 97 5.27 -39.84 56.53
N PRO B 98 6.53 -39.65 56.14
CA PRO B 98 6.82 -39.25 54.75
C PRO B 98 6.37 -40.27 53.72
N ASN B 99 6.42 -41.57 54.05
CA ASN B 99 6.03 -42.60 53.08
C ASN B 99 4.55 -42.48 52.71
N ASP B 100 3.69 -42.26 53.70
CA ASP B 100 2.28 -42.07 53.43
C ASP B 100 2.04 -40.69 52.83
N HIS B 101 0.91 -40.56 52.12
CA HIS B 101 0.61 -39.30 51.44
C HIS B 101 0.01 -38.28 52.40
N PHE B 102 -1.16 -38.57 52.96
CA PHE B 102 -1.90 -37.65 53.82
C PHE B 102 -1.99 -36.26 53.18
N THR B 103 -2.66 -36.22 52.04
CA THR B 103 -2.74 -34.99 51.26
C THR B 103 -3.52 -33.93 52.05
N PRO B 104 -3.02 -32.68 52.11
CA PRO B 104 -3.74 -31.63 52.84
C PRO B 104 -4.88 -31.01 52.04
N THR B 105 -5.32 -31.69 50.99
CA THR B 105 -6.45 -31.19 50.21
C THR B 105 -7.72 -30.93 51.03
N PRO B 106 -8.17 -31.82 51.93
CA PRO B 106 -9.46 -31.55 52.61
C PRO B 106 -9.48 -30.27 53.43
N VAL B 107 -8.40 -29.93 54.13
CA VAL B 107 -8.42 -28.73 54.95
C VAL B 107 -8.44 -27.49 54.07
N SER B 108 -7.69 -27.51 52.96
CA SER B 108 -7.73 -26.39 52.02
C SER B 108 -9.11 -26.24 51.40
N TYR B 109 -9.75 -27.36 51.06
CA TYR B 109 -11.09 -27.30 50.49
C TYR B 109 -12.09 -26.74 51.49
N THR B 110 -11.99 -27.15 52.76
CA THR B 110 -12.88 -26.61 53.79
C THR B 110 -12.64 -25.12 53.99
N ALA B 111 -11.37 -24.70 53.99
CA ALA B 111 -11.06 -23.29 54.13
C ALA B 111 -11.47 -22.48 52.91
N GLY B 112 -11.64 -23.13 51.75
CA GLY B 112 -12.02 -22.41 50.54
C GLY B 112 -13.44 -21.91 50.53
N PHE B 113 -14.32 -22.48 51.38
CA PHE B 113 -15.69 -22.01 51.42
C PHE B 113 -15.79 -20.56 51.88
N TYR B 114 -15.00 -20.17 52.87
CA TYR B 114 -15.00 -18.80 53.38
C TYR B 114 -13.74 -18.04 52.97
N ARG B 115 -13.01 -18.55 51.97
CA ARG B 115 -11.76 -17.95 51.50
C ARG B 115 -10.76 -17.78 52.65
N ILE B 116 -10.70 -18.79 53.51
CA ILE B 116 -9.80 -18.76 54.67
C ILE B 116 -8.38 -19.09 54.21
N PRO B 117 -7.42 -18.20 54.42
CA PRO B 117 -6.04 -18.51 54.06
C PRO B 117 -5.46 -19.62 54.92
N VAL B 118 -4.56 -20.39 54.33
CA VAL B 118 -3.89 -21.50 55.00
C VAL B 118 -2.40 -21.41 54.71
N LEU B 119 -1.59 -21.71 55.73
CA LEU B 119 -0.13 -21.64 55.63
C LEU B 119 0.43 -23.06 55.56
N GLY B 120 1.04 -23.39 54.44
CA GLY B 120 1.65 -24.71 54.26
C GLY B 120 3.06 -24.78 54.82
N LEU B 121 3.40 -25.92 55.40
CA LEU B 121 4.71 -26.09 56.01
C LEU B 121 5.76 -26.48 54.96
N THR B 122 5.61 -27.66 54.37
CA THR B 122 6.58 -28.14 53.38
C THR B 122 5.92 -28.79 52.17
N THR B 123 4.70 -28.37 51.82
CA THR B 123 4.01 -28.94 50.66
C THR B 123 4.64 -28.43 49.37
N ARG B 124 5.67 -29.13 48.89
CA ARG B 124 6.41 -28.71 47.71
C ARG B 124 5.72 -29.10 46.40
N MET B 125 4.72 -29.98 46.46
CA MET B 125 4.03 -30.42 45.25
C MET B 125 3.34 -29.23 44.57
N SER B 126 3.42 -29.18 43.24
CA SER B 126 2.86 -28.10 42.46
C SER B 126 1.34 -28.21 42.29
N ILE B 127 0.69 -29.13 43.00
CA ILE B 127 -0.77 -29.22 42.94
C ILE B 127 -1.40 -27.93 43.46
N TYR B 128 -0.87 -27.40 44.56
CA TYR B 128 -1.40 -26.19 45.17
C TYR B 128 -0.83 -24.92 44.57
N SER B 129 0.13 -25.03 43.63
CA SER B 129 0.68 -23.84 43.00
C SER B 129 -0.40 -23.10 42.20
N ASP B 130 -1.22 -23.83 41.46
CA ASP B 130 -2.31 -23.21 40.72
C ASP B 130 -3.44 -22.85 41.67
N LYS B 131 -3.92 -21.61 41.57
CA LYS B 131 -4.97 -21.14 42.45
C LYS B 131 -6.37 -21.59 42.01
N SER B 132 -6.50 -22.16 40.82
CA SER B 132 -7.80 -22.63 40.37
C SER B 132 -8.32 -23.77 41.25
N ILE B 133 -7.44 -24.73 41.56
CA ILE B 133 -7.85 -25.85 42.41
C ILE B 133 -8.05 -25.37 43.85
N HIS B 134 -7.13 -24.54 44.34
CA HIS B 134 -7.19 -24.03 45.72
C HIS B 134 -7.10 -22.50 45.65
N LEU B 135 -8.24 -21.82 45.82
CA LEU B 135 -8.25 -20.38 45.76
C LEU B 135 -7.45 -19.75 46.90
N SER B 136 -7.58 -20.29 48.10
CA SER B 136 -6.91 -19.76 49.29
C SER B 136 -5.87 -20.77 49.76
N PHE B 137 -4.62 -20.57 49.34
CA PHE B 137 -3.52 -21.44 49.79
C PHE B 137 -2.23 -20.65 49.63
N LEU B 138 -1.65 -20.25 50.77
CA LEU B 138 -0.41 -19.47 50.79
C LEU B 138 0.63 -20.26 51.57
N ARG B 139 1.49 -20.98 50.86
CA ARG B 139 2.51 -21.81 51.47
C ARG B 139 3.87 -21.11 51.40
N THR B 140 4.67 -21.31 52.44
CA THR B 140 6.01 -20.74 52.52
C THR B 140 7.07 -21.62 51.88
N VAL B 141 6.70 -22.78 51.37
CA VAL B 141 7.62 -23.71 50.72
C VAL B 141 7.59 -23.43 49.22
N PRO B 142 8.71 -23.12 48.58
CA PRO B 142 8.72 -22.86 47.15
C PRO B 142 8.33 -24.10 46.37
N PRO B 143 7.58 -23.94 45.27
CA PRO B 143 7.22 -25.08 44.43
C PRO B 143 8.40 -25.51 43.56
N TYR B 144 8.12 -26.48 42.68
CA TYR B 144 9.13 -26.93 41.73
C TYR B 144 9.40 -25.92 40.63
N SER B 145 8.56 -24.89 40.50
CA SER B 145 8.86 -23.81 39.56
C SER B 145 10.15 -23.10 39.96
N HIS B 146 10.38 -22.93 41.25
CA HIS B 146 11.64 -22.37 41.72
C HIS B 146 12.81 -23.29 41.37
N GLN B 147 12.61 -24.60 41.47
CA GLN B 147 13.66 -25.54 41.03
C GLN B 147 13.94 -25.39 39.54
N SER B 148 12.89 -25.23 38.73
CA SER B 148 13.08 -25.00 37.29
C SER B 148 13.84 -23.70 37.04
N SER B 149 13.53 -22.66 37.81
CA SER B 149 14.27 -21.40 37.70
C SER B 149 15.73 -21.59 38.07
N VAL B 150 16.00 -22.40 39.10
CA VAL B 150 17.38 -22.69 39.47
C VAL B 150 18.10 -23.43 38.35
N TRP B 151 17.43 -24.39 37.73
CA TRP B 151 18.02 -25.09 36.59
C TRP B 151 18.31 -24.13 35.44
N PHE B 152 17.38 -23.20 35.19
CA PHE B 152 17.60 -22.20 34.15
C PHE B 152 18.79 -21.31 34.46
N GLU B 153 18.94 -20.93 35.73
CA GLU B 153 20.09 -20.12 36.14
C GLU B 153 21.39 -20.90 35.96
N MET B 154 21.39 -22.18 36.31
CA MET B 154 22.58 -23.01 36.09
C MET B 154 22.90 -23.11 34.61
N MET B 155 21.88 -23.26 33.76
CA MET B 155 22.09 -23.29 32.32
C MET B 155 22.69 -21.98 31.83
N ARG B 156 22.19 -20.86 32.33
CA ARG B 156 22.71 -19.56 31.92
C ARG B 156 24.16 -19.38 32.33
N VAL B 157 24.50 -19.76 33.57
CA VAL B 157 25.86 -19.57 34.06
C VAL B 157 26.83 -20.61 33.55
N TYR B 158 26.35 -21.72 33.00
CA TYR B 158 27.21 -22.74 32.42
C TYR B 158 27.13 -22.79 30.90
N SER B 159 26.26 -21.97 30.28
CA SER B 159 26.16 -21.82 28.83
C SER B 159 25.87 -23.16 28.14
N TRP B 160 24.69 -23.69 28.45
CA TRP B 160 24.18 -24.89 27.78
C TRP B 160 23.23 -24.48 26.66
N ASN B 161 23.36 -25.13 25.52
CA ASN B 161 22.50 -24.87 24.37
C ASN B 161 21.61 -26.05 24.02
N HIS B 162 22.16 -27.25 23.94
CA HIS B 162 21.39 -28.45 23.64
C HIS B 162 20.89 -29.03 24.95
N ILE B 163 19.61 -28.80 25.24
CA ILE B 163 18.99 -29.23 26.49
C ILE B 163 17.70 -29.97 26.18
N ILE B 164 17.52 -31.14 26.76
CA ILE B 164 16.30 -31.91 26.64
C ILE B 164 15.67 -32.05 28.03
N LEU B 165 14.36 -32.31 28.05
CA LEU B 165 13.60 -32.37 29.29
C LEU B 165 12.81 -33.67 29.34
N LEU B 166 12.78 -34.28 30.52
CA LEU B 166 12.03 -35.51 30.78
C LEU B 166 11.02 -35.23 31.87
N VAL B 167 9.73 -35.27 31.53
CA VAL B 167 8.64 -34.95 32.43
C VAL B 167 7.62 -36.07 32.42
N SER B 168 7.28 -36.58 33.60
CA SER B 168 6.27 -37.63 33.72
C SER B 168 4.87 -37.04 33.58
N ASP B 169 3.89 -37.93 33.39
CA ASP B 169 2.50 -37.53 33.22
C ASP B 169 1.88 -37.25 34.59
N ASP B 170 2.30 -36.15 35.19
CA ASP B 170 1.80 -35.68 36.47
C ASP B 170 1.55 -34.17 36.38
N HIS B 171 0.63 -33.69 37.23
CA HIS B 171 0.29 -32.27 37.21
C HIS B 171 1.50 -31.41 37.59
N GLU B 172 2.24 -31.81 38.62
CA GLU B 172 3.42 -31.05 39.01
C GLU B 172 4.48 -31.06 37.92
N GLY B 173 4.67 -32.20 37.25
CA GLY B 173 5.60 -32.25 36.15
C GLY B 173 5.20 -31.37 34.99
N ARG B 174 3.91 -31.37 34.66
CA ARG B 174 3.42 -30.49 33.60
C ARG B 174 3.61 -29.02 33.96
N ALA B 175 3.34 -28.67 35.22
CA ALA B 175 3.56 -27.30 35.66
C ALA B 175 5.02 -26.90 35.56
N ALA B 176 5.93 -27.80 35.98
CA ALA B 176 7.35 -27.51 35.89
C ALA B 176 7.79 -27.36 34.44
N GLN B 177 7.28 -28.23 33.56
CA GLN B 177 7.63 -28.12 32.14
C GLN B 177 7.13 -26.82 31.55
N LYS B 178 5.90 -26.42 31.90
CA LYS B 178 5.36 -25.16 31.40
C LYS B 178 6.18 -23.97 31.91
N ARG B 179 6.58 -24.00 33.19
CA ARG B 179 7.39 -22.92 33.73
C ARG B 179 8.74 -22.85 33.02
N LEU B 180 9.37 -24.01 32.78
CA LEU B 180 10.65 -24.03 32.09
C LEU B 180 10.51 -23.51 30.66
N GLU B 181 9.45 -23.91 29.96
CA GLU B 181 9.24 -23.42 28.60
C GLU B 181 9.03 -21.91 28.58
N THR B 182 8.23 -21.40 29.52
CA THR B 182 8.00 -19.95 29.57
C THR B 182 9.28 -19.19 29.90
N LEU B 183 10.09 -19.72 30.81
CA LEU B 183 11.33 -19.04 31.18
C LEU B 183 12.42 -19.18 30.11
N LEU B 184 12.33 -20.18 29.23
CA LEU B 184 13.34 -20.38 28.21
C LEU B 184 12.97 -19.74 26.87
N GLU B 185 11.67 -19.57 26.59
CA GLU B 185 11.26 -19.02 25.30
C GLU B 185 11.68 -17.56 25.12
N GLU B 186 11.92 -16.84 26.21
CA GLU B 186 12.33 -15.44 26.09
C GLU B 186 13.71 -15.30 25.48
N ARG B 187 14.54 -16.33 25.53
CA ARG B 187 15.88 -16.32 24.96
C ARG B 187 15.95 -17.12 23.66
N GLU B 188 14.88 -17.07 22.87
CA GLU B 188 14.72 -17.76 21.59
C GLU B 188 15.31 -19.18 21.61
N SER B 189 15.06 -19.91 22.70
CA SER B 189 15.54 -21.27 22.87
C SER B 189 14.38 -22.18 23.24
N LYS B 190 14.35 -23.37 22.64
CA LYS B 190 13.32 -24.35 22.89
C LYS B 190 13.95 -25.72 23.08
N ALA B 191 13.34 -26.54 23.93
CA ALA B 191 13.86 -27.87 24.21
C ALA B 191 13.86 -28.73 22.95
N GLU B 192 14.97 -29.43 22.72
CA GLU B 192 15.09 -30.25 21.52
C GLU B 192 14.07 -31.40 21.52
N LYS B 193 13.88 -32.04 22.67
CA LYS B 193 12.96 -33.17 22.76
C LYS B 193 12.41 -33.26 24.17
N VAL B 194 11.10 -33.45 24.27
CA VAL B 194 10.41 -33.63 25.55
C VAL B 194 9.69 -34.97 25.51
N LEU B 195 9.90 -35.80 26.53
CA LEU B 195 9.31 -37.12 26.61
C LEU B 195 8.40 -37.21 27.83
N GLN B 196 7.43 -38.11 27.76
CA GLN B 196 6.45 -38.30 28.82
C GLN B 196 6.60 -39.69 29.43
N PHE B 197 6.59 -39.74 30.75
CA PHE B 197 6.70 -40.98 31.50
C PHE B 197 5.36 -41.31 32.15
N ASP B 198 5.29 -42.48 32.77
CA ASP B 198 4.10 -42.93 33.47
C ASP B 198 4.47 -43.43 34.86
N PRO B 199 3.57 -43.27 35.83
CA PRO B 199 3.85 -43.74 37.21
C PRO B 199 3.64 -45.25 37.38
N GLY B 200 4.64 -46.02 36.98
CA GLY B 200 4.59 -47.46 37.14
C GLY B 200 5.19 -48.23 35.98
N THR B 201 5.29 -47.60 34.81
CA THR B 201 5.87 -48.27 33.65
C THR B 201 7.36 -48.46 33.86
N LYS B 202 7.85 -49.64 33.45
CA LYS B 202 9.25 -49.98 33.59
C LYS B 202 10.00 -50.06 32.28
N ASN B 203 9.31 -50.19 31.15
CA ASN B 203 9.95 -50.29 29.84
C ASN B 203 10.19 -48.89 29.28
N VAL B 204 11.18 -48.21 29.87
CA VAL B 204 11.59 -46.89 29.42
C VAL B 204 12.80 -46.95 28.50
N THR B 205 13.16 -48.14 28.01
CA THR B 205 14.33 -48.28 27.16
C THR B 205 14.17 -47.53 25.84
N ALA B 206 12.97 -47.57 25.26
CA ALA B 206 12.74 -46.88 24.00
C ALA B 206 12.91 -45.37 24.15
N LEU B 207 12.32 -44.80 25.20
CA LEU B 207 12.48 -43.36 25.44
C LEU B 207 13.92 -43.02 25.76
N LEU B 208 14.60 -43.87 26.53
CA LEU B 208 15.99 -43.61 26.88
C LEU B 208 16.89 -43.60 25.63
N MET B 209 16.69 -44.57 24.73
CA MET B 209 17.50 -44.59 23.52
C MET B 209 17.11 -43.46 22.57
N GLU B 210 15.84 -43.07 22.56
CA GLU B 210 15.44 -41.89 21.79
C GLU B 210 16.15 -40.64 22.28
N ALA B 211 16.27 -40.49 23.60
CA ALA B 211 17.04 -39.38 24.15
C ALA B 211 18.53 -39.52 23.84
N LYS B 212 19.03 -40.75 23.82
CA LYS B 212 20.44 -40.99 23.53
C LYS B 212 20.79 -40.56 22.10
N GLU B 213 19.92 -40.88 21.14
CA GLU B 213 20.18 -40.55 19.73
C GLU B 213 19.84 -39.08 19.46
N LEU B 214 20.45 -38.21 20.25
CA LEU B 214 20.26 -36.76 20.14
C LEU B 214 21.59 -36.07 20.39
N GLU B 215 21.69 -34.83 19.91
CA GLU B 215 22.91 -34.05 20.10
C GLU B 215 23.10 -33.67 21.57
N ALA B 216 22.01 -33.42 22.29
CA ALA B 216 22.12 -33.05 23.69
C ALA B 216 22.65 -34.20 24.53
N ARG B 217 23.50 -33.86 25.51
CA ARG B 217 24.10 -34.85 26.39
C ARG B 217 23.76 -34.58 27.85
N VAL B 218 22.72 -33.78 28.12
CA VAL B 218 22.28 -33.47 29.46
C VAL B 218 20.89 -34.04 29.67
N ILE B 219 20.71 -34.76 30.79
CA ILE B 219 19.44 -35.41 31.11
C ILE B 219 18.97 -34.90 32.46
N ILE B 220 17.72 -34.44 32.52
CA ILE B 220 17.11 -33.94 33.74
C ILE B 220 15.82 -34.72 33.99
N LEU B 221 15.65 -35.19 35.22
CA LEU B 221 14.49 -35.99 35.60
C LEU B 221 13.68 -35.25 36.67
N SER B 222 12.36 -35.45 36.61
CA SER B 222 11.45 -34.85 37.61
C SER B 222 10.24 -35.77 37.74
N ALA B 223 10.24 -36.60 38.77
CA ALA B 223 9.18 -37.55 39.01
C ALA B 223 9.26 -38.00 40.47
N SER B 224 8.48 -39.04 40.81
CA SER B 224 8.53 -39.60 42.14
C SER B 224 9.85 -40.33 42.36
N GLU B 225 10.10 -40.73 43.62
CA GLU B 225 11.33 -41.42 43.96
C GLU B 225 11.44 -42.76 43.23
N ASP B 226 10.35 -43.52 43.21
CA ASP B 226 10.37 -44.82 42.53
C ASP B 226 10.57 -44.66 41.03
N ASP B 227 9.89 -43.70 40.42
CA ASP B 227 10.06 -43.46 38.99
C ASP B 227 11.48 -43.02 38.66
N ALA B 228 12.05 -42.14 39.48
CA ALA B 228 13.43 -41.71 39.28
C ALA B 228 14.39 -42.88 39.40
N ALA B 229 14.18 -43.75 40.40
CA ALA B 229 15.05 -44.90 40.57
C ALA B 229 14.96 -45.85 39.38
N THR B 230 13.73 -46.14 38.93
CA THR B 230 13.55 -47.10 37.84
C THR B 230 13.95 -46.52 36.49
N VAL B 231 14.01 -45.19 36.35
CA VAL B 231 14.51 -44.60 35.12
C VAL B 231 16.03 -44.39 35.15
N TYR B 232 16.62 -44.30 36.34
CA TYR B 232 18.07 -44.19 36.46
C TYR B 232 18.76 -45.55 36.48
N ARG B 233 18.04 -46.61 36.81
CA ARG B 233 18.63 -47.95 36.75
C ARG B 233 19.04 -48.31 35.32
N ALA B 234 18.20 -47.96 34.34
CA ALA B 234 18.52 -48.25 32.94
C ALA B 234 19.65 -47.37 32.41
N ALA B 235 19.97 -46.27 33.11
CA ALA B 235 21.08 -45.42 32.67
C ALA B 235 22.40 -46.17 32.71
N ALA B 236 22.63 -46.95 33.78
CA ALA B 236 23.85 -47.76 33.86
C ALA B 236 23.83 -48.87 32.82
N MET B 237 22.65 -49.42 32.52
CA MET B 237 22.54 -50.45 31.51
C MET B 237 22.91 -49.92 30.13
N LEU B 238 22.47 -48.70 29.81
CA LEU B 238 22.77 -48.08 28.53
C LEU B 238 23.99 -47.17 28.59
N ASN B 239 24.83 -47.32 29.62
CA ASN B 239 26.09 -46.59 29.73
C ASN B 239 25.88 -45.08 29.73
N MET B 240 24.83 -44.63 30.41
CA MET B 240 24.53 -43.20 30.50
C MET B 240 25.22 -42.52 31.67
N THR B 241 25.99 -43.25 32.47
CA THR B 241 26.74 -42.68 33.58
C THR B 241 28.21 -42.43 33.22
N GLY B 242 28.56 -42.55 31.94
CA GLY B 242 29.93 -42.38 31.52
C GLY B 242 30.31 -40.92 31.33
N SER B 243 31.50 -40.73 30.76
CA SER B 243 32.03 -39.39 30.55
C SER B 243 31.20 -38.63 29.52
N GLY B 244 31.19 -37.30 29.66
CA GLY B 244 30.48 -36.44 28.74
C GLY B 244 29.00 -36.29 28.99
N TYR B 245 28.51 -36.73 30.15
CA TYR B 245 27.09 -36.66 30.49
C TYR B 245 26.91 -35.86 31.78
N VAL B 246 25.90 -35.01 31.80
CA VAL B 246 25.57 -34.19 32.96
C VAL B 246 24.14 -34.51 33.38
N TRP B 247 23.94 -34.79 34.67
CA TRP B 247 22.64 -35.15 35.20
C TRP B 247 22.13 -34.05 36.13
N LEU B 248 20.91 -33.59 35.87
CA LEU B 248 20.24 -32.59 36.70
C LEU B 248 19.08 -33.28 37.41
N VAL B 249 19.25 -33.50 38.71
CA VAL B 249 18.28 -34.27 39.51
C VAL B 249 17.67 -33.35 40.56
N GLY B 250 16.35 -33.45 40.73
CA GLY B 250 15.63 -32.59 41.64
C GLY B 250 15.87 -32.96 43.10
N GLU B 251 15.27 -32.14 43.98
CA GLU B 251 15.47 -32.32 45.42
C GLU B 251 14.87 -33.63 45.91
N ARG B 252 13.66 -33.96 45.45
CA ARG B 252 12.97 -35.15 45.95
C ARG B 252 13.38 -36.43 45.22
N GLU B 253 14.13 -36.32 44.14
CA GLU B 253 14.54 -37.49 43.36
C GLU B 253 15.90 -38.04 43.77
N ILE B 254 16.53 -37.47 44.81
CA ILE B 254 17.84 -37.95 45.27
C ILE B 254 17.67 -38.73 46.56
N SER B 255 16.58 -38.48 47.27
CA SER B 255 16.34 -39.12 48.56
C SER B 255 15.88 -40.56 48.36
N GLY B 256 15.71 -41.27 49.48
CA GLY B 256 15.26 -42.65 49.40
C GLY B 256 16.34 -43.56 48.85
N ASN B 257 15.91 -44.55 48.05
CA ASN B 257 16.82 -45.52 47.46
C ASN B 257 17.69 -44.93 46.36
N ALA B 258 17.43 -43.68 45.95
CA ALA B 258 18.23 -43.05 44.90
C ALA B 258 19.67 -42.88 45.33
N LEU B 259 19.92 -42.62 46.62
CA LEU B 259 21.29 -42.50 47.11
C LEU B 259 22.05 -43.79 46.92
N ARG B 260 21.42 -44.93 47.20
CA ARG B 260 22.09 -46.21 47.06
C ARG B 260 22.22 -46.64 45.60
N TYR B 261 21.21 -46.33 44.78
CA TYR B 261 21.19 -46.78 43.39
C TYR B 261 21.82 -45.79 42.42
N ALA B 262 22.30 -44.64 42.91
CA ALA B 262 22.92 -43.64 42.04
C ALA B 262 24.39 -43.51 42.37
N PRO B 263 25.29 -43.77 41.43
CA PRO B 263 26.72 -43.56 41.69
C PRO B 263 27.10 -42.09 41.69
N ASP B 264 28.40 -41.80 41.75
CA ASP B 264 28.86 -40.42 41.80
C ASP B 264 28.53 -39.68 40.50
N GLY B 265 28.55 -38.36 40.59
CA GLY B 265 28.23 -37.51 39.45
C GLY B 265 26.81 -36.96 39.43
N ILE B 266 26.07 -37.10 40.52
CA ILE B 266 24.70 -36.60 40.59
C ILE B 266 24.71 -35.20 41.18
N LEU B 267 24.10 -34.25 40.48
CA LEU B 267 24.03 -32.86 40.92
C LEU B 267 22.62 -32.60 41.44
N GLY B 268 22.41 -32.89 42.73
CA GLY B 268 21.12 -32.70 43.37
C GLY B 268 20.93 -31.29 43.89
N LEU B 269 19.76 -31.09 44.50
CA LEU B 269 19.40 -29.80 45.09
C LEU B 269 18.81 -30.02 46.48
N GLN B 270 18.92 -28.99 47.32
CA GLN B 270 18.39 -29.04 48.67
C GLN B 270 18.05 -27.63 49.12
N LEU B 271 17.04 -27.52 49.96
CA LEU B 271 16.58 -26.23 50.49
C LEU B 271 17.16 -26.03 51.88
N ILE B 272 17.92 -24.95 52.05
CA ILE B 272 18.48 -24.61 53.36
C ILE B 272 17.37 -24.09 54.27
N ASN B 273 17.28 -24.66 55.47
CA ASN B 273 16.22 -24.32 56.42
C ASN B 273 14.83 -24.54 55.82
N GLY B 274 14.70 -25.60 55.02
CA GLY B 274 13.44 -25.94 54.40
C GLY B 274 12.67 -26.96 55.21
N LYS B 275 13.37 -27.95 55.75
CA LYS B 275 12.77 -28.97 56.60
C LYS B 275 12.67 -28.55 58.06
N ASN B 276 13.14 -27.36 58.41
CA ASN B 276 13.11 -26.87 59.78
C ASN B 276 11.68 -26.47 60.11
N GLU B 277 10.92 -27.44 60.61
CA GLU B 277 9.51 -27.20 60.92
C GLU B 277 9.34 -26.11 61.97
N SER B 278 10.16 -26.15 63.02
CA SER B 278 10.04 -25.14 64.07
C SER B 278 10.34 -23.75 63.53
N ALA B 279 11.38 -23.61 62.72
CA ALA B 279 11.72 -22.30 62.16
C ALA B 279 10.62 -21.80 61.23
N HIS B 280 10.09 -22.69 60.37
CA HIS B 280 9.03 -22.27 59.47
C HIS B 280 7.78 -21.85 60.22
N ILE B 281 7.41 -22.60 61.27
CA ILE B 281 6.23 -22.24 62.05
C ILE B 281 6.45 -20.93 62.77
N SER B 282 7.65 -20.72 63.32
CA SER B 282 7.95 -19.45 63.99
C SER B 282 7.86 -18.29 63.03
N ASP B 283 8.40 -18.44 61.82
CA ASP B 283 8.32 -17.38 60.83
C ASP B 283 6.87 -17.10 60.44
N ALA B 284 6.07 -18.16 60.24
CA ALA B 284 4.69 -17.97 59.86
C ALA B 284 3.89 -17.25 60.95
N VAL B 285 4.09 -17.65 62.21
CA VAL B 285 3.34 -17.01 63.29
C VAL B 285 3.81 -15.58 63.51
N GLY B 286 5.12 -15.31 63.33
CA GLY B 286 5.59 -13.94 63.42
C GLY B 286 5.01 -13.07 62.31
N VAL B 287 4.84 -13.65 61.12
CA VAL B 287 4.20 -12.92 60.02
C VAL B 287 2.75 -12.62 60.35
N VAL B 288 2.02 -13.63 60.83
CA VAL B 288 0.59 -13.45 61.06
C VAL B 288 0.32 -12.53 62.24
N ALA B 289 1.22 -12.51 63.24
CA ALA B 289 1.01 -11.68 64.41
C ALA B 289 1.01 -10.19 64.06
N GLN B 290 1.69 -9.81 62.97
CA GLN B 290 1.62 -8.45 62.48
C GLN B 290 0.61 -8.28 61.35
N ALA B 291 0.35 -9.34 60.58
CA ALA B 291 -0.67 -9.26 59.54
C ALA B 291 -2.05 -9.01 60.13
N VAL B 292 -2.33 -9.60 61.29
CA VAL B 292 -3.63 -9.40 61.92
C VAL B 292 -3.83 -7.94 62.28
N HIS B 293 -2.80 -7.29 62.82
CA HIS B 293 -2.89 -5.86 63.11
C HIS B 293 -2.96 -5.03 61.83
N GLU B 294 -2.24 -5.45 60.78
CA GLU B 294 -2.30 -4.73 59.52
C GLU B 294 -3.63 -4.88 58.81
N LEU B 295 -4.45 -5.86 59.20
CA LEU B 295 -5.76 -6.04 58.58
C LEU B 295 -6.93 -5.61 59.47
N LEU B 296 -6.73 -5.50 60.79
CA LEU B 296 -7.85 -5.24 61.69
C LEU B 296 -8.32 -3.79 61.68
N GLU B 297 -7.61 -2.87 61.02
CA GLU B 297 -8.02 -1.48 61.03
C GLU B 297 -9.05 -1.16 59.95
N LYS B 298 -9.48 -2.16 59.17
CA LYS B 298 -10.45 -1.93 58.11
C LYS B 298 -11.82 -1.59 58.72
N GLU B 299 -12.77 -1.29 57.84
CA GLU B 299 -14.11 -0.87 58.29
C GLU B 299 -14.82 -1.98 59.05
N ASN B 300 -14.70 -3.22 58.57
CA ASN B 300 -15.39 -4.34 59.20
C ASN B 300 -14.64 -5.63 58.91
N ILE B 301 -14.89 -6.64 59.74
CA ILE B 301 -14.30 -7.96 59.60
C ILE B 301 -15.42 -8.99 59.63
N THR B 302 -15.42 -9.90 58.65
CA THR B 302 -16.45 -10.93 58.55
C THR B 302 -16.11 -12.06 59.52
N ASP B 303 -16.78 -12.08 60.67
CA ASP B 303 -16.55 -13.12 61.65
C ASP B 303 -17.14 -14.45 61.18
N PRO B 304 -16.51 -15.57 61.53
CA PRO B 304 -17.05 -16.88 61.16
C PRO B 304 -18.27 -17.21 61.99
N PRO B 305 -19.11 -18.13 61.52
CA PRO B 305 -20.30 -18.52 62.30
C PRO B 305 -19.90 -19.24 63.59
N ARG B 306 -20.84 -19.24 64.53
CA ARG B 306 -20.64 -19.83 65.85
C ARG B 306 -20.74 -21.35 65.85
N GLY B 307 -20.77 -21.99 64.69
CA GLY B 307 -20.84 -23.44 64.63
C GLY B 307 -20.69 -23.93 63.22
N CYS B 308 -20.49 -25.24 63.10
CA CYS B 308 -20.39 -25.89 61.80
C CYS B 308 -21.71 -25.96 61.07
N VAL B 309 -22.82 -25.67 61.76
CA VAL B 309 -24.16 -25.72 61.18
C VAL B 309 -24.82 -24.36 61.35
N GLY B 310 -25.41 -23.85 60.26
CA GLY B 310 -26.18 -22.63 60.33
C GLY B 310 -25.88 -21.60 59.26
N ASN B 311 -24.63 -21.52 58.81
CA ASN B 311 -24.20 -20.51 57.86
C ASN B 311 -23.67 -21.18 56.59
N THR B 312 -24.12 -20.69 55.44
CA THR B 312 -23.66 -21.18 54.14
C THR B 312 -23.11 -20.06 53.26
N ASN B 313 -22.89 -18.87 53.82
CA ASN B 313 -22.46 -17.72 53.04
C ASN B 313 -20.95 -17.77 52.83
N ILE B 314 -20.39 -16.72 52.24
CA ILE B 314 -18.97 -16.62 51.95
C ILE B 314 -18.48 -15.24 52.39
N TRP B 315 -17.27 -15.22 52.97
CA TRP B 315 -16.67 -13.98 53.42
C TRP B 315 -16.40 -13.06 52.23
N LYS B 316 -16.67 -11.77 52.43
CA LYS B 316 -16.37 -10.76 51.41
C LYS B 316 -14.99 -10.15 51.58
N THR B 317 -14.27 -10.49 52.65
CA THR B 317 -12.95 -9.94 52.93
C THR B 317 -11.83 -10.90 52.56
N GLY B 318 -12.13 -11.99 51.88
CA GLY B 318 -11.14 -12.96 51.48
C GLY B 318 -10.06 -12.39 50.57
N PRO B 319 -10.46 -11.68 49.51
CA PRO B 319 -9.44 -11.01 48.69
C PRO B 319 -8.63 -9.98 49.47
N LEU B 320 -9.24 -9.28 50.42
CA LEU B 320 -8.49 -8.34 51.23
C LEU B 320 -7.44 -9.05 52.08
N PHE B 321 -7.82 -10.17 52.69
CA PHE B 321 -6.86 -10.97 53.46
C PHE B 321 -5.73 -11.47 52.57
N LYS B 322 -6.06 -11.96 51.38
CA LYS B 322 -5.02 -12.45 50.47
C LYS B 322 -4.07 -11.33 50.07
N ARG B 323 -4.60 -10.15 49.76
CA ARG B 323 -3.76 -9.02 49.36
C ARG B 323 -2.87 -8.56 50.50
N VAL B 324 -3.43 -8.46 51.72
CA VAL B 324 -2.62 -7.99 52.84
C VAL B 324 -1.57 -9.03 53.22
N LEU B 325 -1.84 -10.31 52.99
CA LEU B 325 -0.84 -11.32 53.27
C LEU B 325 0.27 -11.33 52.22
N MET B 326 -0.09 -11.17 50.94
CA MET B 326 0.92 -11.23 49.89
C MET B 326 1.75 -9.95 49.81
N SER B 327 1.17 -8.79 50.12
CA SER B 327 1.89 -7.53 50.01
C SER B 327 2.79 -7.26 51.21
N SER B 328 2.62 -7.98 52.31
CA SER B 328 3.42 -7.74 53.50
C SER B 328 4.84 -8.27 53.31
N LYS B 329 5.78 -7.61 53.99
CA LYS B 329 7.19 -7.99 53.94
C LYS B 329 7.72 -8.12 55.36
N TYR B 330 8.46 -9.20 55.61
CA TYR B 330 9.02 -9.50 56.93
C TYR B 330 10.46 -9.92 56.78
N ALA B 331 11.38 -9.07 57.26
CA ALA B 331 12.81 -9.40 57.23
C ALA B 331 13.26 -10.17 58.45
N ASP B 332 12.39 -10.36 59.45
CA ASP B 332 12.75 -11.08 60.66
C ASP B 332 12.86 -12.58 60.45
N GLY B 333 12.45 -13.09 59.29
CA GLY B 333 12.50 -14.51 59.06
C GLY B 333 13.91 -15.06 58.99
N VAL B 334 14.01 -16.38 59.18
CA VAL B 334 15.31 -17.04 59.17
C VAL B 334 15.97 -16.91 57.80
N THR B 335 15.19 -17.09 56.73
CA THR B 335 15.71 -17.00 55.36
C THR B 335 15.85 -15.56 54.88
N GLY B 336 15.44 -14.58 55.67
CA GLY B 336 15.55 -13.19 55.28
C GLY B 336 14.20 -12.54 55.04
N ARG B 337 14.12 -11.66 54.04
CA ARG B 337 12.86 -11.01 53.72
C ARG B 337 11.84 -12.03 53.21
N VAL B 338 10.59 -11.85 53.61
CA VAL B 338 9.50 -12.75 53.24
C VAL B 338 8.59 -12.00 52.27
N GLU B 339 8.53 -12.49 51.04
CA GLU B 339 7.66 -11.92 50.02
C GLU B 339 6.99 -13.05 49.25
N PHE B 340 5.83 -12.76 48.68
CA PHE B 340 5.01 -13.75 48.00
C PHE B 340 4.85 -13.39 46.54
N ASN B 341 4.80 -14.41 45.69
CA ASN B 341 4.61 -14.23 44.25
C ASN B 341 3.12 -14.03 43.96
N GLU B 342 2.74 -14.08 42.68
CA GLU B 342 1.33 -13.99 42.31
C GLU B 342 0.54 -15.16 42.87
N ASP B 343 1.19 -16.31 43.07
CA ASP B 343 0.55 -17.47 43.67
C ASP B 343 0.69 -17.50 45.19
N GLY B 344 1.28 -16.48 45.79
CA GLY B 344 1.44 -16.44 47.23
C GLY B 344 2.36 -17.49 47.79
N ASP B 345 3.48 -17.75 47.13
CA ASP B 345 4.46 -18.73 47.55
C ASP B 345 5.79 -18.05 47.85
N ARG B 346 6.75 -18.84 48.31
CA ARG B 346 8.07 -18.31 48.65
C ARG B 346 8.76 -17.78 47.40
N LYS B 347 9.40 -16.62 47.54
CA LYS B 347 10.14 -15.99 46.45
C LYS B 347 11.61 -15.85 46.84
N PHE B 348 12.49 -16.12 45.88
CA PHE B 348 13.94 -16.03 46.09
C PHE B 348 14.38 -16.91 47.24
N ALA B 349 13.91 -18.17 47.23
CA ALA B 349 14.27 -19.12 48.27
C ALA B 349 15.74 -19.48 48.19
N ASN B 350 16.30 -19.85 49.34
CA ASN B 350 17.71 -20.20 49.44
C ASN B 350 17.89 -21.65 48.98
N TYR B 351 18.64 -21.84 47.90
CA TYR B 351 18.89 -23.16 47.33
C TYR B 351 20.34 -23.56 47.54
N SER B 352 20.56 -24.85 47.79
CA SER B 352 21.89 -25.41 47.97
C SER B 352 22.07 -26.58 47.02
N ILE B 353 23.12 -26.52 46.20
CA ILE B 353 23.41 -27.60 45.26
C ILE B 353 24.15 -28.72 45.99
N MET B 354 23.64 -29.94 45.87
CA MET B 354 24.25 -31.10 46.49
C MET B 354 24.95 -31.93 45.42
N ASN B 355 26.22 -32.24 45.66
CA ASN B 355 27.02 -33.03 44.74
C ASN B 355 27.33 -34.38 45.37
N LEU B 356 27.00 -35.45 44.66
CA LEU B 356 27.20 -36.81 45.17
C LEU B 356 28.64 -37.23 44.86
N GLN B 357 29.52 -37.07 45.85
CA GLN B 357 30.92 -37.43 45.73
C GLN B 357 31.21 -38.60 46.66
N ASN B 358 31.72 -39.70 46.11
CA ASN B 358 32.04 -40.90 46.88
C ASN B 358 30.83 -41.37 47.69
N ARG B 359 29.66 -41.35 47.04
CA ARG B 359 28.39 -41.72 47.67
C ARG B 359 28.07 -40.85 48.88
N LYS B 360 28.56 -39.61 48.87
CA LYS B 360 28.31 -38.66 49.94
C LYS B 360 27.89 -37.32 49.34
N LEU B 361 27.09 -36.57 50.10
CA LEU B 361 26.58 -35.29 49.65
C LEU B 361 27.45 -34.17 50.22
N VAL B 362 27.91 -33.28 49.34
CA VAL B 362 28.75 -32.15 49.72
C VAL B 362 28.08 -30.87 49.27
N GLN B 363 27.94 -29.91 50.18
CA GLN B 363 27.34 -28.63 49.87
C GLN B 363 28.38 -27.73 49.20
N VAL B 364 28.14 -27.41 47.92
CA VAL B 364 29.07 -26.59 47.15
C VAL B 364 28.37 -25.34 46.66
N GLY B 365 27.33 -25.53 45.85
CA GLY B 365 26.61 -24.40 45.29
C GLY B 365 25.48 -23.90 46.16
N ILE B 366 25.72 -22.83 46.90
CA ILE B 366 24.72 -22.20 47.75
C ILE B 366 24.32 -20.89 47.12
N TYR B 367 23.02 -20.72 46.86
CA TYR B 367 22.50 -19.56 46.13
C TYR B 367 21.47 -18.85 46.99
N ASN B 368 21.79 -17.63 47.42
CA ASN B 368 20.82 -16.81 48.11
C ASN B 368 19.63 -16.49 47.20
N GLY B 369 19.89 -15.80 46.10
CA GLY B 369 18.90 -15.55 45.07
C GLY B 369 19.41 -14.59 44.04
N THR B 370 19.21 -14.90 42.75
CA THR B 370 19.67 -14.09 41.63
C THR B 370 21.16 -13.76 41.74
N HIS B 371 21.92 -14.62 42.42
CA HIS B 371 23.35 -14.42 42.62
C HIS B 371 24.03 -15.77 42.70
N VAL B 372 25.21 -15.87 42.09
CA VAL B 372 25.98 -17.11 42.08
C VAL B 372 27.10 -17.01 43.10
N ILE B 373 27.22 -18.03 43.95
CA ILE B 373 28.26 -18.09 44.97
C ILE B 373 29.00 -19.41 44.83
N PRO B 374 29.99 -19.51 43.95
CA PRO B 374 30.75 -20.76 43.81
C PRO B 374 31.59 -21.03 45.05
N ASN B 375 31.90 -22.31 45.25
CA ASN B 375 32.69 -22.76 46.38
C ASN B 375 33.99 -23.38 45.88
N ASP B 376 34.95 -23.53 46.80
CA ASP B 376 36.27 -24.02 46.42
C ASP B 376 36.28 -25.51 46.08
N ARG B 377 35.29 -26.27 46.53
CA ARG B 377 35.25 -27.69 46.22
C ARG B 377 35.00 -27.92 44.73
N LYS B 378 35.72 -28.88 44.16
CA LYS B 378 35.56 -29.19 42.75
C LYS B 378 34.25 -29.93 42.50
N ILE B 379 33.62 -29.63 41.37
CA ILE B 379 32.36 -30.27 40.98
C ILE B 379 32.72 -31.45 40.07
N ILE B 380 32.50 -32.67 40.58
CA ILE B 380 32.82 -33.86 39.79
C ILE B 380 31.72 -34.09 38.76
N TRP B 381 32.04 -34.90 37.76
CA TRP B 381 31.12 -35.24 36.70
C TRP B 381 31.14 -36.74 36.45
N PRO B 382 30.04 -37.31 35.94
CA PRO B 382 30.02 -38.74 35.64
C PRO B 382 31.09 -39.11 34.62
N GLY B 383 31.64 -40.31 34.79
CA GLY B 383 32.72 -40.78 33.94
C GLY B 383 34.11 -40.41 34.39
N GLY B 384 34.25 -39.72 35.53
CA GLY B 384 35.55 -39.38 36.04
C GLY B 384 36.18 -38.13 35.45
N GLU B 385 35.45 -37.39 34.62
CA GLU B 385 36.00 -36.18 34.02
C GLU B 385 36.19 -35.10 35.08
N THR B 386 37.33 -34.43 35.02
CA THR B 386 37.64 -33.32 35.93
C THR B 386 37.29 -31.96 35.34
N GLU B 387 36.73 -31.93 34.13
CA GLU B 387 36.34 -30.70 33.46
C GLU B 387 34.90 -30.80 33.01
N LYS B 388 34.25 -29.64 32.86
CA LYS B 388 32.85 -29.61 32.46
C LYS B 388 32.73 -29.99 30.99
N PRO B 389 31.98 -31.05 30.65
CA PRO B 389 31.79 -31.40 29.24
C PRO B 389 30.84 -30.42 28.57
N ARG B 390 31.20 -29.99 27.35
CA ARG B 390 30.37 -29.03 26.63
C ARG B 390 29.03 -29.63 26.23
N GLY B 391 28.97 -30.94 26.01
CA GLY B 391 27.73 -31.57 25.62
C GLY B 391 27.27 -31.26 24.22
N TYR B 392 28.18 -30.86 23.34
CA TYR B 392 27.87 -30.53 21.96
C TYR B 392 28.59 -31.54 21.06
N GLN B 393 27.96 -32.68 20.83
CA GLN B 393 28.51 -33.74 19.97
C GLN B 393 27.49 -34.02 18.87
N MET B 394 27.64 -33.33 17.73
CA MET B 394 26.77 -33.58 16.60
C MET B 394 27.08 -34.91 15.94
N SER B 395 28.26 -35.47 16.19
CA SER B 395 28.70 -36.76 15.65
C SER B 395 28.78 -36.74 14.13
N THR B 396 28.64 -35.57 13.52
CA THR B 396 28.72 -35.35 12.09
C THR B 396 27.75 -36.23 11.30
N ARG B 397 26.70 -36.75 11.94
CA ARG B 397 25.75 -37.64 11.28
C ARG B 397 24.53 -36.84 10.83
N LEU B 398 24.72 -36.11 9.73
CA LEU B 398 23.66 -35.28 9.16
C LEU B 398 22.90 -36.10 8.12
N LYS B 399 21.64 -36.41 8.43
CA LYS B 399 20.81 -37.16 7.50
C LYS B 399 20.48 -36.29 6.28
N ILE B 400 20.54 -36.91 5.10
CA ILE B 400 20.38 -36.21 3.83
C ILE B 400 19.17 -36.78 3.10
N VAL B 401 18.29 -35.91 2.63
CA VAL B 401 17.13 -36.29 1.83
C VAL B 401 17.26 -35.66 0.46
N THR B 402 17.05 -36.45 -0.58
CA THR B 402 17.21 -35.99 -1.95
C THR B 402 15.96 -36.33 -2.77
N ILE B 403 15.54 -35.39 -3.61
CA ILE B 403 14.38 -35.55 -4.47
C ILE B 403 14.86 -35.88 -5.88
N HIS B 404 14.23 -36.87 -6.50
CA HIS B 404 14.60 -37.31 -7.84
C HIS B 404 14.31 -36.21 -8.85
N GLN B 405 15.36 -35.56 -9.35
CA GLN B 405 15.24 -34.55 -10.39
C GLN B 405 16.14 -34.95 -11.55
N GLU B 406 15.55 -35.08 -12.74
CA GLU B 406 16.29 -35.63 -13.88
C GLU B 406 17.56 -34.85 -14.21
N PRO B 407 17.55 -33.52 -14.35
CA PRO B 407 18.80 -32.83 -14.69
C PRO B 407 19.84 -32.81 -13.58
N PHE B 408 19.45 -33.06 -12.34
CA PHE B 408 20.36 -32.95 -11.21
C PHE B 408 20.59 -34.25 -10.46
N VAL B 409 19.60 -35.14 -10.40
CA VAL B 409 19.70 -36.39 -9.66
C VAL B 409 19.41 -37.54 -10.61
N TYR B 410 20.45 -38.29 -10.98
CA TYR B 410 20.31 -39.45 -11.85
C TYR B 410 20.24 -40.70 -10.99
N VAL B 411 19.05 -41.29 -10.89
CA VAL B 411 18.82 -42.48 -10.07
C VAL B 411 18.78 -43.70 -10.99
N LYS B 412 19.63 -44.67 -10.72
CA LYS B 412 19.69 -45.91 -11.47
C LYS B 412 19.72 -47.10 -10.52
N PRO B 413 19.15 -48.23 -10.92
CA PRO B 413 19.18 -49.41 -10.06
C PRO B 413 20.60 -49.95 -9.87
N THR B 414 20.82 -50.54 -8.70
CA THR B 414 22.11 -51.11 -8.37
C THR B 414 22.20 -52.56 -8.85
N LEU B 415 23.43 -53.06 -8.92
CA LEU B 415 23.68 -54.44 -9.34
C LEU B 415 23.59 -55.37 -8.14
N SER B 416 23.92 -56.65 -8.38
CA SER B 416 23.87 -57.64 -7.31
C SER B 416 24.99 -57.48 -6.30
N ASP B 417 26.07 -56.78 -6.66
CA ASP B 417 27.18 -56.58 -5.75
C ASP B 417 26.98 -55.40 -4.81
N GLY B 418 25.89 -54.65 -4.96
CA GLY B 418 25.61 -53.50 -4.13
C GLY B 418 26.15 -52.19 -4.65
N THR B 419 26.91 -52.20 -5.74
CA THR B 419 27.48 -51.01 -6.33
C THR B 419 27.02 -50.86 -7.77
N CYS B 420 26.72 -49.63 -8.16
CA CYS B 420 26.29 -49.32 -9.51
C CYS B 420 27.50 -49.30 -10.45
N LYS B 421 27.22 -49.39 -11.75
CA LYS B 421 28.28 -49.38 -12.75
C LYS B 421 28.98 -48.02 -12.76
N GLU B 422 30.26 -48.04 -13.13
CA GLU B 422 31.10 -46.85 -13.14
C GLU B 422 31.26 -46.35 -14.57
N GLU B 423 30.92 -45.08 -14.79
CA GLU B 423 31.06 -44.43 -16.09
C GLU B 423 31.98 -43.22 -15.95
N PHE B 424 32.21 -42.54 -17.08
CA PHE B 424 33.07 -41.38 -17.11
C PHE B 424 32.40 -40.28 -17.92
N THR B 425 32.77 -39.04 -17.62
CA THR B 425 32.21 -37.87 -18.29
C THR B 425 32.87 -37.72 -19.67
N VAL B 426 32.54 -36.63 -20.37
CA VAL B 426 33.10 -36.40 -21.69
C VAL B 426 34.60 -36.13 -21.60
N ASN B 427 35.08 -35.60 -20.48
CA ASN B 427 36.49 -35.31 -20.28
C ASN B 427 37.26 -36.49 -19.71
N GLY B 428 36.59 -37.62 -19.46
CA GLY B 428 37.24 -38.79 -18.91
C GLY B 428 37.42 -38.79 -17.41
N ASP B 429 36.98 -37.74 -16.72
CA ASP B 429 37.12 -37.70 -15.28
C ASP B 429 36.17 -38.71 -14.63
N PRO B 430 36.58 -39.32 -13.52
CA PRO B 430 35.71 -40.29 -12.83
C PRO B 430 34.52 -39.59 -12.20
N VAL B 431 33.32 -40.03 -12.57
CA VAL B 431 32.09 -39.43 -12.03
C VAL B 431 31.79 -40.07 -10.68
N LYS B 432 31.68 -39.23 -9.66
CA LYS B 432 31.38 -39.73 -8.32
C LYS B 432 29.94 -40.23 -8.25
N LYS B 433 29.73 -41.27 -7.45
CA LYS B 433 28.41 -41.83 -7.23
C LYS B 433 28.22 -42.13 -5.75
N VAL B 434 26.99 -41.99 -5.28
CA VAL B 434 26.65 -42.17 -3.88
C VAL B 434 25.54 -43.21 -3.77
N ILE B 435 25.71 -44.15 -2.83
CA ILE B 435 24.67 -45.15 -2.60
C ILE B 435 23.41 -44.46 -2.11
N CYS B 436 22.28 -44.81 -2.74
CA CYS B 436 21.01 -44.15 -2.48
C CYS B 436 20.04 -45.11 -1.80
N THR B 437 19.24 -44.58 -0.88
CA THR B 437 18.23 -45.35 -0.15
C THR B 437 16.87 -44.73 -0.40
N GLY B 438 15.89 -45.57 -0.75
CA GLY B 438 14.55 -45.11 -1.01
C GLY B 438 13.61 -46.22 -1.40
N PRO B 439 12.34 -45.88 -1.64
CA PRO B 439 11.37 -46.90 -2.03
C PRO B 439 11.69 -47.48 -3.41
N ASN B 440 11.32 -48.75 -3.59
CA ASN B 440 11.55 -49.41 -4.86
C ASN B 440 10.59 -48.93 -5.94
N ASP B 441 9.33 -48.73 -5.58
CA ASP B 441 8.30 -48.29 -6.52
C ASP B 441 7.64 -47.02 -5.99
N THR B 442 7.52 -46.02 -6.86
CA THR B 442 6.91 -44.75 -6.48
C THR B 442 5.39 -44.74 -6.63
N SER B 443 4.81 -45.79 -7.20
CA SER B 443 3.37 -45.84 -7.39
C SER B 443 2.67 -46.00 -6.04
N PRO B 444 1.64 -45.21 -5.75
CA PRO B 444 0.92 -45.37 -4.48
C PRO B 444 0.15 -46.68 -4.44
N GLY B 445 -0.07 -47.16 -3.22
CA GLY B 445 -0.78 -48.42 -3.02
C GLY B 445 -0.03 -49.63 -3.54
N SER B 446 1.28 -49.68 -3.30
CA SER B 446 2.15 -50.74 -3.77
C SER B 446 3.02 -51.22 -2.62
N PRO B 447 3.52 -52.47 -2.70
CA PRO B 447 4.40 -52.96 -1.62
C PRO B 447 5.77 -52.30 -1.65
N ARG B 448 5.86 -51.10 -1.05
CA ARG B 448 7.10 -50.35 -1.05
C ARG B 448 8.20 -51.13 -0.34
N HIS B 449 9.38 -51.18 -0.97
CA HIS B 449 10.56 -51.83 -0.40
C HIS B 449 11.70 -50.84 -0.40
N THR B 450 12.46 -50.79 0.70
CA THR B 450 13.57 -49.86 0.85
C THR B 450 14.86 -50.49 0.29
N VAL B 451 14.81 -50.83 -0.99
CA VAL B 451 15.96 -51.38 -1.69
C VAL B 451 16.99 -50.28 -1.89
N PRO B 452 18.28 -50.59 -1.98
CA PRO B 452 19.29 -49.54 -2.19
C PRO B 452 19.32 -49.10 -3.65
N GLN B 453 19.13 -47.80 -3.86
CA GLN B 453 19.22 -47.20 -5.19
C GLN B 453 20.62 -46.63 -5.39
N CYS B 454 20.79 -45.88 -6.48
CA CYS B 454 22.08 -45.25 -6.78
C CYS B 454 21.81 -43.92 -7.47
N CYS B 455 21.83 -42.84 -6.69
CA CYS B 455 21.57 -41.50 -7.19
C CYS B 455 22.88 -40.73 -7.28
N TYR B 456 23.08 -40.03 -8.39
CA TYR B 456 24.27 -39.23 -8.60
C TYR B 456 23.93 -38.03 -9.47
N GLY B 457 24.78 -37.00 -9.38
CA GLY B 457 24.57 -35.81 -10.18
C GLY B 457 25.23 -34.56 -9.64
N PHE B 458 24.63 -33.40 -9.91
CA PHE B 458 25.21 -32.12 -9.52
C PHE B 458 25.20 -31.95 -8.00
N CYS B 459 24.11 -32.32 -7.34
CA CYS B 459 23.99 -32.10 -5.90
C CYS B 459 25.00 -32.93 -5.11
N ILE B 460 25.21 -34.18 -5.53
CA ILE B 460 26.12 -35.05 -4.76
C ILE B 460 27.55 -34.53 -4.84
N ASP B 461 27.91 -33.83 -5.92
CA ASP B 461 29.26 -33.29 -6.02
C ASP B 461 29.53 -32.24 -4.94
N LEU B 462 28.63 -31.27 -4.81
CA LEU B 462 28.78 -30.28 -3.75
C LEU B 462 28.60 -30.91 -2.36
N LEU B 463 27.78 -31.95 -2.26
CA LEU B 463 27.65 -32.66 -0.99
C LEU B 463 28.98 -33.30 -0.58
N ILE B 464 29.67 -33.93 -1.54
CA ILE B 464 30.97 -34.52 -1.26
C ILE B 464 32.00 -33.44 -0.95
N LYS B 465 31.91 -32.30 -1.62
CA LYS B 465 32.80 -31.18 -1.32
C LYS B 465 32.61 -30.72 0.12
N LEU B 466 31.36 -30.57 0.55
CA LEU B 466 31.09 -30.20 1.93
C LEU B 466 31.59 -31.26 2.90
N ALA B 467 31.39 -32.53 2.56
CA ALA B 467 31.85 -33.61 3.42
C ALA B 467 33.37 -33.60 3.60
N ARG B 468 34.10 -33.38 2.51
CA ARG B 468 35.55 -33.36 2.60
C ARG B 468 36.09 -32.06 3.17
N THR B 469 35.31 -30.99 3.18
CA THR B 469 35.79 -29.74 3.75
C THR B 469 35.50 -29.62 5.24
N MET B 470 34.26 -29.82 5.66
CA MET B 470 33.87 -29.60 7.05
C MET B 470 33.41 -30.89 7.73
N ASN B 471 33.94 -32.04 7.29
CA ASN B 471 33.78 -33.32 7.98
C ASN B 471 32.31 -33.67 8.17
N PHE B 472 31.64 -33.91 7.04
CA PHE B 472 30.25 -34.34 7.02
C PHE B 472 30.17 -35.80 6.61
N THR B 473 29.31 -36.56 7.30
CA THR B 473 29.03 -37.95 6.94
C THR B 473 27.62 -37.97 6.35
N TYR B 474 27.56 -37.88 5.02
CA TYR B 474 26.28 -37.76 4.32
C TYR B 474 25.68 -39.12 4.03
N GLU B 475 24.36 -39.23 4.21
CA GLU B 475 23.60 -40.43 3.87
C GLU B 475 22.34 -39.96 3.15
N VAL B 476 22.36 -40.03 1.81
CA VAL B 476 21.24 -39.53 1.02
C VAL B 476 20.05 -40.46 1.15
N HIS B 477 18.85 -39.89 1.17
CA HIS B 477 17.61 -40.63 1.25
C HIS B 477 16.61 -40.05 0.26
N LEU B 478 15.68 -40.90 -0.16
CA LEU B 478 14.63 -40.49 -1.09
C LEU B 478 13.34 -40.20 -0.33
N VAL B 479 12.32 -39.80 -1.07
CA VAL B 479 11.00 -39.50 -0.52
C VAL B 479 9.98 -40.41 -1.17
N ALA B 480 9.14 -41.05 -0.35
CA ALA B 480 8.17 -42.01 -0.86
C ALA B 480 7.15 -41.33 -1.76
N ASP B 481 6.65 -40.17 -1.35
CA ASP B 481 5.62 -39.47 -2.12
C ASP B 481 6.20 -38.65 -3.28
N GLY B 482 7.50 -38.40 -3.29
CA GLY B 482 8.11 -37.63 -4.37
C GLY B 482 7.62 -36.21 -4.46
N LYS B 483 7.45 -35.54 -3.32
CA LYS B 483 6.97 -34.17 -3.28
C LYS B 483 7.88 -33.34 -2.37
N PHE B 484 8.03 -32.06 -2.71
CA PHE B 484 8.81 -31.16 -1.89
C PHE B 484 8.20 -30.99 -0.50
N GLY B 485 6.87 -30.85 -0.43
CA GLY B 485 6.19 -30.73 0.84
C GLY B 485 5.75 -29.33 1.18
N THR B 486 4.44 -29.11 1.21
CA THR B 486 3.86 -27.82 1.59
C THR B 486 2.69 -28.09 2.52
N GLN B 487 1.92 -27.05 2.84
CA GLN B 487 0.75 -27.21 3.69
C GLN B 487 -0.34 -27.97 2.94
N GLU B 488 -0.95 -28.94 3.61
CA GLU B 488 -1.98 -29.78 3.01
C GLU B 488 -3.17 -29.87 3.95
N ARG B 489 -4.34 -30.14 3.36
CA ARG B 489 -5.58 -30.26 4.10
C ARG B 489 -5.99 -31.73 4.16
N VAL B 490 -6.10 -32.26 5.38
CA VAL B 490 -6.47 -33.66 5.61
C VAL B 490 -7.55 -33.73 6.68
N ASN B 491 -7.85 -34.94 7.15
CA ASN B 491 -8.76 -35.11 8.28
C ASN B 491 -8.24 -34.32 9.48
N ASN B 492 -9.16 -33.67 10.19
CA ASN B 492 -8.81 -32.72 11.24
C ASN B 492 -7.93 -31.61 10.69
N SER B 493 -8.53 -30.84 9.77
CA SER B 493 -7.80 -29.85 9.00
C SER B 493 -7.25 -28.71 9.85
N ASN B 494 -7.63 -28.62 11.11
CA ASN B 494 -7.06 -27.63 12.02
C ASN B 494 -5.58 -27.86 12.30
N LYS B 495 -5.06 -29.04 11.95
CA LYS B 495 -3.66 -29.38 12.12
C LYS B 495 -2.93 -29.13 10.80
N LYS B 496 -2.19 -28.02 10.74
CA LYS B 496 -1.40 -27.66 9.57
C LYS B 496 -0.01 -28.25 9.74
N GLU B 497 0.22 -29.40 9.12
CA GLU B 497 1.50 -30.09 9.20
C GLU B 497 2.08 -30.25 7.80
N TRP B 498 3.40 -30.06 7.71
CA TRP B 498 4.09 -30.19 6.44
C TRP B 498 4.29 -31.67 6.09
N ASN B 499 4.07 -31.99 4.82
CA ASN B 499 4.26 -33.34 4.32
C ASN B 499 5.57 -33.40 3.54
N GLY B 500 5.82 -34.55 2.91
CA GLY B 500 6.94 -34.70 2.00
C GLY B 500 8.29 -34.47 2.66
N MET B 501 9.22 -33.95 1.85
CA MET B 501 10.59 -33.74 2.31
C MET B 501 10.64 -32.67 3.40
N MET B 502 9.84 -31.60 3.27
CA MET B 502 9.82 -30.56 4.29
C MET B 502 9.34 -31.11 5.63
N GLY B 503 8.28 -31.92 5.61
CA GLY B 503 7.81 -32.53 6.83
C GLY B 503 8.79 -33.52 7.42
N GLU B 504 9.50 -34.27 6.56
CA GLU B 504 10.53 -35.17 7.04
C GLU B 504 11.66 -34.41 7.72
N LEU B 505 12.06 -33.28 7.14
CA LEU B 505 13.07 -32.43 7.77
C LEU B 505 12.57 -31.88 9.11
N LEU B 506 11.32 -31.43 9.17
CA LEU B 506 10.79 -30.87 10.40
C LEU B 506 10.61 -31.94 11.48
N SER B 507 10.42 -33.19 11.08
CA SER B 507 10.20 -34.28 12.03
C SER B 507 11.50 -34.86 12.58
N GLY B 508 12.66 -34.35 12.14
CA GLY B 508 13.94 -34.87 12.58
C GLY B 508 14.51 -35.98 11.73
N GLN B 509 13.79 -36.42 10.69
CA GLN B 509 14.30 -37.47 9.82
C GLN B 509 15.40 -36.95 8.89
N ALA B 510 15.61 -35.65 8.84
CA ALA B 510 16.64 -35.05 7.99
C ALA B 510 17.32 -33.92 8.73
N ASP B 511 18.55 -33.62 8.32
CA ASP B 511 19.32 -32.53 8.90
C ASP B 511 19.79 -31.51 7.88
N MET B 512 19.94 -31.89 6.62
CA MET B 512 20.36 -30.96 5.58
C MET B 512 19.80 -31.45 4.25
N ILE B 513 19.34 -30.50 3.43
CA ILE B 513 18.73 -30.80 2.14
C ILE B 513 19.62 -30.22 1.05
N VAL B 514 20.21 -31.11 0.23
CA VAL B 514 20.99 -30.68 -0.92
C VAL B 514 20.25 -31.10 -2.19
N ALA B 515 19.41 -30.21 -2.69
CA ALA B 515 18.56 -30.49 -3.84
C ALA B 515 17.98 -29.16 -4.33
N PRO B 516 17.50 -29.11 -5.59
CA PRO B 516 16.88 -27.88 -6.07
C PRO B 516 15.57 -27.59 -5.37
N LEU B 517 15.56 -26.57 -4.50
CA LEU B 517 14.40 -26.21 -3.71
C LEU B 517 14.18 -24.71 -3.84
N THR B 518 13.04 -24.33 -4.41
CA THR B 518 12.73 -22.92 -4.59
C THR B 518 12.49 -22.25 -3.24
N ILE B 519 13.07 -21.07 -3.05
CA ILE B 519 12.93 -20.34 -1.80
C ILE B 519 11.56 -19.67 -1.77
N ASN B 520 10.81 -19.89 -0.69
CA ASN B 520 9.48 -19.32 -0.52
C ASN B 520 9.34 -18.75 0.88
N ASN B 521 8.43 -17.79 1.02
CA ASN B 521 8.21 -17.16 2.32
C ASN B 521 7.69 -18.18 3.34
N GLU B 522 6.74 -19.02 2.92
CA GLU B 522 6.19 -20.01 3.84
C GLU B 522 7.25 -21.00 4.29
N ARG B 523 8.11 -21.43 3.37
CA ARG B 523 9.21 -22.32 3.74
C ARG B 523 10.20 -21.64 4.67
N ALA B 524 10.48 -20.35 4.42
CA ALA B 524 11.44 -19.63 5.26
C ALA B 524 10.88 -19.35 6.65
N GLN B 525 9.55 -19.27 6.78
CA GLN B 525 8.95 -19.04 8.09
C GLN B 525 9.20 -20.20 9.05
N TYR B 526 9.51 -21.39 8.55
CA TYR B 526 9.77 -22.54 9.39
C TYR B 526 11.16 -23.14 9.20
N ILE B 527 11.72 -23.06 7.99
CA ILE B 527 13.04 -23.60 7.71
C ILE B 527 13.89 -22.50 7.07
N GLU B 528 14.97 -22.11 7.74
CA GLU B 528 15.85 -21.09 7.20
C GLU B 528 16.68 -21.67 6.05
N PHE B 529 16.92 -20.84 5.04
CA PHE B 529 17.67 -21.24 3.85
C PHE B 529 19.01 -20.53 3.81
N SER B 530 19.87 -21.00 2.92
CA SER B 530 21.20 -20.45 2.72
C SER B 530 21.24 -19.65 1.43
N LYS B 531 22.44 -19.18 1.09
CA LYS B 531 22.60 -18.38 -0.12
C LYS B 531 22.34 -19.23 -1.35
N PRO B 532 21.57 -18.72 -2.33
CA PRO B 532 21.26 -19.52 -3.52
C PRO B 532 22.49 -19.78 -4.37
N PHE B 533 22.50 -20.94 -5.02
CA PHE B 533 23.56 -21.27 -5.97
C PHE B 533 23.51 -20.35 -7.18
N LYS B 534 22.31 -20.19 -7.76
CA LYS B 534 22.11 -19.34 -8.91
C LYS B 534 20.64 -18.96 -8.98
N TYR B 535 20.34 -17.92 -9.75
CA TYR B 535 18.99 -17.43 -9.92
C TYR B 535 18.39 -18.00 -11.21
N GLN B 536 17.19 -18.56 -11.09
CA GLN B 536 16.51 -19.16 -12.24
C GLN B 536 15.03 -19.27 -11.92
N GLY B 537 14.19 -18.72 -12.80
CA GLY B 537 12.77 -18.77 -12.62
C GLY B 537 12.15 -20.04 -13.20
N LEU B 538 10.86 -19.96 -13.47
CA LEU B 538 10.11 -21.06 -14.04
C LEU B 538 9.51 -20.65 -15.38
N THR B 539 9.59 -21.55 -16.36
CA THR B 539 9.07 -21.32 -17.69
C THR B 539 8.01 -22.36 -18.03
N ILE B 540 7.57 -22.36 -19.28
CA ILE B 540 6.53 -23.27 -19.76
C ILE B 540 7.15 -24.20 -20.79
N LEU B 541 6.89 -25.49 -20.65
CA LEU B 541 7.40 -26.51 -21.56
C LEU B 541 6.28 -26.99 -22.47
N VAL B 542 6.52 -26.94 -23.77
CA VAL B 542 5.56 -27.37 -24.78
C VAL B 542 6.29 -28.20 -25.83
N LYS B 543 5.68 -29.31 -26.24
CA LYS B 543 6.29 -30.17 -27.24
C LYS B 543 6.42 -29.43 -28.57
N LYS B 544 7.59 -29.56 -29.20
CA LYS B 544 7.87 -28.91 -30.47
C LYS B 544 7.44 -29.82 -31.62
N GLU B 545 6.62 -29.28 -32.52
CA GLU B 545 6.15 -30.01 -33.69
C GLU B 545 6.68 -29.33 -34.95
N ILE B 546 7.02 -30.15 -35.93
CA ILE B 546 7.53 -29.67 -37.22
C ILE B 546 6.38 -29.71 -38.22
N PRO B 547 5.94 -28.58 -38.77
CA PRO B 547 4.84 -28.60 -39.73
C PRO B 547 5.23 -29.31 -41.02
N ARG B 548 4.22 -29.91 -41.65
CA ARG B 548 4.43 -30.63 -42.90
C ARG B 548 3.54 -30.15 -44.04
N SER B 549 2.63 -29.20 -43.81
CA SER B 549 1.73 -28.68 -44.84
C SER B 549 0.93 -29.79 -45.52
N PHE B 554 5.63 -27.66 -51.23
CA PHE B 554 4.36 -28.36 -51.43
C PHE B 554 3.21 -27.38 -51.61
N MET B 555 2.83 -27.14 -52.86
CA MET B 555 1.75 -26.22 -53.19
C MET B 555 0.59 -26.89 -53.90
N GLN B 556 0.69 -28.17 -54.22
CA GLN B 556 -0.40 -28.86 -54.91
C GLN B 556 -1.70 -28.89 -54.09
N PRO B 557 -1.70 -29.24 -52.80
CA PRO B 557 -2.97 -29.27 -52.06
C PRO B 557 -3.54 -27.91 -51.73
N PHE B 558 -2.83 -26.81 -52.00
CA PHE B 558 -3.34 -25.49 -51.68
C PHE B 558 -4.60 -25.18 -52.51
N GLN B 559 -4.51 -25.34 -53.82
CA GLN B 559 -5.64 -25.12 -54.70
C GLN B 559 -5.65 -26.17 -55.80
N SER B 560 -6.86 -26.52 -56.25
CA SER B 560 -7.03 -27.45 -57.36
C SER B 560 -7.98 -26.84 -58.39
N THR B 561 -8.92 -26.01 -57.93
CA THR B 561 -9.84 -25.35 -58.84
C THR B 561 -9.10 -24.42 -59.80
N LEU B 562 -8.11 -23.68 -59.30
CA LEU B 562 -7.33 -22.81 -60.17
C LEU B 562 -6.56 -23.62 -61.20
N TRP B 563 -6.00 -24.77 -60.79
CA TRP B 563 -5.30 -25.62 -61.73
C TRP B 563 -6.22 -26.15 -62.82
N LEU B 564 -7.42 -26.58 -62.44
CA LEU B 564 -8.38 -27.05 -63.44
C LEU B 564 -8.78 -25.91 -64.38
N LEU B 565 -9.02 -24.72 -63.83
CA LEU B 565 -9.41 -23.59 -64.65
C LEU B 565 -8.33 -23.22 -65.65
N VAL B 566 -7.07 -23.17 -65.21
CA VAL B 566 -5.99 -22.82 -66.13
C VAL B 566 -5.78 -23.92 -67.16
N GLY B 567 -5.94 -25.18 -66.75
CA GLY B 567 -5.77 -26.29 -67.68
C GLY B 567 -6.81 -26.30 -68.78
N LEU B 568 -8.06 -25.93 -68.44
CA LEU B 568 -9.07 -25.82 -69.49
C LEU B 568 -8.88 -24.55 -70.30
N SER B 569 -8.45 -23.46 -69.65
CA SER B 569 -8.32 -22.18 -70.33
C SER B 569 -7.23 -22.21 -71.39
N VAL B 570 -6.09 -22.85 -71.09
CA VAL B 570 -5.02 -22.90 -72.08
C VAL B 570 -5.49 -23.62 -73.34
N HIS B 571 -6.18 -24.75 -73.17
CA HIS B 571 -6.66 -25.50 -74.31
C HIS B 571 -7.68 -24.71 -75.11
N VAL B 572 -8.64 -24.07 -74.43
CA VAL B 572 -9.70 -23.39 -75.16
C VAL B 572 -9.14 -22.17 -75.89
N VAL B 573 -8.25 -21.40 -75.25
CA VAL B 573 -7.69 -20.24 -75.93
C VAL B 573 -6.80 -20.68 -77.09
N ALA B 574 -6.04 -21.77 -76.91
CA ALA B 574 -5.20 -22.24 -78.00
C ALA B 574 -6.03 -22.65 -79.21
N VAL B 575 -7.09 -23.43 -78.98
CA VAL B 575 -7.89 -23.90 -80.11
C VAL B 575 -8.63 -22.74 -80.77
N MET B 576 -9.17 -21.81 -79.98
CA MET B 576 -9.91 -20.69 -80.58
C MET B 576 -8.98 -19.77 -81.35
N LEU B 577 -7.77 -19.51 -80.84
CA LEU B 577 -6.84 -18.65 -81.54
C LEU B 577 -6.28 -19.32 -82.79
N TYR B 578 -6.06 -20.64 -82.75
CA TYR B 578 -5.64 -21.34 -83.96
C TYR B 578 -6.74 -21.32 -85.01
N LEU B 579 -8.00 -21.48 -84.60
CA LEU B 579 -9.11 -21.39 -85.54
C LEU B 579 -9.20 -19.99 -86.14
N LEU B 580 -9.01 -18.95 -85.31
CA LEU B 580 -9.02 -17.59 -85.82
C LEU B 580 -7.89 -17.35 -86.81
N ASP B 581 -6.70 -17.86 -86.51
CA ASP B 581 -5.56 -17.70 -87.42
C ASP B 581 -5.81 -18.42 -88.74
N ARG B 582 -6.38 -19.63 -88.68
CA ARG B 582 -6.71 -20.35 -89.90
C ARG B 582 -7.75 -19.60 -90.72
N PHE B 583 -8.76 -19.04 -90.04
CA PHE B 583 -9.77 -18.25 -90.76
C PHE B 583 -9.16 -17.02 -91.41
N SER B 584 -8.28 -16.33 -90.71
CA SER B 584 -7.63 -15.14 -91.25
C SER B 584 -6.22 -14.96 -90.68
N LEU B 603 -4.78 -28.73 -82.53
CA LEU B 603 -4.36 -30.10 -82.83
C LEU B 603 -3.05 -30.43 -82.11
N SER B 604 -2.36 -31.46 -82.60
CA SER B 604 -1.09 -31.85 -82.01
C SER B 604 -0.06 -30.76 -82.13
N SER B 605 0.03 -30.13 -83.31
CA SER B 605 0.97 -29.02 -83.48
C SER B 605 0.61 -27.85 -82.59
N ALA B 606 -0.68 -27.55 -82.46
CA ALA B 606 -1.12 -26.44 -81.62
C ALA B 606 -0.76 -26.69 -80.15
N MET B 607 -1.02 -27.90 -79.66
CA MET B 607 -0.71 -28.20 -78.27
C MET B 607 0.79 -28.25 -78.02
N TRP B 608 1.56 -28.74 -79.01
CA TRP B 608 3.02 -28.70 -78.88
C TRP B 608 3.54 -27.27 -78.81
N PHE B 609 3.00 -26.38 -79.66
CA PHE B 609 3.41 -24.99 -79.62
C PHE B 609 3.03 -24.33 -78.29
N SER B 610 1.83 -24.63 -77.79
CA SER B 610 1.40 -24.07 -76.50
C SER B 610 2.31 -24.55 -75.37
N TRP B 611 2.65 -25.84 -75.36
CA TRP B 611 3.54 -26.36 -74.33
C TRP B 611 4.94 -25.75 -74.44
N GLY B 612 5.43 -25.57 -75.67
CA GLY B 612 6.73 -24.94 -75.84
C GLY B 612 6.75 -23.50 -75.36
N VAL B 613 5.68 -22.75 -75.64
CA VAL B 613 5.61 -21.38 -75.16
C VAL B 613 5.49 -21.34 -73.64
N LEU B 614 4.76 -22.29 -73.06
CA LEU B 614 4.67 -22.37 -71.61
C LEU B 614 6.03 -22.65 -70.99
N LEU B 615 6.81 -23.55 -71.61
CA LEU B 615 8.17 -23.80 -71.15
C LEU B 615 9.02 -22.54 -71.25
N ASN B 616 9.23 -22.05 -72.46
CA ASN B 616 9.97 -20.82 -72.70
C ASN B 616 9.17 -19.96 -73.66
N SER B 617 9.00 -18.68 -73.31
CA SER B 617 8.22 -17.79 -74.16
C SER B 617 8.85 -17.59 -75.54
N GLY B 618 10.16 -17.72 -75.65
CA GLY B 618 10.83 -17.61 -76.92
C GLY B 618 10.42 -18.70 -77.90
N ILE B 619 10.16 -18.32 -79.15
CA ILE B 619 9.76 -19.29 -80.16
C ILE B 619 10.97 -20.11 -80.58
N GLY B 620 10.82 -21.44 -80.54
CA GLY B 620 11.90 -22.34 -80.91
C GLY B 620 11.42 -23.73 -81.27
N SER B 626 -2.40 -12.36 -89.26
CA SER B 626 -1.04 -11.86 -89.07
C SER B 626 -0.90 -11.13 -87.75
N PHE B 627 -1.83 -10.20 -87.49
CA PHE B 627 -1.80 -9.43 -86.26
C PHE B 627 -2.21 -10.25 -85.05
N SER B 628 -2.83 -11.42 -85.26
CA SER B 628 -3.27 -12.25 -84.14
C SER B 628 -2.09 -12.83 -83.37
N ALA B 629 -1.00 -13.14 -84.06
CA ALA B 629 0.15 -13.76 -83.39
C ALA B 629 0.75 -12.82 -82.35
N ARG B 630 0.88 -11.54 -82.68
CA ARG B 630 1.50 -10.59 -81.75
C ARG B 630 0.68 -10.46 -80.47
N ILE B 631 -0.63 -10.22 -80.61
CA ILE B 631 -1.48 -10.05 -79.44
C ILE B 631 -1.58 -11.34 -78.66
N LEU B 632 -1.61 -12.49 -79.35
CA LEU B 632 -1.60 -13.77 -78.66
C LEU B 632 -0.35 -13.92 -77.81
N GLY B 633 0.82 -13.64 -78.38
CA GLY B 633 2.04 -13.72 -77.61
C GLY B 633 2.06 -12.78 -76.42
N MET B 634 1.61 -11.55 -76.63
CA MET B 634 1.60 -10.57 -75.54
C MET B 634 0.70 -11.03 -74.40
N VAL B 635 -0.54 -11.44 -74.72
CA VAL B 635 -1.47 -11.82 -73.67
C VAL B 635 -1.02 -13.10 -72.98
N TRP B 636 -0.44 -14.05 -73.72
CA TRP B 636 0.00 -15.29 -73.10
C TRP B 636 1.21 -15.04 -72.20
N ALA B 637 2.14 -14.18 -72.62
CA ALA B 637 3.27 -13.84 -71.77
C ALA B 637 2.82 -13.12 -70.52
N GLY B 638 1.86 -12.20 -70.65
CA GLY B 638 1.33 -11.53 -69.48
C GLY B 638 0.65 -12.49 -68.52
N PHE B 639 -0.13 -13.43 -69.07
CA PHE B 639 -0.78 -14.43 -68.23
C PHE B 639 0.24 -15.30 -67.50
N ALA B 640 1.29 -15.73 -68.21
CA ALA B 640 2.33 -16.53 -67.57
C ALA B 640 3.03 -15.74 -66.47
N MET B 641 3.34 -14.47 -66.73
CA MET B 641 4.01 -13.65 -65.73
C MET B 641 3.13 -13.46 -64.49
N ILE B 642 1.85 -13.17 -64.69
CA ILE B 642 1.00 -12.91 -63.53
C ILE B 642 0.78 -14.20 -62.73
N ILE B 643 0.62 -15.34 -63.41
CA ILE B 643 0.38 -16.58 -62.66
C ILE B 643 1.65 -17.00 -61.92
N VAL B 644 2.83 -16.84 -62.54
CA VAL B 644 4.05 -17.23 -61.85
C VAL B 644 4.33 -16.28 -60.68
N ALA B 645 4.02 -15.00 -60.85
CA ALA B 645 4.20 -14.05 -59.75
C ALA B 645 3.27 -14.38 -58.59
N SER B 646 2.01 -14.71 -58.89
CA SER B 646 1.07 -15.09 -57.85
C SER B 646 1.52 -16.37 -57.15
N TYR B 647 2.00 -17.35 -57.91
CA TYR B 647 2.47 -18.60 -57.32
C TYR B 647 3.66 -18.36 -56.39
N THR B 648 4.62 -17.55 -56.83
CA THR B 648 5.78 -17.26 -56.00
C THR B 648 5.38 -16.49 -54.75
N ALA B 649 4.47 -15.52 -54.89
CA ALA B 649 4.00 -14.76 -53.73
C ALA B 649 3.29 -15.66 -52.73
N ASN B 650 2.44 -16.56 -53.21
CA ASN B 650 1.74 -17.48 -52.31
C ASN B 650 2.73 -18.41 -51.61
N LEU B 651 3.72 -18.93 -52.34
CA LEU B 651 4.71 -19.80 -51.72
C LEU B 651 5.50 -19.06 -50.64
N ALA B 652 5.95 -17.83 -50.94
CA ALA B 652 6.70 -17.07 -49.97
C ALA B 652 5.86 -16.73 -48.75
N ALA B 653 4.60 -16.34 -48.95
CA ALA B 653 3.74 -15.99 -47.83
C ALA B 653 3.47 -17.20 -46.95
N PHE B 654 3.17 -18.35 -47.56
CA PHE B 654 2.89 -19.55 -46.78
C PHE B 654 4.13 -20.14 -46.13
N LEU B 655 5.32 -19.84 -46.65
CA LEU B 655 6.55 -20.28 -46.01
C LEU B 655 6.98 -19.37 -44.87
N VAL B 656 6.75 -18.06 -45.00
CA VAL B 656 7.09 -17.14 -43.90
C VAL B 656 6.00 -17.05 -42.84
N LEU B 657 4.80 -17.55 -43.13
CA LEU B 657 3.69 -17.55 -42.19
C LEU B 657 3.22 -18.96 -41.90
N ASP B 658 4.17 -19.87 -41.69
CA ASP B 658 3.84 -21.25 -41.37
C ASP B 658 3.46 -21.37 -39.90
N ARG B 659 3.31 -22.61 -39.44
CA ARG B 659 2.95 -22.85 -38.05
C ARG B 659 4.08 -22.41 -37.14
N PRO B 660 3.83 -21.51 -36.19
CA PRO B 660 4.91 -21.03 -35.32
C PRO B 660 5.02 -21.82 -34.03
N GLU B 661 6.26 -21.98 -33.56
CA GLU B 661 6.51 -22.66 -32.30
C GLU B 661 6.10 -21.83 -31.09
N GLU B 662 5.79 -20.55 -31.28
CA GLU B 662 5.39 -19.68 -30.18
C GLU B 662 4.00 -20.09 -29.68
N ARG B 663 3.95 -20.76 -28.53
CA ARG B 663 2.69 -21.17 -27.93
C ARG B 663 2.36 -20.42 -26.65
N ILE B 664 3.35 -19.78 -26.02
CA ILE B 664 3.11 -19.00 -24.81
C ILE B 664 4.26 -18.00 -24.68
N THR B 665 3.99 -16.88 -24.01
CA THR B 665 5.00 -15.86 -23.78
C THR B 665 5.22 -15.54 -22.31
N GLY B 666 4.34 -15.97 -21.43
CA GLY B 666 4.49 -15.70 -20.01
C GLY B 666 3.17 -15.86 -19.29
N ILE B 667 3.14 -15.33 -18.06
CA ILE B 667 1.94 -15.39 -17.24
C ILE B 667 0.82 -14.54 -17.84
N ASN B 668 1.15 -13.48 -18.56
CA ASN B 668 0.15 -12.57 -19.13
C ASN B 668 -0.31 -13.01 -20.52
N ASP B 669 0.14 -14.15 -21.00
CA ASP B 669 -0.28 -14.63 -22.31
C ASP B 669 -1.77 -14.98 -22.27
N PRO B 670 -2.59 -14.49 -23.21
CA PRO B 670 -4.01 -14.81 -23.18
C PRO B 670 -4.32 -16.29 -23.30
N ARG B 671 -3.52 -17.04 -24.07
CA ARG B 671 -3.77 -18.47 -24.22
C ARG B 671 -3.60 -19.22 -22.90
N LEU B 672 -2.72 -18.74 -22.03
CA LEU B 672 -2.58 -19.35 -20.71
C LEU B 672 -3.77 -19.05 -19.82
N ARG B 673 -4.41 -17.89 -20.02
CA ARG B 673 -5.48 -17.45 -19.12
C ARG B 673 -6.69 -18.38 -19.20
N ASN B 674 -7.10 -18.79 -20.40
CA ASN B 674 -8.31 -19.58 -20.58
C ASN B 674 -8.06 -21.02 -20.16
N PRO B 675 -8.80 -21.57 -19.19
CA PRO B 675 -8.68 -22.98 -18.81
C PRO B 675 -9.52 -23.91 -19.67
N SER B 676 -9.41 -23.74 -20.99
CA SER B 676 -10.19 -24.54 -21.92
C SER B 676 -9.75 -26.01 -21.87
N ASP B 677 -10.73 -26.91 -22.04
CA ASP B 677 -10.44 -28.33 -22.02
C ASP B 677 -9.63 -28.78 -23.23
N LYS B 678 -9.60 -27.99 -24.31
CA LYS B 678 -8.83 -28.35 -25.48
C LYS B 678 -7.33 -28.37 -25.16
N PHE B 679 -6.85 -27.37 -24.43
CA PHE B 679 -5.45 -27.28 -24.02
C PHE B 679 -5.38 -27.54 -22.52
N ILE B 680 -4.85 -28.71 -22.15
CA ILE B 680 -4.77 -29.14 -20.76
C ILE B 680 -3.33 -28.98 -20.29
N TYR B 681 -3.16 -28.29 -19.16
CA TYR B 681 -1.84 -28.06 -18.59
C TYR B 681 -2.01 -27.83 -17.09
N ALA B 682 -1.08 -28.38 -16.30
CA ALA B 682 -1.14 -28.25 -14.86
C ALA B 682 0.25 -28.49 -14.28
N THR B 683 0.43 -28.04 -13.03
CA THR B 683 1.66 -28.29 -12.32
C THR B 683 1.75 -29.76 -11.90
N VAL B 684 2.98 -30.22 -11.66
CA VAL B 684 3.19 -31.63 -11.32
C VAL B 684 2.67 -31.92 -9.92
N LYS B 685 2.96 -31.06 -8.96
CA LYS B 685 2.63 -31.33 -7.56
C LYS B 685 2.36 -30.00 -6.87
N GLN B 686 2.44 -30.01 -5.54
CA GLN B 686 2.17 -28.85 -4.69
C GLN B 686 3.40 -28.00 -4.45
N SER B 687 4.33 -27.95 -5.41
CA SER B 687 5.58 -27.24 -5.25
C SER B 687 5.36 -25.73 -5.32
N SER B 688 6.48 -24.99 -5.38
CA SER B 688 6.45 -23.54 -5.30
C SER B 688 5.57 -22.90 -6.38
N VAL B 689 5.36 -23.60 -7.50
CA VAL B 689 4.43 -23.10 -8.51
C VAL B 689 3.03 -22.97 -7.94
N ASP B 690 2.62 -23.96 -7.14
CA ASP B 690 1.30 -23.90 -6.50
C ASP B 690 1.22 -22.71 -5.54
N ILE B 691 2.29 -22.46 -4.78
CA ILE B 691 2.29 -21.32 -3.86
C ILE B 691 2.22 -20.01 -4.62
N TYR B 692 2.96 -19.90 -5.73
CA TYR B 692 2.91 -18.68 -6.54
C TYR B 692 1.52 -18.46 -7.12
N PHE B 693 0.88 -19.53 -7.58
CA PHE B 693 -0.49 -19.40 -8.08
C PHE B 693 -1.46 -19.00 -6.98
N ARG B 694 -1.29 -19.54 -5.77
CA ARG B 694 -2.17 -19.21 -4.67
C ARG B 694 -1.96 -17.78 -4.18
N ARG B 695 -0.76 -17.24 -4.36
CA ARG B 695 -0.40 -15.91 -3.85
C ARG B 695 -0.60 -14.83 -4.91
N GLN B 696 -1.60 -14.97 -5.78
CA GLN B 696 -1.92 -13.98 -6.79
C GLN B 696 -3.29 -13.37 -6.51
N VAL B 697 -3.38 -12.05 -6.65
CA VAL B 697 -4.64 -11.35 -6.40
C VAL B 697 -5.69 -11.77 -7.43
N CYS B 698 -5.29 -11.91 -8.69
CA CYS B 698 -6.18 -12.34 -9.75
C CYS B 698 -5.66 -13.66 -10.32
N LEU B 699 -6.26 -14.09 -11.44
CA LEU B 699 -5.98 -15.38 -12.06
C LEU B 699 -6.30 -16.53 -11.12
N SER B 700 -7.33 -16.37 -10.27
CA SER B 700 -7.75 -17.43 -9.38
C SER B 700 -8.49 -18.55 -10.10
N THR B 701 -8.91 -18.34 -11.35
CA THR B 701 -9.59 -19.36 -12.10
C THR B 701 -8.67 -20.50 -12.54
N MET B 702 -7.36 -20.35 -12.36
CA MET B 702 -6.42 -21.39 -12.77
C MET B 702 -6.67 -22.69 -12.00
N TYR B 703 -6.93 -22.58 -10.69
CA TYR B 703 -7.10 -23.78 -9.86
C TYR B 703 -8.31 -24.61 -10.26
N ARG B 704 -9.24 -24.05 -11.04
CA ARG B 704 -10.35 -24.83 -11.55
C ARG B 704 -9.92 -25.82 -12.63
N HIS B 705 -8.68 -25.73 -13.11
CA HIS B 705 -8.18 -26.64 -14.13
C HIS B 705 -6.90 -27.31 -13.69
N MET B 706 -6.07 -26.59 -12.93
CA MET B 706 -4.79 -27.15 -12.49
C MET B 706 -4.99 -28.35 -11.55
N GLU B 707 -5.94 -28.24 -10.62
CA GLU B 707 -6.10 -29.29 -9.61
C GLU B 707 -6.61 -30.59 -10.22
N LYS B 708 -7.34 -30.51 -11.33
CA LYS B 708 -7.91 -31.71 -11.96
C LYS B 708 -6.93 -32.40 -12.91
N HIS B 709 -5.73 -31.87 -13.09
CA HIS B 709 -4.75 -32.47 -13.99
C HIS B 709 -3.37 -32.61 -13.36
N ASN B 710 -3.26 -32.63 -12.04
CA ASN B 710 -1.97 -32.80 -11.39
C ASN B 710 -1.53 -34.25 -11.49
N TYR B 711 -0.29 -34.47 -11.92
CA TYR B 711 0.27 -35.80 -12.06
C TYR B 711 1.02 -36.19 -10.79
N GLU B 712 1.78 -37.28 -10.85
CA GLU B 712 2.49 -37.80 -9.68
C GLU B 712 3.97 -37.46 -9.67
N SER B 713 4.61 -37.30 -10.83
CA SER B 713 6.04 -37.06 -10.88
C SER B 713 6.39 -36.28 -12.13
N ALA B 714 7.55 -35.62 -12.08
CA ALA B 714 8.04 -34.87 -13.23
C ALA B 714 8.35 -35.79 -14.40
N ALA B 715 8.87 -36.99 -14.12
CA ALA B 715 9.11 -37.96 -15.19
C ALA B 715 7.80 -38.36 -15.87
N GLU B 716 6.75 -38.61 -15.07
CA GLU B 716 5.45 -38.92 -15.66
C GLU B 716 4.92 -37.75 -16.48
N ALA B 717 5.10 -36.53 -15.97
CA ALA B 717 4.60 -35.36 -16.68
C ALA B 717 5.31 -35.19 -18.03
N ILE B 718 6.64 -35.33 -18.04
CA ILE B 718 7.36 -35.17 -19.30
C ILE B 718 7.06 -36.32 -20.25
N GLN B 719 6.86 -37.53 -19.73
CA GLN B 719 6.46 -38.64 -20.60
C GLN B 719 5.10 -38.38 -21.23
N ALA B 720 4.15 -37.85 -20.45
CA ALA B 720 2.84 -37.51 -21.01
C ALA B 720 2.95 -36.41 -22.05
N VAL B 721 3.79 -35.40 -21.79
CA VAL B 721 3.99 -34.33 -22.77
C VAL B 721 4.56 -34.89 -24.07
N ARG B 722 5.54 -35.79 -23.95
CA ARG B 722 6.11 -36.43 -25.13
C ARG B 722 5.07 -37.25 -25.87
N ASP B 723 4.17 -37.92 -25.13
CA ASP B 723 3.12 -38.73 -25.71
C ASP B 723 1.90 -37.91 -26.14
N ASN B 724 2.06 -36.60 -26.30
CA ASN B 724 0.98 -35.72 -26.76
C ASN B 724 -0.23 -35.77 -25.83
N LYS B 725 0.01 -35.86 -24.52
CA LYS B 725 -1.09 -35.84 -23.56
C LYS B 725 -1.33 -34.42 -23.04
N LEU B 726 -0.30 -33.78 -22.51
CA LEU B 726 -0.39 -32.42 -22.01
C LEU B 726 0.10 -31.43 -23.06
N HIS B 727 -0.69 -30.38 -23.29
CA HIS B 727 -0.28 -29.36 -24.25
C HIS B 727 0.83 -28.47 -23.70
N ALA B 728 0.91 -28.32 -22.38
CA ALA B 728 1.94 -27.50 -21.77
C ALA B 728 2.23 -28.01 -20.37
N PHE B 729 3.40 -27.65 -19.85
CA PHE B 729 3.82 -28.02 -18.50
C PHE B 729 4.56 -26.85 -17.87
N ILE B 730 4.44 -26.74 -16.55
CA ILE B 730 5.04 -25.64 -15.80
C ILE B 730 6.07 -26.22 -14.84
N TRP B 731 7.30 -25.74 -14.93
CA TRP B 731 8.38 -26.15 -14.04
C TRP B 731 9.51 -25.14 -14.16
N ASP B 732 10.58 -25.38 -13.41
CA ASP B 732 11.71 -24.46 -13.38
C ASP B 732 12.36 -24.34 -14.75
N SER B 733 12.91 -23.15 -15.03
CA SER B 733 13.47 -22.87 -16.35
C SER B 733 14.66 -23.78 -16.65
N ALA B 734 15.52 -24.03 -15.66
CA ALA B 734 16.71 -24.83 -15.89
C ALA B 734 16.36 -26.25 -16.31
N VAL B 735 15.40 -26.86 -15.62
CA VAL B 735 15.03 -28.25 -15.92
C VAL B 735 14.44 -28.35 -17.33
N LEU B 736 13.54 -27.43 -17.67
CA LEU B 736 12.92 -27.45 -18.99
C LEU B 736 13.94 -27.19 -20.09
N GLU B 737 14.87 -26.27 -19.84
CA GLU B 737 15.92 -25.99 -20.82
C GLU B 737 16.82 -27.20 -21.04
N PHE B 738 17.19 -27.89 -19.94
CA PHE B 738 18.01 -29.08 -20.06
C PHE B 738 17.27 -30.18 -20.82
N GLU B 739 15.98 -30.36 -20.52
CA GLU B 739 15.19 -31.38 -21.22
C GLU B 739 15.08 -31.06 -22.71
N ALA B 740 14.87 -29.78 -23.04
CA ALA B 740 14.79 -29.39 -24.45
C ALA B 740 16.12 -29.59 -25.15
N SER B 741 17.23 -29.29 -24.48
CA SER B 741 18.55 -29.50 -25.08
C SER B 741 18.82 -30.98 -25.30
N GLN B 742 18.45 -31.83 -24.35
CA GLN B 742 18.70 -33.26 -24.48
C GLN B 742 17.77 -33.93 -25.48
N LYS B 743 16.52 -33.46 -25.62
CA LYS B 743 15.56 -34.05 -26.54
C LYS B 743 14.99 -32.93 -27.41
N CYS B 744 15.29 -32.99 -28.72
CA CYS B 744 14.91 -31.91 -29.61
C CYS B 744 13.40 -31.86 -29.88
N ASP B 745 12.65 -32.89 -29.49
CA ASP B 745 11.22 -32.89 -29.71
C ASP B 745 10.48 -31.90 -28.82
N LEU B 746 11.14 -31.36 -27.79
CA LEU B 746 10.55 -30.39 -26.89
C LEU B 746 11.18 -29.02 -27.09
N VAL B 747 10.49 -27.99 -26.59
CA VAL B 747 10.96 -26.62 -26.71
C VAL B 747 10.40 -25.83 -25.53
N THR B 748 11.13 -24.79 -25.13
CA THR B 748 10.74 -23.93 -24.02
C THR B 748 10.25 -22.60 -24.55
N THR B 749 9.07 -22.18 -24.08
CA THR B 749 8.46 -20.92 -24.48
C THR B 749 8.26 -20.02 -23.28
N GLY B 750 8.26 -18.72 -23.53
CA GLY B 750 8.15 -17.73 -22.48
C GLY B 750 9.50 -17.22 -22.03
N GLU B 751 9.53 -15.93 -21.69
CA GLU B 751 10.79 -15.31 -21.30
C GLU B 751 11.13 -15.59 -19.84
N LEU B 752 10.29 -15.10 -18.93
CA LEU B 752 10.52 -15.27 -17.50
C LEU B 752 9.33 -14.77 -16.68
N PHE B 753 9.06 -15.42 -15.55
CA PHE B 753 8.04 -14.97 -14.61
C PHE B 753 8.27 -15.66 -13.28
N PHE B 754 8.03 -14.94 -12.19
CA PHE B 754 8.24 -15.44 -10.83
C PHE B 754 9.67 -15.95 -10.65
N ARG B 755 10.63 -15.11 -11.04
CA ARG B 755 12.03 -15.49 -10.96
C ARG B 755 12.46 -15.67 -9.52
N SER B 756 13.18 -16.76 -9.24
CA SER B 756 13.62 -17.09 -7.90
C SER B 756 14.93 -17.86 -8.00
N GLY B 757 15.32 -18.51 -6.89
CA GLY B 757 16.54 -19.28 -6.86
C GLY B 757 16.41 -20.48 -5.95
N PHE B 758 17.43 -21.34 -5.98
CA PHE B 758 17.47 -22.54 -5.17
C PHE B 758 18.11 -22.23 -3.82
N GLY B 759 18.42 -23.27 -3.05
CA GLY B 759 19.06 -23.07 -1.77
C GLY B 759 19.17 -24.38 -1.02
N ILE B 760 19.74 -24.28 0.18
CA ILE B 760 19.90 -25.42 1.08
C ILE B 760 19.14 -25.12 2.37
N GLY B 761 18.29 -26.05 2.78
CA GLY B 761 17.46 -25.88 3.95
C GLY B 761 17.97 -26.64 5.14
N MET B 762 18.17 -25.92 6.25
CA MET B 762 18.58 -26.51 7.51
C MET B 762 17.65 -26.03 8.62
N ARG B 763 17.60 -26.82 9.69
CA ARG B 763 16.78 -26.46 10.84
C ARG B 763 17.34 -25.22 11.53
N LYS B 764 16.45 -24.48 12.20
CA LYS B 764 16.83 -23.21 12.80
C LYS B 764 17.86 -23.36 13.91
N ASP B 765 17.90 -24.51 14.58
CA ASP B 765 18.86 -24.74 15.66
C ASP B 765 20.14 -25.40 15.18
N SER B 766 20.28 -25.64 13.88
CA SER B 766 21.51 -26.23 13.38
C SER B 766 22.64 -25.20 13.36
N PRO B 767 23.78 -25.49 13.97
CA PRO B 767 24.90 -24.55 13.94
C PRO B 767 25.75 -24.60 12.68
N TRP B 768 25.26 -25.23 11.61
CA TRP B 768 25.99 -25.38 10.37
C TRP B 768 25.49 -24.43 9.29
N LYS B 769 25.15 -23.21 9.67
CA LYS B 769 24.64 -22.22 8.72
C LYS B 769 25.78 -21.42 8.09
N GLN B 770 26.55 -20.72 8.91
CA GLN B 770 27.61 -19.87 8.39
C GLN B 770 28.72 -20.70 7.73
N ASN B 771 29.07 -21.84 8.31
CA ASN B 771 30.13 -22.67 7.74
C ASN B 771 29.73 -23.26 6.40
N VAL B 772 28.44 -23.46 6.15
CA VAL B 772 27.98 -23.92 4.85
C VAL B 772 27.85 -22.77 3.85
N SER B 773 27.37 -21.61 4.32
CA SER B 773 27.26 -20.46 3.44
C SER B 773 28.62 -20.00 2.94
N LEU B 774 29.62 -19.97 3.83
CA LEU B 774 30.96 -19.58 3.43
C LEU B 774 31.54 -20.56 2.41
N SER B 775 31.33 -21.86 2.61
CA SER B 775 31.80 -22.85 1.65
C SER B 775 31.11 -22.70 0.31
N ILE B 776 29.80 -22.43 0.32
CA ILE B 776 29.08 -22.24 -0.93
C ILE B 776 29.61 -21.03 -1.67
N LEU B 777 29.84 -19.93 -0.97
CA LEU B 777 30.37 -18.73 -1.61
C LEU B 777 31.80 -18.97 -2.13
N LYS B 778 32.61 -19.71 -1.39
CA LYS B 778 33.96 -20.04 -1.85
C LYS B 778 33.90 -20.86 -3.14
N SER B 779 33.03 -21.87 -3.17
CA SER B 779 32.89 -22.67 -4.38
C SER B 779 32.38 -21.83 -5.55
N HIS B 780 31.46 -20.91 -5.28
CA HIS B 780 30.93 -20.05 -6.34
C HIS B 780 32.01 -19.13 -6.91
N GLU B 781 32.83 -18.55 -6.03
CA GLU B 781 33.85 -17.60 -6.48
C GLU B 781 35.12 -18.27 -6.97
N ASN B 782 35.32 -19.55 -6.71
CA ASN B 782 36.52 -20.26 -7.14
C ASN B 782 36.33 -20.95 -8.49
N GLY B 783 35.20 -20.77 -9.15
CA GLY B 783 34.97 -21.35 -10.45
C GLY B 783 34.44 -22.77 -10.45
N PHE B 784 34.13 -23.34 -9.27
CA PHE B 784 33.58 -24.68 -9.23
C PHE B 784 32.17 -24.72 -9.81
N MET B 785 31.36 -23.70 -9.53
CA MET B 785 29.97 -23.71 -9.99
C MET B 785 29.87 -23.68 -11.51
N GLU B 786 30.68 -22.85 -12.16
CA GLU B 786 30.65 -22.79 -13.62
C GLU B 786 31.12 -24.10 -14.24
N ASP B 787 32.16 -24.71 -13.66
CA ASP B 787 32.62 -26.01 -14.16
C ASP B 787 31.55 -27.08 -14.01
N LEU B 788 30.86 -27.10 -12.86
CA LEU B 788 29.79 -28.05 -12.65
C LEU B 788 28.64 -27.82 -13.63
N ASP B 789 28.29 -26.55 -13.88
CA ASP B 789 27.24 -26.25 -14.84
C ASP B 789 27.62 -26.69 -16.25
N LYS B 790 28.88 -26.47 -16.63
CA LYS B 790 29.34 -26.91 -17.95
C LYS B 790 29.32 -28.43 -18.07
N THR B 791 29.71 -29.13 -17.01
CA THR B 791 29.79 -30.58 -17.05
C THR B 791 28.45 -31.27 -16.84
N TRP B 792 27.43 -30.55 -16.37
CA TRP B 792 26.13 -31.17 -16.09
C TRP B 792 24.94 -30.51 -16.77
N VAL B 793 25.09 -29.30 -17.31
CA VAL B 793 24.01 -28.59 -17.98
C VAL B 793 24.35 -28.26 -19.42
N ARG B 794 25.55 -27.72 -19.66
CA ARG B 794 25.97 -27.34 -21.00
C ARG B 794 26.28 -28.59 -21.81
N TYR B 795 25.47 -28.86 -22.83
CA TYR B 795 25.66 -30.01 -23.70
C TYR B 795 25.26 -29.59 -25.11
N GLN B 796 25.08 -30.57 -25.99
CA GLN B 796 24.69 -30.29 -27.36
C GLN B 796 23.34 -29.60 -27.41
N GLU B 797 23.24 -28.57 -28.24
CA GLU B 797 22.01 -27.79 -28.39
C GLU B 797 21.39 -28.08 -29.75
N CYS B 798 20.09 -28.30 -29.77
CA CYS B 798 19.38 -28.59 -31.01
C CYS B 798 19.37 -27.41 -31.95
N THR B 809 14.89 -31.58 -47.99
CA THR B 809 14.84 -31.30 -46.56
C THR B 809 13.82 -32.22 -45.86
N PHE B 810 12.72 -31.62 -45.41
CA PHE B 810 11.68 -32.36 -44.72
C PHE B 810 10.69 -32.93 -45.74
N GLU B 811 9.55 -33.42 -45.26
CA GLU B 811 8.55 -34.01 -46.15
C GLU B 811 8.04 -33.00 -47.17
N ASN B 812 8.03 -31.71 -46.83
CA ASN B 812 7.49 -30.69 -47.73
C ASN B 812 8.18 -30.71 -49.08
N MET B 813 9.45 -31.10 -49.13
CA MET B 813 10.19 -31.22 -50.38
C MET B 813 10.39 -32.65 -50.83
N ALA B 814 10.68 -33.57 -49.90
CA ALA B 814 10.90 -34.97 -50.27
C ALA B 814 9.65 -35.59 -50.88
N GLY B 815 8.48 -35.32 -50.29
CA GLY B 815 7.26 -35.91 -50.80
C GLY B 815 6.92 -35.44 -52.20
N VAL B 816 7.03 -34.13 -52.44
CA VAL B 816 6.73 -33.60 -53.76
C VAL B 816 7.77 -34.07 -54.77
N PHE B 817 9.03 -34.19 -54.36
CA PHE B 817 10.06 -34.72 -55.26
C PHE B 817 9.76 -36.15 -55.66
N MET B 818 9.37 -36.99 -54.69
CA MET B 818 9.04 -38.37 -55.00
C MET B 818 7.81 -38.46 -55.89
N LEU B 819 6.80 -37.61 -55.63
CA LEU B 819 5.61 -37.61 -56.47
C LEU B 819 5.95 -37.20 -57.90
N VAL B 820 6.81 -36.18 -58.05
CA VAL B 820 7.21 -35.75 -59.39
C VAL B 820 7.98 -36.85 -60.11
N ALA B 821 8.89 -37.53 -59.40
CA ALA B 821 9.64 -38.62 -60.02
C ALA B 821 8.71 -39.75 -60.47
N GLY B 822 7.77 -40.13 -59.60
CA GLY B 822 6.83 -41.17 -59.97
C GLY B 822 5.95 -40.78 -61.14
N GLY B 823 5.50 -39.53 -61.16
CA GLY B 823 4.73 -39.04 -62.30
C GLY B 823 5.54 -39.04 -63.58
N ILE B 824 6.82 -38.67 -63.50
CA ILE B 824 7.68 -38.71 -64.68
C ILE B 824 7.79 -40.14 -65.20
N VAL B 825 8.04 -41.09 -64.30
CA VAL B 825 8.20 -42.48 -64.72
C VAL B 825 6.92 -43.00 -65.35
N ALA B 826 5.78 -42.76 -64.69
CA ALA B 826 4.50 -43.23 -65.21
C ALA B 826 4.18 -42.58 -66.56
N GLY B 827 4.42 -41.28 -66.69
CA GLY B 827 4.14 -40.60 -67.94
C GLY B 827 5.01 -41.10 -69.08
N ILE B 828 6.30 -41.33 -68.80
CA ILE B 828 7.18 -41.88 -69.83
C ILE B 828 6.72 -43.27 -70.26
N PHE B 829 6.40 -44.11 -69.28
CA PHE B 829 5.97 -45.47 -69.59
C PHE B 829 4.69 -45.48 -70.41
N LEU B 830 3.75 -44.60 -70.07
CA LEU B 830 2.49 -44.54 -70.81
C LEU B 830 2.70 -43.96 -72.20
N ILE B 831 3.49 -42.89 -72.31
CA ILE B 831 3.63 -42.20 -73.60
C ILE B 831 4.41 -43.06 -74.59
N PHE B 832 5.35 -43.89 -74.11
CA PHE B 832 6.09 -44.74 -75.03
C PHE B 832 5.15 -45.69 -75.77
N ILE B 833 4.32 -46.42 -75.02
CA ILE B 833 3.39 -47.35 -75.66
C ILE B 833 2.30 -46.61 -76.43
N GLU B 834 1.89 -45.43 -75.94
CA GLU B 834 0.88 -44.66 -76.65
C GLU B 834 1.39 -44.23 -78.02
N ILE B 835 2.62 -43.73 -78.09
CA ILE B 835 3.19 -43.31 -79.36
C ILE B 835 3.43 -44.52 -80.26
N ALA B 836 3.87 -45.64 -79.67
CA ALA B 836 4.06 -46.84 -80.48
C ALA B 836 2.75 -47.28 -81.13
N TYR B 837 1.67 -47.34 -80.35
CA TYR B 837 0.38 -47.74 -80.89
C TYR B 837 -0.14 -46.73 -81.91
N LYS B 838 0.06 -45.43 -81.65
CA LYS B 838 -0.39 -44.42 -82.60
C LYS B 838 0.36 -44.54 -83.93
N ARG B 839 1.68 -44.77 -83.88
CA ARG B 839 2.44 -44.93 -85.10
C ARG B 839 2.04 -46.20 -85.84
N HIS B 840 1.78 -47.28 -85.10
CA HIS B 840 1.32 -48.52 -85.74
C HIS B 840 -0.03 -48.32 -86.41
N LYS B 841 -0.94 -47.59 -85.77
CA LYS B 841 -2.23 -47.32 -86.38
C LYS B 841 -2.10 -46.44 -87.61
N ASP B 842 -1.23 -45.42 -87.54
CA ASP B 842 -1.05 -44.53 -88.69
C ASP B 842 -0.43 -45.26 -89.86
N ALA B 843 0.54 -46.13 -89.61
CA ALA B 843 1.22 -46.91 -90.64
C ALA B 843 0.88 -48.38 -90.43
N ARG B 844 -0.23 -48.83 -91.02
CA ARG B 844 -0.67 -50.21 -90.89
C ARG B 844 -0.45 -50.97 -92.19
N LEU C 34 -27.71 -49.71 39.57
CA LEU C 34 -28.60 -50.44 40.48
C LEU C 34 -29.19 -49.52 41.53
N ASN C 35 -28.38 -48.59 42.02
CA ASN C 35 -28.81 -47.65 43.06
C ASN C 35 -28.21 -46.28 42.76
N ILE C 36 -29.06 -45.33 42.39
CA ILE C 36 -28.63 -43.98 42.02
C ILE C 36 -29.37 -42.97 42.87
N ALA C 37 -28.64 -42.01 43.43
CA ALA C 37 -29.22 -40.94 44.21
C ALA C 37 -28.99 -39.60 43.53
N VAL C 38 -29.91 -38.67 43.75
CA VAL C 38 -29.86 -37.35 43.14
C VAL C 38 -30.15 -36.31 44.21
N MET C 39 -29.41 -35.20 44.16
CA MET C 39 -29.57 -34.10 45.11
C MET C 39 -30.08 -32.88 44.38
N LEU C 40 -31.09 -32.22 44.95
CA LEU C 40 -31.72 -31.06 44.35
C LEU C 40 -31.81 -29.94 45.37
N GLY C 41 -31.96 -28.72 44.87
CA GLY C 41 -32.14 -27.55 45.70
C GLY C 41 -33.59 -27.29 46.03
N HIS C 42 -33.86 -26.07 46.49
CA HIS C 42 -35.20 -25.66 46.88
C HIS C 42 -35.86 -24.74 45.85
N SER C 43 -35.34 -24.74 44.62
CA SER C 43 -35.91 -23.87 43.58
C SER C 43 -37.34 -24.26 43.24
N HIS C 44 -37.60 -25.56 43.14
CA HIS C 44 -38.93 -26.08 42.79
C HIS C 44 -39.45 -26.95 43.94
N ASP C 45 -40.59 -27.58 43.71
CA ASP C 45 -41.21 -28.42 44.71
C ASP C 45 -40.53 -29.79 44.78
N VAL C 46 -40.89 -30.56 45.79
CA VAL C 46 -40.23 -31.83 46.07
C VAL C 46 -40.95 -33.00 45.41
N THR C 47 -42.27 -33.08 45.58
CA THR C 47 -43.01 -34.25 45.09
C THR C 47 -42.96 -34.37 43.58
N GLU C 48 -43.09 -33.24 42.87
CA GLU C 48 -43.04 -33.30 41.41
C GLU C 48 -41.66 -33.72 40.92
N ARG C 49 -40.60 -33.21 41.56
CA ARG C 49 -39.25 -33.63 41.19
C ARG C 49 -39.03 -35.11 41.45
N GLU C 50 -39.53 -35.61 42.60
CA GLU C 50 -39.39 -37.02 42.90
C GLU C 50 -40.14 -37.88 41.88
N LEU C 51 -41.36 -37.47 41.51
CA LEU C 51 -42.13 -38.22 40.52
C LEU C 51 -41.43 -38.23 39.16
N ARG C 52 -40.88 -37.08 38.75
CA ARG C 52 -40.19 -37.01 37.47
C ARG C 52 -38.93 -37.87 37.48
N THR C 53 -38.18 -37.86 38.60
CA THR C 53 -36.98 -38.68 38.68
C THR C 53 -37.34 -40.17 38.67
N LEU C 54 -38.45 -40.54 39.32
CA LEU C 54 -38.91 -41.92 39.25
C LEU C 54 -39.29 -42.31 37.82
N TRP C 55 -39.99 -41.42 37.11
CA TRP C 55 -40.44 -41.72 35.76
C TRP C 55 -39.31 -41.72 34.74
N GLY C 56 -38.20 -41.03 35.04
CA GLY C 56 -37.08 -40.92 34.12
C GLY C 56 -36.61 -42.22 33.53
N PRO C 57 -36.02 -43.10 34.36
CA PRO C 57 -35.52 -44.38 33.84
C PRO C 57 -36.62 -45.28 33.30
N GLU C 58 -37.88 -45.07 33.70
CA GLU C 58 -38.97 -45.92 33.23
C GLU C 58 -39.45 -45.55 31.84
N GLN C 59 -38.95 -44.45 31.26
CA GLN C 59 -39.38 -44.06 29.92
C GLN C 59 -38.95 -45.09 28.88
N ALA C 60 -37.68 -45.48 28.90
CA ALA C 60 -37.14 -46.44 27.94
C ALA C 60 -35.83 -46.97 28.48
N ALA C 61 -35.20 -47.86 27.69
CA ALA C 61 -33.91 -48.45 28.03
C ALA C 61 -33.95 -49.15 29.39
N GLY C 62 -34.80 -50.17 29.47
CA GLY C 62 -34.95 -50.93 30.69
C GLY C 62 -33.72 -51.72 31.07
N LEU C 63 -33.05 -51.30 32.13
CA LEU C 63 -31.85 -52.00 32.59
C LEU C 63 -32.24 -53.31 33.28
N PRO C 64 -31.37 -54.32 33.23
CA PRO C 64 -31.65 -55.56 33.97
C PRO C 64 -31.77 -55.34 35.47
N LEU C 65 -31.03 -54.38 36.02
CA LEU C 65 -31.10 -54.03 37.44
C LEU C 65 -31.68 -52.62 37.52
N ASP C 66 -32.93 -52.52 37.98
CA ASP C 66 -33.60 -51.24 38.06
C ASP C 66 -32.94 -50.35 39.12
N VAL C 67 -32.82 -49.06 38.81
CA VAL C 67 -32.23 -48.09 39.72
C VAL C 67 -33.33 -47.40 40.50
N ASN C 68 -33.06 -47.12 41.78
CA ASN C 68 -34.00 -46.41 42.62
C ASN C 68 -33.74 -44.91 42.55
N VAL C 69 -34.53 -44.14 43.29
CA VAL C 69 -34.39 -42.69 43.36
C VAL C 69 -34.36 -42.27 44.82
N VAL C 70 -33.33 -41.54 45.21
CA VAL C 70 -33.20 -40.97 46.55
C VAL C 70 -32.98 -39.47 46.35
N ALA C 71 -34.06 -38.70 46.37
CA ALA C 71 -34.01 -37.26 46.10
C ALA C 71 -34.26 -36.49 47.39
N LEU C 72 -33.37 -35.55 47.69
CA LEU C 72 -33.50 -34.67 48.85
C LEU C 72 -33.40 -33.22 48.42
N LEU C 73 -34.28 -32.39 48.97
CA LEU C 73 -34.33 -30.96 48.65
C LEU C 73 -34.12 -30.18 49.94
N MET C 74 -32.92 -29.61 50.10
CA MET C 74 -32.59 -28.83 51.28
C MET C 74 -31.84 -27.58 50.85
N ASN C 75 -32.25 -26.43 51.40
CA ASN C 75 -31.58 -25.17 51.09
C ASN C 75 -30.17 -25.12 51.69
N ARG C 76 -29.93 -25.86 52.77
CA ARG C 76 -28.63 -25.84 53.41
C ARG C 76 -27.57 -26.48 52.51
N THR C 77 -26.44 -25.79 52.35
CA THR C 77 -25.32 -26.28 51.55
C THR C 77 -24.04 -26.06 52.34
N ASP C 78 -23.68 -27.06 53.15
CA ASP C 78 -22.46 -27.05 53.93
C ASP C 78 -21.73 -28.37 53.78
N PRO C 79 -20.39 -28.36 53.88
CA PRO C 79 -19.65 -29.62 53.67
C PRO C 79 -20.03 -30.73 54.63
N LYS C 80 -20.30 -30.42 55.90
CA LYS C 80 -20.66 -31.47 56.84
C LYS C 80 -22.01 -32.08 56.50
N SER C 81 -22.97 -31.24 56.08
CA SER C 81 -24.26 -31.76 55.65
C SER C 81 -24.11 -32.67 54.44
N LEU C 82 -23.26 -32.26 53.49
CA LEU C 82 -23.06 -33.07 52.29
C LEU C 82 -22.39 -34.40 52.61
N ILE C 83 -21.39 -34.41 53.49
CA ILE C 83 -20.74 -35.67 53.82
C ILE C 83 -21.68 -36.57 54.62
N THR C 84 -22.52 -35.99 55.48
CA THR C 84 -23.51 -36.80 56.19
C THR C 84 -24.52 -37.39 55.21
N HIS C 85 -24.93 -36.61 54.20
CA HIS C 85 -25.82 -37.15 53.18
C HIS C 85 -25.15 -38.26 52.38
N VAL C 86 -23.86 -38.11 52.10
CA VAL C 86 -23.12 -39.17 51.40
C VAL C 86 -23.09 -40.44 52.25
N CYS C 87 -22.83 -40.31 53.55
CA CYS C 87 -22.85 -41.47 54.43
C CYS C 87 -24.24 -42.11 54.45
N ASP C 88 -25.29 -41.29 54.52
CA ASP C 88 -26.65 -41.82 54.56
C ASP C 88 -26.99 -42.57 53.29
N LEU C 89 -26.63 -42.03 52.13
CA LEU C 89 -26.92 -42.72 50.88
C LEU C 89 -26.06 -43.96 50.72
N MET C 90 -24.84 -43.95 51.27
CA MET C 90 -24.06 -45.19 51.31
C MET C 90 -24.77 -46.25 52.13
N SER C 91 -25.31 -45.87 53.29
CA SER C 91 -26.13 -46.78 54.07
C SER C 91 -27.48 -47.06 53.40
N GLY C 92 -27.85 -46.27 52.40
CA GLY C 92 -29.10 -46.47 51.70
C GLY C 92 -29.02 -47.47 50.56
N ALA C 93 -28.88 -48.74 50.91
CA ALA C 93 -28.87 -49.85 49.94
C ALA C 93 -27.75 -49.68 48.92
N ARG C 94 -26.59 -49.20 49.38
CA ARG C 94 -25.38 -49.13 48.57
C ARG C 94 -25.59 -48.32 47.30
N ILE C 95 -25.88 -47.02 47.49
CA ILE C 95 -26.05 -46.11 46.35
C ILE C 95 -24.74 -46.04 45.57
N HIS C 96 -24.83 -46.26 44.26
CA HIS C 96 -23.64 -46.32 43.41
C HIS C 96 -23.34 -44.99 42.73
N GLY C 97 -24.35 -44.20 42.39
CA GLY C 97 -24.14 -42.95 41.69
C GLY C 97 -24.76 -41.79 42.45
N LEU C 98 -24.10 -40.64 42.36
CA LEU C 98 -24.52 -39.44 43.06
C LEU C 98 -24.65 -38.30 42.07
N VAL C 99 -25.79 -37.61 42.11
CA VAL C 99 -26.03 -36.41 41.31
C VAL C 99 -26.34 -35.28 42.27
N PHE C 100 -25.61 -34.18 42.16
CA PHE C 100 -25.74 -33.04 43.07
C PHE C 100 -26.20 -31.82 42.31
N GLY C 101 -27.36 -31.27 42.70
CA GLY C 101 -27.79 -29.99 42.18
C GLY C 101 -27.44 -28.85 43.12
N ASP C 102 -27.43 -27.65 42.58
CA ASP C 102 -27.07 -26.47 43.37
C ASP C 102 -27.79 -25.25 42.82
N ASP C 103 -27.94 -24.25 43.67
CA ASP C 103 -28.56 -22.98 43.30
C ASP C 103 -27.65 -21.78 43.46
N THR C 104 -26.56 -21.89 44.20
CA THR C 104 -25.64 -20.78 44.40
C THR C 104 -24.60 -20.77 43.28
N ASP C 105 -23.59 -19.90 43.41
CA ASP C 105 -22.54 -19.77 42.40
C ASP C 105 -21.15 -19.98 42.99
N GLN C 106 -21.06 -20.58 44.17
CA GLN C 106 -19.76 -20.80 44.80
C GLN C 106 -19.05 -21.98 44.17
N GLU C 107 -17.75 -21.84 43.95
CA GLU C 107 -16.94 -22.88 43.34
C GLU C 107 -16.31 -23.83 44.35
N ALA C 108 -16.46 -23.55 45.66
CA ALA C 108 -15.89 -24.46 46.65
C ALA C 108 -16.66 -25.77 46.74
N VAL C 109 -17.95 -25.74 46.43
CA VAL C 109 -18.75 -26.96 46.46
C VAL C 109 -18.25 -27.94 45.40
N ALA C 110 -17.84 -27.43 44.24
CA ALA C 110 -17.27 -28.31 43.22
C ALA C 110 -15.98 -28.95 43.71
N GLN C 111 -15.14 -28.19 44.41
CA GLN C 111 -13.89 -28.74 44.94
C GLN C 111 -14.17 -29.81 45.99
N MET C 112 -15.13 -29.56 46.89
CA MET C 112 -15.42 -30.56 47.91
C MET C 112 -16.06 -31.81 47.30
N LEU C 113 -16.88 -31.64 46.25
CA LEU C 113 -17.42 -32.79 45.55
C LEU C 113 -16.32 -33.59 44.86
N ASP C 114 -15.34 -32.91 44.28
CA ASP C 114 -14.20 -33.61 43.69
C ASP C 114 -13.43 -34.39 44.76
N PHE C 115 -13.24 -33.78 45.93
CA PHE C 115 -12.57 -34.47 47.03
C PHE C 115 -13.35 -35.71 47.46
N ILE C 116 -14.68 -35.58 47.58
CA ILE C 116 -15.50 -36.71 47.98
C ILE C 116 -15.44 -37.83 46.95
N SER C 117 -15.49 -37.46 45.66
CA SER C 117 -15.39 -38.47 44.60
C SER C 117 -14.03 -39.16 44.63
N SER C 118 -12.96 -38.41 44.87
CA SER C 118 -11.63 -39.01 44.94
C SER C 118 -11.51 -39.96 46.11
N HIS C 119 -12.06 -39.60 47.28
CA HIS C 119 -11.95 -40.42 48.47
C HIS C 119 -13.03 -41.47 48.59
N THR C 120 -13.98 -41.52 47.66
CA THR C 120 -15.03 -42.52 47.67
C THR C 120 -15.11 -43.36 46.39
N PHE C 121 -14.45 -42.94 45.32
CA PHE C 121 -14.51 -43.63 44.02
C PHE C 121 -15.95 -43.80 43.55
N VAL C 122 -16.76 -42.77 43.77
CA VAL C 122 -18.16 -42.75 43.39
C VAL C 122 -18.33 -41.70 42.29
N PRO C 123 -18.84 -42.08 41.11
CA PRO C 123 -19.01 -41.08 40.04
C PRO C 123 -20.06 -40.05 40.40
N ILE C 124 -19.68 -38.78 40.28
CA ILE C 124 -20.56 -37.66 40.58
C ILE C 124 -20.59 -36.73 39.37
N LEU C 125 -21.79 -36.36 38.94
CA LEU C 125 -21.98 -35.49 37.78
C LEU C 125 -22.24 -34.06 38.23
N GLY C 126 -21.83 -33.12 37.38
CA GLY C 126 -22.01 -31.70 37.65
C GLY C 126 -23.23 -31.17 36.94
N ILE C 127 -24.08 -30.48 37.70
CA ILE C 127 -25.32 -29.93 37.17
C ILE C 127 -25.30 -28.42 37.38
N HIS C 128 -26.37 -27.74 36.99
CA HIS C 128 -26.44 -26.29 37.11
C HIS C 128 -26.33 -25.87 38.57
N GLY C 129 -25.64 -24.76 38.81
CA GLY C 129 -25.43 -24.26 40.15
C GLY C 129 -24.00 -23.87 40.44
N GLY C 130 -23.56 -24.11 41.67
CA GLY C 130 -22.18 -23.79 42.03
C GLY C 130 -21.15 -24.61 41.28
N ALA C 131 -21.48 -25.88 40.98
CA ALA C 131 -20.57 -26.77 40.29
C ALA C 131 -20.62 -26.59 38.77
N SER C 132 -21.34 -25.59 38.27
CA SER C 132 -21.43 -25.37 36.83
C SER C 132 -20.05 -25.03 36.25
N MET C 133 -19.30 -24.17 36.93
CA MET C 133 -17.98 -23.77 36.48
C MET C 133 -16.95 -24.79 36.91
N ILE C 134 -16.09 -25.19 35.98
CA ILE C 134 -15.05 -26.18 36.24
C ILE C 134 -13.69 -25.51 36.07
N MET C 135 -12.86 -25.58 37.11
CA MET C 135 -11.52 -25.00 37.07
C MET C 135 -10.44 -25.91 37.63
N ALA C 136 -10.78 -26.97 38.36
CA ALA C 136 -9.79 -27.85 38.94
C ALA C 136 -9.60 -29.09 38.09
N ASP C 137 -8.34 -29.47 37.87
CA ASP C 137 -8.03 -30.65 37.09
C ASP C 137 -8.51 -31.90 37.82
N LYS C 138 -9.03 -32.85 37.06
CA LYS C 138 -9.56 -34.08 37.64
C LYS C 138 -8.43 -34.93 38.22
N ASP C 139 -8.62 -35.39 39.45
CA ASP C 139 -7.64 -36.24 40.09
C ASP C 139 -7.59 -37.60 39.40
N PRO C 140 -6.41 -38.21 39.26
CA PRO C 140 -6.34 -39.53 38.62
C PRO C 140 -7.17 -40.59 39.34
N THR C 141 -7.29 -40.52 40.66
CA THR C 141 -8.07 -41.47 41.43
C THR C 141 -9.52 -41.04 41.61
N SER C 142 -9.91 -39.91 41.05
CA SER C 142 -11.27 -39.41 41.18
C SER C 142 -12.08 -39.74 39.93
N THR C 143 -13.39 -39.88 40.12
CA THR C 143 -14.35 -40.16 39.04
C THR C 143 -15.36 -39.02 39.03
N PHE C 144 -15.07 -37.98 38.25
CA PHE C 144 -15.92 -36.80 38.18
C PHE C 144 -16.11 -36.41 36.72
N PHE C 145 -17.35 -36.10 36.34
CA PHE C 145 -17.69 -35.71 34.97
C PHE C 145 -18.78 -34.65 35.05
N GLN C 146 -18.38 -33.39 34.94
CA GLN C 146 -19.32 -32.28 34.99
C GLN C 146 -19.90 -32.00 33.61
N PHE C 147 -20.95 -31.19 33.57
CA PHE C 147 -21.58 -30.77 32.32
C PHE C 147 -20.96 -29.49 31.77
N GLY C 148 -19.93 -28.96 32.44
CA GLY C 148 -19.27 -27.76 31.98
C GLY C 148 -18.30 -28.03 30.85
N ALA C 149 -17.72 -26.94 30.33
CA ALA C 149 -16.78 -27.01 29.23
C ALA C 149 -15.53 -26.23 29.62
N SER C 150 -14.36 -26.76 29.22
CA SER C 150 -13.10 -26.10 29.51
C SER C 150 -12.93 -24.85 28.66
N ILE C 151 -12.00 -23.98 29.05
CA ILE C 151 -11.74 -22.76 28.30
C ILE C 151 -11.20 -23.08 26.91
N GLN C 152 -10.53 -24.22 26.76
CA GLN C 152 -10.02 -24.61 25.45
C GLN C 152 -11.17 -24.79 24.44
N GLN C 153 -12.25 -25.43 24.87
CA GLN C 153 -13.43 -25.53 24.01
C GLN C 153 -14.05 -24.15 23.77
N GLN C 154 -14.08 -23.31 24.79
CA GLN C 154 -14.54 -21.94 24.60
C GLN C 154 -13.65 -21.20 23.61
N ALA C 155 -12.34 -21.47 23.65
CA ALA C 155 -11.43 -20.81 22.72
C ALA C 155 -11.74 -21.17 21.27
N THR C 156 -11.98 -22.46 21.00
CA THR C 156 -12.27 -22.85 19.62
C THR C 156 -13.67 -22.41 19.21
N VAL C 157 -14.62 -22.32 20.16
CA VAL C 157 -15.92 -21.76 19.83
C VAL C 157 -15.78 -20.29 19.43
N MET C 158 -14.97 -19.54 20.18
CA MET C 158 -14.72 -18.14 19.82
C MET C 158 -14.03 -18.03 18.47
N LEU C 159 -13.09 -18.94 18.18
CA LEU C 159 -12.44 -18.94 16.89
C LEU C 159 -13.42 -19.21 15.76
N LYS C 160 -14.35 -20.15 15.96
CA LYS C 160 -15.38 -20.41 14.96
C LYS C 160 -16.28 -19.21 14.76
N ILE C 161 -16.63 -18.53 15.85
CA ILE C 161 -17.45 -17.31 15.75
C ILE C 161 -16.69 -16.24 14.95
N MET C 162 -15.39 -16.10 15.22
CA MET C 162 -14.59 -15.13 14.47
C MET C 162 -14.53 -15.48 13.00
N GLN C 163 -14.39 -16.78 12.69
CA GLN C 163 -14.40 -17.21 11.29
C GLN C 163 -15.73 -16.87 10.63
N ASP C 164 -16.84 -17.08 11.35
CA ASP C 164 -18.15 -16.72 10.83
C ASP C 164 -18.26 -15.22 10.58
N TYR C 165 -17.71 -14.41 11.48
CA TYR C 165 -17.73 -12.95 11.34
C TYR C 165 -16.63 -12.41 10.44
N ASP C 166 -15.72 -13.28 9.98
CA ASP C 166 -14.60 -12.87 9.13
C ASP C 166 -13.75 -11.79 9.79
N TRP C 167 -13.52 -11.95 11.10
CA TRP C 167 -12.69 -11.02 11.86
C TRP C 167 -11.30 -11.64 11.99
N HIS C 168 -10.42 -11.27 11.06
CA HIS C 168 -9.09 -11.84 10.98
C HIS C 168 -8.05 -11.08 11.80
N VAL C 169 -8.46 -10.05 12.53
CA VAL C 169 -7.55 -9.25 13.35
C VAL C 169 -7.81 -9.55 14.82
N PHE C 170 -6.75 -9.88 15.55
CA PHE C 170 -6.85 -10.26 16.95
C PHE C 170 -6.16 -9.24 17.85
N SER C 171 -6.59 -9.23 19.11
CA SER C 171 -5.96 -8.38 20.13
C SER C 171 -6.11 -9.10 21.46
N LEU C 172 -5.04 -9.79 21.88
CA LEU C 172 -5.08 -10.64 23.07
C LEU C 172 -4.55 -9.84 24.26
N VAL C 173 -5.46 -9.43 25.14
CA VAL C 173 -5.12 -8.79 26.39
C VAL C 173 -5.58 -9.69 27.53
N THR C 174 -4.65 -10.04 28.42
CA THR C 174 -4.92 -10.97 29.51
C THR C 174 -4.43 -10.38 30.82
N THR C 175 -4.60 -11.15 31.90
CA THR C 175 -4.16 -10.77 33.23
C THR C 175 -3.72 -12.02 33.96
N ILE C 176 -2.92 -11.83 35.01
CA ILE C 176 -2.44 -12.96 35.81
C ILE C 176 -3.65 -13.57 36.51
N PHE C 177 -4.03 -14.78 36.09
CA PHE C 177 -5.17 -15.50 36.61
C PHE C 177 -4.83 -16.99 36.61
N PRO C 178 -5.44 -17.78 37.51
CA PRO C 178 -5.15 -19.21 37.53
C PRO C 178 -5.34 -19.91 36.20
N GLY C 179 -4.24 -20.43 35.64
CA GLY C 179 -4.28 -21.21 34.43
C GLY C 179 -4.46 -20.44 33.14
N TYR C 180 -4.31 -19.12 33.16
CA TYR C 180 -4.48 -18.35 31.93
C TYR C 180 -3.28 -18.46 31.00
N ARG C 181 -2.09 -18.72 31.53
CA ARG C 181 -0.91 -18.83 30.68
C ARG C 181 -1.02 -20.04 29.73
N GLU C 182 -1.49 -21.18 30.24
CA GLU C 182 -1.69 -22.33 29.36
C GLU C 182 -2.83 -22.09 28.38
N PHE C 183 -3.83 -21.31 28.77
CA PHE C 183 -4.87 -20.92 27.82
C PHE C 183 -4.29 -20.08 26.69
N ILE C 184 -3.39 -19.15 27.02
CA ILE C 184 -2.74 -18.34 26.00
C ILE C 184 -1.89 -19.22 25.08
N SER C 185 -1.16 -20.16 25.66
CA SER C 185 -0.35 -21.08 24.84
C SER C 185 -1.23 -21.89 23.91
N PHE C 186 -2.37 -22.40 24.42
CA PHE C 186 -3.27 -23.19 23.58
C PHE C 186 -3.87 -22.35 22.46
N VAL C 187 -4.33 -21.13 22.77
CA VAL C 187 -4.93 -20.32 21.73
C VAL C 187 -3.88 -19.91 20.69
N LYS C 188 -2.64 -19.67 21.11
CA LYS C 188 -1.59 -19.34 20.15
C LYS C 188 -1.28 -20.54 19.24
N THR C 189 -1.07 -21.71 19.84
CA THR C 189 -0.77 -22.90 19.06
C THR C 189 -1.97 -23.38 18.24
N THR C 190 -3.16 -22.84 18.51
CA THR C 190 -4.31 -23.12 17.65
C THR C 190 -4.43 -22.13 16.50
N VAL C 191 -4.22 -20.83 16.77
CA VAL C 191 -4.37 -19.83 15.72
C VAL C 191 -3.23 -19.94 14.71
N ASP C 192 -2.00 -20.21 15.18
CA ASP C 192 -0.89 -20.32 14.23
C ASP C 192 -0.99 -21.59 13.40
N ASN C 193 -1.64 -22.63 13.93
CA ASN C 193 -1.81 -23.89 13.25
C ASN C 193 -3.01 -23.90 12.30
N SER C 194 -3.80 -22.84 12.28
CA SER C 194 -4.96 -22.77 11.41
C SER C 194 -4.59 -22.13 10.07
N PHE C 195 -5.35 -22.48 9.03
CA PHE C 195 -5.15 -21.94 7.70
C PHE C 195 -5.82 -20.59 7.50
N VAL C 196 -6.53 -20.08 8.51
CA VAL C 196 -7.20 -18.79 8.37
C VAL C 196 -6.18 -17.67 8.18
N GLY C 197 -5.10 -17.69 8.95
CA GLY C 197 -4.11 -16.64 8.88
C GLY C 197 -4.44 -15.46 9.75
N TRP C 198 -4.60 -15.71 11.05
CA TRP C 198 -4.99 -14.65 11.99
C TRP C 198 -3.86 -13.64 12.15
N ASP C 199 -4.17 -12.54 12.83
CA ASP C 199 -3.19 -11.50 13.06
C ASP C 199 -2.12 -11.98 14.03
N MET C 200 -0.90 -11.45 13.86
CA MET C 200 0.24 -11.81 14.68
C MET C 200 0.42 -10.86 15.87
N GLN C 201 -0.66 -10.27 16.37
CA GLN C 201 -0.56 -9.35 17.49
C GLN C 201 -0.07 -10.07 18.74
N ASN C 202 0.88 -9.45 19.44
CA ASN C 202 1.44 -10.03 20.65
C ASN C 202 0.44 -9.92 21.79
N VAL C 203 0.66 -10.72 22.83
CA VAL C 203 -0.23 -10.74 23.99
C VAL C 203 0.15 -9.59 24.92
N ILE C 204 -0.81 -8.72 25.19
CA ILE C 204 -0.60 -7.58 26.08
C ILE C 204 -1.21 -7.95 27.43
N THR C 205 -0.38 -8.52 28.30
CA THR C 205 -0.82 -9.00 29.60
C THR C 205 -0.71 -7.89 30.64
N LEU C 206 -1.80 -7.65 31.36
CA LEU C 206 -1.78 -6.66 32.43
C LEU C 206 -1.00 -7.19 33.63
N ASP C 207 -0.27 -6.28 34.29
CA ASP C 207 0.61 -6.68 35.39
C ASP C 207 -0.15 -6.92 36.68
N THR C 208 -0.80 -5.89 37.22
CA THR C 208 -1.55 -6.03 38.46
C THR C 208 -2.65 -4.99 38.50
N SER C 209 -3.66 -5.25 39.34
CA SER C 209 -4.79 -4.35 39.44
C SER C 209 -4.43 -3.12 40.26
N PHE C 210 -5.25 -2.07 40.11
CA PHE C 210 -5.08 -0.80 40.83
C PHE C 210 -3.72 -0.18 40.54
N GLU C 211 -3.49 0.14 39.27
CA GLU C 211 -2.28 0.83 38.84
C GLU C 211 -2.57 2.29 38.50
N ASP C 212 -3.49 2.53 37.56
CA ASP C 212 -3.94 3.84 37.09
C ASP C 212 -2.88 4.57 36.29
N ALA C 213 -1.69 4.01 36.12
CA ALA C 213 -0.63 4.63 35.32
C ALA C 213 -0.16 3.74 34.18
N LYS C 214 0.17 2.48 34.46
CA LYS C 214 0.63 1.58 33.42
C LYS C 214 -0.51 0.99 32.60
N THR C 215 -1.75 1.07 33.10
CA THR C 215 -2.89 0.55 32.35
C THR C 215 -3.08 1.31 31.05
N GLN C 216 -2.96 2.64 31.08
CA GLN C 216 -3.06 3.41 29.85
C GLN C 216 -1.93 3.09 28.89
N VAL C 217 -0.73 2.87 29.42
CA VAL C 217 0.41 2.50 28.57
C VAL C 217 0.14 1.18 27.87
N GLN C 218 -0.40 0.20 28.61
CA GLN C 218 -0.72 -1.09 28.01
C GLN C 218 -1.83 -0.94 26.96
N LEU C 219 -2.85 -0.15 27.26
CA LEU C 219 -3.94 0.06 26.31
C LEU C 219 -3.49 0.82 25.08
N LYS C 220 -2.42 1.61 25.17
CA LYS C 220 -1.91 2.33 24.01
C LYS C 220 -1.47 1.36 22.92
N LYS C 221 -0.82 0.27 23.29
CA LYS C 221 -0.32 -0.70 22.32
C LYS C 221 -1.45 -1.40 21.56
N ILE C 222 -2.68 -1.33 22.04
CA ILE C 222 -3.80 -1.96 21.36
C ILE C 222 -4.22 -1.08 20.17
N HIS C 223 -4.06 -1.61 18.97
CA HIS C 223 -4.42 -0.90 17.75
C HIS C 223 -5.17 -1.83 16.80
N SER C 224 -6.09 -2.62 17.33
CA SER C 224 -6.87 -3.59 16.57
C SER C 224 -8.35 -3.22 16.60
N SER C 225 -9.13 -4.00 15.86
CA SER C 225 -10.58 -3.82 15.80
C SER C 225 -11.34 -4.84 16.62
N VAL C 226 -10.85 -6.07 16.70
CA VAL C 226 -11.46 -7.12 17.51
C VAL C 226 -10.51 -7.47 18.64
N ILE C 227 -10.98 -7.39 19.88
CA ILE C 227 -10.17 -7.58 21.06
C ILE C 227 -10.73 -8.75 21.86
N LEU C 228 -9.87 -9.69 22.23
CA LEU C 228 -10.24 -10.84 23.05
C LEU C 228 -9.82 -10.58 24.49
N LEU C 229 -10.75 -10.80 25.42
CA LEU C 229 -10.53 -10.52 26.84
C LEU C 229 -10.52 -11.82 27.63
N TYR C 230 -9.45 -12.04 28.40
CA TYR C 230 -9.36 -13.10 29.38
C TYR C 230 -9.17 -12.42 30.73
N CYS C 231 -10.29 -12.10 31.39
CA CYS C 231 -10.28 -11.31 32.60
C CYS C 231 -11.26 -11.91 33.61
N SER C 232 -11.20 -11.37 34.83
CA SER C 232 -12.08 -11.80 35.91
C SER C 232 -13.26 -10.84 36.04
N LYS C 233 -14.27 -11.28 36.81
CA LYS C 233 -15.47 -10.48 36.98
C LYS C 233 -15.18 -9.17 37.71
N ASP C 234 -14.36 -9.24 38.76
CA ASP C 234 -14.07 -8.03 39.54
C ASP C 234 -13.28 -7.02 38.73
N GLU C 235 -12.28 -7.48 37.99
CA GLU C 235 -11.46 -6.60 37.16
C GLU C 235 -12.16 -6.18 35.87
N ALA C 236 -13.25 -6.85 35.50
CA ALA C 236 -13.98 -6.48 34.30
C ALA C 236 -14.55 -5.08 34.41
N VAL C 237 -15.06 -4.71 35.59
CA VAL C 237 -15.63 -3.38 35.77
C VAL C 237 -14.57 -2.32 35.54
N LEU C 238 -13.39 -2.50 36.13
CA LEU C 238 -12.34 -1.49 35.99
C LEU C 238 -11.79 -1.44 34.57
N ILE C 239 -11.63 -2.59 33.92
CA ILE C 239 -11.10 -2.58 32.57
C ILE C 239 -12.10 -1.95 31.60
N LEU C 240 -13.40 -2.20 31.81
CA LEU C 240 -14.41 -1.56 30.96
C LEU C 240 -14.51 -0.06 31.23
N SER C 241 -14.32 0.35 32.49
CA SER C 241 -14.27 1.78 32.78
C SER C 241 -13.09 2.44 32.09
N GLU C 242 -11.92 1.78 32.11
CA GLU C 242 -10.75 2.32 31.41
C GLU C 242 -11.00 2.39 29.90
N ALA C 243 -11.64 1.36 29.33
CA ALA C 243 -11.96 1.38 27.91
C ALA C 243 -12.92 2.51 27.57
N ARG C 244 -13.93 2.74 28.43
CA ARG C 244 -14.86 3.83 28.21
C ARG C 244 -14.15 5.18 28.28
N SER C 245 -13.24 5.33 29.25
CA SER C 245 -12.46 6.57 29.34
C SER C 245 -11.61 6.78 28.10
N LEU C 246 -10.99 5.72 27.59
CA LEU C 246 -10.18 5.80 26.39
C LEU C 246 -11.01 5.69 25.12
N GLY C 247 -12.32 5.50 25.23
CA GLY C 247 -13.19 5.42 24.06
C GLY C 247 -12.94 4.22 23.17
N LEU C 248 -12.76 3.03 23.75
CA LEU C 248 -12.55 1.81 22.99
C LEU C 248 -13.84 1.04 22.73
N THR C 249 -15.00 1.63 23.04
CA THR C 249 -16.29 0.99 22.86
C THR C 249 -17.03 1.52 21.63
N GLY C 250 -16.30 1.83 20.56
CA GLY C 250 -16.90 2.37 19.36
C GLY C 250 -17.58 1.32 18.52
N TYR C 251 -18.17 1.78 17.40
CA TYR C 251 -18.87 0.89 16.49
C TYR C 251 -17.92 -0.13 15.88
N ASP C 252 -16.73 0.31 15.46
CA ASP C 252 -15.79 -0.59 14.81
C ASP C 252 -15.20 -1.59 15.80
N PHE C 253 -14.99 -1.17 17.04
CA PHE C 253 -14.39 -2.05 18.03
C PHE C 253 -15.39 -3.09 18.51
N PHE C 254 -14.89 -4.29 18.79
CA PHE C 254 -15.69 -5.39 19.30
C PHE C 254 -15.05 -5.94 20.57
N TRP C 255 -15.87 -6.54 21.42
CA TRP C 255 -15.42 -7.08 22.70
C TRP C 255 -15.91 -8.50 22.87
N ILE C 256 -15.04 -9.36 23.41
CA ILE C 256 -15.36 -10.75 23.69
C ILE C 256 -15.21 -10.99 25.19
N VAL C 257 -16.23 -11.57 25.80
CA VAL C 257 -16.28 -11.78 27.25
C VAL C 257 -16.35 -13.28 27.50
N PRO C 258 -15.51 -13.84 28.38
CA PRO C 258 -15.56 -15.28 28.64
C PRO C 258 -16.79 -15.70 29.43
N SER C 259 -16.90 -17.00 29.71
CA SER C 259 -18.09 -17.52 30.38
C SER C 259 -18.10 -17.13 31.86
N LEU C 260 -16.94 -17.12 32.50
CA LEU C 260 -16.89 -16.86 33.94
C LEU C 260 -17.36 -15.44 34.28
N VAL C 261 -16.99 -14.46 33.46
CA VAL C 261 -17.45 -13.10 33.69
C VAL C 261 -18.96 -13.00 33.51
N SER C 262 -19.48 -13.64 32.46
CA SER C 262 -20.91 -13.61 32.15
C SER C 262 -21.69 -14.72 32.86
N GLY C 263 -21.15 -15.25 33.96
CA GLY C 263 -21.86 -16.31 34.67
C GLY C 263 -23.18 -15.84 35.26
N ASN C 264 -23.20 -14.64 35.82
CA ASN C 264 -24.40 -14.07 36.42
C ASN C 264 -25.14 -13.28 35.34
N THR C 265 -26.01 -13.98 34.61
CA THR C 265 -26.78 -13.32 33.55
C THR C 265 -27.75 -12.30 34.13
N GLU C 266 -28.38 -12.63 35.26
CA GLU C 266 -29.33 -11.71 35.88
C GLU C 266 -28.67 -10.49 36.48
N LEU C 267 -27.35 -10.53 36.72
CA LEU C 267 -26.62 -9.41 37.29
C LEU C 267 -25.94 -8.66 36.15
N ILE C 268 -26.55 -7.56 35.72
CA ILE C 268 -26.03 -6.73 34.65
C ILE C 268 -25.79 -5.33 35.21
N PRO C 269 -24.55 -5.01 35.58
CA PRO C 269 -24.26 -3.67 36.07
C PRO C 269 -24.41 -2.62 34.98
N LYS C 270 -24.72 -1.40 35.42
CA LYS C 270 -24.97 -0.32 34.47
C LYS C 270 -23.70 0.10 33.73
N GLU C 271 -22.53 -0.22 34.28
CA GLU C 271 -21.26 0.18 33.68
C GLU C 271 -20.77 -0.78 32.61
N PHE C 272 -21.52 -1.85 32.32
CA PHE C 272 -21.12 -2.79 31.28
C PHE C 272 -21.78 -2.39 29.97
N PRO C 273 -21.01 -1.99 28.96
CA PRO C 273 -21.61 -1.66 27.66
C PRO C 273 -22.19 -2.90 26.99
N SER C 274 -23.23 -2.68 26.19
CA SER C 274 -23.85 -3.78 25.47
C SER C 274 -22.97 -4.26 24.32
N GLY C 275 -23.29 -5.43 23.80
CA GLY C 275 -22.51 -6.04 22.75
C GLY C 275 -21.45 -7.01 23.21
N LEU C 276 -21.39 -7.32 24.50
CA LEU C 276 -20.39 -8.24 25.05
C LEU C 276 -20.81 -9.66 24.69
N ILE C 277 -20.32 -10.15 23.55
CA ILE C 277 -20.64 -11.50 23.11
C ILE C 277 -19.94 -12.50 24.04
N SER C 278 -20.69 -13.49 24.52
CA SER C 278 -20.18 -14.49 25.43
C SER C 278 -20.77 -15.85 25.07
N VAL C 279 -20.09 -16.90 25.50
CA VAL C 279 -20.51 -18.28 25.26
C VAL C 279 -20.63 -18.98 26.61
N SER C 280 -21.76 -19.65 26.81
CA SER C 280 -22.05 -20.37 28.05
C SER C 280 -23.10 -21.43 27.75
N TYR C 281 -23.62 -22.05 28.81
CA TYR C 281 -24.67 -23.05 28.68
C TYR C 281 -25.74 -22.83 29.74
N ASP C 282 -26.12 -21.57 29.97
CA ASP C 282 -27.11 -21.24 30.98
C ASP C 282 -28.47 -21.83 30.61
N ASP C 283 -29.36 -21.85 31.59
CA ASP C 283 -30.66 -22.49 31.44
C ASP C 283 -31.60 -21.64 30.58
N TRP C 284 -31.28 -21.52 29.29
CA TRP C 284 -32.14 -20.86 28.32
C TRP C 284 -32.89 -21.83 27.41
N ASP C 285 -32.34 -23.02 27.19
CA ASP C 285 -33.00 -24.04 26.39
C ASP C 285 -33.14 -25.39 27.10
N TYR C 286 -32.27 -25.69 28.06
CA TYR C 286 -32.36 -26.92 28.85
C TYR C 286 -32.55 -26.54 30.30
N SER C 287 -33.59 -27.10 30.93
CA SER C 287 -33.90 -26.77 32.31
C SER C 287 -33.24 -27.77 33.25
N LEU C 288 -33.50 -27.60 34.56
CA LEU C 288 -32.96 -28.53 35.55
C LEU C 288 -33.49 -29.93 35.34
N GLU C 289 -34.78 -30.06 34.99
CA GLU C 289 -35.34 -31.37 34.71
C GLU C 289 -34.66 -32.02 33.51
N ALA C 290 -34.41 -31.26 32.45
CA ALA C 290 -33.71 -31.81 31.30
C ALA C 290 -32.30 -32.23 31.67
N ARG C 291 -31.60 -31.43 32.47
CA ARG C 291 -30.23 -31.76 32.86
C ARG C 291 -30.20 -33.02 33.72
N VAL C 292 -31.13 -33.17 34.66
CA VAL C 292 -31.13 -34.38 35.48
C VAL C 292 -31.56 -35.59 34.66
N ARG C 293 -32.44 -35.40 33.67
CA ARG C 293 -32.77 -36.50 32.76
C ARG C 293 -31.53 -36.96 31.99
N ASP C 294 -30.75 -36.00 31.47
CA ASP C 294 -29.53 -36.35 30.77
C ASP C 294 -28.54 -37.05 31.70
N GLY C 295 -28.42 -36.57 32.93
CA GLY C 295 -27.49 -37.18 33.87
C GLY C 295 -27.87 -38.61 34.22
N ILE C 296 -29.16 -38.84 34.51
CA ILE C 296 -29.60 -40.19 34.85
C ILE C 296 -29.49 -41.10 33.64
N GLY C 297 -29.74 -40.58 32.44
CA GLY C 297 -29.54 -41.40 31.24
C GLY C 297 -28.10 -41.80 31.05
N ILE C 298 -27.17 -40.86 31.24
CA ILE C 298 -25.75 -41.17 31.12
C ILE C 298 -25.34 -42.20 32.17
N LEU C 299 -25.82 -42.03 33.41
CA LEU C 299 -25.48 -42.98 34.46
C LEU C 299 -26.02 -44.37 34.16
N THR C 300 -27.25 -44.45 33.66
CA THR C 300 -27.82 -45.75 33.31
C THR C 300 -27.05 -46.41 32.16
N THR C 301 -26.67 -45.63 31.16
CA THR C 301 -25.88 -46.19 30.06
C THR C 301 -24.53 -46.69 30.55
N ALA C 302 -23.88 -45.92 31.42
CA ALA C 302 -22.59 -46.35 31.98
C ALA C 302 -22.74 -47.62 32.80
N ALA C 303 -23.79 -47.71 33.62
CA ALA C 303 -24.03 -48.91 34.41
C ALA C 303 -24.29 -50.11 33.52
N SER C 304 -25.09 -49.93 32.45
CA SER C 304 -25.35 -51.02 31.53
C SER C 304 -24.07 -51.48 30.84
N SER C 305 -23.24 -50.54 30.41
CA SER C 305 -21.97 -50.90 29.77
C SER C 305 -21.06 -51.66 30.74
N MET C 306 -21.00 -51.20 32.00
CA MET C 306 -20.19 -51.88 33.00
C MET C 306 -20.70 -53.30 33.25
N LEU C 307 -22.02 -53.47 33.35
CA LEU C 307 -22.58 -54.80 33.56
C LEU C 307 -22.30 -55.71 32.37
N GLU C 308 -22.41 -55.17 31.15
CA GLU C 308 -22.09 -55.97 29.97
C GLU C 308 -20.62 -56.37 29.95
N LYS C 309 -19.74 -55.47 30.38
CA LYS C 309 -18.32 -55.79 30.40
C LYS C 309 -17.99 -56.77 31.51
N PHE C 310 -18.25 -56.38 32.76
CA PHE C 310 -17.97 -57.21 33.92
C PHE C 310 -19.25 -57.43 34.72
N SER C 311 -19.52 -58.69 35.06
CA SER C 311 -20.70 -59.03 35.87
C SER C 311 -20.32 -58.99 37.34
N TYR C 312 -20.20 -57.76 37.86
CA TYR C 312 -19.82 -57.55 39.25
C TYR C 312 -20.45 -56.25 39.74
N ILE C 313 -21.31 -56.36 40.73
CA ILE C 313 -21.95 -55.17 41.31
C ILE C 313 -20.93 -54.40 42.14
N PRO C 314 -20.72 -53.11 41.90
CA PRO C 314 -19.75 -52.36 42.70
C PRO C 314 -20.19 -52.25 44.14
N GLU C 315 -19.19 -52.16 45.03
CA GLU C 315 -19.43 -52.05 46.46
C GLU C 315 -18.61 -50.90 47.03
N ALA C 316 -19.12 -50.31 48.10
CA ALA C 316 -18.47 -49.17 48.74
C ALA C 316 -17.44 -49.66 49.76
N LYS C 317 -16.82 -48.71 50.45
CA LYS C 317 -15.80 -49.02 51.46
C LYS C 317 -16.50 -49.32 52.79
N ALA C 318 -15.70 -49.57 53.83
CA ALA C 318 -16.27 -49.82 55.15
C ALA C 318 -17.00 -48.59 55.68
N SER C 319 -16.42 -47.42 55.50
CA SER C 319 -17.01 -46.16 55.90
C SER C 319 -17.35 -45.34 54.66
N CYS C 320 -17.82 -44.11 54.87
CA CYS C 320 -18.10 -43.23 53.74
C CYS C 320 -16.83 -42.93 52.95
N TYR C 321 -15.85 -42.29 53.59
CA TYR C 321 -14.56 -42.02 52.96
C TYR C 321 -13.42 -42.13 53.97
N GLY C 322 -13.57 -43.00 54.97
CA GLY C 322 -12.54 -43.16 55.97
C GLY C 322 -11.33 -43.94 55.47
N GLN C 323 -10.31 -43.98 56.30
CA GLN C 323 -9.05 -44.67 55.99
C GLN C 323 -8.70 -45.70 57.05
N MET C 324 -9.72 -46.44 57.53
CA MET C 324 -9.45 -47.51 58.48
C MET C 324 -8.63 -48.62 57.84
N GLU C 325 -8.94 -48.96 56.59
CA GLU C 325 -8.15 -49.90 55.80
C GLU C 325 -7.48 -49.18 54.64
N ARG C 326 -6.59 -49.89 53.96
CA ARG C 326 -5.87 -49.30 52.84
C ARG C 326 -6.82 -49.03 51.69
N PRO C 327 -6.63 -47.94 50.95
CA PRO C 327 -7.52 -47.63 49.81
C PRO C 327 -7.14 -48.44 48.58
N GLU C 328 -7.98 -49.42 48.23
CA GLU C 328 -7.77 -50.24 47.06
C GLU C 328 -9.08 -50.41 46.31
N VAL C 329 -8.99 -50.40 44.99
CA VAL C 329 -10.16 -50.58 44.12
C VAL C 329 -9.89 -51.74 43.17
N PRO C 330 -10.22 -52.97 43.57
CA PRO C 330 -9.97 -54.12 42.67
C PRO C 330 -10.72 -54.03 41.35
N MET C 331 -11.92 -53.46 41.34
CA MET C 331 -12.67 -53.32 40.10
C MET C 331 -12.07 -52.21 39.24
N HIS C 332 -12.26 -52.34 37.93
CA HIS C 332 -11.75 -51.36 37.00
C HIS C 332 -12.49 -50.03 37.15
N THR C 333 -11.79 -48.94 36.87
CA THR C 333 -12.38 -47.62 36.97
C THR C 333 -13.40 -47.39 35.86
N LEU C 334 -14.27 -46.41 36.08
CA LEU C 334 -15.34 -46.08 35.13
C LEU C 334 -14.87 -45.12 34.05
N HIS C 335 -13.62 -44.69 34.07
CA HIS C 335 -13.13 -43.78 33.04
C HIS C 335 -13.21 -44.37 31.64
N PRO C 336 -12.75 -45.60 31.36
CA PRO C 336 -12.92 -46.14 30.00
C PRO C 336 -14.37 -46.31 29.59
N PHE C 337 -15.28 -46.49 30.56
CA PHE C 337 -16.68 -46.68 30.25
C PHE C 337 -17.38 -45.39 29.85
N MET C 338 -16.73 -44.24 30.00
CA MET C 338 -17.32 -42.95 29.66
C MET C 338 -16.93 -42.47 28.27
N VAL C 339 -16.49 -43.36 27.40
CA VAL C 339 -16.08 -43.00 26.04
C VAL C 339 -17.17 -43.30 25.02
N ASN C 340 -17.63 -44.55 24.97
CA ASN C 340 -18.69 -44.97 24.04
C ASN C 340 -20.04 -44.92 24.76
N VAL C 341 -20.50 -43.70 24.98
CA VAL C 341 -21.77 -43.44 25.67
C VAL C 341 -22.69 -42.68 24.73
N THR C 342 -23.91 -43.20 24.55
CA THR C 342 -24.91 -42.57 23.71
C THR C 342 -26.27 -42.73 24.37
N TRP C 343 -26.99 -41.62 24.53
CA TRP C 343 -28.31 -41.62 25.16
C TRP C 343 -29.30 -40.95 24.23
N ASP C 344 -30.36 -41.67 23.87
CA ASP C 344 -31.43 -41.16 23.00
C ASP C 344 -30.86 -40.63 21.68
N GLY C 345 -29.85 -41.33 21.16
CA GLY C 345 -29.24 -40.94 19.91
C GLY C 345 -28.25 -39.79 19.99
N LYS C 346 -27.99 -39.28 21.18
CA LYS C 346 -27.06 -38.18 21.38
C LYS C 346 -25.78 -38.69 22.01
N ASP C 347 -24.64 -38.35 21.41
CA ASP C 347 -23.33 -38.78 21.89
C ASP C 347 -22.84 -37.82 22.98
N LEU C 348 -23.52 -37.89 24.12
CA LEU C 348 -23.18 -37.07 25.29
C LEU C 348 -22.13 -37.74 26.16
N SER C 349 -21.00 -38.11 25.55
CA SER C 349 -19.92 -38.78 26.25
C SER C 349 -18.98 -37.74 26.85
N PHE C 350 -17.88 -38.20 27.44
CA PHE C 350 -16.89 -37.34 28.06
C PHE C 350 -15.50 -37.77 27.63
N THR C 351 -14.58 -36.81 27.63
CA THR C 351 -13.20 -37.07 27.25
C THR C 351 -12.43 -37.62 28.45
N GLU C 352 -11.12 -37.81 28.29
CA GLU C 352 -10.30 -38.31 29.39
C GLU C 352 -10.23 -37.32 30.54
N GLU C 353 -10.40 -36.03 30.26
CA GLU C 353 -10.37 -35.00 31.29
C GLU C 353 -11.75 -34.70 31.85
N GLY C 354 -12.78 -35.42 31.42
CA GLY C 354 -14.13 -35.18 31.90
C GLY C 354 -14.89 -34.10 31.17
N TYR C 355 -14.31 -33.53 30.12
CA TYR C 355 -14.97 -32.48 29.35
C TYR C 355 -15.98 -33.10 28.37
N GLN C 356 -17.10 -32.42 28.21
CA GLN C 356 -18.14 -32.91 27.30
C GLN C 356 -17.64 -32.90 25.86
N VAL C 357 -17.92 -34.00 25.15
CA VAL C 357 -17.52 -34.08 23.75
C VAL C 357 -18.36 -33.15 22.90
N HIS C 358 -19.66 -33.05 23.20
CA HIS C 358 -20.58 -32.16 22.48
C HIS C 358 -21.34 -31.30 23.48
N PRO C 359 -20.69 -30.29 24.04
CA PRO C 359 -21.38 -29.40 24.97
C PRO C 359 -22.35 -28.47 24.24
N ARG C 360 -23.28 -27.91 25.02
CA ARG C 360 -24.28 -27.00 24.47
C ARG C 360 -23.60 -25.75 23.90
N LEU C 361 -22.97 -24.96 24.75
CA LEU C 361 -22.21 -23.77 24.36
C LEU C 361 -23.06 -22.83 23.52
N VAL C 362 -24.15 -22.34 24.11
CA VAL C 362 -24.96 -21.34 23.46
C VAL C 362 -24.26 -19.98 23.55
N VAL C 363 -24.47 -19.15 22.55
CA VAL C 363 -23.83 -17.84 22.46
C VAL C 363 -24.84 -16.78 22.90
N ILE C 364 -24.46 -15.99 23.88
CA ILE C 364 -25.32 -14.95 24.43
C ILE C 364 -24.72 -13.59 24.11
N VAL C 365 -25.55 -12.69 23.58
CA VAL C 365 -25.13 -11.34 23.22
C VAL C 365 -25.94 -10.35 24.05
N LEU C 366 -25.24 -9.41 24.68
CA LEU C 366 -25.92 -8.41 25.51
C LEU C 366 -26.69 -7.44 24.63
N ASN C 367 -28.01 -7.41 24.80
CA ASN C 367 -28.87 -6.57 23.99
C ASN C 367 -28.71 -5.10 24.40
N LYS C 368 -29.27 -4.21 23.57
CA LYS C 368 -29.21 -2.79 23.85
C LYS C 368 -29.88 -2.44 25.17
N ASP C 369 -31.02 -3.07 25.46
CA ASP C 369 -31.73 -2.88 26.71
C ASP C 369 -31.21 -3.79 27.82
N ARG C 370 -29.98 -4.29 27.68
CA ARG C 370 -29.33 -5.13 28.69
C ARG C 370 -30.11 -6.43 28.94
N GLU C 371 -30.20 -7.24 27.89
CA GLU C 371 -30.71 -8.59 27.98
C GLU C 371 -29.80 -9.53 27.20
N TRP C 372 -29.86 -10.82 27.56
CA TRP C 372 -29.07 -11.85 26.90
C TRP C 372 -29.98 -12.72 26.06
N GLU C 373 -29.59 -12.93 24.80
CA GLU C 373 -30.37 -13.73 23.87
C GLU C 373 -29.46 -14.75 23.18
N LYS C 374 -30.03 -15.89 22.83
CA LYS C 374 -29.28 -16.94 22.14
C LYS C 374 -29.19 -16.60 20.66
N VAL C 375 -27.97 -16.63 20.11
CA VAL C 375 -27.73 -16.34 18.71
C VAL C 375 -27.09 -17.52 17.98
N GLY C 376 -26.99 -18.68 18.64
CA GLY C 376 -26.42 -19.84 18.01
C GLY C 376 -26.22 -20.96 19.01
N LYS C 377 -25.89 -22.13 18.46
CA LYS C 377 -25.65 -23.33 19.24
C LYS C 377 -24.35 -23.98 18.77
N TRP C 378 -23.96 -25.05 19.46
CA TRP C 378 -22.71 -25.74 19.14
C TRP C 378 -22.84 -27.25 19.14
N GLU C 379 -24.01 -27.81 19.45
CA GLU C 379 -24.16 -29.27 19.52
C GLU C 379 -24.21 -29.93 18.15
N ASN C 380 -24.33 -29.15 17.07
CA ASN C 380 -24.48 -29.71 15.72
C ASN C 380 -23.13 -30.24 15.24
N HIS C 381 -22.76 -31.42 15.74
CA HIS C 381 -21.52 -32.11 15.36
C HIS C 381 -20.30 -31.22 15.57
N THR C 382 -20.28 -30.52 16.72
CA THR C 382 -19.18 -29.63 17.11
C THR C 382 -18.94 -28.52 16.10
N LEU C 383 -19.97 -28.09 15.37
CA LEU C 383 -19.87 -26.97 14.46
C LEU C 383 -20.47 -25.73 15.10
N SER C 384 -20.44 -24.62 14.36
CA SER C 384 -20.95 -23.34 14.83
C SER C 384 -22.16 -22.93 14.01
N LEU C 385 -23.18 -22.44 14.72
CA LEU C 385 -24.40 -21.95 14.10
C LEU C 385 -24.58 -20.48 14.44
N ARG C 386 -25.01 -19.70 13.46
CA ARG C 386 -25.15 -18.25 13.63
C ARG C 386 -26.51 -17.82 13.09
N HIS C 387 -27.11 -16.82 13.75
CA HIS C 387 -28.37 -16.25 13.31
C HIS C 387 -28.19 -15.20 12.22
N ALA C 388 -26.95 -14.89 11.85
CA ALA C 388 -26.64 -13.96 10.75
C ALA C 388 -27.20 -12.57 11.02
N VAL C 389 -26.92 -12.05 12.21
CA VAL C 389 -27.27 -10.68 12.58
C VAL C 389 -25.96 -9.99 12.94
N TRP C 390 -25.36 -9.31 11.96
CA TRP C 390 -24.07 -8.65 12.15
C TRP C 390 -24.18 -7.35 12.94
N PRO C 391 -24.96 -6.34 12.48
CA PRO C 391 -24.94 -5.04 13.17
C PRO C 391 -25.79 -5.08 14.42
N ARG C 392 -25.12 -5.11 15.58
CA ARG C 392 -25.82 -5.11 16.87
C ARG C 392 -25.09 -4.25 17.90
N TYR C 393 -24.18 -3.38 17.47
CA TYR C 393 -23.35 -2.59 18.36
C TYR C 393 -23.53 -1.11 18.05
N LYS C 394 -23.54 -0.29 19.09
CA LYS C 394 -23.62 1.16 18.95
C LYS C 394 -22.98 1.79 20.18
N SER C 395 -23.19 3.09 20.35
CA SER C 395 -22.62 3.83 21.48
C SER C 395 -23.45 3.52 22.72
N PHE C 396 -22.99 2.57 23.53
CA PHE C 396 -23.65 2.20 24.76
C PHE C 396 -23.05 2.90 25.98
N SER C 397 -21.72 2.85 26.11
CA SER C 397 -21.06 3.52 27.23
C SER C 397 -21.25 5.03 27.17
N ASP C 398 -21.14 5.60 25.98
CA ASP C 398 -21.32 7.03 25.77
C ASP C 398 -22.49 7.26 24.81
N CYS C 399 -22.69 8.53 24.44
CA CYS C 399 -23.76 8.93 23.53
C CYS C 399 -23.13 9.69 22.37
N GLU C 400 -22.73 8.96 21.33
CA GLU C 400 -22.12 9.56 20.15
C GLU C 400 -22.40 8.69 18.94
N PRO C 401 -23.41 9.02 18.13
CA PRO C 401 -23.73 8.20 16.96
C PRO C 401 -22.64 8.26 15.91
N ASP C 402 -22.50 7.15 15.18
CA ASP C 402 -21.54 7.03 14.10
C ASP C 402 -22.20 6.33 12.92
N ASP C 403 -21.68 6.60 11.73
CA ASP C 403 -22.19 5.98 10.51
C ASP C 403 -21.08 5.23 9.78
N ASN C 404 -20.27 4.49 10.52
CA ASN C 404 -19.14 3.78 9.93
C ASN C 404 -19.55 2.51 9.19
N HIS C 405 -20.78 2.04 9.37
CA HIS C 405 -21.28 0.84 8.70
C HIS C 405 -22.32 1.24 7.68
N LEU C 406 -21.99 1.09 6.40
CA LEU C 406 -22.89 1.43 5.30
C LEU C 406 -23.04 0.23 4.38
N SER C 407 -24.28 -0.10 4.06
CA SER C 407 -24.56 -1.27 3.21
C SER C 407 -24.27 -0.96 1.75
N ILE C 408 -23.81 -1.99 1.04
CA ILE C 408 -23.48 -1.90 -0.39
C ILE C 408 -24.23 -3.00 -1.12
N VAL C 409 -24.85 -2.66 -2.25
CA VAL C 409 -25.64 -3.59 -3.04
C VAL C 409 -24.99 -3.74 -4.42
N THR C 410 -24.93 -4.98 -4.90
CA THR C 410 -24.28 -5.29 -6.17
C THR C 410 -25.04 -6.42 -6.85
N LEU C 411 -24.84 -6.54 -8.16
CA LEU C 411 -25.45 -7.58 -8.97
C LEU C 411 -24.38 -8.52 -9.53
N GLU C 412 -24.82 -9.54 -10.25
CA GLU C 412 -23.94 -10.53 -10.84
C GLU C 412 -24.33 -10.79 -12.29
N GLU C 413 -24.55 -9.71 -13.04
CA GLU C 413 -24.92 -9.81 -14.45
C GLU C 413 -23.78 -9.41 -15.38
N ALA C 414 -22.63 -9.03 -14.86
CA ALA C 414 -21.48 -8.60 -15.63
C ALA C 414 -20.24 -9.32 -15.14
N PRO C 415 -19.22 -9.48 -16.00
CA PRO C 415 -17.96 -10.14 -15.60
C PRO C 415 -17.07 -9.25 -14.73
N PHE C 416 -17.66 -8.64 -13.70
CA PHE C 416 -16.93 -7.84 -12.73
C PHE C 416 -17.23 -8.21 -11.30
N VAL C 417 -18.39 -8.81 -11.00
CA VAL C 417 -18.73 -9.27 -9.67
C VAL C 417 -19.16 -10.73 -9.77
N ILE C 418 -18.51 -11.60 -9.00
CA ILE C 418 -18.84 -13.02 -8.97
C ILE C 418 -18.97 -13.46 -7.51
N VAL C 419 -20.02 -14.20 -7.22
CA VAL C 419 -20.26 -14.74 -5.88
C VAL C 419 -20.18 -16.26 -5.95
N GLU C 420 -19.41 -16.85 -5.04
CA GLU C 420 -19.21 -18.29 -5.01
C GLU C 420 -19.48 -18.81 -3.61
N ASP C 421 -19.94 -20.06 -3.54
CA ASP C 421 -20.21 -20.68 -2.26
C ASP C 421 -18.92 -20.91 -1.50
N ILE C 422 -18.98 -20.74 -0.17
CA ILE C 422 -17.81 -20.94 0.67
C ILE C 422 -17.45 -22.42 0.69
N ASP C 423 -16.17 -22.72 0.52
CA ASP C 423 -15.71 -24.09 0.51
C ASP C 423 -15.88 -24.70 1.90
N PRO C 424 -16.42 -25.93 2.01
CA PRO C 424 -16.61 -26.59 3.31
C PRO C 424 -15.32 -27.16 3.89
N LEU C 425 -14.28 -26.33 3.94
CA LEU C 425 -12.97 -26.71 4.45
C LEU C 425 -12.49 -25.69 5.47
N THR C 426 -13.37 -25.37 6.42
CA THR C 426 -13.14 -24.43 7.53
C THR C 426 -12.38 -23.17 7.11
N GLU C 427 -12.63 -22.71 5.89
CA GLU C 427 -11.98 -21.51 5.35
C GLU C 427 -13.04 -20.61 4.72
N THR C 428 -12.79 -19.31 4.78
CA THR C 428 -13.73 -18.31 4.28
C THR C 428 -13.27 -17.86 2.89
N CYS C 429 -13.66 -18.65 1.89
CA CYS C 429 -13.35 -18.39 0.49
C CYS C 429 -11.85 -18.20 0.28
N VAL C 430 -11.06 -19.03 0.94
CA VAL C 430 -9.60 -19.03 0.83
C VAL C 430 -9.05 -17.64 1.15
N ARG C 431 -8.70 -16.89 0.11
CA ARG C 431 -8.05 -15.59 0.28
C ARG C 431 -8.63 -14.61 -0.73
N ASN C 432 -8.51 -13.32 -0.41
CA ASN C 432 -8.95 -12.23 -1.28
C ASN C 432 -10.45 -12.32 -1.56
N THR C 433 -11.23 -12.17 -0.49
CA THR C 433 -12.68 -12.25 -0.58
C THR C 433 -13.30 -11.21 0.35
N VAL C 434 -14.56 -10.88 0.05
CA VAL C 434 -15.34 -9.93 0.85
C VAL C 434 -16.63 -10.65 1.25
N PRO C 435 -17.05 -10.57 2.51
CA PRO C 435 -18.30 -11.20 2.91
C PRO C 435 -19.49 -10.61 2.16
N CYS C 436 -20.46 -11.48 1.86
CA CYS C 436 -21.62 -11.08 1.06
C CYS C 436 -22.87 -11.72 1.65
N ARG C 437 -24.02 -11.22 1.21
CA ARG C 437 -25.31 -11.72 1.65
C ARG C 437 -26.21 -11.91 0.44
N LYS C 438 -26.99 -12.99 0.44
CA LYS C 438 -27.89 -13.29 -0.67
C LYS C 438 -29.11 -14.03 -0.13
N PHE C 439 -30.30 -13.57 -0.51
CA PHE C 439 -31.54 -14.20 -0.09
C PHE C 439 -31.81 -15.40 -0.99
N VAL C 440 -31.48 -16.60 -0.50
CA VAL C 440 -31.73 -17.83 -1.24
C VAL C 440 -33.16 -18.27 -0.95
N LYS C 441 -34.00 -18.29 -1.97
CA LYS C 441 -35.40 -18.67 -1.79
C LYS C 441 -35.51 -20.15 -1.46
N ILE C 442 -36.38 -20.46 -0.50
CA ILE C 442 -36.53 -21.85 -0.05
C ILE C 442 -37.54 -22.58 -0.93
N ASN C 443 -38.78 -22.11 -0.94
CA ASN C 443 -39.86 -22.74 -1.69
C ASN C 443 -40.38 -21.78 -2.75
N ASN C 444 -41.21 -22.31 -3.65
CA ASN C 444 -41.76 -21.51 -4.73
C ASN C 444 -42.75 -20.47 -4.22
N SER C 445 -43.26 -20.62 -3.00
CA SER C 445 -44.19 -19.68 -2.41
C SER C 445 -43.55 -18.79 -1.36
N THR C 446 -42.88 -19.39 -0.38
CA THR C 446 -42.22 -18.61 0.66
C THR C 446 -41.04 -17.83 0.09
N ASN C 447 -40.86 -16.60 0.58
CA ASN C 447 -39.79 -15.73 0.13
C ASN C 447 -38.75 -15.49 1.24
N GLU C 448 -38.50 -16.50 2.06
CA GLU C 448 -37.53 -16.38 3.14
C GLU C 448 -36.15 -16.80 2.64
N GLY C 449 -35.17 -15.93 2.86
CA GLY C 449 -33.81 -16.21 2.41
C GLY C 449 -32.77 -16.08 3.52
N MET C 450 -32.03 -17.15 3.76
CA MET C 450 -30.97 -17.12 4.76
C MET C 450 -29.79 -16.29 4.27
N ASN C 451 -29.12 -15.62 5.22
CA ASN C 451 -27.98 -14.76 4.91
C ASN C 451 -26.72 -15.63 4.77
N VAL C 452 -26.62 -16.28 3.61
CA VAL C 452 -25.49 -17.16 3.33
C VAL C 452 -24.31 -16.33 2.86
N LYS C 453 -23.15 -16.57 3.46
CA LYS C 453 -21.93 -15.87 3.07
C LYS C 453 -21.50 -16.30 1.67
N LYS C 454 -21.06 -15.33 0.87
CA LYS C 454 -20.68 -15.57 -0.50
C LYS C 454 -19.34 -14.90 -0.80
N CYS C 455 -18.64 -15.43 -1.79
CA CYS C 455 -17.38 -14.86 -2.22
C CYS C 455 -17.61 -13.55 -2.96
N CYS C 456 -16.54 -12.76 -3.08
CA CYS C 456 -16.59 -11.50 -3.81
C CYS C 456 -15.24 -11.27 -4.46
N LYS C 457 -15.19 -11.40 -5.80
CA LYS C 457 -13.98 -11.17 -6.56
C LYS C 457 -14.34 -10.48 -7.87
N GLY C 458 -13.36 -9.79 -8.44
CA GLY C 458 -13.53 -9.13 -9.71
C GLY C 458 -12.85 -7.78 -9.72
N PHE C 459 -13.03 -7.06 -10.83
CA PHE C 459 -12.45 -5.73 -10.97
C PHE C 459 -13.02 -4.75 -9.96
N CYS C 460 -14.34 -4.77 -9.78
CA CYS C 460 -14.98 -3.88 -8.81
C CYS C 460 -14.55 -4.19 -7.38
N ILE C 461 -14.39 -5.47 -7.03
CA ILE C 461 -13.93 -5.83 -5.70
C ILE C 461 -12.52 -5.30 -5.47
N ASP C 462 -11.65 -5.43 -6.48
CA ASP C 462 -10.30 -4.91 -6.36
C ASP C 462 -10.29 -3.39 -6.23
N ILE C 463 -11.16 -2.71 -6.99
CA ILE C 463 -11.26 -1.25 -6.87
C ILE C 463 -11.71 -0.86 -5.48
N LEU C 464 -12.70 -1.57 -4.93
CA LEU C 464 -13.18 -1.27 -3.58
C LEU C 464 -12.09 -1.52 -2.55
N LYS C 465 -11.34 -2.61 -2.69
CA LYS C 465 -10.24 -2.87 -1.77
C LYS C 465 -9.16 -1.79 -1.86
N LYS C 466 -8.88 -1.33 -3.07
CA LYS C 466 -7.91 -0.24 -3.24
C LYS C 466 -8.40 1.04 -2.58
N LEU C 467 -9.70 1.34 -2.73
CA LEU C 467 -10.29 2.50 -2.08
C LEU C 467 -10.32 2.37 -0.56
N SER C 468 -10.33 1.14 -0.05
CA SER C 468 -10.45 0.91 1.39
C SER C 468 -9.31 1.58 2.16
N ARG C 469 -8.08 1.48 1.64
CA ARG C 469 -6.95 2.09 2.33
C ARG C 469 -7.10 3.60 2.39
N THR C 470 -7.63 4.21 1.32
CA THR C 470 -7.80 5.66 1.31
C THR C 470 -8.97 6.11 2.17
N VAL C 471 -9.98 5.25 2.34
CA VAL C 471 -11.19 5.64 3.06
C VAL C 471 -11.30 5.02 4.44
N LYS C 472 -10.52 3.98 4.74
CA LYS C 472 -10.54 3.25 6.02
C LYS C 472 -11.97 3.09 6.55
N PHE C 473 -12.80 2.46 5.72
CA PHE C 473 -14.23 2.35 5.99
C PHE C 473 -14.67 0.90 5.92
N THR C 474 -15.67 0.55 6.73
CA THR C 474 -16.19 -0.79 6.79
C THR C 474 -17.16 -1.04 5.63
N TYR C 475 -17.34 -2.31 5.28
CA TYR C 475 -18.14 -2.72 4.14
C TYR C 475 -19.23 -3.69 4.56
N ASP C 476 -20.43 -3.50 4.03
CA ASP C 476 -21.54 -4.43 4.17
C ASP C 476 -22.10 -4.67 2.77
N LEU C 477 -21.74 -5.80 2.17
CA LEU C 477 -22.05 -6.08 0.77
C LEU C 477 -23.29 -6.96 0.69
N TYR C 478 -24.28 -6.49 -0.06
CA TYR C 478 -25.54 -7.20 -0.30
C TYR C 478 -25.71 -7.44 -1.79
N LEU C 479 -26.84 -8.05 -2.14
CA LEU C 479 -27.17 -8.35 -3.53
C LEU C 479 -28.61 -7.95 -3.82
N VAL C 480 -28.88 -7.72 -5.10
CA VAL C 480 -30.23 -7.36 -5.54
C VAL C 480 -31.13 -8.59 -5.47
N THR C 481 -32.26 -8.46 -4.78
CA THR C 481 -33.19 -9.55 -4.60
C THR C 481 -34.35 -9.52 -5.60
N ASN C 482 -34.36 -8.57 -6.53
CA ASN C 482 -35.44 -8.44 -7.51
C ASN C 482 -34.81 -8.43 -8.91
N GLY C 483 -34.48 -9.63 -9.40
CA GLY C 483 -34.02 -9.78 -10.77
C GLY C 483 -32.80 -8.94 -11.10
N LYS C 484 -32.86 -8.24 -12.23
CA LYS C 484 -31.76 -7.44 -12.74
C LYS C 484 -31.87 -6.02 -12.17
N HIS C 485 -31.12 -5.07 -12.74
CA HIS C 485 -31.11 -3.70 -12.24
C HIS C 485 -32.50 -3.10 -12.26
N GLY C 486 -33.24 -3.30 -13.33
CA GLY C 486 -34.58 -2.75 -13.43
C GLY C 486 -34.59 -1.28 -13.80
N LYS C 487 -35.78 -0.70 -13.74
CA LYS C 487 -35.97 0.72 -14.08
C LYS C 487 -37.18 1.22 -13.29
N LYS C 488 -37.61 2.44 -13.60
CA LYS C 488 -38.75 3.05 -12.94
C LYS C 488 -40.03 2.39 -13.43
N VAL C 489 -40.67 1.60 -12.58
CA VAL C 489 -41.93 0.94 -12.88
C VAL C 489 -42.97 1.42 -11.88
N ASN C 490 -44.11 1.91 -12.38
CA ASN C 490 -45.17 2.48 -11.55
C ASN C 490 -44.62 3.57 -10.64
N ASN C 491 -43.73 4.39 -11.19
CA ASN C 491 -43.07 5.48 -10.45
C ASN C 491 -42.30 4.96 -9.25
N VAL C 492 -41.84 3.71 -9.31
CA VAL C 492 -41.09 3.08 -8.23
C VAL C 492 -39.85 2.45 -8.84
N TRP C 493 -38.67 2.84 -8.36
CA TRP C 493 -37.43 2.25 -8.83
C TRP C 493 -37.25 0.85 -8.25
N ASN C 494 -36.48 0.03 -8.95
CA ASN C 494 -36.23 -1.35 -8.56
C ASN C 494 -34.73 -1.61 -8.59
N GLY C 495 -34.32 -2.66 -7.86
CA GLY C 495 -32.92 -3.04 -7.85
C GLY C 495 -32.07 -2.15 -6.97
N MET C 496 -30.81 -1.99 -7.38
CA MET C 496 -29.88 -1.16 -6.61
C MET C 496 -30.35 0.30 -6.56
N ILE C 497 -30.88 0.80 -7.67
CA ILE C 497 -31.38 2.18 -7.69
C ILE C 497 -32.52 2.34 -6.70
N GLY C 498 -33.46 1.38 -6.69
CA GLY C 498 -34.56 1.44 -5.74
C GLY C 498 -34.09 1.36 -4.30
N GLU C 499 -33.09 0.51 -4.04
CA GLU C 499 -32.55 0.41 -2.69
C GLU C 499 -31.88 1.72 -2.26
N VAL C 500 -31.14 2.36 -3.18
CA VAL C 500 -30.50 3.63 -2.86
C VAL C 500 -31.55 4.71 -2.59
N VAL C 501 -32.60 4.75 -3.41
CA VAL C 501 -33.65 5.75 -3.22
C VAL C 501 -34.35 5.56 -1.87
N TYR C 502 -34.66 4.31 -1.54
CA TYR C 502 -35.35 3.99 -0.28
C TYR C 502 -34.40 3.83 0.89
N GLN C 503 -33.18 4.35 0.79
CA GLN C 503 -32.18 4.34 1.86
C GLN C 503 -31.81 2.93 2.30
N ARG C 504 -32.07 1.92 1.47
CA ARG C 504 -31.66 0.57 1.80
C ARG C 504 -30.15 0.40 1.64
N ALA C 505 -29.53 1.18 0.77
CA ALA C 505 -28.08 1.14 0.58
C ALA C 505 -27.62 2.53 0.17
N VAL C 506 -26.93 3.23 1.06
CA VAL C 506 -26.50 4.59 0.78
C VAL C 506 -25.50 4.61 -0.38
N MET C 507 -24.54 3.70 -0.34
CA MET C 507 -23.51 3.61 -1.37
C MET C 507 -23.62 2.27 -2.08
N ALA C 508 -23.63 2.31 -3.42
CA ALA C 508 -23.71 1.12 -4.24
C ALA C 508 -22.56 1.12 -5.24
N VAL C 509 -21.79 0.03 -5.25
CA VAL C 509 -20.65 -0.13 -6.14
C VAL C 509 -20.89 -1.37 -6.99
N GLY C 510 -20.77 -1.22 -8.30
CA GLY C 510 -20.98 -2.35 -9.20
C GLY C 510 -21.09 -1.88 -10.63
N SER C 511 -21.60 -2.78 -11.47
CA SER C 511 -21.77 -2.51 -12.91
C SER C 511 -23.09 -1.79 -13.14
N LEU C 512 -23.14 -0.54 -12.68
CA LEU C 512 -24.33 0.29 -12.81
C LEU C 512 -24.22 1.12 -14.09
N THR C 513 -25.11 0.85 -15.05
CA THR C 513 -25.11 1.60 -16.29
C THR C 513 -25.61 3.03 -16.05
N ILE C 514 -24.90 3.99 -16.61
CA ILE C 514 -25.26 5.40 -16.46
C ILE C 514 -26.30 5.76 -17.50
N ASN C 515 -27.43 6.33 -17.05
CA ASN C 515 -28.51 6.71 -17.93
C ASN C 515 -29.09 8.04 -17.46
N GLU C 516 -29.87 8.67 -18.34
CA GLU C 516 -30.42 9.99 -18.04
C GLU C 516 -31.39 9.95 -16.86
N GLU C 517 -32.22 8.91 -16.80
CA GLU C 517 -33.22 8.84 -15.73
C GLU C 517 -32.57 8.75 -14.36
N ARG C 518 -31.49 7.98 -14.24
CA ARG C 518 -30.79 7.87 -12.97
C ARG C 518 -29.97 9.11 -12.66
N SER C 519 -29.78 10.01 -13.62
CA SER C 519 -28.93 11.17 -13.41
C SER C 519 -29.50 12.12 -12.38
N GLU C 520 -30.81 12.36 -12.41
CA GLU C 520 -31.43 13.28 -11.47
C GLU C 520 -31.96 12.58 -10.22
N VAL C 521 -32.35 11.30 -10.33
CA VAL C 521 -32.87 10.59 -9.17
C VAL C 521 -31.75 10.30 -8.17
N VAL C 522 -30.58 9.90 -8.68
CA VAL C 522 -29.43 9.59 -7.83
C VAL C 522 -28.21 10.32 -8.39
N ASP C 523 -27.20 10.48 -7.54
CA ASP C 523 -25.97 11.15 -7.90
C ASP C 523 -24.82 10.15 -7.90
N PHE C 524 -23.95 10.26 -8.91
CA PHE C 524 -22.81 9.37 -9.05
C PHE C 524 -21.58 10.19 -9.41
N SER C 525 -20.42 9.64 -9.06
CA SER C 525 -19.15 10.31 -9.27
C SER C 525 -18.65 10.05 -10.69
N VAL C 526 -17.42 10.45 -10.97
CA VAL C 526 -16.84 10.27 -12.31
C VAL C 526 -16.60 8.77 -12.55
N PRO C 527 -17.04 8.23 -13.68
CA PRO C 527 -16.81 6.81 -13.95
C PRO C 527 -15.34 6.51 -14.14
N PHE C 528 -14.95 5.29 -13.77
CA PHE C 528 -13.57 4.83 -13.90
C PHE C 528 -13.33 3.98 -15.14
N VAL C 529 -14.36 3.31 -15.65
CA VAL C 529 -14.25 2.51 -16.86
C VAL C 529 -15.35 2.95 -17.82
N GLU C 530 -14.99 3.09 -19.10
CA GLU C 530 -15.92 3.55 -20.12
C GLU C 530 -16.51 2.36 -20.86
N THR C 531 -17.84 2.34 -20.97
CA THR C 531 -18.54 1.29 -21.70
C THR C 531 -19.94 1.79 -22.01
N GLY C 532 -20.51 1.27 -23.08
CA GLY C 532 -21.83 1.69 -23.52
C GLY C 532 -22.48 0.70 -24.45
N ILE C 533 -23.32 1.23 -25.34
CA ILE C 533 -24.10 0.38 -26.26
C ILE C 533 -23.20 -0.08 -27.40
N SER C 534 -23.18 -1.39 -27.63
CA SER C 534 -22.41 -1.97 -28.71
C SER C 534 -23.17 -3.16 -29.29
N VAL C 535 -22.82 -3.53 -30.51
CA VAL C 535 -23.47 -4.62 -31.22
C VAL C 535 -22.45 -5.72 -31.47
N MET C 536 -22.80 -6.95 -31.10
CA MET C 536 -21.97 -8.11 -31.33
C MET C 536 -22.68 -9.02 -32.33
N VAL C 537 -21.99 -9.33 -33.43
CA VAL C 537 -22.55 -10.13 -34.51
C VAL C 537 -21.57 -11.26 -34.85
N SER C 538 -22.11 -12.46 -35.05
CA SER C 538 -21.28 -13.60 -35.40
C SER C 538 -20.63 -13.39 -36.77
N ARG C 539 -19.36 -13.76 -36.87
CA ARG C 539 -18.64 -13.62 -38.13
C ARG C 539 -19.18 -14.60 -39.17
N SER C 540 -19.33 -14.11 -40.39
CA SER C 540 -19.85 -14.90 -41.51
C SER C 540 -18.74 -15.10 -42.53
N ASN C 541 -18.49 -16.35 -42.89
CA ASN C 541 -17.46 -16.67 -43.87
C ASN C 541 -17.91 -16.34 -45.28
N PHE C 549 -4.06 -9.69 -55.84
CA PHE C 549 -3.53 -9.44 -57.17
C PHE C 549 -3.10 -7.99 -57.32
N LEU C 550 -2.66 -7.39 -56.20
CA LEU C 550 -2.20 -6.00 -56.17
C LEU C 550 -3.26 -5.03 -56.70
N GLU C 551 -4.53 -5.28 -56.36
CA GLU C 551 -5.60 -4.39 -56.80
C GLU C 551 -5.45 -2.97 -56.28
N PRO C 552 -5.19 -2.72 -54.99
CA PRO C 552 -4.99 -1.33 -54.55
C PRO C 552 -3.64 -0.78 -54.96
N PHE C 553 -2.71 -1.68 -55.29
CA PHE C 553 -1.37 -1.25 -55.69
C PHE C 553 -1.34 -0.66 -57.10
N SER C 554 -2.36 -0.94 -57.91
CA SER C 554 -2.38 -0.44 -59.29
C SER C 554 -3.53 0.54 -59.49
N ALA C 555 -3.75 1.42 -58.51
CA ALA C 555 -4.83 2.40 -58.62
C ALA C 555 -4.42 3.61 -59.46
N SER C 556 -3.37 4.31 -59.03
CA SER C 556 -2.90 5.51 -59.73
C SER C 556 -1.56 5.32 -60.42
N VAL C 557 -0.62 4.61 -59.79
CA VAL C 557 0.70 4.40 -60.38
C VAL C 557 0.62 3.49 -61.60
N TRP C 558 -0.46 2.73 -61.75
CA TRP C 558 -0.59 1.83 -62.90
C TRP C 558 -0.61 2.61 -64.21
N VAL C 559 -1.36 3.72 -64.24
CA VAL C 559 -1.41 4.53 -65.46
C VAL C 559 -0.04 5.11 -65.78
N MET C 560 0.67 5.59 -64.76
CA MET C 560 1.99 6.18 -64.97
C MET C 560 2.98 5.14 -65.50
N MET C 561 2.99 3.95 -64.90
CA MET C 561 3.92 2.93 -65.36
C MET C 561 3.55 2.45 -66.77
N PHE C 562 2.25 2.35 -67.06
CA PHE C 562 1.83 1.93 -68.39
C PHE C 562 2.24 2.95 -69.45
N VAL C 563 2.05 4.24 -69.17
CA VAL C 563 2.41 5.26 -70.16
C VAL C 563 3.93 5.34 -70.31
N MET C 564 4.67 5.15 -69.21
CA MET C 564 6.13 5.12 -69.32
C MET C 564 6.60 3.94 -70.16
N LEU C 565 6.00 2.77 -69.96
CA LEU C 565 6.36 1.62 -70.78
C LEU C 565 6.01 1.87 -72.25
N LEU C 566 4.86 2.48 -72.50
CA LEU C 566 4.46 2.78 -73.88
C LEU C 566 5.45 3.73 -74.55
N ILE C 567 5.84 4.80 -73.85
CA ILE C 567 6.73 5.78 -74.48
C ILE C 567 8.13 5.21 -74.68
N VAL C 568 8.62 4.42 -73.71
CA VAL C 568 9.95 3.84 -73.91
C VAL C 568 9.92 2.80 -75.01
N SER C 569 8.82 2.05 -75.14
CA SER C 569 8.70 1.11 -76.26
C SER C 569 8.67 1.83 -77.60
N ALA C 570 7.94 2.96 -77.67
CA ALA C 570 7.93 3.75 -78.89
C ALA C 570 9.32 4.27 -79.23
N ILE C 571 10.05 4.77 -78.24
CA ILE C 571 11.40 5.25 -78.49
C ILE C 571 12.29 4.11 -78.97
N ALA C 572 12.18 2.93 -78.35
CA ALA C 572 13.00 1.80 -78.73
C ALA C 572 12.70 1.34 -80.16
N VAL C 573 11.42 1.27 -80.52
CA VAL C 573 11.09 0.82 -81.87
C VAL C 573 11.52 1.87 -82.90
N PHE C 574 11.41 3.16 -82.55
CA PHE C 574 11.87 4.21 -83.47
C PHE C 574 13.37 4.13 -83.69
N VAL C 575 14.15 3.96 -82.61
CA VAL C 575 15.59 3.90 -82.78
C VAL C 575 16.00 2.61 -83.50
N PHE C 576 15.28 1.51 -83.27
CA PHE C 576 15.55 0.28 -83.99
C PHE C 576 15.29 0.44 -85.48
N GLU C 577 14.20 1.13 -85.83
CA GLU C 577 13.94 1.43 -87.23
C GLU C 577 15.03 2.31 -87.82
N TYR C 578 15.47 3.30 -87.06
CA TYR C 578 16.57 4.17 -87.51
C TYR C 578 17.90 3.44 -87.58
N PHE C 579 18.03 2.27 -86.95
CA PHE C 579 19.25 1.48 -86.99
C PHE C 579 19.32 0.56 -88.21
N SER C 580 18.57 0.87 -89.26
CA SER C 580 18.61 0.04 -90.47
C SER C 580 19.99 -0.05 -91.09
N PRO C 581 20.73 1.06 -91.30
CA PRO C 581 22.06 0.87 -91.88
C PRO C 581 23.07 0.34 -90.85
N SER C 598 15.92 -9.04 -88.84
CA SER C 598 15.72 -8.80 -90.27
C SER C 598 14.91 -7.53 -90.51
N PHE C 599 13.64 -7.70 -90.83
CA PHE C 599 12.77 -6.55 -91.06
C PHE C 599 12.53 -5.78 -89.77
N THR C 600 12.59 -4.45 -89.86
CA THR C 600 12.40 -3.63 -88.67
C THR C 600 11.00 -3.78 -88.11
N ILE C 601 9.99 -3.83 -88.98
CA ILE C 601 8.60 -3.91 -88.52
C ILE C 601 8.34 -5.25 -87.85
N GLY C 602 8.95 -6.32 -88.36
CA GLY C 602 8.69 -7.67 -87.88
C GLY C 602 9.69 -8.26 -86.92
N LYS C 603 10.64 -7.47 -86.41
CA LYS C 603 11.62 -8.00 -85.47
C LYS C 603 11.77 -7.09 -84.25
N ALA C 604 11.51 -5.80 -84.42
CA ALA C 604 11.71 -4.85 -83.32
C ALA C 604 10.76 -5.14 -82.16
N ILE C 605 9.49 -5.39 -82.46
CA ILE C 605 8.52 -5.68 -81.40
C ILE C 605 8.87 -6.98 -80.70
N TRP C 606 9.25 -8.00 -81.47
CA TRP C 606 9.60 -9.29 -80.87
C TRP C 606 10.80 -9.16 -79.96
N LEU C 607 11.84 -8.43 -80.40
CA LEU C 607 13.02 -8.24 -79.55
C LEU C 607 12.68 -7.41 -78.32
N LEU C 608 11.84 -6.38 -78.48
CA LEU C 608 11.46 -5.54 -77.35
C LEU C 608 10.72 -6.35 -76.29
N TRP C 609 9.81 -7.22 -76.71
CA TRP C 609 9.12 -8.08 -75.74
C TRP C 609 10.06 -9.13 -75.16
N GLY C 610 10.97 -9.67 -75.98
CA GLY C 610 11.86 -10.70 -75.49
C GLY C 610 12.82 -10.21 -74.42
N LEU C 611 13.34 -8.99 -74.59
CA LEU C 611 14.25 -8.45 -73.60
C LEU C 611 13.54 -8.18 -72.28
N VAL C 612 12.29 -7.73 -72.34
CA VAL C 612 11.52 -7.48 -71.11
C VAL C 612 11.16 -8.80 -70.44
N PHE C 613 10.70 -9.77 -71.23
CA PHE C 613 10.27 -11.04 -70.67
C PHE C 613 11.47 -11.88 -70.24
N ASN C 614 11.22 -12.80 -69.30
CA ASN C 614 12.30 -13.59 -68.74
C ASN C 614 12.89 -14.55 -69.76
N ASN C 615 12.05 -15.25 -70.52
CA ASN C 615 12.51 -16.29 -71.43
C ASN C 615 11.85 -16.14 -72.80
N SER C 616 11.85 -14.93 -73.34
CA SER C 616 11.31 -14.69 -74.67
C SER C 616 12.39 -14.14 -75.61
N THR C 625 25.97 -3.44 -84.18
CA THR C 625 25.88 -3.90 -82.79
C THR C 625 25.34 -2.79 -81.89
N THR C 626 24.84 -1.71 -82.51
CA THR C 626 24.28 -0.61 -81.74
C THR C 626 23.02 -1.04 -80.99
N SER C 627 22.17 -1.85 -81.63
CA SER C 627 20.94 -2.27 -80.99
C SER C 627 21.17 -3.34 -79.93
N LYS C 628 22.23 -4.15 -80.09
CA LYS C 628 22.45 -5.26 -79.16
C LYS C 628 22.74 -4.76 -77.75
N ILE C 629 23.59 -3.74 -77.62
CA ILE C 629 23.99 -3.26 -76.30
C ILE C 629 22.80 -2.65 -75.58
N MET C 630 22.04 -1.79 -76.27
CA MET C 630 20.89 -1.15 -75.65
C MET C 630 19.82 -2.18 -75.30
N VAL C 631 19.61 -3.19 -76.16
CA VAL C 631 18.66 -4.24 -75.85
C VAL C 631 19.09 -5.01 -74.61
N SER C 632 20.38 -5.33 -74.50
CA SER C 632 20.87 -6.09 -73.35
C SER C 632 20.72 -5.28 -72.06
N VAL C 633 21.09 -4.01 -72.08
CA VAL C 633 21.01 -3.20 -70.87
C VAL C 633 19.56 -2.94 -70.49
N TRP C 634 18.67 -2.79 -71.49
CA TRP C 634 17.25 -2.65 -71.18
C TRP C 634 16.66 -3.94 -70.62
N ALA C 635 17.14 -5.10 -71.10
CA ALA C 635 16.72 -6.37 -70.52
C ALA C 635 17.17 -6.48 -69.06
N PHE C 636 18.39 -6.05 -68.78
CA PHE C 636 18.86 -6.04 -67.39
C PHE C 636 18.01 -5.11 -66.52
N PHE C 637 17.67 -3.94 -67.06
CA PHE C 637 16.79 -3.01 -66.33
C PHE C 637 15.42 -3.62 -66.10
N ALA C 638 14.90 -4.34 -67.10
CA ALA C 638 13.60 -5.01 -66.94
C ALA C 638 13.66 -6.09 -65.87
N VAL C 639 14.76 -6.83 -65.81
CA VAL C 639 14.94 -7.83 -64.76
C VAL C 639 14.97 -7.16 -63.39
N ILE C 640 15.68 -6.02 -63.28
CA ILE C 640 15.71 -5.28 -62.03
C ILE C 640 14.31 -4.81 -61.66
N PHE C 641 13.55 -4.31 -62.63
CA PHE C 641 12.20 -3.84 -62.35
C PHE C 641 11.29 -4.97 -61.90
N LEU C 642 11.42 -6.15 -62.53
CA LEU C 642 10.63 -7.30 -62.11
C LEU C 642 10.99 -7.74 -60.70
N ALA C 643 12.29 -7.72 -60.37
CA ALA C 643 12.70 -8.06 -59.01
C ALA C 643 12.14 -7.06 -58.00
N SER C 644 12.17 -5.77 -58.34
CA SER C 644 11.61 -4.75 -57.45
C SER C 644 10.10 -4.94 -57.29
N TYR C 645 9.41 -5.29 -58.37
CA TYR C 645 7.97 -5.52 -58.29
C TYR C 645 7.66 -6.72 -57.41
N THR C 646 8.44 -7.80 -57.54
CA THR C 646 8.23 -8.97 -56.69
C THR C 646 8.50 -8.63 -55.23
N ALA C 647 9.56 -7.85 -54.95
CA ALA C 647 9.84 -7.44 -53.58
C ALA C 647 8.73 -6.56 -53.02
N ASN C 648 8.18 -5.67 -53.84
CA ASN C 648 7.08 -4.82 -53.40
C ASN C 648 5.84 -5.65 -53.09
N LEU C 649 5.55 -6.65 -53.93
CA LEU C 649 4.40 -7.52 -53.66
C LEU C 649 4.63 -8.33 -52.39
N ALA C 650 5.85 -8.81 -52.17
CA ALA C 650 6.15 -9.54 -50.94
C ALA C 650 5.98 -8.67 -49.71
N ALA C 651 6.43 -7.41 -49.80
CA ALA C 651 6.23 -6.48 -48.68
C ALA C 651 4.76 -6.19 -48.45
N PHE C 652 3.99 -6.02 -49.53
CA PHE C 652 2.56 -5.75 -49.43
C PHE C 652 1.78 -6.91 -48.83
N MET C 653 2.11 -8.15 -49.17
CA MET C 653 1.38 -9.32 -48.71
C MET C 653 1.69 -9.66 -47.25
N ILE C 654 2.43 -8.82 -46.55
CA ILE C 654 2.74 -9.03 -45.15
C ILE C 654 1.64 -8.48 -44.24
N GLN C 655 1.20 -7.25 -44.50
CA GLN C 655 0.15 -6.60 -43.72
C GLN C 655 0.50 -6.54 -42.23
N GLN C 661 -19.89 -4.36 -41.24
CA GLN C 661 -21.07 -4.83 -41.94
C GLN C 661 -22.27 -3.93 -41.67
N VAL C 662 -22.42 -3.50 -40.41
CA VAL C 662 -23.52 -2.64 -40.02
C VAL C 662 -22.97 -1.26 -39.65
N THR C 663 -21.90 -1.24 -38.86
CA THR C 663 -21.22 0.00 -38.46
C THR C 663 -22.18 0.95 -37.75
N GLY C 664 -22.59 0.57 -36.55
CA GLY C 664 -23.44 1.40 -35.74
C GLY C 664 -24.91 1.27 -36.07
N LEU C 665 -25.70 2.14 -35.43
CA LEU C 665 -27.14 2.16 -35.63
C LEU C 665 -27.56 2.94 -36.87
N SER C 666 -26.62 3.57 -37.58
CA SER C 666 -26.93 4.40 -38.74
C SER C 666 -27.07 3.60 -40.02
N ASP C 667 -27.28 2.29 -39.94
CA ASP C 667 -27.43 1.44 -41.12
C ASP C 667 -28.89 1.08 -41.33
N LYS C 668 -29.26 0.86 -42.58
CA LYS C 668 -30.63 0.52 -42.91
C LYS C 668 -31.01 -0.90 -42.49
N LYS C 669 -30.02 -1.73 -42.14
CA LYS C 669 -30.33 -3.09 -41.72
C LYS C 669 -31.18 -3.11 -40.46
N PHE C 670 -30.84 -2.27 -39.48
CA PHE C 670 -31.64 -2.21 -38.26
C PHE C 670 -32.98 -1.52 -38.51
N GLN C 671 -32.98 -0.41 -39.22
CA GLN C 671 -34.19 0.38 -39.44
C GLN C 671 -35.17 -0.27 -40.40
N ARG C 672 -34.69 -1.01 -41.40
CA ARG C 672 -35.54 -1.63 -42.42
C ARG C 672 -35.19 -3.11 -42.52
N PRO C 673 -35.65 -3.93 -41.57
CA PRO C 673 -35.39 -5.37 -41.66
C PRO C 673 -36.31 -6.09 -42.63
N HIS C 674 -37.44 -5.49 -43.01
CA HIS C 674 -38.39 -6.15 -43.90
C HIS C 674 -37.93 -6.17 -45.35
N ASP C 675 -36.98 -5.31 -45.72
CA ASP C 675 -36.50 -5.26 -47.11
C ASP C 675 -35.68 -6.47 -47.49
N TYR C 676 -35.28 -7.31 -46.53
CA TYR C 676 -34.50 -8.51 -46.79
C TYR C 676 -35.35 -9.74 -46.51
N SER C 677 -35.18 -10.77 -47.34
CA SER C 677 -35.94 -12.00 -47.15
C SER C 677 -35.70 -12.66 -45.79
N PRO C 678 -34.48 -12.81 -45.29
CA PRO C 678 -34.31 -13.33 -43.93
C PRO C 678 -34.59 -12.26 -42.90
N PRO C 679 -35.62 -12.45 -42.06
CA PRO C 679 -35.93 -11.44 -41.04
C PRO C 679 -34.79 -11.29 -40.05
N PHE C 680 -34.55 -10.04 -39.63
CA PHE C 680 -33.51 -9.75 -38.66
C PHE C 680 -34.02 -9.97 -37.25
N ARG C 681 -33.22 -10.65 -36.42
CA ARG C 681 -33.57 -10.92 -35.04
C ARG C 681 -32.41 -10.54 -34.15
N PHE C 682 -32.70 -9.80 -33.09
CA PHE C 682 -31.72 -9.33 -32.13
C PHE C 682 -32.23 -9.56 -30.71
N GLY C 683 -31.30 -9.61 -29.76
CA GLY C 683 -31.62 -9.88 -28.38
C GLY C 683 -31.49 -8.63 -27.51
N THR C 684 -32.33 -8.56 -26.48
CA THR C 684 -32.33 -7.45 -25.55
C THR C 684 -32.69 -7.97 -24.17
N VAL C 685 -32.73 -7.05 -23.20
CA VAL C 685 -33.04 -7.41 -21.82
C VAL C 685 -34.28 -6.65 -21.36
N PRO C 686 -35.42 -7.33 -21.20
CA PRO C 686 -36.60 -6.66 -20.64
C PRO C 686 -36.34 -6.18 -19.23
N ASN C 687 -36.96 -5.05 -18.89
CA ASN C 687 -36.79 -4.40 -17.59
C ASN C 687 -35.31 -4.12 -17.31
N GLY C 688 -34.59 -3.67 -18.33
CA GLY C 688 -33.18 -3.38 -18.20
C GLY C 688 -32.84 -1.93 -18.47
N SER C 689 -31.61 -1.68 -18.91
CA SER C 689 -31.14 -0.33 -19.19
C SER C 689 -30.95 -0.06 -20.68
N THR C 690 -30.51 -1.06 -21.45
CA THR C 690 -30.28 -0.85 -22.88
C THR C 690 -31.58 -0.52 -23.61
N GLU C 691 -32.65 -1.26 -23.30
CA GLU C 691 -33.93 -1.00 -23.95
C GLU C 691 -34.48 0.37 -23.56
N ARG C 692 -34.32 0.76 -22.29
CA ARG C 692 -34.79 2.06 -21.85
C ARG C 692 -33.97 3.18 -22.47
N ASN C 693 -32.69 2.92 -22.76
CA ASN C 693 -31.88 3.93 -23.43
C ASN C 693 -32.23 4.05 -24.91
N ILE C 694 -32.53 2.92 -25.56
CA ILE C 694 -32.80 2.94 -27.01
C ILE C 694 -34.26 3.17 -27.34
N ARG C 695 -35.16 3.21 -26.36
CA ARG C 695 -36.55 3.51 -26.65
C ARG C 695 -36.76 4.98 -26.98
N ASN C 696 -35.90 5.87 -26.48
CA ASN C 696 -36.05 7.29 -26.73
C ASN C 696 -35.84 7.62 -28.21
N ASN C 697 -34.84 7.00 -28.84
CA ASN C 697 -34.52 7.24 -30.24
C ASN C 697 -34.94 6.03 -31.07
N TYR C 698 -35.67 6.29 -32.15
CA TYR C 698 -36.22 5.26 -33.02
C TYR C 698 -37.13 4.32 -32.21
N PRO C 699 -38.30 4.78 -31.78
CA PRO C 699 -39.18 3.90 -31.00
C PRO C 699 -39.64 2.67 -31.77
N TYR C 700 -39.67 2.74 -33.10
CA TYR C 700 -39.99 1.56 -33.90
C TYR C 700 -38.96 0.45 -33.68
N MET C 701 -37.70 0.82 -33.45
CA MET C 701 -36.69 -0.18 -33.11
C MET C 701 -37.04 -0.89 -31.81
N HIS C 702 -37.47 -0.14 -30.79
CA HIS C 702 -37.87 -0.76 -29.54
C HIS C 702 -39.09 -1.65 -29.72
N GLN C 703 -40.06 -1.19 -30.52
CA GLN C 703 -41.25 -2.00 -30.78
C GLN C 703 -40.89 -3.31 -31.47
N TYR C 704 -39.97 -3.25 -32.43
CA TYR C 704 -39.52 -4.47 -33.10
C TYR C 704 -38.76 -5.37 -32.14
N MET C 705 -37.93 -4.79 -31.26
CA MET C 705 -37.14 -5.59 -30.33
C MET C 705 -38.01 -6.23 -29.25
N THR C 706 -39.18 -5.65 -28.96
CA THR C 706 -40.04 -6.23 -27.94
C THR C 706 -40.45 -7.66 -28.26
N LYS C 707 -40.57 -8.00 -29.56
CA LYS C 707 -40.94 -9.35 -29.93
C LYS C 707 -39.85 -10.35 -29.55
N PHE C 708 -38.59 -10.00 -29.77
CA PHE C 708 -37.46 -10.89 -29.50
C PHE C 708 -36.83 -10.48 -28.17
N ASN C 709 -37.12 -11.23 -27.12
CA ASN C 709 -36.63 -10.93 -25.78
C ASN C 709 -35.96 -12.16 -25.20
N GLN C 710 -34.95 -11.92 -24.35
CA GLN C 710 -34.23 -12.98 -23.67
C GLN C 710 -34.19 -12.73 -22.17
N LYS C 711 -33.46 -13.57 -21.42
CA LYS C 711 -33.40 -13.41 -19.97
C LYS C 711 -32.00 -13.63 -19.41
N GLY C 712 -30.96 -13.49 -20.22
CA GLY C 712 -29.60 -13.64 -19.73
C GLY C 712 -28.60 -13.57 -20.85
N VAL C 713 -27.36 -13.24 -20.47
CA VAL C 713 -26.28 -13.19 -21.45
C VAL C 713 -25.90 -14.59 -21.91
N GLU C 714 -26.06 -15.58 -21.04
CA GLU C 714 -25.75 -16.96 -21.42
C GLU C 714 -26.68 -17.45 -22.53
N ASP C 715 -27.96 -17.06 -22.48
CA ASP C 715 -28.88 -17.40 -23.54
C ASP C 715 -28.46 -16.78 -24.86
N ALA C 716 -28.01 -15.52 -24.83
CA ALA C 716 -27.51 -14.88 -26.04
C ALA C 716 -26.29 -15.60 -26.58
N LEU C 717 -25.38 -16.00 -25.69
CA LEU C 717 -24.19 -16.73 -26.13
C LEU C 717 -24.57 -18.06 -26.77
N VAL C 718 -25.51 -18.78 -26.16
CA VAL C 718 -25.95 -20.05 -26.74
C VAL C 718 -26.60 -19.84 -28.10
N SER C 719 -27.44 -18.82 -28.21
CA SER C 719 -28.09 -18.54 -29.50
C SER C 719 -27.08 -18.18 -30.56
N LEU C 720 -26.07 -17.38 -30.22
CA LEU C 720 -25.03 -17.03 -31.18
C LEU C 720 -24.21 -18.25 -31.59
N LYS C 721 -23.89 -19.11 -30.63
CA LYS C 721 -23.15 -20.33 -30.96
C LYS C 721 -23.95 -21.25 -31.87
N THR C 722 -25.25 -21.38 -31.61
CA THR C 722 -26.12 -22.23 -32.40
C THR C 722 -26.68 -21.52 -33.64
N GLY C 723 -26.39 -20.23 -33.80
CA GLY C 723 -26.88 -19.49 -34.95
C GLY C 723 -28.34 -19.07 -34.86
N LYS C 724 -28.99 -19.26 -33.71
CA LYS C 724 -30.38 -18.89 -33.56
C LYS C 724 -30.60 -17.37 -33.49
N LEU C 725 -29.53 -16.59 -33.30
CA LEU C 725 -29.63 -15.15 -33.21
C LEU C 725 -28.61 -14.51 -34.16
N ASP C 726 -29.03 -13.42 -34.82
CA ASP C 726 -28.15 -12.74 -35.75
C ASP C 726 -27.12 -11.89 -35.02
N ALA C 727 -27.58 -10.92 -34.23
CA ALA C 727 -26.71 -10.04 -33.48
C ALA C 727 -27.31 -9.77 -32.12
N PHE C 728 -26.45 -9.37 -31.17
CA PHE C 728 -26.86 -9.08 -29.81
C PHE C 728 -26.34 -7.71 -29.41
N ILE C 729 -27.18 -6.95 -28.70
CA ILE C 729 -26.86 -5.60 -28.27
C ILE C 729 -26.90 -5.56 -26.74
N TYR C 730 -25.83 -5.07 -26.13
CA TYR C 730 -25.71 -4.99 -24.68
C TYR C 730 -24.56 -4.05 -24.35
N ASP C 731 -24.16 -4.02 -23.08
CA ASP C 731 -23.07 -3.16 -22.65
C ASP C 731 -21.77 -3.54 -23.34
N ALA C 732 -20.96 -2.53 -23.66
CA ALA C 732 -19.76 -2.75 -24.46
C ALA C 732 -18.75 -3.62 -23.73
N ALA C 733 -18.54 -3.40 -22.44
CA ALA C 733 -17.50 -4.10 -21.72
C ALA C 733 -17.76 -5.60 -21.65
N VAL C 734 -18.98 -5.99 -21.27
CA VAL C 734 -19.30 -7.41 -21.15
C VAL C 734 -19.29 -8.08 -22.52
N LEU C 735 -19.80 -7.38 -23.55
CA LEU C 735 -19.77 -7.95 -24.89
C LEU C 735 -18.35 -8.18 -25.37
N ASN C 736 -17.46 -7.21 -25.13
CA ASN C 736 -16.06 -7.37 -25.51
C ASN C 736 -15.40 -8.51 -24.74
N TYR C 737 -15.70 -8.63 -23.44
CA TYR C 737 -15.15 -9.71 -22.64
C TYR C 737 -15.60 -11.07 -23.16
N LYS C 738 -16.89 -11.20 -23.48
CA LYS C 738 -17.42 -12.46 -24.01
C LYS C 738 -16.82 -12.77 -25.37
N ALA C 739 -16.66 -11.75 -26.22
CA ALA C 739 -16.06 -11.96 -27.53
C ALA C 739 -14.61 -12.42 -27.38
N GLY C 740 -13.87 -11.83 -26.45
CA GLY C 740 -12.51 -12.28 -26.20
C GLY C 740 -12.44 -13.70 -25.69
N ARG C 741 -13.32 -14.06 -24.77
CA ARG C 741 -13.34 -15.41 -24.21
C ARG C 741 -14.21 -16.38 -24.99
N ASP C 742 -14.77 -15.95 -26.13
CA ASP C 742 -15.57 -16.84 -26.95
C ASP C 742 -14.71 -17.95 -27.53
N GLU C 743 -15.27 -19.15 -27.60
CA GLU C 743 -14.56 -20.31 -28.13
C GLU C 743 -14.53 -20.23 -29.65
N GLY C 744 -13.31 -20.22 -30.22
CA GLY C 744 -13.13 -20.13 -31.64
C GLY C 744 -13.09 -18.72 -32.20
N CYS C 745 -13.35 -17.71 -31.37
CA CYS C 745 -13.33 -16.30 -31.78
C CYS C 745 -14.26 -16.04 -32.96
N LYS C 746 -15.41 -16.73 -32.99
CA LYS C 746 -16.40 -16.52 -34.04
C LYS C 746 -17.35 -15.37 -33.75
N LEU C 747 -17.32 -14.81 -32.54
CA LEU C 747 -18.15 -13.69 -32.15
C LEU C 747 -17.26 -12.46 -31.98
N VAL C 748 -17.44 -11.48 -32.85
CA VAL C 748 -16.66 -10.24 -32.81
C VAL C 748 -17.61 -9.06 -32.95
N THR C 749 -17.13 -7.90 -32.54
CA THR C 749 -17.89 -6.66 -32.66
C THR C 749 -17.57 -6.01 -34.01
N ILE C 750 -18.04 -4.78 -34.21
CA ILE C 750 -17.83 -4.05 -35.44
C ILE C 750 -16.81 -2.95 -35.13
N GLY C 751 -15.53 -3.22 -35.38
CA GLY C 751 -14.48 -2.26 -35.15
C GLY C 751 -14.35 -1.90 -33.68
N SER C 752 -13.92 -0.66 -33.44
CA SER C 752 -13.78 -0.15 -32.09
C SER C 752 -14.04 1.35 -32.09
N GLY C 753 -14.51 1.85 -30.96
CA GLY C 753 -14.82 3.26 -30.82
C GLY C 753 -16.17 3.68 -31.39
N TYR C 754 -16.96 2.74 -31.92
CA TYR C 754 -18.26 3.05 -32.50
C TYR C 754 -19.39 2.92 -31.49
N ILE C 755 -19.10 3.11 -30.20
CA ILE C 755 -20.13 3.00 -29.17
C ILE C 755 -21.09 4.18 -29.30
N PHE C 756 -22.39 3.88 -29.31
CA PHE C 756 -23.40 4.93 -29.47
C PHE C 756 -23.36 5.91 -28.30
N ALA C 757 -23.21 5.39 -27.08
CA ALA C 757 -23.18 6.21 -25.87
C ALA C 757 -21.99 5.77 -25.03
N THR C 758 -20.86 6.46 -25.17
CA THR C 758 -19.64 6.13 -24.43
C THR C 758 -19.77 6.63 -22.99
N THR C 759 -20.64 5.95 -22.24
CA THR C 759 -20.87 6.26 -20.84
C THR C 759 -19.93 5.43 -19.97
N GLY C 760 -20.19 5.41 -18.66
CA GLY C 760 -19.39 4.62 -17.75
C GLY C 760 -20.22 3.92 -16.70
N TYR C 761 -19.59 3.56 -15.58
CA TYR C 761 -20.27 2.93 -14.46
C TYR C 761 -20.35 3.85 -13.24
N GLY C 762 -19.20 4.33 -12.77
CA GLY C 762 -19.19 5.24 -11.63
C GLY C 762 -19.53 4.52 -10.33
N ILE C 763 -19.72 5.33 -9.29
CA ILE C 763 -20.10 4.85 -7.97
C ILE C 763 -21.42 5.51 -7.59
N ALA C 764 -22.39 4.71 -7.18
CA ALA C 764 -23.73 5.22 -6.83
C ALA C 764 -23.67 5.75 -5.41
N LEU C 765 -23.64 7.08 -5.27
CA LEU C 765 -23.63 7.73 -3.97
C LEU C 765 -25.06 8.07 -3.54
N GLN C 766 -25.19 8.85 -2.47
CA GLN C 766 -26.47 9.29 -1.96
C GLN C 766 -26.58 10.80 -2.12
N LYS C 767 -27.80 11.28 -2.39
CA LYS C 767 -28.05 12.70 -2.55
C LYS C 767 -27.68 13.46 -1.28
N GLY C 768 -26.65 14.30 -1.36
CA GLY C 768 -26.17 15.04 -0.22
C GLY C 768 -25.14 14.34 0.63
N SER C 769 -24.76 13.12 0.27
CA SER C 769 -23.76 12.40 1.05
C SER C 769 -22.40 13.08 0.92
N PRO C 770 -21.66 13.26 2.03
CA PRO C 770 -20.36 13.92 1.99
C PRO C 770 -19.21 13.02 1.54
N TRP C 771 -19.38 12.40 0.37
CA TRP C 771 -18.35 11.54 -0.21
C TRP C 771 -17.89 12.00 -1.58
N LYS C 772 -18.53 13.01 -2.17
CA LYS C 772 -18.08 13.53 -3.46
C LYS C 772 -16.78 14.31 -3.36
N ARG C 773 -16.34 14.66 -2.15
CA ARG C 773 -15.07 15.34 -1.97
C ARG C 773 -13.91 14.38 -1.71
N GLN C 774 -14.18 13.09 -1.57
CA GLN C 774 -13.15 12.10 -1.32
C GLN C 774 -13.09 11.00 -2.37
N ILE C 775 -14.24 10.48 -2.81
CA ILE C 775 -14.24 9.38 -3.76
C ILE C 775 -13.66 9.82 -5.10
N ASP C 776 -14.07 11.00 -5.59
CA ASP C 776 -13.55 11.49 -6.85
C ASP C 776 -12.05 11.75 -6.77
N LEU C 777 -11.59 12.31 -5.66
CA LEU C 777 -10.16 12.57 -5.50
C LEU C 777 -9.37 11.27 -5.47
N ALA C 778 -9.88 10.24 -4.78
CA ALA C 778 -9.20 8.95 -4.74
C ALA C 778 -9.15 8.33 -6.13
N LEU C 779 -10.26 8.40 -6.88
CA LEU C 779 -10.27 7.85 -8.23
C LEU C 779 -9.30 8.58 -9.14
N LEU C 780 -9.24 9.91 -9.04
CA LEU C 780 -8.31 10.68 -9.87
C LEU C 780 -6.86 10.37 -9.50
N GLN C 781 -6.57 10.20 -8.20
CA GLN C 781 -5.22 9.82 -7.79
C GLN C 781 -4.85 8.45 -8.34
N PHE C 782 -5.78 7.50 -8.28
CA PHE C 782 -5.50 6.16 -8.81
C PHE C 782 -5.28 6.21 -10.32
N VAL C 783 -6.07 7.01 -11.04
CA VAL C 783 -5.88 7.14 -12.48
C VAL C 783 -4.54 7.77 -12.81
N GLY C 784 -4.17 8.83 -12.08
CA GLY C 784 -2.90 9.49 -12.33
C GLY C 784 -1.71 8.61 -12.04
N ASP C 785 -1.75 7.89 -10.92
CA ASP C 785 -0.65 6.99 -10.57
C ASP C 785 -0.69 5.67 -11.33
N GLY C 786 -1.80 5.37 -11.99
CA GLY C 786 -1.88 4.19 -12.83
C GLY C 786 -1.89 2.87 -12.09
N GLU C 787 -2.96 2.60 -11.35
CA GLU C 787 -3.12 1.33 -10.64
C GLU C 787 -4.21 0.46 -11.26
N MET C 788 -4.62 0.77 -12.50
CA MET C 788 -5.65 0.00 -13.18
C MET C 788 -5.12 -0.87 -14.32
N GLU C 789 -3.86 -0.68 -14.72
CA GLU C 789 -3.32 -1.44 -15.84
C GLU C 789 -3.25 -2.93 -15.50
N GLU C 790 -2.72 -3.26 -14.32
CA GLU C 790 -2.65 -4.67 -13.92
C GLU C 790 -4.04 -5.26 -13.76
N LEU C 791 -4.98 -4.50 -13.21
CA LEU C 791 -6.34 -4.98 -13.05
C LEU C 791 -6.99 -5.28 -14.40
N GLU C 792 -6.82 -4.38 -15.37
CA GLU C 792 -7.44 -4.60 -16.67
C GLU C 792 -6.73 -5.68 -17.47
N THR C 793 -5.44 -5.92 -17.20
CA THR C 793 -4.75 -7.00 -17.89
C THR C 793 -5.11 -8.36 -17.30
N CYS C 794 -5.31 -8.45 -15.99
CA CYS C 794 -5.62 -9.72 -15.35
C CYS C 794 -7.11 -9.91 -15.06
N TRP C 795 -7.96 -9.02 -15.55
CA TRP C 795 -9.40 -9.18 -15.41
C TRP C 795 -10.18 -9.07 -16.70
N LEU C 796 -9.65 -8.40 -17.73
CA LEU C 796 -10.29 -8.35 -19.04
C LEU C 796 -9.68 -9.36 -20.00
N THR C 797 -8.36 -9.28 -20.22
CA THR C 797 -7.55 -10.27 -20.95
C THR C 797 -8.28 -10.81 -22.18
N GLY C 798 -8.59 -9.91 -23.10
CA GLY C 798 -9.19 -10.31 -24.36
C GLY C 798 -8.34 -11.28 -25.14
N ILE C 799 -8.79 -12.54 -25.21
CA ILE C 799 -7.99 -13.58 -25.84
C ILE C 799 -7.91 -13.38 -27.35
N CYS C 800 -9.03 -13.05 -27.98
CA CYS C 800 -9.10 -12.98 -29.44
C CYS C 800 -8.42 -11.71 -29.96
N HIS C 801 -7.10 -11.80 -30.19
CA HIS C 801 -6.33 -10.70 -30.75
C HIS C 801 -5.57 -11.21 -31.96
N ASN C 802 -5.73 -10.53 -33.09
CA ASN C 802 -5.08 -10.93 -34.34
C ASN C 802 -4.43 -9.71 -34.98
N GLU C 803 -3.30 -9.94 -35.65
CA GLU C 803 -2.57 -8.87 -36.32
C GLU C 803 -2.00 -9.35 -37.65
N ASP C 813 -6.84 -17.26 -53.77
CA ASP C 813 -7.45 -16.06 -53.20
C ASP C 813 -8.46 -15.48 -54.18
N ILE C 814 -9.50 -14.83 -53.63
CA ILE C 814 -10.52 -14.23 -54.48
C ILE C 814 -9.94 -13.05 -55.27
N ASP C 815 -9.02 -12.30 -54.67
CA ASP C 815 -8.41 -11.18 -55.36
C ASP C 815 -7.57 -11.66 -56.54
N ASN C 816 -6.86 -12.78 -56.37
CA ASN C 816 -6.06 -13.32 -57.48
C ASN C 816 -6.94 -13.75 -58.64
N MET C 817 -8.11 -14.34 -58.34
CA MET C 817 -9.02 -14.73 -59.41
C MET C 817 -9.49 -13.52 -60.21
N ALA C 818 -9.86 -12.44 -59.52
CA ALA C 818 -10.28 -11.23 -60.22
C ALA C 818 -9.13 -10.65 -61.03
N GLY C 819 -7.92 -10.64 -60.47
CA GLY C 819 -6.78 -10.10 -61.20
C GLY C 819 -6.47 -10.90 -62.45
N VAL C 820 -6.57 -12.22 -62.37
CA VAL C 820 -6.26 -13.05 -63.54
C VAL C 820 -7.41 -13.03 -64.54
N PHE C 821 -8.64 -12.76 -64.09
CA PHE C 821 -9.76 -12.65 -65.02
C PHE C 821 -9.87 -11.28 -65.66
N TYR C 822 -9.21 -10.27 -65.09
CA TYR C 822 -9.25 -8.94 -65.69
C TYR C 822 -8.63 -8.93 -67.09
N MET C 823 -7.50 -9.62 -67.26
CA MET C 823 -6.83 -9.64 -68.54
C MET C 823 -7.53 -10.52 -69.57
N LEU C 824 -8.40 -11.44 -69.12
CA LEU C 824 -9.15 -12.27 -70.05
C LEU C 824 -10.09 -11.43 -70.91
N ALA C 825 -10.72 -10.41 -70.31
CA ALA C 825 -11.59 -9.54 -71.08
C ALA C 825 -10.81 -8.79 -72.17
N ALA C 826 -9.62 -8.28 -71.82
CA ALA C 826 -8.80 -7.62 -72.83
C ALA C 826 -8.37 -8.59 -73.92
N ALA C 827 -8.00 -9.81 -73.53
CA ALA C 827 -7.58 -10.80 -74.53
C ALA C 827 -8.70 -11.14 -75.49
N MET C 828 -9.92 -11.35 -74.96
CA MET C 828 -11.04 -11.68 -75.84
C MET C 828 -11.46 -10.49 -76.68
N ALA C 829 -11.34 -9.27 -76.16
CA ALA C 829 -11.61 -8.09 -76.97
C ALA C 829 -10.63 -7.97 -78.12
N LEU C 830 -9.34 -8.21 -77.85
CA LEU C 830 -8.35 -8.18 -78.92
C LEU C 830 -8.60 -9.29 -79.93
N SER C 831 -9.01 -10.47 -79.47
CA SER C 831 -9.34 -11.56 -80.38
C SER C 831 -10.52 -11.20 -81.28
N LEU C 832 -11.56 -10.59 -80.71
CA LEU C 832 -12.70 -10.16 -81.51
C LEU C 832 -12.29 -9.08 -82.52
N ILE C 833 -11.42 -8.15 -82.10
CA ILE C 833 -10.98 -7.08 -82.98
C ILE C 833 -10.21 -7.66 -84.17
N THR C 834 -9.27 -8.58 -83.89
CA THR C 834 -8.48 -9.16 -84.97
C THR C 834 -9.29 -10.13 -85.82
N PHE C 835 -10.38 -10.69 -85.28
CA PHE C 835 -11.26 -11.51 -86.10
C PHE C 835 -12.11 -10.67 -87.03
N ILE C 836 -12.64 -9.55 -86.53
CA ILE C 836 -13.49 -8.70 -87.38
C ILE C 836 -12.65 -7.88 -88.35
N TRP C 837 -11.38 -7.64 -88.05
CA TRP C 837 -10.50 -6.92 -88.96
C TRP C 837 -9.66 -7.89 -89.79
N LYS D 25 -15.98 38.44 58.19
CA LYS D 25 -16.30 38.31 56.78
C LYS D 25 -16.86 39.60 56.22
N ILE D 26 -16.00 40.62 56.09
CA ILE D 26 -16.39 41.92 55.55
C ILE D 26 -15.62 42.15 54.27
N VAL D 27 -16.35 42.40 53.18
CA VAL D 27 -15.75 42.65 51.87
C VAL D 27 -16.35 43.93 51.31
N ASN D 28 -15.69 44.47 50.28
CA ASN D 28 -16.13 45.69 49.62
C ASN D 28 -16.12 45.47 48.11
N ILE D 29 -17.03 46.16 47.43
CA ILE D 29 -17.12 46.14 45.97
C ILE D 29 -17.14 47.57 45.46
N GLY D 30 -16.22 47.90 44.56
CA GLY D 30 -16.16 49.23 44.00
C GLY D 30 -17.17 49.46 42.90
N ALA D 31 -17.32 50.72 42.53
CA ALA D 31 -18.27 51.10 41.48
C ALA D 31 -17.87 52.45 40.92
N VAL D 32 -17.75 52.54 39.60
CA VAL D 32 -17.50 53.79 38.89
C VAL D 32 -18.79 54.19 38.20
N LEU D 33 -19.37 55.31 38.61
CA LEU D 33 -20.70 55.71 38.16
C LEU D 33 -20.68 57.16 37.69
N SER D 34 -21.63 57.47 36.81
CA SER D 34 -21.64 58.78 36.15
C SER D 34 -22.03 59.90 37.11
N THR D 35 -23.08 59.68 37.92
CA THR D 35 -23.63 60.74 38.75
C THR D 35 -23.82 60.23 40.17
N ARG D 36 -23.90 61.18 41.11
CA ARG D 36 -24.06 60.84 42.52
C ARG D 36 -25.43 60.23 42.80
N LYS D 37 -26.44 60.58 42.01
CA LYS D 37 -27.76 59.97 42.19
C LYS D 37 -27.70 58.47 41.95
N HIS D 38 -27.01 58.05 40.88
CA HIS D 38 -26.82 56.63 40.64
C HIS D 38 -26.01 55.99 41.76
N GLU D 39 -25.00 56.70 42.26
CA GLU D 39 -24.19 56.16 43.36
C GLU D 39 -25.03 55.88 44.59
N GLN D 40 -25.87 56.84 44.99
CA GLN D 40 -26.67 56.66 46.20
C GLN D 40 -27.76 55.62 45.99
N MET D 41 -28.40 55.61 44.82
CA MET D 41 -29.44 54.60 44.58
C MET D 41 -28.85 53.20 44.56
N PHE D 42 -27.66 53.03 43.97
CA PHE D 42 -27.04 51.71 43.96
C PHE D 42 -26.51 51.32 45.33
N ARG D 43 -26.07 52.29 46.14
CA ARG D 43 -25.69 51.99 47.51
C ARG D 43 -26.89 51.51 48.30
N GLU D 44 -28.04 52.16 48.14
CA GLU D 44 -29.26 51.70 48.80
C GLU D 44 -29.64 50.31 48.30
N ALA D 45 -29.49 50.06 46.99
CA ALA D 45 -29.83 48.76 46.43
C ALA D 45 -28.95 47.66 47.01
N VAL D 46 -27.65 47.90 47.12
CA VAL D 46 -26.76 46.87 47.66
C VAL D 46 -26.99 46.68 49.15
N ASN D 47 -27.31 47.76 49.87
CA ASN D 47 -27.64 47.63 51.28
C ASN D 47 -28.89 46.77 51.48
N GLN D 48 -29.91 46.98 50.63
CA GLN D 48 -31.09 46.14 50.69
C GLN D 48 -30.77 44.69 50.32
N ALA D 49 -29.94 44.50 49.29
CA ALA D 49 -29.62 43.15 48.83
C ALA D 49 -28.80 42.37 49.84
N ASN D 50 -28.03 43.07 50.68
CA ASN D 50 -27.24 42.39 51.71
C ASN D 50 -28.13 41.66 52.72
N LYS D 51 -29.38 42.08 52.87
CA LYS D 51 -30.31 41.43 53.77
C LYS D 51 -31.32 40.54 53.06
N ARG D 52 -31.27 40.47 51.73
CA ARG D 52 -32.20 39.62 50.99
C ARG D 52 -31.57 38.24 50.72
N HIS D 53 -32.38 37.35 50.16
CA HIS D 53 -31.97 35.99 49.79
C HIS D 53 -31.54 35.27 51.05
N GLY D 54 -30.30 34.77 51.14
CA GLY D 54 -29.89 34.06 52.35
C GLY D 54 -29.69 34.98 53.53
N SER D 55 -28.83 35.99 53.37
CA SER D 55 -28.52 36.97 54.41
C SER D 55 -28.01 36.26 55.69
N TRP D 56 -26.90 35.56 55.51
CA TRP D 56 -26.29 34.83 56.61
C TRP D 56 -25.69 35.79 57.63
N LYS D 57 -24.74 36.62 57.19
CA LYS D 57 -24.09 37.60 58.05
C LYS D 57 -23.93 38.89 57.26
N ILE D 58 -23.10 39.80 57.79
CA ILE D 58 -22.80 41.04 57.06
C ILE D 58 -22.06 40.69 55.78
N GLN D 59 -22.53 41.25 54.67
CA GLN D 59 -22.06 40.86 53.35
C GLN D 59 -21.20 41.93 52.68
N LEU D 60 -21.75 43.12 52.45
CA LEU D 60 -21.09 44.10 51.61
C LEU D 60 -21.17 45.48 52.24
N ASN D 61 -20.05 46.22 52.16
CA ASN D 61 -19.98 47.64 52.51
C ASN D 61 -19.41 48.35 51.28
N ALA D 62 -20.30 48.68 50.35
CA ALA D 62 -19.89 49.15 49.03
C ALA D 62 -19.36 50.57 49.08
N THR D 63 -18.50 50.89 48.12
CA THR D 63 -17.94 52.22 47.93
C THR D 63 -18.06 52.60 46.46
N SER D 64 -18.47 53.85 46.21
CA SER D 64 -18.73 54.32 44.86
C SER D 64 -17.82 55.48 44.52
N VAL D 65 -17.43 55.57 43.25
CA VAL D 65 -16.59 56.65 42.74
C VAL D 65 -17.22 57.16 41.45
N THR D 66 -16.84 58.38 41.07
CA THR D 66 -17.38 59.04 39.90
C THR D 66 -16.39 59.00 38.74
N HIS D 67 -16.93 59.18 37.54
CA HIS D 67 -16.11 59.22 36.31
C HIS D 67 -15.47 60.59 36.20
N LYS D 68 -14.24 60.70 36.71
CA LYS D 68 -13.50 61.95 36.60
C LYS D 68 -13.03 62.15 35.17
N PRO D 69 -13.33 63.28 34.54
CA PRO D 69 -12.87 63.51 33.15
C PRO D 69 -11.36 63.43 32.99
N ASN D 70 -10.60 63.85 34.00
CA ASN D 70 -9.15 63.78 33.93
C ASN D 70 -8.69 62.35 34.21
N ALA D 71 -7.97 61.76 33.25
CA ALA D 71 -7.59 60.36 33.37
C ALA D 71 -6.66 60.11 34.53
N ILE D 72 -5.66 60.99 34.73
CA ILE D 72 -4.69 60.78 35.79
C ILE D 72 -5.35 60.91 37.16
N GLN D 73 -6.17 61.94 37.35
CA GLN D 73 -6.88 62.11 38.61
C GLN D 73 -7.83 60.95 38.86
N MET D 74 -8.53 60.50 37.82
CA MET D 74 -9.44 59.36 37.95
C MET D 74 -8.69 58.11 38.38
N ALA D 75 -7.55 57.84 37.76
CA ALA D 75 -6.77 56.66 38.10
C ALA D 75 -6.25 56.73 39.53
N LEU D 76 -5.74 57.90 39.94
CA LEU D 76 -5.24 58.05 41.31
C LEU D 76 -6.37 57.87 42.32
N SER D 77 -7.53 58.47 42.05
CA SER D 77 -8.66 58.34 42.96
C SER D 77 -9.12 56.89 43.05
N VAL D 78 -9.17 56.19 41.91
CA VAL D 78 -9.58 54.78 41.90
C VAL D 78 -8.60 53.96 42.72
N CYS D 79 -7.29 54.15 42.52
CA CYS D 79 -6.31 53.40 43.28
C CYS D 79 -6.50 53.65 44.78
N GLU D 80 -6.56 54.92 45.17
CA GLU D 80 -6.64 55.25 46.60
C GLU D 80 -7.91 54.74 47.23
N ASP D 81 -9.04 54.84 46.54
CA ASP D 81 -10.33 54.51 47.13
C ASP D 81 -10.74 53.04 46.92
N LEU D 82 -9.98 52.28 46.14
CA LEU D 82 -10.32 50.88 45.93
C LEU D 82 -9.24 49.92 46.42
N ILE D 83 -7.98 50.14 46.02
CA ILE D 83 -6.93 49.19 46.40
C ILE D 83 -6.72 49.19 47.91
N SER D 84 -6.75 50.36 48.53
CA SER D 84 -6.55 50.48 49.96
C SER D 84 -7.81 50.26 50.78
N SER D 85 -8.95 50.01 50.13
CA SER D 85 -10.22 49.85 50.82
C SER D 85 -10.74 48.41 50.79
N GLN D 86 -9.88 47.45 50.48
CA GLN D 86 -10.20 46.02 50.55
C GLN D 86 -11.40 45.68 49.65
N VAL D 87 -11.22 45.87 48.35
CA VAL D 87 -12.26 45.57 47.36
C VAL D 87 -11.79 44.40 46.51
N TYR D 88 -12.77 43.70 45.93
CA TYR D 88 -12.51 42.55 45.08
C TYR D 88 -13.01 42.70 43.65
N ALA D 89 -13.90 43.65 43.38
CA ALA D 89 -14.43 43.86 42.04
C ALA D 89 -14.79 45.32 41.85
N ILE D 90 -14.83 45.74 40.59
CA ILE D 90 -15.14 47.11 40.21
C ILE D 90 -16.36 47.11 39.29
N LEU D 91 -17.33 47.96 39.61
CA LEU D 91 -18.55 48.09 38.82
C LEU D 91 -18.39 49.32 37.92
N VAL D 92 -17.81 49.12 36.74
CA VAL D 92 -17.63 50.20 35.78
C VAL D 92 -18.91 50.35 34.96
N SER D 93 -19.43 51.56 34.89
CA SER D 93 -20.69 51.86 34.21
C SER D 93 -20.43 52.60 32.90
N HIS D 94 -21.51 52.79 32.16
CA HIS D 94 -21.44 53.48 30.88
C HIS D 94 -21.12 54.97 31.09
N PRO D 95 -20.34 55.57 30.20
CA PRO D 95 -20.06 57.00 30.30
C PRO D 95 -21.33 57.83 30.23
N PRO D 96 -21.40 58.93 30.97
CA PRO D 96 -22.63 59.75 30.95
C PRO D 96 -22.94 60.33 29.58
N THR D 97 -21.93 60.65 28.77
CA THR D 97 -22.14 61.24 27.46
C THR D 97 -21.94 60.20 26.37
N PRO D 98 -22.99 59.74 25.69
CA PRO D 98 -22.80 58.74 24.62
C PRO D 98 -21.92 59.23 23.49
N ASN D 99 -21.96 60.52 23.16
CA ASN D 99 -21.16 61.04 22.05
C ASN D 99 -19.67 60.90 22.32
N ASP D 100 -19.25 61.22 23.55
CA ASP D 100 -17.85 61.05 23.92
C ASP D 100 -17.54 59.58 24.16
N HIS D 101 -16.26 59.24 24.04
CA HIS D 101 -15.85 57.84 24.15
C HIS D 101 -15.73 57.42 25.62
N PHE D 102 -14.81 58.04 26.36
CA PHE D 102 -14.53 57.68 27.76
C PHE D 102 -14.33 56.16 27.90
N THR D 103 -13.28 55.67 27.23
CA THR D 103 -13.02 54.24 27.20
C THR D 103 -12.70 53.73 28.59
N PRO D 104 -13.29 52.62 29.03
CA PRO D 104 -12.98 52.08 30.36
C PRO D 104 -11.69 51.28 30.41
N THR D 105 -10.83 51.44 29.40
CA THR D 105 -9.55 50.74 29.40
C THR D 105 -8.69 51.00 30.64
N PRO D 106 -8.52 52.24 31.14
CA PRO D 106 -7.59 52.43 32.27
C PRO D 106 -7.98 51.66 33.53
N VAL D 107 -9.26 51.62 33.87
CA VAL D 107 -9.66 50.93 35.11
C VAL D 107 -9.46 49.43 34.96
N SER D 108 -9.77 48.87 33.79
CA SER D 108 -9.53 47.45 33.55
C SER D 108 -8.04 47.14 33.59
N TYR D 109 -7.21 48.01 33.02
CA TYR D 109 -5.77 47.80 33.07
C TYR D 109 -5.25 47.83 34.50
N THR D 110 -5.73 48.78 35.30
CA THR D 110 -5.32 48.84 36.70
C THR D 110 -5.77 47.60 37.46
N ALA D 111 -7.00 47.13 37.20
CA ALA D 111 -7.48 45.92 37.84
C ALA D 111 -6.76 44.67 37.36
N GLY D 112 -6.12 44.72 36.19
CA GLY D 112 -5.43 43.57 35.66
C GLY D 112 -4.14 43.22 36.37
N PHE D 113 -3.58 44.17 37.13
CA PHE D 113 -2.36 43.89 37.88
C PHE D 113 -2.57 42.80 38.91
N TYR D 114 -3.70 42.84 39.62
CA TYR D 114 -4.03 41.84 40.64
C TYR D 114 -5.11 40.88 40.17
N ARG D 115 -5.37 40.82 38.87
CA ARG D 115 -6.42 39.98 38.29
C ARG D 115 -7.78 40.26 38.93
N ILE D 116 -8.05 41.55 39.15
CA ILE D 116 -9.31 41.97 39.77
C ILE D 116 -10.41 41.95 38.72
N PRO D 117 -11.48 41.17 38.92
CA PRO D 117 -12.59 41.18 37.96
C PRO D 117 -13.31 42.51 37.96
N VAL D 118 -13.85 42.86 36.79
CA VAL D 118 -14.61 44.09 36.61
C VAL D 118 -15.89 43.76 35.86
N LEU D 119 -16.99 44.40 36.25
CA LEU D 119 -18.31 44.17 35.68
C LEU D 119 -18.66 45.33 34.76
N GLY D 120 -18.78 45.05 33.46
CA GLY D 120 -19.16 46.07 32.50
C GLY D 120 -20.67 46.24 32.41
N LEU D 121 -21.10 47.50 32.27
CA LEU D 121 -22.52 47.80 32.21
C LEU D 121 -23.08 47.59 30.80
N THR D 122 -22.63 48.39 29.84
CA THR D 122 -23.12 48.31 28.46
C THR D 122 -21.98 48.42 27.46
N THR D 123 -20.79 47.96 27.82
CA THR D 123 -19.65 48.00 26.90
C THR D 123 -19.81 46.93 25.83
N ARG D 124 -20.51 47.26 24.75
CA ARG D 124 -20.80 46.30 23.69
C ARG D 124 -19.65 46.15 22.70
N MET D 125 -18.65 47.05 22.74
CA MET D 125 -17.53 46.95 21.82
C MET D 125 -16.75 45.67 22.05
N SER D 126 -16.34 45.03 20.96
CA SER D 126 -15.63 43.76 21.02
C SER D 126 -14.15 43.91 21.37
N ILE D 127 -13.72 45.10 21.82
CA ILE D 127 -12.35 45.28 22.26
C ILE D 127 -12.06 44.40 23.47
N TYR D 128 -13.00 44.34 24.42
CA TYR D 128 -12.84 43.56 25.63
C TYR D 128 -13.27 42.12 25.47
N SER D 129 -13.80 41.73 24.30
CA SER D 129 -14.20 40.34 24.10
C SER D 129 -13.01 39.41 24.17
N ASP D 130 -11.89 39.79 23.55
CA ASP D 130 -10.67 39.00 23.63
C ASP D 130 -10.00 39.23 24.98
N LYS D 131 -9.65 38.14 25.66
CA LYS D 131 -9.02 38.24 26.98
C LYS D 131 -7.55 38.58 26.91
N SER D 132 -6.94 38.56 25.72
CA SER D 132 -5.52 38.90 25.62
C SER D 132 -5.26 40.36 26.00
N ILE D 133 -6.09 41.27 25.50
CA ILE D 133 -5.92 42.68 25.83
C ILE D 133 -6.31 42.94 27.28
N HIS D 134 -7.40 42.35 27.74
CA HIS D 134 -7.89 42.52 29.11
C HIS D 134 -8.10 41.13 29.70
N LEU D 135 -7.18 40.71 30.57
CA LEU D 135 -7.27 39.39 31.17
C LEU D 135 -8.49 39.26 32.08
N SER D 136 -8.78 40.29 32.87
CA SER D 136 -9.87 40.27 33.83
C SER D 136 -10.93 41.28 33.38
N PHE D 137 -11.95 40.81 32.68
CA PHE D 137 -13.05 41.66 32.26
C PHE D 137 -14.26 40.77 32.02
N LEU D 138 -15.25 40.86 32.91
CA LEU D 138 -16.48 40.06 32.83
C LEU D 138 -17.66 41.02 32.72
N ARG D 139 -18.15 41.24 31.51
CA ARG D 139 -19.25 42.16 31.26
C ARG D 139 -20.54 41.38 31.02
N THR D 140 -21.66 41.96 31.49
CA THR D 140 -22.97 41.36 31.31
C THR D 140 -23.63 41.77 30.01
N VAL D 141 -22.98 42.61 29.20
CA VAL D 141 -23.51 43.06 27.92
C VAL D 141 -22.94 42.14 26.83
N PRO D 142 -23.77 41.50 26.03
CA PRO D 142 -23.26 40.62 24.97
C PRO D 142 -22.49 41.42 23.93
N PRO D 143 -21.41 40.86 23.39
CA PRO D 143 -20.65 41.53 22.34
C PRO D 143 -21.36 41.42 21.00
N TYR D 144 -20.69 41.91 19.96
CA TYR D 144 -21.22 41.80 18.60
C TYR D 144 -21.15 40.37 18.06
N SER D 145 -20.43 39.47 18.74
CA SER D 145 -20.47 38.06 18.35
C SER D 145 -21.88 37.49 18.52
N HIS D 146 -22.58 37.93 19.57
CA HIS D 146 -23.97 37.52 19.73
C HIS D 146 -24.84 38.08 18.61
N GLN D 147 -24.56 39.31 18.16
CA GLN D 147 -25.28 39.85 17.00
C GLN D 147 -25.01 39.03 15.75
N SER D 148 -23.76 38.60 15.55
CA SER D 148 -23.44 37.75 14.42
C SER D 148 -24.17 36.41 14.52
N SER D 149 -24.27 35.86 15.73
CA SER D 149 -25.02 34.62 15.92
C SER D 149 -26.50 34.83 15.61
N VAL D 150 -27.05 35.98 15.98
CA VAL D 150 -28.44 36.30 15.66
C VAL D 150 -28.62 36.38 14.15
N TRP D 151 -27.68 37.01 13.45
CA TRP D 151 -27.75 37.08 11.99
C TRP D 151 -27.68 35.69 11.38
N PHE D 152 -26.82 34.83 11.93
CA PHE D 152 -26.73 33.45 11.44
C PHE D 152 -28.04 32.70 11.67
N GLU D 153 -28.68 32.91 12.82
CA GLU D 153 -29.97 32.28 13.09
C GLU D 153 -31.04 32.77 12.11
N MET D 154 -31.04 34.08 11.82
CA MET D 154 -31.98 34.62 10.85
C MET D 154 -31.74 34.02 9.47
N MET D 155 -30.47 33.86 9.09
CA MET D 155 -30.15 33.23 7.82
C MET D 155 -30.64 31.79 7.78
N ARG D 156 -30.46 31.05 8.89
CA ARG D 156 -30.91 29.66 8.93
C ARG D 156 -32.42 29.57 8.82
N VAL D 157 -33.15 30.44 9.53
CA VAL D 157 -34.61 30.36 9.51
C VAL D 157 -35.20 30.97 8.25
N TYR D 158 -34.44 31.76 7.50
CA TYR D 158 -34.91 32.33 6.26
C TYR D 158 -34.27 31.70 5.02
N SER D 159 -33.31 30.79 5.22
CA SER D 159 -32.70 30.02 4.13
C SER D 159 -32.05 30.93 3.09
N TRP D 160 -31.03 31.66 3.51
CA TRP D 160 -30.22 32.46 2.62
C TRP D 160 -28.96 31.69 2.23
N ASN D 161 -28.66 31.68 0.93
CA ASN D 161 -27.48 31.00 0.41
C ASN D 161 -26.41 31.96 -0.06
N HIS D 162 -26.78 32.98 -0.84
CA HIS D 162 -25.83 33.96 -1.34
C HIS D 162 -25.78 35.12 -0.34
N ILE D 163 -24.73 35.15 0.47
CA ILE D 163 -24.57 36.14 1.52
C ILE D 163 -23.19 36.77 1.39
N ILE D 164 -23.14 38.10 1.42
CA ILE D 164 -21.89 38.84 1.43
C ILE D 164 -21.79 39.64 2.72
N LEU D 165 -20.57 39.99 3.10
CA LEU D 165 -20.31 40.67 4.35
C LEU D 165 -19.48 41.93 4.10
N LEU D 166 -19.83 43.01 4.82
CA LEU D 166 -19.11 44.28 4.74
C LEU D 166 -18.62 44.61 6.14
N VAL D 167 -17.30 44.61 6.32
CA VAL D 167 -16.66 44.82 7.61
C VAL D 167 -15.62 45.92 7.48
N SER D 168 -15.70 46.93 8.34
CA SER D 168 -14.73 48.01 8.34
C SER D 168 -13.44 47.56 9.03
N ASP D 169 -12.38 48.36 8.84
CA ASP D 169 -11.07 48.05 9.41
C ASP D 169 -11.00 48.47 10.87
N ASP D 170 -11.73 47.74 11.70
CA ASP D 170 -11.76 47.93 13.14
C ASP D 170 -11.64 46.58 13.83
N HIS D 171 -11.16 46.61 15.08
CA HIS D 171 -10.96 45.38 15.83
C HIS D 171 -12.29 44.66 16.07
N GLU D 172 -13.33 45.42 16.44
CA GLU D 172 -14.63 44.82 16.67
C GLU D 172 -15.21 44.23 15.38
N GLY D 173 -15.02 44.93 14.26
CA GLY D 173 -15.48 44.41 12.98
C GLY D 173 -14.75 43.14 12.59
N ARG D 174 -13.43 43.10 12.80
CA ARG D 174 -12.67 41.89 12.51
C ARG D 174 -13.11 40.73 13.40
N ALA D 175 -13.38 41.00 14.68
CA ALA D 175 -13.86 39.95 15.57
C ALA D 175 -15.22 39.44 15.12
N ALA D 176 -16.12 40.34 14.73
CA ALA D 176 -17.43 39.92 14.25
C ALA D 176 -17.32 39.09 12.98
N GLN D 177 -16.45 39.51 12.05
CA GLN D 177 -16.24 38.77 10.82
C GLN D 177 -15.68 37.37 11.11
N LYS D 178 -14.71 37.29 12.03
CA LYS D 178 -14.15 35.99 12.39
C LYS D 178 -15.21 35.09 13.01
N ARG D 179 -16.04 35.64 13.91
CA ARG D 179 -17.10 34.85 14.53
C ARG D 179 -18.10 34.36 13.48
N LEU D 180 -18.48 35.23 12.54
CA LEU D 180 -19.40 34.82 11.49
C LEU D 180 -18.80 33.73 10.61
N GLU D 181 -17.52 33.87 10.25
CA GLU D 181 -16.87 32.85 9.43
C GLU D 181 -16.81 31.52 10.17
N THR D 182 -16.47 31.54 11.46
CA THR D 182 -16.39 30.30 12.23
C THR D 182 -17.76 29.65 12.37
N LEU D 183 -18.82 30.46 12.57
CA LEU D 183 -20.15 29.92 12.72
C LEU D 183 -20.76 29.46 11.39
N LEU D 184 -20.26 29.97 10.27
CA LEU D 184 -20.80 29.60 8.96
C LEU D 184 -20.04 28.46 8.31
N GLU D 185 -18.75 28.30 8.62
CA GLU D 185 -17.94 27.28 7.97
C GLU D 185 -18.39 25.86 8.33
N GLU D 186 -19.08 25.69 9.46
CA GLU D 186 -19.55 24.36 9.85
C GLU D 186 -20.61 23.81 8.90
N ARG D 187 -21.31 24.68 8.18
CA ARG D 187 -22.34 24.27 7.23
C ARG D 187 -21.86 24.39 5.78
N GLU D 188 -20.58 24.08 5.55
CA GLU D 188 -19.91 24.13 4.25
C GLU D 188 -20.33 25.36 3.43
N SER D 189 -20.42 26.51 4.08
CA SER D 189 -20.80 27.75 3.43
C SER D 189 -19.77 28.82 3.75
N LYS D 190 -19.42 29.63 2.74
CA LYS D 190 -18.45 30.69 2.88
C LYS D 190 -18.99 31.95 2.20
N ALA D 191 -18.63 33.11 2.75
CA ALA D 191 -19.10 34.37 2.20
C ALA D 191 -18.56 34.57 0.78
N GLU D 192 -19.45 34.98 -0.13
CA GLU D 192 -19.05 35.16 -1.52
C GLU D 192 -18.02 36.27 -1.67
N LYS D 193 -18.21 37.37 -0.96
CA LYS D 193 -17.30 38.51 -1.07
C LYS D 193 -17.27 39.27 0.25
N VAL D 194 -16.08 39.63 0.71
CA VAL D 194 -15.88 40.41 1.92
C VAL D 194 -15.07 41.65 1.55
N LEU D 195 -15.56 42.81 1.96
CA LEU D 195 -14.91 44.08 1.64
C LEU D 195 -14.53 44.80 2.93
N GLN D 196 -13.51 45.65 2.84
CA GLN D 196 -12.99 46.39 3.98
C GLN D 196 -13.23 47.87 3.79
N PHE D 197 -13.71 48.53 4.84
CA PHE D 197 -13.96 49.96 4.86
C PHE D 197 -12.92 50.67 5.72
N ASP D 198 -12.97 51.99 5.72
CA ASP D 198 -12.07 52.81 6.51
C ASP D 198 -12.86 53.85 7.30
N PRO D 199 -12.39 54.22 8.49
CA PRO D 199 -13.09 55.23 9.31
C PRO D 199 -12.83 56.66 8.85
N GLY D 200 -13.55 57.08 7.81
CA GLY D 200 -13.43 58.43 7.31
C GLY D 200 -13.51 58.56 5.81
N THR D 201 -13.22 57.47 5.10
CA THR D 201 -13.30 57.48 3.65
C THR D 201 -14.74 57.61 3.17
N LYS D 202 -14.95 58.43 2.14
CA LYS D 202 -16.27 58.66 1.60
C LYS D 202 -16.48 58.06 0.21
N ASN D 203 -15.40 57.74 -0.51
CA ASN D 203 -15.52 57.18 -1.87
C ASN D 203 -15.66 55.66 -1.78
N VAL D 204 -16.86 55.24 -1.36
CA VAL D 204 -17.20 53.83 -1.27
C VAL D 204 -17.98 53.35 -2.50
N THR D 205 -18.01 54.17 -3.56
CA THR D 205 -18.78 53.81 -4.75
C THR D 205 -18.22 52.56 -5.43
N ALA D 206 -16.89 52.44 -5.48
CA ALA D 206 -16.27 51.27 -6.11
C ALA D 206 -16.64 49.99 -5.37
N LEU D 207 -16.54 50.01 -4.04
CA LEU D 207 -16.91 48.83 -3.26
C LEU D 207 -18.39 48.54 -3.37
N LEU D 208 -19.22 49.59 -3.39
CA LEU D 208 -20.66 49.39 -3.51
C LEU D 208 -21.03 48.75 -4.84
N MET D 209 -20.43 49.21 -5.93
CA MET D 209 -20.73 48.61 -7.23
C MET D 209 -20.12 47.22 -7.36
N GLU D 210 -18.99 46.97 -6.71
CA GLU D 210 -18.44 45.62 -6.67
C GLU D 210 -19.41 44.67 -5.97
N ALA D 211 -20.01 45.12 -4.87
CA ALA D 211 -21.04 44.31 -4.21
C ALA D 211 -22.28 44.16 -5.08
N LYS D 212 -22.63 45.22 -5.82
CA LYS D 212 -23.79 45.16 -6.70
C LYS D 212 -23.63 44.11 -7.79
N GLU D 213 -22.44 44.04 -8.39
CA GLU D 213 -22.19 43.09 -9.48
C GLU D 213 -21.91 41.69 -8.92
N LEU D 214 -22.85 41.22 -8.12
CA LEU D 214 -22.76 39.90 -7.49
C LEU D 214 -24.15 39.28 -7.45
N GLU D 215 -24.18 37.94 -7.33
CA GLU D 215 -25.45 37.24 -7.26
C GLU D 215 -26.19 37.53 -5.96
N ALA D 216 -25.47 37.74 -4.87
CA ALA D 216 -26.10 38.02 -3.59
C ALA D 216 -26.79 39.39 -3.61
N ARG D 217 -27.96 39.46 -2.99
CA ARG D 217 -28.74 40.69 -2.91
C ARG D 217 -28.98 41.13 -1.47
N VAL D 218 -28.19 40.62 -0.53
CA VAL D 218 -28.31 40.97 0.89
C VAL D 218 -27.04 41.71 1.30
N ILE D 219 -27.21 42.86 1.93
CA ILE D 219 -26.10 43.70 2.36
C ILE D 219 -26.20 43.90 3.87
N ILE D 220 -25.09 43.63 4.57
CA ILE D 220 -25.02 43.79 6.02
C ILE D 220 -23.85 44.70 6.35
N LEU D 221 -24.10 45.69 7.21
CA LEU D 221 -23.09 46.66 7.59
C LEU D 221 -22.81 46.56 9.08
N SER D 222 -21.55 46.81 9.45
CA SER D 222 -21.14 46.79 10.85
C SER D 222 -19.99 47.78 11.01
N ALA D 223 -20.31 48.98 11.47
CA ALA D 223 -19.32 50.05 11.64
C ALA D 223 -19.91 51.08 12.59
N SER D 224 -19.24 52.24 12.70
CA SER D 224 -19.74 53.32 13.52
C SER D 224 -20.97 53.95 12.88
N GLU D 225 -21.62 54.84 13.64
CA GLU D 225 -22.83 55.49 13.14
C GLU D 225 -22.54 56.34 11.92
N ASP D 226 -21.45 57.12 11.97
CA ASP D 226 -21.10 57.97 10.83
C ASP D 226 -20.74 57.14 9.60
N ASP D 227 -19.98 56.07 9.78
CA ASP D 227 -19.63 55.21 8.66
C ASP D 227 -20.87 54.55 8.06
N ALA D 228 -21.77 54.07 8.92
CA ALA D 228 -23.01 53.47 8.43
C ALA D 228 -23.85 54.49 7.65
N ALA D 229 -23.95 55.71 8.16
CA ALA D 229 -24.71 56.74 7.46
C ALA D 229 -24.08 57.07 6.11
N THR D 230 -22.75 57.23 6.06
CA THR D 230 -22.11 57.61 4.81
C THR D 230 -22.03 56.46 3.82
N VAL D 231 -22.16 55.21 4.27
CA VAL D 231 -22.22 54.09 3.35
C VAL D 231 -23.65 53.78 2.92
N TYR D 232 -24.66 54.19 3.71
CA TYR D 232 -26.05 54.01 3.31
C TYR D 232 -26.58 55.16 2.48
N ARG D 233 -25.92 56.33 2.53
CA ARG D 233 -26.33 57.43 1.66
C ARG D 233 -26.16 57.07 0.19
N ALA D 234 -25.05 56.40 -0.15
CA ALA D 234 -24.81 56.00 -1.53
C ALA D 234 -25.75 54.89 -1.99
N ALA D 235 -26.40 54.19 -1.05
CA ALA D 235 -27.33 53.14 -1.42
C ALA D 235 -28.52 53.70 -2.21
N ALA D 236 -29.05 54.85 -1.76
CA ALA D 236 -30.12 55.50 -2.52
C ALA D 236 -29.62 56.03 -3.85
N MET D 237 -28.37 56.48 -3.91
CA MET D 237 -27.81 56.96 -5.17
C MET D 237 -27.71 55.84 -6.18
N LEU D 238 -27.29 54.65 -5.74
CA LEU D 238 -27.15 53.50 -6.63
C LEU D 238 -28.38 52.60 -6.60
N ASN D 239 -29.53 53.12 -6.16
CA ASN D 239 -30.80 52.41 -6.18
C ASN D 239 -30.72 51.08 -5.43
N MET D 240 -30.06 51.08 -4.28
CA MET D 240 -29.94 49.89 -3.46
C MET D 240 -31.07 49.74 -2.45
N THR D 241 -32.02 50.68 -2.42
CA THR D 241 -33.17 50.60 -1.54
C THR D 241 -34.41 50.09 -2.25
N GLY D 242 -34.26 49.59 -3.47
CA GLY D 242 -35.38 49.12 -4.25
C GLY D 242 -35.80 47.71 -3.89
N SER D 243 -36.70 47.16 -4.70
CA SER D 243 -37.23 45.83 -4.46
C SER D 243 -36.15 44.76 -4.66
N GLY D 244 -36.32 43.65 -3.97
CA GLY D 244 -35.39 42.53 -4.08
C GLY D 244 -34.12 42.66 -3.26
N TYR D 245 -34.06 43.61 -2.32
CA TYR D 245 -32.88 43.82 -1.50
C TYR D 245 -33.27 43.70 -0.03
N VAL D 246 -32.41 43.05 0.75
CA VAL D 246 -32.61 42.87 2.18
C VAL D 246 -31.39 43.46 2.90
N TRP D 247 -31.66 44.30 3.90
CA TRP D 247 -30.62 44.98 4.65
C TRP D 247 -30.58 44.47 6.08
N LEU D 248 -29.40 44.05 6.53
CA LEU D 248 -29.17 43.59 7.89
C LEU D 248 -28.30 44.63 8.58
N VAL D 249 -28.90 45.40 9.49
CA VAL D 249 -28.24 46.51 10.16
C VAL D 249 -28.14 46.22 11.64
N GLY D 250 -26.98 46.51 12.23
CA GLY D 250 -26.73 46.21 13.62
C GLY D 250 -27.45 47.16 14.55
N GLU D 251 -27.31 46.88 15.86
CA GLU D 251 -28.01 47.66 16.87
C GLU D 251 -27.52 49.10 16.93
N ARG D 252 -26.21 49.31 16.86
CA ARG D 252 -25.65 50.65 16.99
C ARG D 252 -25.64 51.43 15.68
N GLU D 253 -25.94 50.79 14.56
CA GLU D 253 -25.92 51.44 13.26
C GLU D 253 -27.29 52.00 12.85
N ILE D 254 -28.30 51.88 13.70
CA ILE D 254 -29.62 52.39 13.38
C ILE D 254 -29.89 53.68 14.15
N SER D 255 -29.16 53.88 15.25
CA SER D 255 -29.36 55.04 16.10
C SER D 255 -28.73 56.28 15.46
N GLY D 256 -28.92 57.42 16.12
CA GLY D 256 -28.35 58.66 15.60
C GLY D 256 -29.06 59.13 14.35
N ASN D 257 -28.28 59.69 13.42
CA ASN D 257 -28.82 60.21 12.17
C ASN D 257 -29.27 59.11 11.22
N ALA D 258 -28.99 57.84 11.54
CA ALA D 258 -29.41 56.74 10.66
C ALA D 258 -30.92 56.65 10.56
N LEU D 259 -31.64 56.98 11.63
CA LEU D 259 -33.10 56.96 11.58
C LEU D 259 -33.63 57.97 10.57
N ARG D 260 -33.03 59.16 10.52
CA ARG D 260 -33.49 60.19 9.59
C ARG D 260 -33.02 59.90 8.17
N TYR D 261 -31.81 59.35 8.00
CA TYR D 261 -31.24 59.12 6.68
C TYR D 261 -31.57 57.75 6.10
N ALA D 262 -32.30 56.91 6.82
CA ALA D 262 -32.64 55.58 6.34
C ALA D 262 -34.15 55.46 6.14
N PRO D 263 -34.62 55.20 4.92
CA PRO D 263 -36.06 55.00 4.71
C PRO D 263 -36.53 53.65 5.24
N ASP D 264 -37.78 53.31 4.94
CA ASP D 264 -38.35 52.06 5.43
C ASP D 264 -37.63 50.86 4.81
N GLY D 265 -37.79 49.71 5.46
CA GLY D 265 -37.15 48.49 5.02
C GLY D 265 -35.89 48.10 5.77
N ILE D 266 -35.56 48.79 6.86
CA ILE D 266 -34.37 48.49 7.65
C ILE D 266 -34.73 47.52 8.76
N LEU D 267 -33.99 46.41 8.84
CA LEU D 267 -34.22 45.38 9.85
C LEU D 267 -33.13 45.53 10.92
N GLY D 268 -33.39 46.38 11.91
CA GLY D 268 -32.45 46.61 12.99
C GLY D 268 -32.59 45.61 14.12
N LEU D 269 -31.74 45.80 15.14
CA LEU D 269 -31.73 44.95 16.32
C LEU D 269 -31.71 45.82 17.57
N GLN D 270 -32.20 45.26 18.67
CA GLN D 270 -32.21 45.95 19.96
C GLN D 270 -32.20 44.90 21.07
N LEU D 271 -31.58 45.27 22.19
CA LEU D 271 -31.48 44.40 23.35
C LEU D 271 -32.56 44.77 24.35
N ILE D 272 -33.41 43.81 24.70
CA ILE D 272 -34.43 44.05 25.70
C ILE D 272 -33.80 44.09 27.08
N ASN D 273 -34.10 45.14 27.84
CA ASN D 273 -33.51 45.37 29.17
C ASN D 273 -31.98 45.41 29.08
N GLY D 274 -31.47 46.00 28.00
CA GLY D 274 -30.04 46.14 27.81
C GLY D 274 -29.53 47.48 28.29
N LYS D 275 -30.30 48.54 28.05
CA LYS D 275 -29.95 49.88 28.49
C LYS D 275 -30.44 50.17 29.91
N ASN D 276 -31.11 49.23 30.55
CA ASN D 276 -31.62 49.42 31.91
C ASN D 276 -30.45 49.33 32.87
N GLU D 277 -29.84 50.49 33.14
CA GLU D 277 -28.67 50.54 34.00
C GLU D 277 -28.99 50.06 35.41
N SER D 278 -30.13 50.48 35.96
CA SER D 278 -30.50 50.07 37.31
C SER D 278 -30.70 48.56 37.39
N ALA D 279 -31.39 47.99 36.40
CA ALA D 279 -31.61 46.54 36.40
C ALA D 279 -30.31 45.78 36.26
N HIS D 280 -29.42 46.23 35.36
CA HIS D 280 -28.14 45.55 35.19
C HIS D 280 -27.30 45.61 36.46
N ILE D 281 -27.26 46.79 37.11
CA ILE D 281 -26.50 46.93 38.35
C ILE D 281 -27.09 46.05 39.44
N SER D 282 -28.41 46.01 39.55
CA SER D 282 -29.05 45.17 40.55
C SER D 282 -28.72 43.70 40.32
N ASP D 283 -28.78 43.25 39.05
CA ASP D 283 -28.43 41.86 38.75
C ASP D 283 -26.98 41.58 39.09
N ALA D 284 -26.07 42.49 38.75
CA ALA D 284 -24.65 42.27 39.03
C ALA D 284 -24.39 42.20 40.53
N VAL D 285 -24.99 43.10 41.30
CA VAL D 285 -24.75 43.08 42.74
C VAL D 285 -25.41 41.87 43.39
N GLY D 286 -26.57 41.43 42.90
CA GLY D 286 -27.17 40.21 43.40
C GLY D 286 -26.32 38.99 43.10
N VAL D 287 -25.66 38.98 41.93
CA VAL D 287 -24.75 37.90 41.59
C VAL D 287 -23.55 37.91 42.54
N VAL D 288 -22.95 39.09 42.74
CA VAL D 288 -21.72 39.15 43.53
C VAL D 288 -21.99 38.89 45.01
N ALA D 289 -23.19 39.23 45.50
CA ALA D 289 -23.50 39.04 46.91
C ALA D 289 -23.51 37.57 47.29
N GLN D 290 -23.77 36.68 46.32
CA GLN D 290 -23.66 35.25 46.55
C GLN D 290 -22.33 34.69 46.08
N ALA D 291 -21.72 35.30 45.07
CA ALA D 291 -20.40 34.85 44.62
C ALA D 291 -19.36 35.02 45.73
N VAL D 292 -19.46 36.09 46.51
CA VAL D 292 -18.50 36.30 47.60
C VAL D 292 -18.59 35.17 48.61
N HIS D 293 -19.81 34.76 48.97
CA HIS D 293 -19.96 33.62 49.88
C HIS D 293 -19.50 32.32 49.23
N GLU D 294 -19.75 32.16 47.92
CA GLU D 294 -19.30 30.96 47.22
C GLU D 294 -17.79 30.89 47.07
N LEU D 295 -17.09 32.00 47.25
CA LEU D 295 -15.63 32.01 47.16
C LEU D 295 -14.91 32.12 48.50
N LEU D 296 -15.58 32.60 49.55
CA LEU D 296 -14.90 32.87 50.81
C LEU D 296 -14.60 31.62 51.63
N GLU D 297 -15.11 30.45 51.25
CA GLU D 297 -14.87 29.25 52.02
C GLU D 297 -13.55 28.57 51.67
N LYS D 298 -12.77 29.14 50.76
CA LYS D 298 -11.50 28.55 50.37
C LYS D 298 -10.49 28.64 51.52
N GLU D 299 -9.31 28.06 51.30
CA GLU D 299 -8.30 28.00 52.35
C GLU D 299 -7.80 29.40 52.73
N ASN D 300 -7.60 30.26 51.73
CA ASN D 300 -7.09 31.60 52.00
C ASN D 300 -7.55 32.55 50.92
N ILE D 301 -7.53 33.84 51.25
CA ILE D 301 -7.91 34.91 50.34
C ILE D 301 -6.78 35.93 50.30
N THR D 302 -6.36 36.31 49.10
CA THR D 302 -5.27 37.27 48.91
C THR D 302 -5.83 38.68 49.06
N ASP D 303 -5.65 39.26 50.25
CA ASP D 303 -6.13 40.61 50.49
C ASP D 303 -5.29 41.63 49.73
N PRO D 304 -5.91 42.72 49.28
CA PRO D 304 -5.15 43.77 48.58
C PRO D 304 -4.30 44.55 49.56
N PRO D 305 -3.28 45.25 49.07
CA PRO D 305 -2.43 46.05 49.97
C PRO D 305 -3.20 47.23 50.57
N ARG D 306 -2.67 47.72 51.68
CA ARG D 306 -3.28 48.81 52.43
C ARG D 306 -3.09 50.18 51.78
N GLY D 307 -2.57 50.23 50.56
CA GLY D 307 -2.39 51.50 49.88
C GLY D 307 -1.95 51.29 48.45
N CYS D 308 -2.00 52.40 47.70
CA CYS D 308 -1.55 52.38 46.30
C CYS D 308 -0.03 52.25 46.18
N VAL D 309 0.71 52.38 47.27
CA VAL D 309 2.16 52.31 47.28
C VAL D 309 2.59 51.22 48.25
N GLY D 310 3.50 50.35 47.81
CA GLY D 310 4.07 49.37 48.69
C GLY D 310 4.11 47.94 48.17
N ASN D 311 3.11 47.55 47.39
CA ASN D 311 2.98 46.19 46.90
C ASN D 311 3.02 46.18 45.38
N THR D 312 3.81 45.27 44.81
CA THR D 312 3.90 45.09 43.36
C THR D 312 3.61 43.65 42.96
N ASN D 313 3.11 42.82 43.86
CA ASN D 313 2.89 41.40 43.57
C ASN D 313 1.57 41.22 42.83
N ILE D 314 1.19 39.96 42.62
CA ILE D 314 -0.03 39.61 41.90
C ILE D 314 -0.78 38.55 42.71
N TRP D 315 -2.10 38.67 42.73
CA TRP D 315 -2.94 37.70 43.43
C TRP D 315 -2.83 36.33 42.77
N LYS D 316 -2.75 35.30 43.60
CA LYS D 316 -2.75 33.92 43.11
C LYS D 316 -4.15 33.33 43.01
N THR D 317 -5.17 34.05 43.46
CA THR D 317 -6.55 33.55 43.44
C THR D 317 -7.36 34.16 42.30
N GLY D 318 -6.71 34.86 41.36
CA GLY D 318 -7.40 35.46 40.25
C GLY D 318 -8.12 34.46 39.35
N PRO D 319 -7.43 33.39 38.95
CA PRO D 319 -8.14 32.32 38.21
C PRO D 319 -9.28 31.70 38.99
N LEU D 320 -9.13 31.55 40.31
CA LEU D 320 -10.21 31.00 41.12
C LEU D 320 -11.42 31.94 41.11
N PHE D 321 -11.18 33.24 41.25
CA PHE D 321 -12.27 34.21 41.17
C PHE D 321 -12.95 34.16 39.80
N LYS D 322 -12.16 34.09 38.73
CA LYS D 322 -12.74 34.04 37.40
C LYS D 322 -13.59 32.78 37.21
N ARG D 323 -13.09 31.63 37.68
CA ARG D 323 -13.84 30.39 37.54
C ARG D 323 -15.12 30.42 38.36
N VAL D 324 -15.06 30.91 39.60
CA VAL D 324 -16.26 30.93 40.42
C VAL D 324 -17.27 31.93 39.89
N LEU D 325 -16.81 33.00 39.23
CA LEU D 325 -17.75 33.95 38.63
C LEU D 325 -18.39 33.38 37.37
N MET D 326 -17.61 32.70 36.53
CA MET D 326 -18.15 32.20 35.28
C MET D 326 -19.01 30.96 35.47
N SER D 327 -18.70 30.10 36.45
CA SER D 327 -19.45 28.88 36.66
C SER D 327 -20.74 29.10 37.45
N SER D 328 -20.90 30.26 38.09
CA SER D 328 -22.10 30.50 38.89
C SER D 328 -23.29 30.79 37.99
N LYS D 329 -24.47 30.35 38.44
CA LYS D 329 -25.72 30.54 37.72
C LYS D 329 -26.71 31.25 38.63
N TYR D 330 -27.39 32.26 38.09
CA TYR D 330 -28.35 33.07 38.84
C TYR D 330 -29.61 33.25 37.98
N ALA D 331 -30.70 32.64 38.41
CA ALA D 331 -31.98 32.79 37.73
C ALA D 331 -32.77 34.00 38.22
N ASP D 332 -32.29 34.70 39.24
CA ASP D 332 -33.00 35.85 39.79
C ASP D 332 -32.89 37.08 38.90
N GLY D 333 -32.06 37.06 37.87
CA GLY D 333 -31.90 38.22 37.03
C GLY D 333 -33.14 38.53 36.22
N VAL D 334 -33.20 39.78 35.73
CA VAL D 334 -34.34 40.23 34.95
C VAL D 334 -34.45 39.43 33.65
N THR D 335 -33.31 39.20 32.98
CA THR D 335 -33.28 38.46 31.73
C THR D 335 -33.39 36.95 31.93
N GLY D 336 -33.38 36.47 33.17
CA GLY D 336 -33.47 35.05 33.44
C GLY D 336 -32.20 34.48 34.04
N ARG D 337 -31.84 33.27 33.64
CA ARG D 337 -30.62 32.65 34.14
C ARG D 337 -29.39 33.40 33.63
N VAL D 338 -28.40 33.55 34.51
CA VAL D 338 -27.17 34.27 34.19
C VAL D 338 -26.04 33.26 34.07
N GLU D 339 -25.49 33.14 32.87
CA GLU D 339 -24.37 32.25 32.61
C GLU D 339 -23.36 32.97 31.73
N PHE D 340 -22.10 32.55 31.82
CA PHE D 340 -21.01 33.19 31.12
C PHE D 340 -20.35 32.23 30.15
N ASN D 341 -19.91 32.76 29.01
CA ASN D 341 -19.22 31.99 27.99
C ASN D 341 -17.75 31.82 28.39
N GLU D 342 -16.94 31.33 27.44
CA GLU D 342 -15.51 31.20 27.70
C GLU D 342 -14.85 32.56 27.93
N ASP D 343 -15.43 33.62 27.37
CA ASP D 343 -14.95 34.97 27.57
C ASP D 343 -15.63 35.67 28.75
N GLY D 344 -16.48 34.96 29.48
CA GLY D 344 -17.16 35.55 30.62
C GLY D 344 -18.13 36.67 30.28
N ASP D 345 -18.89 36.50 29.21
CA ASP D 345 -19.86 37.49 28.76
C ASP D 345 -21.26 36.89 28.81
N ARG D 346 -22.26 37.72 28.48
CA ARG D 346 -23.64 37.27 28.51
C ARG D 346 -23.88 36.19 27.47
N LYS D 347 -24.62 35.16 27.86
CA LYS D 347 -24.96 34.04 26.98
C LYS D 347 -26.46 33.95 26.81
N PHE D 348 -26.90 33.69 25.57
CA PHE D 348 -28.32 33.57 25.23
C PHE D 348 -29.08 34.84 25.63
N ALA D 349 -28.53 35.98 25.22
CA ALA D 349 -29.16 37.25 25.53
C ALA D 349 -30.45 37.43 24.76
N ASN D 350 -31.37 38.21 25.33
CA ASN D 350 -32.68 38.45 24.73
C ASN D 350 -32.53 39.52 23.65
N TYR D 351 -32.83 39.14 22.40
CA TYR D 351 -32.72 40.03 21.26
C TYR D 351 -34.10 40.37 20.71
N SER D 352 -34.27 41.62 20.28
CA SER D 352 -35.52 42.08 19.69
C SER D 352 -35.22 42.69 18.34
N ILE D 353 -35.88 42.18 17.30
CA ILE D 353 -35.68 42.70 15.95
C ILE D 353 -36.54 43.94 15.77
N MET D 354 -35.92 45.03 15.32
CA MET D 354 -36.60 46.29 15.08
C MET D 354 -36.79 46.48 13.58
N ASN D 355 -38.03 46.74 13.17
CA ASN D 355 -38.37 46.96 11.77
C ASN D 355 -38.78 48.41 11.58
N LEU D 356 -38.12 49.08 10.63
CA LEU D 356 -38.38 50.50 10.37
C LEU D 356 -39.55 50.60 9.41
N GLN D 357 -40.74 50.81 9.97
CA GLN D 357 -41.97 50.95 9.19
C GLN D 357 -42.49 52.36 9.34
N ASN D 358 -42.67 53.06 8.21
CA ASN D 358 -43.14 54.44 8.19
C ASN D 358 -42.27 55.33 9.07
N ARG D 359 -40.96 55.14 8.97
CA ARG D 359 -39.97 55.86 9.78
C ARG D 359 -40.20 55.65 11.28
N LYS D 360 -40.75 54.51 11.65
CA LYS D 360 -40.99 54.16 13.04
C LYS D 360 -40.50 52.73 13.30
N LEU D 361 -40.09 52.47 14.53
CA LEU D 361 -39.57 51.18 14.93
C LEU D 361 -40.67 50.36 15.58
N VAL D 362 -40.86 49.14 15.10
CA VAL D 362 -41.88 48.23 15.60
C VAL D 362 -41.19 46.93 16.04
N GLN D 363 -41.49 46.50 17.26
CA GLN D 363 -40.93 45.26 17.78
C GLN D 363 -41.72 44.08 17.25
N VAL D 364 -41.07 43.25 16.44
CA VAL D 364 -41.74 42.09 15.84
C VAL D 364 -41.00 40.82 16.24
N GLY D 365 -39.72 40.73 15.89
CA GLY D 365 -38.95 39.54 16.18
C GLY D 365 -38.28 39.59 17.54
N ILE D 366 -38.89 38.94 18.53
CA ILE D 366 -38.34 38.84 19.88
C ILE D 366 -37.85 37.42 20.09
N TYR D 367 -36.58 37.27 20.42
CA TYR D 367 -35.95 35.96 20.55
C TYR D 367 -35.38 35.81 21.95
N ASN D 368 -35.95 34.89 22.72
CA ASN D 368 -35.39 34.55 24.03
C ASN D 368 -33.98 33.96 23.87
N GLY D 369 -33.90 32.83 23.18
CA GLY D 369 -32.62 32.23 22.83
C GLY D 369 -32.80 30.86 22.22
N THR D 370 -32.11 30.59 21.12
CA THR D 370 -32.21 29.32 20.39
C THR D 370 -33.66 28.95 20.08
N HIS D 371 -34.53 29.95 19.98
CA HIS D 371 -35.95 29.72 19.70
C HIS D 371 -36.49 30.92 18.92
N VAL D 372 -37.35 30.64 17.94
CA VAL D 372 -37.94 31.67 17.10
C VAL D 372 -39.36 31.95 17.57
N ILE D 373 -39.67 33.23 17.77
CA ILE D 373 -41.01 33.64 18.20
C ILE D 373 -41.52 34.71 17.22
N PRO D 374 -42.08 34.31 16.08
CA PRO D 374 -42.62 35.30 15.14
C PRO D 374 -43.82 36.03 15.73
N ASN D 375 -44.06 37.23 15.21
CA ASN D 375 -45.16 38.07 15.64
C ASN D 375 -46.13 38.28 14.49
N ASP D 376 -47.33 38.75 14.81
CA ASP D 376 -48.38 38.89 13.81
C ASP D 376 -48.12 40.05 12.85
N ARG D 377 -47.30 41.02 13.24
CA ARG D 377 -47.01 42.15 12.35
C ARG D 377 -46.21 41.70 11.15
N LYS D 378 -46.57 42.23 9.98
CA LYS D 378 -45.88 41.88 8.75
C LYS D 378 -44.51 42.55 8.70
N ILE D 379 -43.53 41.83 8.15
CA ILE D 379 -42.17 42.33 8.01
C ILE D 379 -42.06 42.94 6.61
N ILE D 380 -41.94 44.28 6.56
CA ILE D 380 -41.83 44.94 5.27
C ILE D 380 -40.41 44.80 4.73
N TRP D 381 -40.27 45.05 3.43
CA TRP D 381 -39.00 44.97 2.74
C TRP D 381 -38.80 46.19 1.87
N PRO D 382 -37.55 46.57 1.60
CA PRO D 382 -37.29 47.72 0.72
C PRO D 382 -37.88 47.49 -0.66
N GLY D 383 -38.36 48.58 -1.26
CA GLY D 383 -39.00 48.53 -2.55
C GLY D 383 -40.49 48.26 -2.52
N GLY D 384 -41.09 48.16 -1.34
CA GLY D 384 -42.53 47.96 -1.24
C GLY D 384 -43.00 46.53 -1.40
N GLU D 385 -42.08 45.56 -1.49
CA GLU D 385 -42.49 44.17 -1.63
C GLU D 385 -43.16 43.67 -0.36
N THR D 386 -44.26 42.93 -0.54
CA THR D 386 -44.99 42.33 0.57
C THR D 386 -44.56 40.89 0.83
N GLU D 387 -43.60 40.37 0.07
CA GLU D 387 -43.10 39.01 0.22
C GLU D 387 -41.58 39.04 0.34
N LYS D 388 -41.03 38.02 0.98
CA LYS D 388 -39.60 37.93 1.18
C LYS D 388 -38.91 37.63 -0.15
N PRO D 389 -37.99 38.48 -0.62
CA PRO D 389 -37.28 38.17 -1.87
C PRO D 389 -36.24 37.08 -1.64
N ARG D 390 -36.18 36.13 -2.57
CA ARG D 390 -35.23 35.03 -2.43
C ARG D 390 -33.79 35.51 -2.52
N GLY D 391 -33.54 36.57 -3.28
CA GLY D 391 -32.19 37.07 -3.42
C GLY D 391 -31.27 36.20 -4.25
N TYR D 392 -31.83 35.37 -5.11
CA TYR D 392 -31.06 34.47 -5.98
C TYR D 392 -31.31 34.90 -7.43
N GLN D 393 -30.51 35.85 -7.90
CA GLN D 393 -30.60 36.36 -9.27
C GLN D 393 -29.23 36.22 -9.92
N MET D 394 -29.00 35.08 -10.59
CA MET D 394 -27.75 34.88 -11.29
C MET D 394 -27.66 35.75 -12.55
N SER D 395 -28.82 36.23 -13.04
CA SER D 395 -28.90 37.10 -14.20
C SER D 395 -28.41 36.42 -15.47
N THR D 396 -28.16 35.11 -15.39
CA THR D 396 -27.73 34.27 -16.51
C THR D 396 -26.46 34.79 -17.18
N ARG D 397 -25.70 35.67 -16.52
CA ARG D 397 -24.50 36.25 -17.11
C ARG D 397 -23.28 35.46 -16.67
N LEU D 398 -23.10 34.30 -17.32
CA LEU D 398 -21.98 33.42 -17.03
C LEU D 398 -20.82 33.75 -17.96
N LYS D 399 -19.75 34.29 -17.39
CA LYS D 399 -18.57 34.62 -18.19
C LYS D 399 -17.89 33.35 -18.67
N ILE D 400 -17.44 33.35 -19.93
CA ILE D 400 -16.88 32.18 -20.58
C ILE D 400 -15.45 32.50 -20.99
N VAL D 401 -14.53 31.59 -20.66
CA VAL D 401 -13.13 31.70 -21.05
C VAL D 401 -12.79 30.51 -21.94
N THR D 402 -12.12 30.78 -23.05
CA THR D 402 -11.81 29.75 -24.04
C THR D 402 -10.32 29.79 -24.37
N ILE D 403 -9.71 28.61 -24.50
CA ILE D 403 -8.31 28.47 -24.84
C ILE D 403 -8.20 28.07 -26.30
N HIS D 404 -7.28 28.71 -27.02
CA HIS D 404 -7.11 28.45 -28.45
C HIS D 404 -6.57 27.04 -28.65
N GLN D 405 -7.43 26.16 -29.17
CA GLN D 405 -7.05 24.79 -29.51
C GLN D 405 -7.44 24.55 -30.96
N GLU D 406 -6.47 24.17 -31.79
CA GLU D 406 -6.71 24.09 -33.23
C GLU D 406 -7.82 23.12 -33.62
N PRO D 407 -7.86 21.87 -33.13
CA PRO D 407 -8.95 20.97 -33.55
C PRO D 407 -10.31 21.37 -33.01
N PHE D 408 -10.38 22.18 -31.96
CA PHE D 408 -11.65 22.50 -31.31
C PHE D 408 -12.03 23.97 -31.37
N VAL D 409 -11.06 24.88 -31.39
CA VAL D 409 -11.34 26.32 -31.39
C VAL D 409 -10.60 26.93 -32.57
N TYR D 410 -11.33 27.32 -33.60
CA TYR D 410 -10.77 27.97 -34.78
C TYR D 410 -10.92 29.48 -34.61
N VAL D 411 -9.80 30.16 -34.36
CA VAL D 411 -9.78 31.60 -34.14
C VAL D 411 -9.29 32.28 -35.40
N LYS D 412 -10.11 33.19 -35.93
CA LYS D 412 -9.77 33.95 -37.13
C LYS D 412 -10.05 35.43 -36.89
N PRO D 413 -9.28 36.32 -37.52
CA PRO D 413 -9.52 37.74 -37.35
C PRO D 413 -10.85 38.17 -37.96
N THR D 414 -11.43 39.21 -37.37
CA THR D 414 -12.70 39.75 -37.83
C THR D 414 -12.47 40.81 -38.90
N LEU D 415 -13.54 41.11 -39.64
CA LEU D 415 -13.49 42.12 -40.69
C LEU D 415 -13.77 43.50 -40.10
N SER D 416 -13.88 44.49 -40.99
CA SER D 416 -14.13 45.87 -40.55
C SER D 416 -15.56 46.05 -40.05
N ASP D 417 -16.49 45.19 -40.43
CA ASP D 417 -17.88 45.30 -39.99
C ASP D 417 -18.12 44.68 -38.62
N GLY D 418 -17.11 44.05 -38.03
CA GLY D 418 -17.25 43.41 -36.74
C GLY D 418 -17.72 41.96 -36.79
N THR D 419 -18.02 41.43 -37.97
CA THR D 419 -18.47 40.06 -38.11
C THR D 419 -17.55 39.32 -39.07
N CYS D 420 -17.22 38.08 -38.71
CA CYS D 420 -16.37 37.24 -39.53
C CYS D 420 -17.14 36.68 -40.72
N LYS D 421 -16.38 36.21 -41.71
CA LYS D 421 -16.99 35.65 -42.90
C LYS D 421 -17.75 34.37 -42.57
N GLU D 422 -18.80 34.11 -43.35
CA GLU D 422 -19.68 32.98 -43.12
C GLU D 422 -19.35 31.88 -44.13
N GLU D 423 -19.10 30.67 -43.64
CA GLU D 423 -18.82 29.51 -44.46
C GLU D 423 -19.83 28.40 -44.15
N PHE D 424 -19.70 27.28 -44.84
CA PHE D 424 -20.58 26.15 -44.67
C PHE D 424 -19.77 24.87 -44.59
N THR D 425 -20.34 23.86 -43.93
CA THR D 425 -19.67 22.58 -43.76
C THR D 425 -19.79 21.75 -45.04
N VAL D 426 -19.36 20.49 -44.95
CA VAL D 426 -19.42 19.59 -46.10
C VAL D 426 -20.87 19.29 -46.47
N ASN D 427 -21.78 19.31 -45.50
CA ASN D 427 -23.19 19.04 -45.74
C ASN D 427 -23.99 20.28 -46.07
N GLY D 428 -23.35 21.45 -46.13
CA GLY D 428 -24.02 22.68 -46.45
C GLY D 428 -24.74 23.36 -45.29
N ASP D 429 -24.69 22.77 -44.10
CA ASP D 429 -25.34 23.39 -42.95
C ASP D 429 -24.59 24.66 -42.54
N PRO D 430 -25.32 25.68 -42.08
CA PRO D 430 -24.67 26.93 -41.65
C PRO D 430 -23.86 26.70 -40.38
N VAL D 431 -22.57 27.02 -40.44
CA VAL D 431 -21.69 26.85 -39.29
C VAL D 431 -21.85 28.05 -38.36
N LYS D 432 -22.22 27.77 -37.11
CA LYS D 432 -22.38 28.83 -36.13
C LYS D 432 -21.02 29.44 -35.76
N LYS D 433 -21.02 30.74 -35.50
CA LYS D 433 -19.81 31.44 -35.08
C LYS D 433 -20.16 32.38 -33.93
N VAL D 434 -19.21 32.58 -33.03
CA VAL D 434 -19.38 33.40 -31.84
C VAL D 434 -18.31 34.48 -31.83
N ILE D 435 -18.72 35.71 -31.55
CA ILE D 435 -17.77 36.81 -31.42
C ILE D 435 -16.83 36.53 -30.26
N CYS D 436 -15.52 36.67 -30.51
CA CYS D 436 -14.49 36.32 -29.54
C CYS D 436 -13.78 37.57 -29.07
N THR D 437 -13.43 37.60 -27.78
CA THR D 437 -12.69 38.70 -27.19
C THR D 437 -11.39 38.18 -26.59
N GLY D 438 -10.28 38.85 -26.88
CA GLY D 438 -9.00 38.44 -26.37
C GLY D 438 -7.87 39.34 -26.85
N PRO D 439 -6.65 39.05 -26.42
CA PRO D 439 -5.49 39.85 -26.86
C PRO D 439 -5.23 39.69 -28.34
N ASN D 440 -4.70 40.76 -28.94
CA ASN D 440 -4.39 40.72 -30.36
C ASN D 440 -3.15 39.88 -30.65
N ASP D 441 -2.13 39.99 -29.82
CA ASP D 441 -0.89 39.26 -30.00
C ASP D 441 -0.60 38.44 -28.75
N THR D 442 -0.27 37.16 -28.95
CA THR D 442 0.03 36.27 -27.83
C THR D 442 1.49 36.33 -27.40
N SER D 443 2.34 37.05 -28.12
CA SER D 443 3.75 37.12 -27.75
C SER D 443 3.92 37.93 -26.48
N PRO D 444 4.72 37.45 -25.52
CA PRO D 444 4.94 38.23 -24.29
C PRO D 444 5.75 39.48 -24.56
N GLY D 445 5.54 40.48 -23.70
CA GLY D 445 6.24 41.74 -23.84
C GLY D 445 5.84 42.53 -25.08
N SER D 446 4.55 42.56 -25.39
CA SER D 446 4.02 43.23 -26.56
C SER D 446 2.82 44.08 -26.16
N PRO D 447 2.51 45.11 -26.96
CA PRO D 447 1.35 45.96 -26.62
C PRO D 447 0.03 45.24 -26.86
N ARG D 448 -0.40 44.44 -25.88
CA ARG D 448 -1.61 43.65 -26.02
C ARG D 448 -2.82 44.58 -26.21
N HIS D 449 -3.65 44.24 -27.19
CA HIS D 449 -4.89 44.97 -27.47
C HIS D 449 -6.05 44.00 -27.45
N THR D 450 -7.13 44.38 -26.77
CA THR D 450 -8.31 43.52 -26.65
C THR D 450 -9.25 43.71 -27.84
N VAL D 451 -8.70 43.46 -29.03
CA VAL D 451 -9.46 43.54 -30.27
C VAL D 451 -10.44 42.37 -30.32
N PRO D 452 -11.58 42.50 -31.01
CA PRO D 452 -12.53 41.39 -31.08
C PRO D 452 -12.06 40.34 -32.08
N GLN D 453 -11.92 39.11 -31.61
CA GLN D 453 -11.56 37.97 -32.46
C GLN D 453 -12.83 37.24 -32.88
N CYS D 454 -12.66 36.06 -33.49
CA CYS D 454 -13.80 35.26 -33.93
C CYS D 454 -13.40 33.79 -33.78
N CYS D 455 -13.80 33.18 -32.67
CA CYS D 455 -13.48 31.79 -32.37
C CYS D 455 -14.71 30.93 -32.58
N TYR D 456 -14.54 29.78 -33.24
CA TYR D 456 -15.63 28.86 -33.49
C TYR D 456 -15.08 27.45 -33.56
N GLY D 457 -15.96 26.47 -33.36
CA GLY D 457 -15.56 25.08 -33.42
C GLY D 457 -16.49 24.12 -32.71
N PHE D 458 -15.92 23.19 -31.95
CA PHE D 458 -16.70 22.13 -31.32
C PHE D 458 -17.34 22.62 -30.02
N CYS D 459 -16.58 23.34 -29.19
CA CYS D 459 -17.09 23.76 -27.89
C CYS D 459 -18.23 24.78 -28.03
N ILE D 460 -18.16 25.65 -29.04
CA ILE D 460 -19.17 26.69 -29.18
C ILE D 460 -20.52 26.07 -29.50
N ASP D 461 -20.55 24.93 -30.19
CA ASP D 461 -21.82 24.30 -30.52
C ASP D 461 -22.55 23.83 -29.28
N LEU D 462 -21.85 23.11 -28.39
CA LEU D 462 -22.47 22.70 -27.14
C LEU D 462 -22.76 23.89 -26.24
N LEU D 463 -21.94 24.94 -26.31
CA LEU D 463 -22.24 26.15 -25.54
C LEU D 463 -23.56 26.78 -26.00
N ILE D 464 -23.77 26.85 -27.32
CA ILE D 464 -25.02 27.38 -27.84
C ILE D 464 -26.19 26.48 -27.48
N LYS D 465 -25.97 25.16 -27.48
CA LYS D 465 -27.01 24.24 -27.07
C LYS D 465 -27.41 24.49 -25.61
N LEU D 466 -26.42 24.67 -24.73
CA LEU D 466 -26.72 24.97 -23.34
C LEU D 466 -27.44 26.31 -23.21
N ALA D 467 -27.02 27.30 -24.00
CA ALA D 467 -27.66 28.61 -23.95
C ALA D 467 -29.12 28.54 -24.37
N ARG D 468 -29.42 27.79 -25.43
CA ARG D 468 -30.79 27.68 -25.89
C ARG D 468 -31.64 26.74 -25.04
N THR D 469 -31.01 25.85 -24.26
CA THR D 469 -31.79 24.95 -23.42
C THR D 469 -32.08 25.54 -22.04
N MET D 470 -31.05 25.98 -21.31
CA MET D 470 -31.23 26.43 -19.94
C MET D 470 -30.94 27.92 -19.78
N ASN D 471 -31.16 28.70 -20.85
CA ASN D 471 -31.15 30.16 -20.80
C ASN D 471 -29.83 30.70 -20.25
N PHE D 472 -28.77 30.47 -21.03
CA PHE D 472 -27.44 30.97 -20.72
C PHE D 472 -27.08 32.09 -21.68
N THR D 473 -26.44 33.14 -21.16
CA THR D 473 -25.92 34.23 -21.96
C THR D 473 -24.40 34.12 -21.95
N TYR D 474 -23.85 33.52 -23.01
CA TYR D 474 -22.43 33.21 -23.05
C TYR D 474 -21.64 34.35 -23.69
N GLU D 475 -20.49 34.65 -23.10
CA GLU D 475 -19.54 35.65 -23.62
C GLU D 475 -18.15 35.03 -23.55
N VAL D 476 -17.66 34.51 -24.67
CA VAL D 476 -16.39 33.81 -24.67
C VAL D 476 -15.25 34.81 -24.56
N HIS D 477 -14.20 34.42 -23.84
CA HIS D 477 -13.01 35.25 -23.67
C HIS D 477 -11.78 34.37 -23.84
N LEU D 478 -10.68 35.01 -24.22
CA LEU D 478 -9.41 34.33 -24.41
C LEU D 478 -8.52 34.53 -23.18
N VAL D 479 -7.34 33.92 -23.21
CA VAL D 479 -6.37 34.01 -22.13
C VAL D 479 -5.09 34.62 -22.69
N ALA D 480 -4.57 35.63 -21.99
CA ALA D 480 -3.39 36.34 -22.47
C ALA D 480 -2.17 35.43 -22.53
N ASP D 481 -1.97 34.61 -21.50
CA ASP D 481 -0.80 33.74 -21.45
C ASP D 481 -0.97 32.45 -22.24
N GLY D 482 -2.20 32.10 -22.61
CA GLY D 482 -2.44 30.88 -23.38
C GLY D 482 -2.07 29.62 -22.64
N LYS D 483 -2.39 29.54 -21.36
CA LYS D 483 -2.07 28.39 -20.54
C LYS D 483 -3.31 27.95 -19.76
N PHE D 484 -3.43 26.65 -19.53
CA PHE D 484 -4.55 26.13 -18.75
C PHE D 484 -4.50 26.64 -17.31
N GLY D 485 -3.31 26.65 -16.72
CA GLY D 485 -3.14 27.17 -15.37
C GLY D 485 -3.03 26.11 -14.30
N THR D 486 -1.86 26.03 -13.68
CA THR D 486 -1.61 25.10 -12.58
C THR D 486 -0.87 25.86 -11.48
N GLN D 487 -0.38 25.13 -10.49
CA GLN D 487 0.39 25.74 -9.41
C GLN D 487 1.76 26.18 -9.93
N GLU D 488 2.15 27.40 -9.58
CA GLU D 488 3.41 27.98 -10.06
C GLU D 488 4.17 28.59 -8.89
N ARG D 489 5.49 28.66 -9.05
CA ARG D 489 6.38 29.22 -8.04
C ARG D 489 6.88 30.58 -8.51
N VAL D 490 6.63 31.61 -7.70
CA VAL D 490 7.04 32.97 -8.02
C VAL D 490 7.65 33.61 -6.78
N ASN D 491 7.88 34.93 -6.84
CA ASN D 491 8.31 35.67 -5.66
C ASN D 491 7.31 35.47 -4.53
N ASN D 492 7.84 35.28 -3.31
CA ASN D 492 7.02 34.90 -2.15
C ASN D 492 6.29 33.58 -2.44
N SER D 493 7.10 32.54 -2.62
CA SER D 493 6.60 31.25 -3.09
C SER D 493 5.67 30.57 -2.10
N ASN D 494 5.59 31.04 -0.86
CA ASN D 494 4.64 30.50 0.09
C ASN D 494 3.19 30.72 -0.33
N LYS D 495 2.95 31.61 -1.30
CA LYS D 495 1.61 31.88 -1.83
C LYS D 495 1.41 30.99 -3.06
N LYS D 496 0.64 29.92 -2.90
CA LYS D 496 0.31 29.01 -3.99
C LYS D 496 -0.97 29.51 -4.66
N GLU D 497 -0.82 30.24 -5.76
CA GLU D 497 -1.94 30.80 -6.49
C GLU D 497 -1.96 30.23 -7.91
N TRP D 498 -3.16 29.90 -8.39
CA TRP D 498 -3.32 29.38 -9.73
C TRP D 498 -3.24 30.51 -10.75
N ASN D 499 -2.54 30.25 -11.85
CA ASN D 499 -2.41 31.21 -12.94
C ASN D 499 -3.33 30.80 -14.09
N GLY D 500 -3.23 31.52 -15.20
CA GLY D 500 -3.91 31.15 -16.43
C GLY D 500 -5.42 31.12 -16.28
N MET D 501 -6.04 30.23 -17.06
CA MET D 501 -7.49 30.12 -17.09
C MET D 501 -8.04 29.65 -15.73
N MET D 502 -7.36 28.71 -15.08
CA MET D 502 -7.81 28.23 -13.79
C MET D 502 -7.80 29.36 -12.75
N GLY D 503 -6.74 30.16 -12.74
CA GLY D 503 -6.69 31.30 -11.84
C GLY D 503 -7.73 32.36 -12.16
N GLU D 504 -7.99 32.58 -13.46
CA GLU D 504 -9.05 33.51 -13.84
C GLU D 504 -10.41 33.02 -13.35
N LEU D 505 -10.66 31.72 -13.47
CA LEU D 505 -11.91 31.16 -12.95
C LEU D 505 -12.00 31.31 -11.45
N LEU D 506 -10.90 31.05 -10.74
CA LEU D 506 -10.91 31.16 -9.28
C LEU D 506 -11.08 32.60 -8.83
N SER D 507 -10.60 33.57 -9.61
CA SER D 507 -10.67 34.98 -9.25
C SER D 507 -12.04 35.59 -9.52
N GLY D 508 -12.96 34.84 -10.11
CA GLY D 508 -14.26 35.36 -10.44
C GLY D 508 -14.39 35.94 -11.82
N GLN D 509 -13.30 35.99 -12.60
CA GLN D 509 -13.38 36.50 -13.96
C GLN D 509 -14.11 35.55 -14.90
N ALA D 510 -14.37 34.32 -14.47
CA ALA D 510 -15.07 33.34 -15.29
C ALA D 510 -16.08 32.59 -14.42
N ASP D 511 -17.11 32.06 -15.08
CA ASP D 511 -18.14 31.28 -14.41
C ASP D 511 -18.29 29.86 -14.97
N MET D 512 -17.90 29.62 -16.21
CA MET D 512 -17.99 28.30 -16.82
C MET D 512 -16.94 28.19 -17.91
N ILE D 513 -16.31 27.03 -18.01
CA ILE D 513 -15.25 26.77 -18.97
C ILE D 513 -15.74 25.71 -19.95
N VAL D 514 -15.86 26.08 -21.23
CA VAL D 514 -16.18 25.12 -22.27
C VAL D 514 -14.98 25.00 -23.20
N ALA D 515 -14.10 24.05 -22.90
CA ALA D 515 -12.84 23.88 -23.61
C ALA D 515 -12.26 22.53 -23.22
N PRO D 516 -11.34 21.99 -24.02
CA PRO D 516 -10.70 20.72 -23.66
C PRO D 516 -9.78 20.88 -22.46
N LEU D 517 -10.22 20.37 -21.30
CA LEU D 517 -9.47 20.48 -20.05
C LEU D 517 -9.39 19.10 -19.41
N THR D 518 -8.16 18.59 -19.27
CA THR D 518 -7.96 17.27 -18.68
C THR D 518 -8.29 17.31 -17.20
N ILE D 519 -9.06 16.31 -16.74
CA ILE D 519 -9.44 16.23 -15.34
C ILE D 519 -8.24 15.76 -14.53
N ASN D 520 -7.93 16.50 -13.47
CA ASN D 520 -6.80 16.18 -12.60
C ASN D 520 -7.23 16.31 -11.14
N ASN D 521 -6.51 15.59 -10.27
CA ASN D 521 -6.82 15.62 -8.85
C ASN D 521 -6.61 17.02 -8.27
N GLU D 522 -5.50 17.67 -8.64
CA GLU D 522 -5.23 19.01 -8.13
C GLU D 522 -6.30 20.00 -8.58
N ARG D 523 -6.73 19.91 -9.84
CA ARG D 523 -7.79 20.78 -10.33
C ARG D 523 -9.10 20.49 -9.62
N ALA D 524 -9.40 19.22 -9.37
CA ALA D 524 -10.66 18.86 -8.71
C ALA D 524 -10.66 19.28 -7.24
N GLN D 525 -9.48 19.37 -6.62
CA GLN D 525 -9.41 19.80 -5.22
C GLN D 525 -9.88 21.24 -5.03
N TYR D 526 -9.88 22.05 -6.08
CA TYR D 526 -10.32 23.44 -6.00
C TYR D 526 -11.47 23.77 -6.92
N ILE D 527 -11.58 23.12 -8.07
CA ILE D 527 -12.66 23.37 -9.03
C ILE D 527 -13.32 22.05 -9.36
N GLU D 528 -14.60 21.92 -9.03
CA GLU D 528 -15.34 20.71 -9.34
C GLU D 528 -15.63 20.64 -10.83
N PHE D 529 -15.59 19.44 -11.39
CA PHE D 529 -15.84 19.20 -12.81
C PHE D 529 -17.15 18.45 -12.99
N SER D 530 -17.57 18.37 -14.24
CA SER D 530 -18.79 17.67 -14.63
C SER D 530 -18.43 16.36 -15.33
N LYS D 531 -19.47 15.63 -15.75
CA LYS D 531 -19.26 14.37 -16.43
C LYS D 531 -18.60 14.61 -17.79
N PRO D 532 -17.56 13.84 -18.13
CA PRO D 532 -16.89 14.05 -19.41
C PRO D 532 -17.78 13.72 -20.59
N PHE D 533 -17.58 14.46 -21.69
CA PHE D 533 -18.29 14.19 -22.93
C PHE D 533 -17.50 13.32 -23.89
N LYS D 534 -16.17 13.36 -23.81
CA LYS D 534 -15.32 12.47 -24.59
C LYS D 534 -14.01 12.27 -23.83
N TYR D 535 -13.49 11.05 -23.87
CA TYR D 535 -12.27 10.70 -23.16
C TYR D 535 -11.17 10.35 -24.16
N GLN D 536 -10.01 10.98 -24.01
CA GLN D 536 -8.87 10.68 -24.84
C GLN D 536 -7.59 10.85 -24.02
N GLY D 537 -6.63 9.99 -24.26
CA GLY D 537 -5.34 10.06 -23.59
C GLY D 537 -4.39 11.00 -24.29
N LEU D 538 -3.12 10.89 -23.93
CA LEU D 538 -2.06 11.68 -24.55
C LEU D 538 -1.07 10.74 -25.23
N THR D 539 -0.71 11.08 -26.46
CA THR D 539 0.24 10.30 -27.25
C THR D 539 1.44 11.18 -27.63
N ILE D 540 2.30 10.64 -28.48
CA ILE D 540 3.51 11.32 -28.93
C ILE D 540 3.38 11.63 -30.41
N LEU D 541 3.66 12.87 -30.78
CA LEU D 541 3.59 13.32 -32.17
C LEU D 541 4.99 13.44 -32.74
N VAL D 542 5.23 12.78 -33.87
CA VAL D 542 6.52 12.81 -34.55
C VAL D 542 6.27 13.02 -36.04
N LYS D 543 7.08 13.86 -36.66
CA LYS D 543 6.93 14.12 -38.09
C LYS D 543 7.23 12.86 -38.89
N LYS D 544 6.39 12.59 -39.89
CA LYS D 544 6.53 11.41 -40.73
C LYS D 544 7.44 11.73 -41.91
N GLU D 545 8.48 10.92 -42.09
CA GLU D 545 9.41 11.06 -43.20
C GLU D 545 9.33 9.85 -44.11
N ILE D 546 9.42 10.08 -45.41
CA ILE D 546 9.39 9.03 -46.42
C ILE D 546 10.81 8.72 -46.83
N PRO D 547 11.31 7.50 -46.60
CA PRO D 547 12.69 7.19 -46.98
C PRO D 547 12.89 7.21 -48.49
N ARG D 548 14.10 7.54 -48.89
CA ARG D 548 14.46 7.61 -50.31
C ARG D 548 15.63 6.71 -50.70
N SER D 549 16.30 6.08 -49.75
CA SER D 549 17.44 5.20 -50.02
C SER D 549 18.53 5.91 -50.84
N PHE D 554 16.04 1.19 -56.17
CA PHE D 554 17.37 1.79 -56.23
C PHE D 554 18.40 0.91 -55.52
N MET D 555 19.18 0.18 -56.31
CA MET D 555 20.21 -0.70 -55.77
C MET D 555 21.62 -0.34 -56.22
N GLN D 556 21.77 0.67 -57.08
CA GLN D 556 23.11 1.07 -57.52
C GLN D 556 23.99 1.55 -56.37
N PRO D 557 23.54 2.43 -55.48
CA PRO D 557 24.46 2.89 -54.41
C PRO D 557 24.73 1.85 -53.33
N PHE D 558 24.05 0.70 -53.35
CA PHE D 558 24.29 -0.31 -52.32
C PHE D 558 25.72 -0.84 -52.39
N GLN D 559 26.15 -1.27 -53.57
CA GLN D 559 27.51 -1.76 -53.78
C GLN D 559 28.01 -1.29 -55.13
N SER D 560 29.33 -1.08 -55.21
CA SER D 560 29.99 -0.74 -56.48
C SER D 560 31.18 -1.66 -56.70
N THR D 561 31.80 -2.11 -55.61
CA THR D 561 32.94 -3.02 -55.73
C THR D 561 32.53 -4.34 -56.37
N LEU D 562 31.36 -4.86 -55.99
CA LEU D 562 30.86 -6.09 -56.61
C LEU D 562 30.60 -5.90 -58.09
N TRP D 563 30.05 -4.74 -58.47
CA TRP D 563 29.82 -4.46 -59.89
C TRP D 563 31.13 -4.39 -60.66
N LEU D 564 32.15 -3.72 -60.10
CA LEU D 564 33.44 -3.68 -60.78
C LEU D 564 34.05 -5.07 -60.89
N LEU D 565 33.95 -5.87 -59.83
CA LEU D 565 34.51 -7.21 -59.85
C LEU D 565 33.84 -8.08 -60.90
N VAL D 566 32.51 -8.04 -60.98
CA VAL D 566 31.82 -8.86 -61.97
C VAL D 566 32.11 -8.34 -63.38
N GLY D 567 32.21 -7.02 -63.55
CA GLY D 567 32.50 -6.46 -64.85
C GLY D 567 33.87 -6.85 -65.37
N LEU D 568 34.86 -6.93 -64.48
CA LEU D 568 36.17 -7.41 -64.93
C LEU D 568 36.18 -8.93 -65.09
N SER D 569 35.44 -9.64 -64.22
CA SER D 569 35.45 -11.10 -64.26
C SER D 569 34.84 -11.63 -65.54
N VAL D 570 33.73 -11.03 -66.00
CA VAL D 570 33.10 -11.52 -67.22
C VAL D 570 34.06 -11.40 -68.39
N HIS D 571 34.75 -10.26 -68.50
CA HIS D 571 35.68 -10.06 -69.60
C HIS D 571 36.85 -11.03 -69.52
N VAL D 572 37.43 -11.21 -68.33
CA VAL D 572 38.61 -12.06 -68.23
C VAL D 572 38.24 -13.52 -68.49
N VAL D 573 37.12 -13.99 -67.96
CA VAL D 573 36.74 -15.38 -68.20
C VAL D 573 36.38 -15.59 -69.66
N ALA D 574 35.71 -14.60 -70.28
CA ALA D 574 35.37 -14.73 -71.69
C ALA D 574 36.62 -14.84 -72.56
N VAL D 575 37.60 -13.95 -72.33
CA VAL D 575 38.79 -13.98 -73.17
C VAL D 575 39.61 -15.24 -72.92
N MET D 576 39.73 -15.68 -71.66
CA MET D 576 40.53 -16.86 -71.38
C MET D 576 39.86 -18.12 -71.93
N LEU D 577 38.53 -18.22 -71.84
CA LEU D 577 37.84 -19.38 -72.38
C LEU D 577 37.84 -19.39 -73.90
N TYR D 578 37.75 -18.22 -74.53
CA TYR D 578 37.87 -18.17 -75.99
C TYR D 578 39.28 -18.57 -76.43
N LEU D 579 40.30 -18.13 -75.70
CA LEU D 579 41.67 -18.54 -76.02
C LEU D 579 41.83 -20.05 -75.85
N LEU D 580 41.26 -20.62 -74.79
CA LEU D 580 41.32 -22.06 -74.58
C LEU D 580 40.62 -22.80 -75.71
N ASP D 581 39.44 -22.32 -76.13
CA ASP D 581 38.71 -22.97 -77.22
C ASP D 581 39.49 -22.90 -78.52
N ARG D 582 40.11 -21.76 -78.81
CA ARG D 582 40.94 -21.63 -80.00
C ARG D 582 42.13 -22.57 -79.95
N PHE D 583 42.76 -22.70 -78.77
CA PHE D 583 43.88 -23.62 -78.63
C PHE D 583 43.43 -25.07 -78.84
N SER D 584 42.28 -25.43 -78.29
CA SER D 584 41.77 -26.79 -78.43
C SER D 584 40.24 -26.81 -78.38
N LEU D 603 37.22 -10.99 -78.39
CA LEU D 603 37.06 -9.97 -79.41
C LEU D 603 35.62 -9.46 -79.45
N SER D 604 35.26 -8.83 -80.57
CA SER D 604 33.90 -8.32 -80.72
C SER D 604 32.88 -9.46 -80.72
N SER D 605 33.18 -10.54 -81.43
CA SER D 605 32.29 -11.70 -81.43
C SER D 605 32.18 -12.31 -80.04
N ALA D 606 33.30 -12.40 -79.33
CA ALA D 606 33.29 -12.98 -77.98
C ALA D 606 32.44 -12.14 -77.04
N MET D 607 32.61 -10.81 -77.08
CA MET D 607 31.84 -9.96 -76.18
C MET D 607 30.37 -9.94 -76.56
N TRP D 608 30.06 -10.01 -77.86
CA TRP D 608 28.66 -10.12 -78.28
C TRP D 608 28.03 -11.41 -77.77
N PHE D 609 28.76 -12.52 -77.88
CA PHE D 609 28.24 -13.80 -77.38
C PHE D 609 28.04 -13.75 -75.86
N SER D 610 29.00 -13.15 -75.15
CA SER D 610 28.86 -13.05 -73.70
C SER D 610 27.66 -12.20 -73.31
N TRP D 611 27.45 -11.07 -74.00
CA TRP D 611 26.29 -10.23 -73.72
C TRP D 611 24.98 -10.95 -74.04
N GLY D 612 24.96 -11.70 -75.15
CA GLY D 612 23.77 -12.46 -75.49
C GLY D 612 23.44 -13.52 -74.47
N VAL D 613 24.46 -14.22 -73.97
CA VAL D 613 24.24 -15.23 -72.94
C VAL D 613 23.78 -14.57 -71.64
N LEU D 614 24.35 -13.41 -71.32
CA LEU D 614 23.90 -12.68 -70.13
C LEU D 614 22.43 -12.27 -70.26
N LEU D 615 22.02 -11.82 -71.44
CA LEU D 615 20.61 -11.49 -71.69
C LEU D 615 19.75 -12.73 -71.50
N ASN D 616 19.96 -13.74 -72.36
CA ASN D 616 19.27 -15.02 -72.26
C ASN D 616 20.28 -16.13 -72.37
N SER D 617 20.22 -17.10 -71.46
CA SER D 617 21.17 -18.20 -71.46
C SER D 617 21.07 -19.05 -72.72
N GLY D 618 19.89 -19.11 -73.35
CA GLY D 618 19.72 -19.82 -74.59
C GLY D 618 20.55 -19.26 -75.73
N ILE D 619 21.23 -20.12 -76.47
CA ILE D 619 22.05 -19.66 -77.58
C ILE D 619 21.15 -19.24 -78.74
N GLY D 620 21.39 -18.03 -79.25
CA GLY D 620 20.61 -17.50 -80.34
C GLY D 620 21.29 -16.34 -81.06
N SER D 626 36.00 -28.89 -77.45
CA SER D 626 34.62 -29.37 -77.56
C SER D 626 33.95 -29.44 -76.20
N PHE D 627 34.64 -30.06 -75.23
CA PHE D 627 34.09 -30.18 -73.89
C PHE D 627 34.10 -28.87 -73.12
N SER D 628 34.86 -27.88 -73.60
CA SER D 628 34.93 -26.60 -72.90
C SER D 628 33.62 -25.84 -72.96
N ALA D 629 32.88 -25.97 -74.08
CA ALA D 629 31.64 -25.23 -74.23
C ALA D 629 30.61 -25.63 -73.17
N ARG D 630 30.48 -26.94 -72.91
CA ARG D 630 29.49 -27.42 -71.95
C ARG D 630 29.77 -26.88 -70.54
N ILE D 631 31.02 -27.03 -70.08
CA ILE D 631 31.35 -26.58 -68.74
C ILE D 631 31.28 -25.07 -68.65
N LEU D 632 31.67 -24.36 -69.72
CA LEU D 632 31.53 -22.91 -69.75
C LEU D 632 30.08 -22.49 -69.58
N GLY D 633 29.17 -23.12 -70.34
CA GLY D 633 27.76 -22.80 -70.20
C GLY D 633 27.23 -23.11 -68.82
N MET D 634 27.61 -24.26 -68.26
CA MET D 634 27.13 -24.63 -66.93
C MET D 634 27.60 -23.63 -65.88
N VAL D 635 28.89 -23.29 -65.88
CA VAL D 635 29.41 -22.40 -64.85
C VAL D 635 28.85 -20.99 -65.02
N TRP D 636 28.67 -20.54 -66.27
CA TRP D 636 28.15 -19.20 -66.49
C TRP D 636 26.68 -19.11 -66.08
N ALA D 637 25.90 -20.15 -66.40
CA ALA D 637 24.50 -20.17 -65.97
C ALA D 637 24.39 -20.21 -64.45
N GLY D 638 25.25 -21.00 -63.80
CA GLY D 638 25.24 -21.02 -62.34
C GLY D 638 25.61 -19.68 -61.74
N PHE D 639 26.62 -19.02 -62.32
CA PHE D 639 27.01 -17.69 -61.84
C PHE D 639 25.87 -16.69 -62.02
N ALA D 640 25.21 -16.71 -63.17
CA ALA D 640 24.09 -15.80 -63.40
C ALA D 640 22.96 -16.07 -62.41
N MET D 641 22.65 -17.35 -62.17
CA MET D 641 21.59 -17.67 -61.23
C MET D 641 21.93 -17.22 -59.82
N ILE D 642 23.16 -17.44 -59.37
CA ILE D 642 23.49 -17.08 -57.99
C ILE D 642 23.53 -15.55 -57.85
N ILE D 643 24.02 -14.83 -58.85
CA ILE D 643 24.08 -13.38 -58.71
C ILE D 643 22.69 -12.78 -58.77
N VAL D 644 21.81 -13.30 -59.63
CA VAL D 644 20.45 -12.75 -59.70
C VAL D 644 19.68 -13.10 -58.42
N ALA D 645 19.91 -14.29 -57.86
CA ALA D 645 19.26 -14.65 -56.61
C ALA D 645 19.73 -13.75 -55.47
N SER D 646 21.04 -13.48 -55.41
CA SER D 646 21.56 -12.58 -54.38
C SER D 646 21.00 -11.17 -54.55
N TYR D 647 20.91 -10.69 -55.79
CA TYR D 647 20.37 -9.37 -56.04
C TYR D 647 18.91 -9.27 -55.61
N THR D 648 18.11 -10.27 -55.96
CA THR D 648 16.71 -10.28 -55.56
C THR D 648 16.56 -10.36 -54.05
N ALA D 649 17.37 -11.19 -53.40
CA ALA D 649 17.32 -11.30 -51.94
C ALA D 649 17.69 -9.98 -51.27
N ASN D 650 18.73 -9.32 -51.77
CA ASN D 650 19.12 -8.03 -51.20
C ASN D 650 18.03 -6.99 -51.39
N LEU D 651 17.42 -6.95 -52.59
CA LEU D 651 16.34 -6.00 -52.83
C LEU D 651 15.17 -6.25 -51.89
N ALA D 652 14.76 -7.52 -51.76
CA ALA D 652 13.64 -7.83 -50.89
C ALA D 652 13.94 -7.50 -49.43
N ALA D 653 15.15 -7.83 -48.97
CA ALA D 653 15.51 -7.55 -47.58
C ALA D 653 15.55 -6.06 -47.31
N PHE D 654 16.14 -5.27 -48.22
CA PHE D 654 16.23 -3.84 -48.01
C PHE D 654 14.90 -3.14 -48.22
N LEU D 655 13.95 -3.77 -48.91
CA LEU D 655 12.62 -3.19 -49.04
C LEU D 655 11.73 -3.53 -47.85
N VAL D 656 11.85 -4.73 -47.29
CA VAL D 656 11.05 -5.07 -46.13
C VAL D 656 11.66 -4.58 -44.83
N LEU D 657 12.93 -4.19 -44.84
CA LEU D 657 13.63 -3.66 -43.67
C LEU D 657 14.07 -2.22 -43.88
N ASP D 658 13.19 -1.41 -44.47
CA ASP D 658 13.51 -0.01 -44.70
C ASP D 658 13.33 0.79 -43.41
N ARG D 659 13.41 2.11 -43.53
CA ARG D 659 13.25 2.97 -42.38
C ARG D 659 11.83 2.89 -41.85
N PRO D 660 11.64 2.53 -40.57
CA PRO D 660 10.27 2.39 -40.05
C PRO D 660 9.77 3.67 -39.38
N GLU D 661 8.47 3.91 -39.52
CA GLU D 661 7.84 5.07 -38.89
C GLU D 661 7.70 4.91 -37.39
N GLU D 662 7.93 3.71 -36.85
CA GLU D 662 7.80 3.46 -35.41
C GLU D 662 8.94 4.16 -34.69
N ARG D 663 8.64 5.27 -34.03
CA ARG D 663 9.63 6.02 -33.26
C ARG D 663 9.40 5.96 -31.76
N ILE D 664 8.20 5.60 -31.31
CA ILE D 664 7.91 5.46 -29.89
C ILE D 664 6.71 4.53 -29.76
N THR D 665 6.61 3.86 -28.61
CA THR D 665 5.50 2.97 -28.33
C THR D 665 4.74 3.32 -27.06
N GLY D 666 5.28 4.18 -26.21
CA GLY D 666 4.60 4.57 -25.00
C GLY D 666 5.57 5.17 -24.01
N ILE D 667 5.11 5.27 -22.76
CA ILE D 667 5.93 5.81 -21.69
C ILE D 667 7.11 4.88 -21.39
N ASN D 668 6.94 3.58 -21.61
CA ASN D 668 7.97 2.60 -21.30
C ASN D 668 8.96 2.41 -22.45
N ASP D 669 8.82 3.15 -23.53
CA ASP D 669 9.74 3.02 -24.66
C ASP D 669 11.13 3.49 -24.24
N PRO D 670 12.18 2.69 -24.48
CA PRO D 670 13.53 3.11 -24.08
C PRO D 670 13.99 4.41 -24.74
N ARG D 671 13.59 4.65 -25.99
CA ARG D 671 14.01 5.87 -26.67
C ARG D 671 13.45 7.11 -26.00
N LEU D 672 12.27 6.99 -25.37
CA LEU D 672 11.72 8.12 -24.62
C LEU D 672 12.45 8.35 -23.31
N ARG D 673 13.02 7.28 -22.73
CA ARG D 673 13.65 7.39 -21.42
C ARG D 673 14.87 8.29 -21.45
N ASN D 674 15.71 8.16 -22.46
CA ASN D 674 16.96 8.91 -22.51
C ASN D 674 16.71 10.35 -22.91
N PRO D 675 17.09 11.34 -22.09
CA PRO D 675 16.96 12.76 -22.45
C PRO D 675 18.14 13.27 -23.27
N SER D 676 18.51 12.53 -24.30
CA SER D 676 19.65 12.89 -25.13
C SER D 676 19.36 14.17 -25.92
N ASP D 677 20.41 14.98 -26.11
CA ASP D 677 20.27 16.23 -26.84
C ASP D 677 20.00 16.00 -28.32
N LYS D 678 20.31 14.81 -28.85
CA LYS D 678 20.03 14.52 -30.26
C LYS D 678 18.54 14.55 -30.55
N PHE D 679 17.73 13.96 -29.66
CA PHE D 679 16.28 13.95 -29.80
C PHE D 679 15.71 14.87 -28.73
N ILE D 680 15.21 16.03 -29.15
CA ILE D 680 14.68 17.03 -28.24
C ILE D 680 13.16 16.99 -28.29
N TYR D 681 12.54 16.86 -27.12
CA TYR D 681 11.08 16.80 -27.02
C TYR D 681 10.67 17.29 -25.64
N ALA D 682 9.59 18.05 -25.58
CA ALA D 682 9.10 18.59 -24.32
C ALA D 682 7.63 18.96 -24.47
N THR D 683 6.97 19.12 -23.32
CA THR D 683 5.58 19.55 -23.30
C THR D 683 5.49 21.04 -23.64
N VAL D 684 4.32 21.44 -24.13
CA VAL D 684 4.13 22.83 -24.57
C VAL D 684 4.11 23.76 -23.36
N LYS D 685 3.38 23.39 -22.32
CA LYS D 685 3.17 24.29 -21.17
C LYS D 685 3.04 23.43 -19.92
N GLN D 686 2.44 24.02 -18.87
CA GLN D 686 2.29 23.38 -17.57
C GLN D 686 0.99 22.60 -17.45
N SER D 687 0.49 22.05 -18.56
CA SER D 687 -0.78 21.36 -18.58
C SER D 687 -0.66 20.00 -17.88
N SER D 688 -1.72 19.19 -18.01
CA SER D 688 -1.81 17.93 -17.28
C SER D 688 -0.66 16.98 -17.58
N VAL D 689 0.03 17.16 -18.71
CA VAL D 689 1.23 16.36 -18.97
C VAL D 689 2.28 16.63 -17.91
N ASP D 690 2.46 17.90 -17.54
CA ASP D 690 3.41 18.25 -16.49
C ASP D 690 3.02 17.62 -15.15
N ILE D 691 1.73 17.64 -14.83
CA ILE D 691 1.26 17.04 -13.58
C ILE D 691 1.51 15.54 -13.58
N TYR D 692 1.22 14.88 -14.70
CA TYR D 692 1.46 13.44 -14.81
C TYR D 692 2.93 13.12 -14.66
N PHE D 693 3.81 13.92 -15.27
CA PHE D 693 5.24 13.70 -15.11
C PHE D 693 5.69 13.92 -13.67
N ARG D 694 5.12 14.93 -13.00
CA ARG D 694 5.51 15.21 -11.62
C ARG D 694 4.99 14.13 -10.66
N ARG D 695 3.89 13.47 -11.01
CA ARG D 695 3.25 12.48 -10.14
C ARG D 695 3.74 11.06 -10.42
N GLN D 696 4.99 10.90 -10.84
CA GLN D 696 5.58 9.60 -11.09
C GLN D 696 6.67 9.31 -10.08
N VAL D 697 6.69 8.08 -9.55
CA VAL D 697 7.70 7.70 -8.57
C VAL D 697 9.09 7.70 -9.20
N CYS D 698 9.21 7.19 -10.43
CA CYS D 698 10.46 7.18 -11.17
C CYS D 698 10.29 8.03 -12.43
N LEU D 699 11.30 7.96 -13.31
CA LEU D 699 11.38 8.78 -14.51
C LEU D 699 11.43 10.27 -14.17
N SER D 700 12.03 10.60 -13.02
CA SER D 700 12.19 11.99 -12.61
C SER D 700 13.24 12.73 -13.43
N THR D 701 14.07 12.02 -14.19
CA THR D 701 15.09 12.65 -15.02
C THR D 701 14.50 13.37 -16.22
N MET D 702 13.21 13.22 -16.50
CA MET D 702 12.59 13.89 -17.64
C MET D 702 12.66 15.41 -17.50
N TYR D 703 12.41 15.91 -16.28
CA TYR D 703 12.37 17.36 -16.08
C TYR D 703 13.71 18.03 -16.32
N ARG D 704 14.81 17.27 -16.38
CA ARG D 704 16.10 17.83 -16.74
C ARG D 704 16.19 18.20 -18.21
N HIS D 705 15.21 17.81 -19.02
CA HIS D 705 15.21 18.10 -20.45
C HIS D 705 13.92 18.79 -20.86
N MET D 706 12.80 18.42 -20.20
CA MET D 706 11.51 19.00 -20.57
C MET D 706 11.46 20.49 -20.26
N GLU D 707 12.00 20.90 -19.11
CA GLU D 707 11.86 22.30 -18.69
C GLU D 707 12.65 23.24 -19.60
N LYS D 708 13.74 22.75 -20.20
CA LYS D 708 14.60 23.59 -21.03
C LYS D 708 14.12 23.71 -22.47
N HIS D 709 13.02 23.03 -22.83
CA HIS D 709 12.50 23.09 -24.20
C HIS D 709 11.01 23.38 -24.26
N ASN D 710 10.44 23.97 -23.20
CA ASN D 710 9.01 24.31 -23.22
C ASN D 710 8.78 25.51 -24.13
N TYR D 711 7.80 25.38 -25.03
CA TYR D 711 7.46 26.44 -25.96
C TYR D 711 6.34 27.30 -25.37
N GLU D 712 5.75 28.16 -26.20
CA GLU D 712 4.72 29.09 -25.75
C GLU D 712 3.31 28.67 -26.13
N SER D 713 3.14 27.96 -27.24
CA SER D 713 1.80 27.60 -27.69
C SER D 713 1.85 26.30 -28.50
N ALA D 714 0.70 25.65 -28.58
CA ALA D 714 0.60 24.41 -29.35
C ALA D 714 0.83 24.67 -30.83
N ALA D 715 0.35 25.81 -31.33
CA ALA D 715 0.60 26.16 -32.74
C ALA D 715 2.09 26.34 -32.99
N GLU D 716 2.79 27.02 -32.08
CA GLU D 716 4.24 27.16 -32.23
C GLU D 716 4.93 25.80 -32.17
N ALA D 717 4.48 24.92 -31.27
CA ALA D 717 5.10 23.60 -31.14
C ALA D 717 4.92 22.78 -32.41
N ILE D 718 3.70 22.79 -32.97
CA ILE D 718 3.47 22.00 -34.19
C ILE D 718 4.20 22.61 -35.36
N GLN D 719 4.30 23.95 -35.42
CA GLN D 719 5.08 24.58 -36.49
C GLN D 719 6.55 24.19 -36.39
N ALA D 720 7.10 24.15 -35.18
CA ALA D 720 8.48 23.74 -34.99
C ALA D 720 8.67 22.28 -35.39
N VAL D 721 7.72 21.41 -35.03
CA VAL D 721 7.80 20.01 -35.41
C VAL D 721 7.78 19.87 -36.93
N ARG D 722 6.90 20.63 -37.59
CA ARG D 722 6.86 20.61 -39.05
C ARG D 722 8.17 21.11 -39.66
N ASP D 723 8.78 22.11 -39.03
CA ASP D 723 10.03 22.68 -39.50
C ASP D 723 11.26 21.88 -39.04
N ASN D 724 11.06 20.62 -38.64
CA ASN D 724 12.16 19.74 -38.23
C ASN D 724 12.95 20.32 -37.06
N LYS D 725 12.26 20.97 -36.12
CA LYS D 725 12.94 21.48 -34.92
C LYS D 725 12.89 20.47 -33.78
N LEU D 726 11.67 20.04 -33.41
CA LEU D 726 11.50 19.06 -32.35
C LEU D 726 11.32 17.67 -32.96
N HIS D 727 12.03 16.70 -32.37
CA HIS D 727 11.91 15.32 -32.86
C HIS D 727 10.59 14.69 -32.41
N ALA D 728 10.03 15.14 -31.29
CA ALA D 728 8.78 14.59 -30.80
C ALA D 728 8.06 15.66 -29.98
N PHE D 729 6.75 15.45 -29.82
CA PHE D 729 5.92 16.35 -29.04
C PHE D 729 4.88 15.54 -28.28
N ILE D 730 4.48 16.05 -27.12
CA ILE D 730 3.55 15.35 -26.23
C ILE D 730 2.30 16.21 -26.10
N TRP D 731 1.15 15.62 -26.42
CA TRP D 731 -0.14 16.30 -26.29
C TRP D 731 -1.24 15.24 -26.33
N ASP D 732 -2.49 15.69 -26.25
CA ASP D 732 -3.63 14.78 -26.21
C ASP D 732 -3.72 13.97 -27.50
N SER D 733 -4.19 12.74 -27.36
CA SER D 733 -4.23 11.82 -28.50
C SER D 733 -5.16 12.33 -29.59
N ALA D 734 -6.32 12.87 -29.21
CA ALA D 734 -7.29 13.33 -30.20
C ALA D 734 -6.72 14.46 -31.05
N VAL D 735 -6.04 15.41 -30.41
CA VAL D 735 -5.49 16.56 -31.14
C VAL D 735 -4.43 16.09 -32.13
N LEU D 736 -3.52 15.21 -31.67
CA LEU D 736 -2.47 14.72 -32.54
C LEU D 736 -3.03 13.90 -33.69
N GLU D 737 -4.05 13.08 -33.41
CA GLU D 737 -4.68 12.30 -34.47
C GLU D 737 -5.34 13.19 -35.50
N PHE D 738 -6.04 14.24 -35.06
CA PHE D 738 -6.66 15.17 -35.99
C PHE D 738 -5.61 15.90 -36.83
N GLU D 739 -4.52 16.32 -36.19
CA GLU D 739 -3.45 16.99 -36.94
C GLU D 739 -2.83 16.06 -37.97
N ALA D 740 -2.60 14.80 -37.61
CA ALA D 740 -2.05 13.84 -38.56
C ALA D 740 -3.02 13.57 -39.71
N SER D 741 -4.32 13.48 -39.41
CA SER D 741 -5.30 13.28 -40.46
C SER D 741 -5.36 14.46 -41.42
N GLN D 742 -5.29 15.69 -40.89
CA GLN D 742 -5.36 16.88 -41.72
C GLN D 742 -4.08 17.13 -42.51
N LYS D 743 -2.91 16.80 -41.95
CA LYS D 743 -1.63 17.00 -42.62
C LYS D 743 -0.88 15.68 -42.61
N CYS D 744 -0.65 15.12 -43.81
CA CYS D 744 -0.04 13.80 -43.91
C CYS D 744 1.44 13.79 -43.58
N ASP D 745 2.06 14.96 -43.44
CA ASP D 745 3.48 15.01 -43.10
C ASP D 745 3.76 14.59 -41.66
N LEU D 746 2.74 14.48 -40.82
CA LEU D 746 2.89 14.07 -39.43
C LEU D 746 2.27 12.70 -39.22
N VAL D 747 2.65 12.07 -38.10
CA VAL D 747 2.15 10.75 -37.75
C VAL D 747 2.15 10.63 -36.23
N THR D 748 1.25 9.81 -35.72
CA THR D 748 1.11 9.57 -34.29
C THR D 748 1.66 8.21 -33.93
N THR D 749 2.52 8.15 -32.92
CA THR D 749 3.14 6.92 -32.47
C THR D 749 2.78 6.65 -31.01
N GLY D 750 2.80 5.37 -30.65
CA GLY D 750 2.43 4.95 -29.32
C GLY D 750 0.98 4.56 -29.23
N GLU D 751 0.65 3.58 -28.39
CA GLU D 751 -0.73 3.11 -28.28
C GLU D 751 -1.55 4.02 -27.38
N LEU D 752 -1.20 4.07 -26.09
CA LEU D 752 -1.92 4.87 -25.11
C LEU D 752 -1.15 4.84 -23.79
N PHE D 753 -1.22 5.94 -23.05
CA PHE D 753 -0.66 6.02 -21.72
C PHE D 753 -1.28 7.21 -21.00
N PHE D 754 -1.56 7.04 -19.71
CA PHE D 754 -2.19 8.07 -18.88
C PHE D 754 -3.51 8.53 -19.50
N ARG D 755 -4.35 7.56 -19.86
CA ARG D 755 -5.62 7.86 -20.52
C ARG D 755 -6.52 8.65 -19.57
N SER D 756 -7.14 9.71 -20.09
CA SER D 756 -8.01 10.56 -19.29
C SER D 756 -9.16 11.10 -20.12
N GLY D 757 -9.89 12.08 -19.59
CA GLY D 757 -11.01 12.67 -20.30
C GLY D 757 -11.08 14.16 -20.06
N PHE D 758 -11.93 14.80 -20.86
CA PHE D 758 -12.14 16.24 -20.76
C PHE D 758 -13.27 16.51 -19.77
N GLY D 759 -13.74 17.76 -19.71
CA GLY D 759 -14.82 18.11 -18.83
C GLY D 759 -15.07 19.60 -18.85
N ILE D 760 -16.06 20.00 -18.04
CA ILE D 760 -16.44 21.39 -17.88
C ILE D 760 -16.26 21.77 -16.42
N GLY D 761 -15.54 22.86 -16.17
CA GLY D 761 -15.22 23.28 -14.82
C GLY D 761 -16.07 24.44 -14.38
N MET D 762 -16.71 24.28 -13.22
CA MET D 762 -17.51 25.31 -12.60
C MET D 762 -17.09 25.47 -11.14
N ARG D 763 -17.36 26.65 -10.60
CA ARG D 763 -17.05 26.92 -9.20
C ARG D 763 -17.92 26.08 -8.28
N LYS D 764 -17.41 25.81 -7.08
CA LYS D 764 -18.09 24.91 -6.15
C LYS D 764 -19.44 25.45 -5.69
N ASP D 765 -19.63 26.76 -5.70
CA ASP D 765 -20.89 27.36 -5.28
C ASP D 765 -21.84 27.62 -6.44
N SER D 766 -21.48 27.22 -7.65
CA SER D 766 -22.36 27.42 -8.79
C SER D 766 -23.50 26.41 -8.74
N PRO D 767 -24.77 26.86 -8.81
CA PRO D 767 -25.89 25.93 -8.81
C PRO D 767 -26.21 25.32 -10.16
N TRP D 768 -25.30 25.41 -11.13
CA TRP D 768 -25.52 24.91 -12.48
C TRP D 768 -24.73 23.63 -12.75
N LYS D 769 -24.65 22.76 -11.74
CA LYS D 769 -23.91 21.51 -11.89
C LYS D 769 -24.80 20.40 -12.47
N GLN D 770 -25.89 20.08 -11.78
CA GLN D 770 -26.76 18.99 -12.24
C GLN D 770 -27.46 19.35 -13.54
N ASN D 771 -27.89 20.61 -13.69
CA ASN D 771 -28.58 21.02 -14.91
C ASN D 771 -27.68 21.00 -16.13
N VAL D 772 -26.37 21.10 -15.95
CA VAL D 772 -25.41 20.97 -17.05
C VAL D 772 -25.03 19.51 -17.29
N SER D 773 -24.85 18.74 -16.22
CA SER D 773 -24.53 17.33 -16.37
C SER D 773 -25.65 16.58 -17.07
N LEU D 774 -26.90 16.85 -16.70
CA LEU D 774 -28.03 16.19 -17.34
C LEU D 774 -28.11 16.56 -18.82
N SER D 775 -27.88 17.83 -19.16
CA SER D 775 -27.90 18.24 -20.55
C SER D 775 -26.78 17.57 -21.34
N ILE D 776 -25.58 17.46 -20.74
CA ILE D 776 -24.47 16.80 -21.41
C ILE D 776 -24.80 15.33 -21.67
N LEU D 777 -25.37 14.66 -20.68
CA LEU D 777 -25.74 13.25 -20.86
C LEU D 777 -26.83 13.09 -21.90
N LYS D 778 -27.80 14.02 -21.93
CA LYS D 778 -28.85 13.97 -22.95
C LYS D 778 -28.26 14.13 -24.33
N SER D 779 -27.34 15.09 -24.50
CA SER D 779 -26.70 15.27 -25.80
C SER D 779 -25.88 14.05 -26.19
N HIS D 780 -25.20 13.43 -25.21
CA HIS D 780 -24.41 12.24 -25.51
C HIS D 780 -25.29 11.08 -25.94
N GLU D 781 -26.42 10.88 -25.27
CA GLU D 781 -27.28 9.73 -25.57
C GLU D 781 -28.23 9.98 -26.74
N ASN D 782 -28.38 11.23 -27.18
CA ASN D 782 -29.28 11.56 -28.28
C ASN D 782 -28.57 11.59 -29.64
N GLY D 783 -27.30 11.22 -29.68
CA GLY D 783 -26.56 11.17 -30.92
C GLY D 783 -25.94 12.48 -31.36
N PHE D 784 -26.00 13.53 -30.54
CA PHE D 784 -25.38 14.79 -30.92
C PHE D 784 -23.86 14.71 -30.89
N MET D 785 -23.31 13.98 -29.92
CA MET D 785 -21.85 13.91 -29.79
C MET D 785 -21.21 13.23 -30.98
N GLU D 786 -21.79 12.11 -31.44
CA GLU D 786 -21.23 11.42 -32.60
C GLU D 786 -21.32 12.28 -33.85
N ASP D 787 -22.44 13.00 -34.03
CA ASP D 787 -22.57 13.89 -35.18
C ASP D 787 -21.53 15.01 -35.12
N LEU D 788 -21.31 15.59 -33.94
CA LEU D 788 -20.30 16.63 -33.80
C LEU D 788 -18.90 16.08 -34.09
N ASP D 789 -18.61 14.88 -33.61
CA ASP D 789 -17.31 14.26 -33.88
C ASP D 789 -17.12 14.01 -35.37
N LYS D 790 -18.16 13.54 -36.05
CA LYS D 790 -18.07 13.31 -37.49
C LYS D 790 -17.87 14.62 -38.24
N THR D 791 -18.56 15.68 -37.83
CA THR D 791 -18.48 16.95 -38.53
C THR D 791 -17.26 17.78 -38.17
N TRP D 792 -16.54 17.43 -37.10
CA TRP D 792 -15.39 18.23 -36.67
C TRP D 792 -14.10 17.44 -36.47
N VAL D 793 -14.15 16.11 -36.42
CA VAL D 793 -12.97 15.28 -36.24
C VAL D 793 -12.79 14.30 -37.40
N ARG D 794 -13.85 13.60 -37.78
CA ARG D 794 -13.78 12.60 -38.85
C ARG D 794 -13.68 13.32 -40.19
N TYR D 795 -12.53 13.17 -40.86
CA TYR D 795 -12.30 13.78 -42.16
C TYR D 795 -11.47 12.79 -42.99
N GLN D 796 -10.89 13.29 -44.08
CA GLN D 796 -10.06 12.45 -44.94
C GLN D 796 -8.86 11.94 -44.17
N GLU D 797 -8.55 10.66 -44.35
CA GLU D 797 -7.44 10.00 -43.68
C GLU D 797 -6.35 9.72 -44.69
N CYS D 798 -5.10 10.01 -44.32
CA CYS D 798 -3.96 9.79 -45.19
C CYS D 798 -3.72 8.30 -45.43
N THR D 809 6.67 5.20 -58.80
CA THR D 809 6.16 5.59 -57.49
C THR D 809 6.91 6.80 -56.96
N PHE D 810 7.71 6.57 -55.91
CA PHE D 810 8.48 7.63 -55.28
C PHE D 810 9.81 7.77 -56.01
N GLU D 811 10.75 8.52 -55.41
CA GLU D 811 12.05 8.74 -56.02
C GLU D 811 12.81 7.44 -56.22
N ASN D 812 12.59 6.45 -55.35
CA ASN D 812 13.32 5.19 -55.43
C ASN D 812 13.18 4.54 -56.80
N MET D 813 12.05 4.74 -57.48
CA MET D 813 11.83 4.22 -58.82
C MET D 813 11.94 5.28 -59.90
N ALA D 814 11.42 6.48 -59.66
CA ALA D 814 11.46 7.53 -60.68
C ALA D 814 12.90 7.94 -60.99
N GLY D 815 13.74 8.08 -59.96
CA GLY D 815 15.12 8.49 -60.21
C GLY D 815 15.89 7.47 -61.01
N VAL D 816 15.77 6.19 -60.64
CA VAL D 816 16.49 5.16 -61.37
C VAL D 816 15.94 5.02 -62.80
N PHE D 817 14.63 5.20 -62.97
CA PHE D 817 14.05 5.16 -64.31
C PHE D 817 14.61 6.29 -65.18
N MET D 818 14.68 7.50 -64.63
CA MET D 818 15.22 8.63 -65.37
C MET D 818 16.70 8.41 -65.69
N LEU D 819 17.47 7.87 -64.73
CA LEU D 819 18.87 7.60 -64.98
C LEU D 819 19.05 6.56 -66.07
N VAL D 820 18.22 5.52 -66.07
CA VAL D 820 18.30 4.49 -67.10
C VAL D 820 17.95 5.07 -68.47
N ALA D 821 16.91 5.91 -68.53
CA ALA D 821 16.54 6.53 -69.80
C ALA D 821 17.66 7.42 -70.32
N GLY D 822 18.25 8.24 -69.45
CA GLY D 822 19.36 9.08 -69.86
C GLY D 822 20.56 8.29 -70.33
N GLY D 823 20.87 7.21 -69.61
CA GLY D 823 21.96 6.34 -70.04
C GLY D 823 21.68 5.69 -71.38
N ILE D 824 20.43 5.28 -71.62
CA ILE D 824 20.06 4.71 -72.91
C ILE D 824 20.28 5.73 -74.02
N VAL D 825 19.82 6.97 -73.80
CA VAL D 825 19.95 8.00 -74.83
C VAL D 825 21.41 8.29 -75.11
N ALA D 826 22.21 8.46 -74.04
CA ALA D 826 23.62 8.77 -74.22
C ALA D 826 24.36 7.62 -74.89
N GLY D 827 24.06 6.38 -74.50
CA GLY D 827 24.71 5.24 -75.12
C GLY D 827 24.37 5.10 -76.59
N ILE D 828 23.10 5.32 -76.95
CA ILE D 828 22.71 5.26 -78.36
C ILE D 828 23.43 6.34 -79.15
N PHE D 829 23.44 7.57 -78.62
CA PHE D 829 24.08 8.67 -79.32
C PHE D 829 25.57 8.43 -79.51
N LEU D 830 26.23 7.87 -78.49
CA LEU D 830 27.66 7.60 -78.61
C LEU D 830 27.93 6.44 -79.56
N ILE D 831 27.13 5.38 -79.47
CA ILE D 831 27.41 4.19 -80.27
C ILE D 831 27.13 4.43 -81.73
N PHE D 832 26.17 5.30 -82.06
CA PHE D 832 25.89 5.59 -83.47
C PHE D 832 27.13 6.18 -84.15
N ILE D 833 27.69 7.24 -83.56
CA ILE D 833 28.87 7.86 -84.15
C ILE D 833 30.09 6.95 -84.05
N GLU D 834 30.18 6.16 -82.97
CA GLU D 834 31.31 5.24 -82.83
C GLU D 834 31.31 4.19 -83.95
N ILE D 835 30.13 3.62 -84.24
CA ILE D 835 30.03 2.63 -85.29
C ILE D 835 30.24 3.27 -86.66
N ALA D 836 29.74 4.50 -86.84
CA ALA D 836 29.98 5.19 -88.11
C ALA D 836 31.46 5.40 -88.35
N TYR D 837 32.18 5.89 -87.34
CA TYR D 837 33.62 6.11 -87.48
C TYR D 837 34.37 4.81 -87.67
N LYS D 838 33.97 3.76 -86.96
CA LYS D 838 34.63 2.46 -87.11
C LYS D 838 34.44 1.91 -88.53
N ARG D 839 33.23 2.02 -89.07
CA ARG D 839 32.98 1.55 -90.42
C ARG D 839 33.74 2.39 -91.44
N HIS D 840 33.81 3.70 -91.23
CA HIS D 840 34.58 4.56 -92.13
C HIS D 840 36.06 4.19 -92.11
N LYS D 841 36.60 3.91 -90.91
CA LYS D 841 38.01 3.51 -90.81
C LYS D 841 38.24 2.16 -91.47
N ASP D 842 37.33 1.21 -91.27
CA ASP D 842 37.49 -0.11 -91.87
C ASP D 842 37.42 -0.04 -93.39
N ALA D 843 36.51 0.76 -93.93
CA ALA D 843 36.33 0.92 -95.37
C ALA D 843 36.69 2.36 -95.73
N ARG D 844 37.97 2.59 -96.01
CA ARG D 844 38.45 3.93 -96.37
C ARG D 844 38.81 4.00 -97.85
C1 NAG E . 42.17 3.28 -2.46
C2 NAG E . 42.15 4.49 -1.52
C3 NAG E . 41.22 5.56 -2.06
C4 NAG E . 41.58 5.91 -3.50
C5 NAG E . 41.62 4.64 -4.36
C6 NAG E . 42.09 4.90 -5.76
C7 NAG E . 42.63 4.03 0.84
C8 NAG E . 42.07 3.61 2.16
N2 NAG E . 41.77 4.10 -0.17
O3 NAG E . 41.31 6.72 -1.25
O4 NAG E . 40.62 6.81 -4.04
O5 NAG E . 42.53 3.70 -3.78
O6 NAG E . 41.01 4.80 -6.70
O7 NAG E . 43.83 4.27 0.70
C1 AA F . 5.63 -6.47 -34.76
C2 AA F . 5.05 -5.86 -35.87
C3 AA F . 5.47 -6.22 -37.14
C4 AA F . 6.46 -7.20 -37.30
C5 AA F . 9.56 -10.33 -35.54
C6 AA F . 10.19 -10.97 -34.47
C7 AA F . 9.82 -10.66 -33.16
C8 AA F . 8.84 -9.70 -32.94
C9 AA F . 7.22 -8.09 -33.83
N10 AA F . 8.00 -8.76 -36.40
C11 AA F . 8.58 -9.36 -35.34
C12 AA F . 8.21 -9.05 -34.02
C13 AA F . 6.63 -7.44 -34.93
C14 AA F . 7.05 -7.83 -36.21
N9 AA F . 6.83 -7.74 -32.50
H1 AA F . 5.30 -6.19 -33.76
H2 AA F . 4.29 -5.10 -35.74
H3 AA F . 5.02 -5.75 -38.01
H4 AA F . 6.77 -7.47 -38.30
H5 AA F . 9.86 -10.58 -36.55
H6 AA F . 10.94 -11.72 -34.66
H7 AA F . 10.30 -11.16 -32.32
H8 AA F . 8.55 -9.45 -31.92
H91 AA F . 6.08 -8.24 -32.06
H92 AA F . 7.30 -7.00 -32.01
C1 NAG G . -8.18 -20.07 73.31
C2 NAG G . -9.70 -20.16 73.23
C3 NAG G . -10.19 -21.40 73.98
C4 NAG G . -9.48 -22.65 73.45
C5 NAG G . -7.96 -22.45 73.52
C6 NAG G . -7.19 -23.59 72.91
C7 NAG G . -10.81 -17.98 73.02
C8 NAG G . -11.41 -16.82 73.75
N2 NAG G . -10.32 -18.96 73.78
O3 NAG G . -11.59 -21.54 73.79
O4 NAG G . -9.84 -23.78 74.23
O5 NAG G . -7.59 -21.27 72.79
O6 NAG G . -5.90 -23.19 72.48
O7 NAG G . -10.75 -18.02 71.79
C1 NAG H . 11.19 -53.15 26.43
C2 NAG H . 11.62 -54.60 26.60
C3 NAG H . 12.43 -55.05 25.38
C4 NAG H . 11.65 -54.79 24.10
C5 NAG H . 11.20 -53.33 24.04
C6 NAG H . 10.31 -53.04 22.85
C7 NAG H . 11.89 -55.28 28.95
C8 NAG H . 12.83 -55.38 30.10
N2 NAG H . 12.39 -54.77 27.81
O3 NAG H . 12.73 -56.43 25.50
O4 NAG H . 12.45 -55.09 22.97
O5 NAG H . 10.44 -53.01 25.22
O6 NAG H . 10.92 -52.12 21.96
O7 NAG H . 10.71 -55.63 29.02
C1 NAG I . 27.43 -50.20 26.62
C2 NAG I . 28.43 -51.10 27.36
C3 NAG I . 28.38 -52.51 26.79
C4 NAG I . 26.95 -53.04 26.79
C5 NAG I . 26.02 -52.06 26.09
C6 NAG I . 24.57 -52.47 26.17
C7 NAG I . 30.60 -50.51 28.33
C8 NAG I . 31.96 -49.93 28.07
N2 NAG I . 29.77 -50.56 27.28
O3 NAG I . 29.23 -53.37 27.54
O4 NAG I . 26.90 -54.30 26.13
O5 NAG I . 26.12 -50.77 26.71
O6 NAG I . 23.76 -51.69 25.29
O7 NAG I . 30.27 -50.94 29.44
C1 NAG J . 16.23 -24.90 62.96
C2 NAG J . 17.02 -26.11 63.47
C3 NAG J . 17.54 -25.85 64.88
C4 NAG J . 18.34 -24.55 64.92
C5 NAG J . 17.51 -23.40 64.35
C6 NAG J . 18.27 -22.11 64.25
C7 NAG J . 16.53 -28.41 62.77
C8 NAG J . 15.58 -29.56 62.85
N2 NAG J . 16.20 -27.31 63.44
O3 NAG J . 18.36 -26.94 65.29
O4 NAG J . 18.70 -24.25 66.26
O5 NAG J . 17.07 -23.73 63.03
O6 NAG J . 18.03 -21.46 63.01
O7 NAG J . 17.58 -28.49 62.12
C1 NAG K . 21.97 -14.12 52.07
C2 NAG K . 22.89 -14.95 52.95
C3 NAG K . 22.76 -14.54 54.42
C4 NAG K . 22.97 -13.04 54.56
C5 NAG K . 22.04 -12.28 53.61
C6 NAG K . 22.29 -10.79 53.62
C7 NAG K . 23.58 -17.31 52.80
C8 NAG K . 23.11 -18.72 52.64
N2 NAG K . 22.62 -16.38 52.81
O3 NAG K . 23.71 -15.24 55.21
O4 NAG K . 22.71 -12.63 55.89
O5 NAG K . 22.24 -12.73 52.26
O6 NAG K . 23.06 -10.39 52.49
O7 NAG K . 24.77 -17.02 52.92
C1 NAG L . 38.22 -32.99 10.08
C2 NAG L . 38.68 -34.28 10.75
C3 NAG L . 40.20 -34.35 10.78
C4 NAG L . 40.77 -34.16 9.38
C5 NAG L . 40.23 -32.87 8.76
C6 NAG L . 40.66 -32.67 7.32
C7 NAG L . 37.04 -35.10 12.38
C8 NAG L . 36.62 -35.11 13.82
N2 NAG L . 38.14 -34.39 12.10
O3 NAG L . 40.62 -35.61 11.30
O4 NAG L . 42.19 -34.09 9.44
O5 NAG L . 38.79 -32.89 8.76
O6 NAG L . 41.86 -33.38 7.05
O7 NAG L . 36.41 -35.71 11.51
C1 NAG M . 32.98 -23.71 11.57
C2 NAG M . 32.82 -24.67 12.75
C3 NAG M . 33.69 -24.22 13.92
C4 NAG M . 35.14 -24.03 13.47
C5 NAG M . 35.20 -23.10 12.27
C6 NAG M . 36.59 -22.97 11.69
C7 NAG M . 30.89 -25.90 13.61
C8 NAG M . 29.44 -25.83 13.98
N2 NAG M . 31.43 -24.77 13.16
O3 NAG M . 33.63 -25.19 14.96
O4 NAG M . 35.91 -23.47 14.53
O5 NAG M . 34.37 -23.61 11.21
O6 NAG M . 36.56 -22.68 10.30
O7 NAG M . 31.53 -26.94 13.71
C4 6RM N . 20.42 -16.11 -6.52
C14 6RM N . 16.49 -14.80 -5.04
C5 6RM N . 21.10 -15.16 -7.21
C6 6RM N . 19.41 -13.66 -6.95
C11 6RM N . 25.05 -15.55 -3.67
C7 6RM N . 22.40 -15.40 -7.88
C8 6RM N . 23.79 -16.06 -6.01
C9 6RM N . 24.67 -16.98 -5.50
C10 6RM N . 25.32 -16.73 -4.31
C12 6RM N . 24.18 -14.63 -4.15
C13 6RM N . 23.51 -14.89 -5.33
N1 6RM N . 20.59 -13.91 -7.42
C3 6RM N . 19.12 -15.86 -6.01
F 6RM N . 25.67 -15.29 -2.50
O1 6RM N . 23.22 -16.32 -7.22
O 6RM N . 18.45 -16.65 -5.43
S 6RM N . 18.59 -12.16 -7.18
C1 6RM N . 17.23 -12.75 -6.32
C 6RM N . 16.02 -11.88 -6.20
N 6RM N . 18.63 -14.55 -6.26
C2 6RM N . 17.43 -14.01 -5.90
C16 6RM N . 16.87 -14.85 -3.58
C15 6RM N . 15.65 -14.13 -4.01
C17 6RM N . 16.75 -16.14 -2.80
O2 6RM N . 18.01 -16.62 -2.37
H1 6RM N . 20.86 -17.09 -6.39
H4 6RM N . 22.21 -15.77 -8.89
H5 6RM N . 22.94 -14.46 -7.95
H6 6RM N . 24.86 -17.91 -6.04
H7 6RM N . 26.02 -17.44 -3.89
H8 6RM N . 23.98 -13.70 -3.61
H9 6RM N . 22.81 -14.18 -5.75
H10 6RM N . 15.98 -11.48 -5.18
H11 6RM N . 16.08 -11.07 -6.91
H12 6RM N . 15.12 -12.47 -6.39
H14 6RM N . 14.78 -13.54 -3.75
H16 6RM N . 16.27 -16.90 -3.41
H17 6RM N . 16.13 -15.95 -1.92
H18 6RM N . 17.94 -16.96 -1.49
C1 NAG O . -38.43 -7.79 -16.04
C2 NAG O . -38.88 -8.44 -14.74
C3 NAG O . -37.91 -9.56 -14.34
C4 NAG O . -37.73 -10.55 -15.48
C5 NAG O . -37.32 -9.81 -16.75
C6 NAG O . -37.24 -10.71 -17.96
C7 NAG O . -40.18 -7.11 -13.14
C8 NAG O . -40.11 -6.08 -12.05
N2 NAG O . -39.01 -7.46 -13.67
O3 NAG O . -38.42 -10.23 -13.18
O4 NAG O . -36.72 -11.49 -15.14
O5 NAG O . -38.29 -8.79 -17.06
O6 NAG O . -35.91 -10.81 -18.45
O7 NAG O . -41.23 -7.60 -13.52
C4 6RM P . -15.14 9.48 -20.04
C14 6RM P . -12.15 9.34 -16.80
C5 6RM P . -15.60 8.26 -20.42
C6 6RM P . -14.26 7.20 -18.92
C11 6RM P . -20.52 9.84 -19.17
C7 6RM P . -16.53 8.06 -21.56
C8 6RM P . -18.44 9.36 -20.84
C9 6RM P . -19.37 10.33 -21.16
C10 6RM P . -20.42 10.58 -20.31
C12 6RM P . -19.61 8.89 -18.83
C13 6RM P . -18.55 8.65 -19.67
N1 6RM P . -15.17 7.10 -19.84
C3 6RM P . -14.15 9.60 -19.03
F 6RM P . -21.55 10.08 -18.33
O1 6RM P . -17.45 9.10 -21.74
O 6RM P . -13.66 10.62 -18.67
S 6RM P . -13.56 5.83 -18.14
C1 6RM P . -12.56 6.87 -17.21
C 6RM P . -11.57 6.26 -16.26
N 6RM P . -13.71 8.37 -18.46
C2 6RM P . -12.78 8.15 -17.48
C16 6RM P . -13.04 10.00 -15.78
C15 6RM P . -11.83 9.26 -15.34
C17 6RM P . -13.11 11.51 -15.66
O2 6RM P . -14.38 12.00 -15.99
H1 6RM P . -15.51 10.37 -20.54
H4 6RM P . -17.08 7.14 -21.39
H5 6RM P . -15.94 7.96 -22.47
H6 6RM P . -19.26 10.90 -22.08
H7 6RM P . -21.17 11.33 -20.55
H8 6RM P . -19.72 8.32 -17.90
H9 6RM P . -17.81 7.90 -19.41
H10 6RM P . -11.93 6.36 -15.24
H11 6RM P . -11.43 5.21 -16.51
H12 6RM P . -10.61 6.78 -16.36
H14 6RM P . -11.17 8.94 -14.55
H16 6RM P . -12.37 11.94 -16.33
H17 6RM P . -12.86 11.79 -14.63
H18 6RM P . -14.61 12.71 -15.41
C1 NAG Q . -17.49 51.26 53.82
C2 NAG Q . -16.04 51.44 54.25
C3 NAG Q . -15.73 52.92 54.49
C4 NAG Q . -16.10 53.74 53.25
C5 NAG Q . -17.56 53.47 52.86
C6 NAG Q . -17.96 54.16 51.58
C7 NAG Q . -15.08 49.52 55.43
C8 NAG Q . -14.88 48.85 56.76
N2 NAG Q . -15.76 50.67 55.45
O3 NAG Q . -14.34 53.08 54.77
O4 NAG Q . -15.94 55.12 53.52
O5 NAG Q . -17.75 52.07 52.66
O6 NAG Q . -19.02 53.48 50.93
O7 NAG Q . -14.67 49.02 54.39
C1 NAG R . -15.14 58.09 -6.37
C2 NAG R . -15.46 59.43 -7.04
C3 NAG R . -15.72 59.21 -8.53
C4 NAG R . -14.56 58.48 -9.17
C5 NAG R . -14.27 57.19 -8.41
C6 NAG R . -13.05 56.45 -8.92
C7 NAG R . -16.49 61.06 -5.52
C8 NAG R . -17.78 61.60 -4.97
N2 NAG R . -16.61 60.07 -6.41
O3 NAG R . -15.90 60.47 -9.17
O4 NAG R . -14.87 58.15 -10.53
O5 NAG R . -14.03 57.48 -7.02
O6 NAG R . -13.38 55.17 -9.43
O7 NAG R . -15.40 61.50 -5.17
C1 NAG S . -30.60 54.09 -10.83
C2 NAG S . -31.70 55.15 -10.99
C3 NAG S . -31.31 56.14 -12.08
C4 NAG S . -29.93 56.74 -11.80
C5 NAG S . -28.91 55.62 -11.60
C6 NAG S . -27.55 56.14 -11.19
C7 NAG S . -34.12 54.91 -10.74
C8 NAG S . -35.35 54.14 -11.16
N2 NAG S . -32.97 54.51 -11.29
O3 NAG S . -32.29 57.18 -12.13
O4 NAG S . -29.54 57.56 -12.89
O5 NAG S . -29.35 54.74 -10.55
O6 NAG S . -26.58 55.11 -11.23
O7 NAG S . -34.18 55.82 -9.92
C1 NAG T . -35.86 48.83 34.26
C2 NAG T . -36.64 50.07 33.86
C3 NAG T . -37.66 50.43 34.94
C4 NAG T . -38.54 49.23 35.25
C5 NAG T . -37.68 48.00 35.60
C6 NAG T . -38.49 46.75 35.80
C7 NAG T . -35.67 51.82 32.44
C8 NAG T . -34.69 52.95 32.36
N2 NAG T . -35.75 51.19 33.62
O3 NAG T . -38.45 51.52 34.50
O4 NAG T . -39.40 49.52 36.35
O5 NAG T . -36.76 47.75 34.52
O6 NAG T . -37.89 45.64 35.15
O7 NAG T . -36.35 51.48 31.47
C1 NAG U . -38.14 33.85 28.05
C2 NAG U . -39.26 34.90 28.07
C3 NAG U . -39.68 35.18 29.49
C4 NAG U . -40.06 33.90 30.21
C5 NAG U . -38.91 32.89 30.11
C6 NAG U . -39.26 31.54 30.70
C7 NAG U . -39.63 36.85 26.61
C8 NAG U . -39.03 38.07 26.01
N2 NAG U . -38.83 36.12 27.40
O3 NAG U . -40.79 36.08 29.49
O4 NAG U . -40.33 34.16 31.58
O5 NAG U . -38.57 32.67 28.73
O6 NAG U . -39.65 30.62 29.69
O7 NAG U . -40.79 36.51 26.40
C1 NAG V . -36.06 30.43 -20.60
C2 NAG V . -36.61 31.84 -20.82
C3 NAG V . -38.02 31.78 -21.39
C4 NAG V . -38.05 30.92 -22.64
C5 NAG V . -37.45 29.55 -22.35
C6 NAG V . -37.34 28.69 -23.59
C7 NAG V . -35.60 33.46 -19.27
C8 NAG V . -35.74 34.15 -17.95
N2 NAG V . -36.59 32.61 -19.58
O3 NAG V . -38.46 33.10 -21.69
O4 NAG V . -39.39 30.76 -23.10
O5 NAG V . -36.13 29.69 -21.83
O6 NAG V . -38.29 29.06 -24.57
O7 NAG V . -34.64 33.63 -20.00
C1 NAG W . -32.56 23.37 -13.32
C2 NAG W . -32.77 24.76 -12.73
C3 NAG W . -34.06 24.78 -11.91
C4 NAG W . -35.23 24.28 -12.74
C5 NAG W . -34.92 22.91 -13.34
C6 NAG W . -35.99 22.40 -14.27
C7 NAG W . -31.23 26.43 -11.81
C8 NAG W . -30.05 26.68 -10.93
N2 NAG W . -31.64 25.16 -11.92
O3 NAG W . -34.32 26.11 -11.47
O4 NAG W . -36.40 24.17 -11.92
O5 NAG W . -33.70 22.98 -14.10
O6 NAG W . -35.50 21.37 -15.10
O7 NAG W . -31.81 27.35 -12.40
#